data_7TN0
#
_entry.id   7TN0
#
_cell.length_a   78.280
_cell.length_b   183.650
_cell.length_c   194.550
_cell.angle_alpha   90.000
_cell.angle_beta   95.980
_cell.angle_gamma   90.000
#
_symmetry.space_group_name_H-M   'P 1 21 1'
#
loop_
_entity.id
_entity.type
_entity.pdbx_description
1 polymer 'S309 light chain'
2 polymer 'S309 heavy chain'
3 polymer 'Angiotensin-converting enzyme 2'
4 polymer 'S304 Fab light chain'
5 polymer 'S304 Fab heavy chain'
6 polymer 'Spike protein S1'
7 non-polymer 1,2-ETHANEDIOL
8 non-polymer 'CHLORIDE ION'
9 non-polymer 'ZINC ION'
10 non-polymer 2-acetamido-2-deoxy-beta-D-glucopyranose
11 water water
#
loop_
_entity_poly.entity_id
_entity_poly.type
_entity_poly.pdbx_seq_one_letter_code
_entity_poly.pdbx_strand_id
1 'polypeptide(L)'
;EIVLTQSPGTLSLSPGERATLSCRASQTVSSTSLAWYQQKPGQAPRLLIYGASSRATGIPDRFSGSGSGTDFTLTISRLE
PEDFAVYYCQQHDTSLTFGGGTKVEIKRTVAAPSVFIFPPSDEQLKSGTASVVCLLNNFYPREAKVQWKVDNALQSGNSQ
ESVTEQDSKDSTYSLSSTLTLSKADYEKHKVYACEVTHQGLSSPVTKSFNRGEC
;
A,D
2 'polypeptide(L)'
;QVQLVQSGAEVKKPGASVKVSCKASGYPFTSYGISWVRQAPGQGLEWMGWISTYNGNTNYAQKFQGRVTMTTDTSTTTGY
MELRRLRSDDTAVYYCARDYTRGAWFGESLIGGFDNWGQGTLVTVSSASTKGPSVFPLAPSSKSTSGGTAALGCLVKDYF
PEPVTVSWNSGALTSGVHTFPAVLQSSGLYSLSSVVTVPSSSLGTQTYICNVNHKPSNTKVDKKVEPKSC
;
B,C
3 'polypeptide(L)'
;STIEEQAKTFLDKFNHEAEDLFYQSSLASWNYNTNITEENVQNMNNAGDKWSAFLKEQSTLAQMYPLQEIQNLTVKLQLQ
ALQQNGSSVLSEDKSKRLNTILNTMSTIYSTGKVCNPDNPQECLLLEPGLNEIMANSLDYNERLWAWESWRSEVGKQLRP
LYEEYVVLKNEMARANHYEDYGDYWRGDYEVNGVDGYDYSRGQLIEDVEHTFEEIKPLYEHLHAYVRAKLMNAYPSYISP
IGCLPAHLLGDMWGRFWTNLYSLTVPFGQKPNIDVTDAMVDQAWDAQRIFKEAEKFFVSVGLPNMTQGFWENSMLTDPGN
VQKAVCHPTAWDLGKGDFRILMCTKVTMDDFLTAHHEMGHIQYDMAYAAQPFLLRNGANEGFHEAVGEIMSLSAATPKHL
KSIGLLSPDFQEDNETEINFLLKQALTIVGTLPFTYMLEKWRWMVFKGEIPKDQWMKKWWEMKREIVGVVEPVPHDETYC
DPASLFHVSNDYSFIRYYTRTLYQFQFQEALCQAAKHEGPLHKCDISNSTEAGQKLFNMLRLGKSEPWTLALENVVGAKN
MNVRPLLNYFEPLFTWLKDQNKNSFVGWSTDWSPYADLVPR
;
E,F
4 'polypeptide(L)'
;DIQMTQSPSSLSAAVGDRVTITCRASQSIGSYLNWYQQKPGKAPKLLIYAASSLQSGVPSRFSGSGSGTDFTLTISSLQP
EDFAIYYCQQSYVSPTYTFGPGTKVDIKRTVAAPSVFIFPPSDEQLKSGTASVVCLLNNFYPREAKVQWKVDNALQSGNS
QESVTEQDSKDSTYSLSSTLTLSKADYEKHKVYACEVTHQGLSSPVTKSFNRGEC
;
G,N
5 'polypeptide(L)'
;EVQLVESGGGLVQPGGSLRLSCAASGFTFSSYDMHWVRQTTGKGLEWVSTIGTAGDTYYPDSVKGRFTISREDAKNSLYL
QMNSLRAGDTAVYYCARGDSSGYYYYFDYWGQGTLLTVSSASTKGPSVFPLAPSSKSTSGGTAALGCLVKDYFPEPVTVS
WNSGALTSGVHTFPAVLQSSGLYSLSSVVTVPSSSLGTQTYICNVNHKPSNTKVDKKVEPKSC
;
H,M
6 'polypeptide(L)'
;ETGTRFPNITNLCPFDEVFNATRFASVYAWNRKRISNCVADYSVLYNLAPFFTFKCYGVSPTKLNDLCFTNVYADSFVIR
GDEVRQIAPGQTGNIADYNYKLPDDFTGCVIAWNSNKLDSKVSGNYNYLYRLFRKSNLKPFERDISTEIYQAGNKPCNGV
AGFNCYFPLRSYSFRPTYGVGHQPYRVVVLSFELLHAPATVCGPKKSTHHHHHHHH
;
I,S
#
loop_
_chem_comp.id
_chem_comp.type
_chem_comp.name
_chem_comp.formula
CL non-polymer 'CHLORIDE ION' 'Cl -1'
EDO non-polymer 1,2-ETHANEDIOL 'C2 H6 O2'
NAG D-saccharide, beta linking 2-acetamido-2-deoxy-beta-D-glucopyranose 'C8 H15 N O6'
ZN non-polymer 'ZINC ION' 'Zn 2'
#
# COMPACT_ATOMS: atom_id res chain seq x y z
N GLU A 1 72.78 -15.86 -2.45
CA GLU A 1 73.04 -14.69 -3.27
C GLU A 1 72.59 -14.90 -4.70
N ILE A 2 71.84 -13.93 -5.24
CA ILE A 2 71.35 -13.99 -6.61
C ILE A 2 72.29 -13.19 -7.50
N VAL A 3 72.91 -13.87 -8.46
CA VAL A 3 73.81 -13.24 -9.42
C VAL A 3 73.06 -13.03 -10.72
N LEU A 4 73.04 -11.78 -11.19
CA LEU A 4 72.42 -11.44 -12.47
C LEU A 4 73.48 -11.37 -13.56
N THR A 5 73.31 -12.16 -14.61
CA THR A 5 74.26 -12.22 -15.72
C THR A 5 73.60 -11.63 -16.96
N GLN A 6 74.19 -10.57 -17.49
CA GLN A 6 73.70 -9.89 -18.69
C GLN A 6 74.59 -10.25 -19.87
N SER A 7 73.97 -10.76 -20.93
CA SER A 7 74.67 -11.14 -22.14
C SER A 7 74.00 -10.54 -23.37
N PRO A 8 74.79 -10.10 -24.36
CA PRO A 8 76.25 -10.04 -24.37
C PRO A 8 76.76 -8.85 -23.57
N GLY A 9 78.07 -8.72 -23.38
CA GLY A 9 78.59 -7.54 -22.70
C GLY A 9 78.45 -6.29 -23.54
N THR A 10 78.66 -6.40 -24.85
CA THR A 10 78.52 -5.29 -25.78
C THR A 10 77.62 -5.73 -26.94
N LEU A 11 76.61 -4.93 -27.25
CA LEU A 11 75.64 -5.23 -28.29
C LEU A 11 75.74 -4.16 -29.36
N SER A 12 76.28 -4.53 -30.53
CA SER A 12 76.46 -3.60 -31.63
C SER A 12 75.23 -3.63 -32.53
N LEU A 13 74.57 -2.48 -32.65
CA LEU A 13 73.36 -2.36 -33.45
C LEU A 13 73.31 -1.01 -34.14
N SER A 14 72.63 -0.97 -35.28
CA SER A 14 72.46 0.27 -36.03
C SER A 14 71.36 1.12 -35.40
N PRO A 15 71.42 2.44 -35.56
CA PRO A 15 70.36 3.28 -35.02
C PRO A 15 69.02 2.98 -35.68
N GLY A 16 67.96 3.06 -34.88
CA GLY A 16 66.63 2.67 -35.32
C GLY A 16 66.35 1.19 -35.28
N GLU A 17 67.38 0.35 -35.15
CA GLU A 17 67.18 -1.09 -35.08
C GLU A 17 66.59 -1.46 -33.71
N ARG A 18 66.06 -2.67 -33.63
CA ARG A 18 65.46 -3.18 -32.41
C ARG A 18 66.51 -3.84 -31.52
N ALA A 19 66.56 -3.41 -30.25
CA ALA A 19 67.49 -3.93 -29.27
C ALA A 19 66.74 -4.74 -28.21
N THR A 20 67.24 -5.95 -27.93
CA THR A 20 66.70 -6.80 -26.87
C THR A 20 67.87 -7.23 -25.99
N LEU A 21 67.86 -6.79 -24.73
CA LEU A 21 68.91 -7.10 -23.78
C LEU A 21 68.44 -8.21 -22.85
N SER A 22 69.31 -9.19 -22.60
CA SER A 22 68.98 -10.33 -21.74
C SER A 22 69.56 -10.13 -20.35
N CYS A 23 68.81 -10.56 -19.34
CA CYS A 23 69.26 -10.61 -17.95
C CYS A 23 68.86 -11.97 -17.39
N ARG A 24 69.85 -12.80 -17.10
CA ARG A 24 69.64 -14.14 -16.58
C ARG A 24 70.11 -14.22 -15.13
N ALA A 25 69.31 -14.85 -14.29
CA ALA A 25 69.59 -14.95 -12.87
C ALA A 25 69.96 -16.36 -12.47
N SER A 26 70.75 -16.48 -11.39
CA SER A 26 71.14 -17.78 -10.87
C SER A 26 70.01 -18.47 -10.11
N GLN A 27 68.95 -17.74 -9.78
CA GLN A 27 67.77 -18.29 -9.11
C GLN A 27 66.54 -17.62 -9.69
N THR A 28 65.37 -18.22 -9.43
CA THR A 28 64.13 -17.60 -9.83
C THR A 28 63.93 -16.29 -9.09
N VAL A 29 63.61 -15.23 -9.84
CA VAL A 29 63.42 -13.89 -9.28
C VAL A 29 61.97 -13.48 -9.48
N SER A 30 61.34 -13.01 -8.41
CA SER A 30 59.98 -12.47 -8.52
C SER A 30 59.98 -11.24 -9.42
N SER A 31 59.05 -11.23 -10.38
CA SER A 31 58.96 -10.09 -11.29
C SER A 31 58.78 -8.78 -10.56
N THR A 32 58.11 -8.82 -9.39
CA THR A 32 57.96 -7.62 -8.56
C THR A 32 59.28 -6.98 -8.18
N SER A 33 60.39 -7.71 -8.26
CA SER A 33 61.65 -7.27 -7.68
C SER A 33 62.77 -7.31 -8.70
N LEU A 34 62.47 -6.95 -9.95
CA LEU A 34 63.50 -6.76 -10.97
C LEU A 34 63.33 -5.39 -11.60
N ALA A 35 64.46 -4.70 -11.79
CA ALA A 35 64.45 -3.35 -12.33
C ALA A 35 65.57 -3.19 -13.35
N TRP A 36 65.41 -2.18 -14.21
CA TRP A 36 66.37 -1.87 -15.26
C TRP A 36 66.82 -0.42 -15.14
N TYR A 37 68.10 -0.17 -15.44
CA TYR A 37 68.68 1.16 -15.31
C TYR A 37 69.50 1.48 -16.55
N GLN A 38 69.47 2.73 -16.98
CA GLN A 38 70.33 3.24 -18.05
C GLN A 38 71.37 4.19 -17.48
N GLN A 39 72.61 4.06 -17.93
CA GLN A 39 73.65 5.02 -17.58
C GLN A 39 74.42 5.42 -18.83
N LYS A 40 74.40 6.70 -19.14
CA LYS A 40 75.22 7.34 -20.17
C LYS A 40 76.57 7.72 -19.60
N PRO A 41 77.59 7.88 -20.45
CA PRO A 41 78.94 8.16 -19.93
C PRO A 41 78.98 9.46 -19.15
N GLY A 42 79.54 9.39 -17.95
CA GLY A 42 79.69 10.54 -17.08
C GLY A 42 78.44 10.93 -16.32
N GLN A 43 77.32 10.27 -16.55
CA GLN A 43 76.06 10.59 -15.87
C GLN A 43 75.73 9.52 -14.84
N ALA A 44 74.68 9.80 -14.04
CA ALA A 44 74.14 8.89 -13.04
C ALA A 44 73.14 7.94 -13.68
N PRO A 45 72.98 6.74 -13.12
CA PRO A 45 71.98 5.82 -13.66
C PRO A 45 70.58 6.36 -13.42
N ARG A 46 69.68 6.06 -14.35
CA ARG A 46 68.28 6.42 -14.20
C ARG A 46 67.41 5.19 -14.39
N LEU A 47 66.33 5.13 -13.61
CA LEU A 47 65.45 3.96 -13.62
C LEU A 47 64.58 3.97 -14.86
N LEU A 48 64.59 2.86 -15.59
CA LEU A 48 63.78 2.69 -16.78
C LEU A 48 62.54 1.82 -16.55
N ILE A 49 62.74 0.67 -15.93
CA ILE A 49 61.68 -0.31 -15.71
C ILE A 49 61.76 -0.78 -14.26
N TYR A 50 60.61 -0.92 -13.63
CA TYR A 50 60.50 -1.53 -12.32
C TYR A 50 59.37 -2.54 -12.36
N GLY A 51 59.39 -3.50 -11.44
CA GLY A 51 58.42 -4.57 -11.48
C GLY A 51 58.47 -5.36 -12.77
N ALA A 52 59.67 -5.53 -13.34
CA ALA A 52 59.93 -6.26 -14.58
C ALA A 52 59.27 -5.65 -15.81
N SER A 53 58.09 -5.05 -15.66
CA SER A 53 57.34 -4.55 -16.81
C SER A 53 57.00 -3.07 -16.78
N SER A 54 56.91 -2.46 -15.60
CA SER A 54 56.39 -1.10 -15.48
C SER A 54 57.47 -0.09 -15.88
N ARG A 55 57.13 0.79 -16.83
CA ARG A 55 58.00 1.90 -17.17
C ARG A 55 58.02 2.94 -16.05
N ALA A 56 59.21 3.46 -15.77
CA ALA A 56 59.32 4.52 -14.76
C ALA A 56 58.79 5.84 -15.33
N THR A 57 58.65 6.81 -14.44
CA THR A 57 58.10 8.11 -14.83
C THR A 57 59.00 8.80 -15.84
N GLY A 58 58.41 9.24 -16.95
CA GLY A 58 59.14 9.97 -17.95
C GLY A 58 59.96 9.12 -18.90
N ILE A 59 59.77 7.81 -18.90
CA ILE A 59 60.52 6.91 -19.77
C ILE A 59 59.74 6.73 -21.07
N PRO A 60 60.37 6.93 -22.23
CA PRO A 60 59.65 6.78 -23.49
C PRO A 60 59.04 5.39 -23.64
N ASP A 61 57.95 5.33 -24.41
CA ASP A 61 57.23 4.06 -24.58
C ASP A 61 58.03 3.02 -25.34
N ARG A 62 59.08 3.44 -26.06
CA ARG A 62 59.90 2.49 -26.79
C ARG A 62 60.65 1.52 -25.88
N PHE A 63 60.84 1.88 -24.61
CA PHE A 63 61.42 0.96 -23.64
C PHE A 63 60.34 0.04 -23.11
N SER A 64 60.63 -1.26 -23.08
CA SER A 64 59.68 -2.26 -22.60
C SER A 64 60.40 -3.32 -21.78
N GLY A 65 59.74 -3.79 -20.75
CA GLY A 65 60.29 -4.85 -19.90
C GLY A 65 59.43 -6.10 -19.95
N SER A 66 60.08 -7.25 -20.03
CA SER A 66 59.38 -8.53 -20.12
C SER A 66 60.20 -9.59 -19.40
N GLY A 67 59.64 -10.79 -19.33
CA GLY A 67 60.33 -11.95 -18.80
C GLY A 67 59.83 -12.33 -17.41
N SER A 68 60.32 -13.48 -16.97
CA SER A 68 59.87 -14.08 -15.71
C SER A 68 60.89 -15.12 -15.28
N GLY A 69 60.74 -15.57 -14.03
CA GLY A 69 61.59 -16.64 -13.52
C GLY A 69 63.06 -16.28 -13.47
N THR A 70 63.86 -16.94 -14.32
CA THR A 70 65.30 -16.68 -14.38
C THR A 70 65.71 -15.82 -15.58
N ASP A 71 64.81 -15.59 -16.53
CA ASP A 71 65.17 -14.92 -17.78
C ASP A 71 64.29 -13.70 -17.98
N PHE A 72 64.92 -12.53 -18.04
CA PHE A 72 64.24 -11.25 -18.22
C PHE A 72 64.84 -10.53 -19.42
N THR A 73 64.03 -9.70 -20.07
CA THR A 73 64.46 -8.97 -21.25
C THR A 73 64.00 -7.52 -21.19
N LEU A 74 64.90 -6.62 -21.57
CA LEU A 74 64.59 -5.22 -21.82
C LEU A 74 64.63 -4.95 -23.32
N THR A 75 63.54 -4.42 -23.85
CA THR A 75 63.42 -4.15 -25.29
C THR A 75 63.33 -2.65 -25.55
N ILE A 76 64.14 -2.18 -26.50
CA ILE A 76 64.03 -0.85 -27.07
C ILE A 76 63.50 -1.03 -28.49
N SER A 77 62.28 -0.57 -28.74
CA SER A 77 61.64 -0.85 -30.03
C SER A 77 62.46 -0.29 -31.20
N ARG A 78 62.78 1.00 -31.15
CA ARG A 78 63.62 1.62 -32.16
C ARG A 78 64.71 2.42 -31.46
N LEU A 79 65.98 2.07 -31.74
CA LEU A 79 67.10 2.72 -31.08
C LEU A 79 67.25 4.14 -31.59
N GLU A 80 67.16 5.09 -30.69
CA GLU A 80 67.53 6.47 -30.95
C GLU A 80 69.00 6.69 -30.61
N PRO A 81 69.61 7.76 -31.14
CA PRO A 81 71.01 8.05 -30.75
C PRO A 81 71.19 8.18 -29.25
N GLU A 82 70.17 8.65 -28.53
CA GLU A 82 70.26 8.78 -27.08
C GLU A 82 70.19 7.43 -26.37
N ASP A 83 69.75 6.38 -27.05
CA ASP A 83 69.57 5.08 -26.40
C ASP A 83 70.85 4.25 -26.33
N PHE A 84 71.92 4.66 -27.01
CA PHE A 84 73.18 3.92 -26.99
C PHE A 84 73.93 4.22 -25.70
N ALA A 85 73.76 3.35 -24.70
CA ALA A 85 74.37 3.53 -23.40
C ALA A 85 74.57 2.14 -22.78
N VAL A 86 74.98 2.12 -21.51
CA VAL A 86 75.11 0.89 -20.74
C VAL A 86 73.84 0.71 -19.92
N TYR A 87 73.33 -0.52 -19.89
CA TYR A 87 72.08 -0.85 -19.22
C TYR A 87 72.31 -1.95 -18.19
N TYR A 88 71.84 -1.73 -16.97
CA TYR A 88 71.98 -2.66 -15.87
C TYR A 88 70.60 -3.17 -15.45
N CYS A 89 70.47 -4.48 -15.32
CA CYS A 89 69.32 -5.02 -14.61
C CYS A 89 69.65 -5.11 -13.12
N GLN A 90 68.59 -5.10 -12.31
CA GLN A 90 68.75 -5.12 -10.86
C GLN A 90 67.62 -5.93 -10.25
N GLN A 91 67.96 -6.72 -9.23
CA GLN A 91 66.97 -7.46 -8.47
C GLN A 91 67.11 -7.16 -6.99
N HIS A 92 65.97 -7.13 -6.30
CA HIS A 92 65.93 -7.09 -4.84
C HIS A 92 64.99 -8.16 -4.30
N ASP A 93 64.88 -9.28 -5.03
CA ASP A 93 64.13 -10.42 -4.52
C ASP A 93 64.81 -11.02 -3.29
N THR A 94 66.12 -11.24 -3.37
CA THR A 94 66.93 -11.68 -2.24
C THR A 94 68.14 -10.77 -2.16
N SER A 95 68.30 -10.09 -1.04
CA SER A 95 69.27 -9.00 -0.89
C SER A 95 69.05 -8.02 -2.05
N LEU A 96 70.10 -7.35 -2.52
CA LEU A 96 70.01 -6.51 -3.71
C LEU A 96 71.30 -6.64 -4.50
N THR A 97 71.18 -6.97 -5.78
CA THR A 97 72.33 -7.16 -6.64
C THR A 97 72.06 -6.57 -8.01
N PHE A 98 73.12 -6.10 -8.65
CA PHE A 98 73.08 -5.59 -10.01
C PHE A 98 73.70 -6.59 -10.96
N GLY A 99 73.30 -6.51 -12.23
CA GLY A 99 73.98 -7.21 -13.28
C GLY A 99 75.30 -6.54 -13.61
N GLY A 100 76.02 -7.15 -14.55
CA GLY A 100 77.28 -6.58 -15.00
C GLY A 100 77.11 -5.46 -16.00
N GLY A 101 75.95 -5.36 -16.62
CA GLY A 101 75.68 -4.32 -17.59
C GLY A 101 75.96 -4.76 -19.01
N THR A 102 75.15 -4.25 -19.93
CA THR A 102 75.34 -4.44 -21.36
C THR A 102 75.48 -3.09 -22.04
N LYS A 103 76.57 -2.90 -22.79
CA LYS A 103 76.80 -1.67 -23.53
C LYS A 103 76.15 -1.79 -24.90
N VAL A 104 75.25 -0.86 -25.20
CA VAL A 104 74.61 -0.81 -26.52
C VAL A 104 75.45 0.12 -27.40
N GLU A 105 76.11 -0.47 -28.38
CA GLU A 105 77.08 0.22 -29.21
C GLU A 105 76.49 0.49 -30.59
N ILE A 106 76.83 1.64 -31.17
CA ILE A 106 76.41 1.95 -32.52
C ILE A 106 77.20 1.08 -33.51
N LYS A 107 76.50 0.24 -34.25
CA LYS A 107 77.15 -0.56 -35.28
C LYS A 107 77.50 0.29 -36.49
N ARG A 108 78.70 0.07 -37.02
CA ARG A 108 79.29 0.90 -38.05
C ARG A 108 79.98 0.01 -39.09
N THR A 109 80.22 0.57 -40.27
CA THR A 109 81.06 -0.11 -41.24
C THR A 109 82.48 -0.18 -40.69
N VAL A 110 83.24 -1.17 -41.17
CA VAL A 110 84.60 -1.36 -40.70
C VAL A 110 85.47 -0.18 -41.12
N ALA A 111 86.12 0.45 -40.15
CA ALA A 111 87.04 1.56 -40.39
C ALA A 111 88.43 1.17 -39.91
N ALA A 112 89.40 1.22 -40.81
CA ALA A 112 90.76 0.85 -40.47
C ALA A 112 91.40 1.93 -39.58
N PRO A 113 92.22 1.54 -38.60
CA PRO A 113 92.88 2.55 -37.76
C PRO A 113 93.99 3.25 -38.51
N SER A 114 94.03 4.58 -38.40
CA SER A 114 95.23 5.33 -38.74
C SER A 114 96.21 5.22 -37.59
N VAL A 115 97.45 4.83 -37.89
CA VAL A 115 98.42 4.46 -36.86
C VAL A 115 99.52 5.51 -36.81
N PHE A 116 99.85 5.96 -35.60
CA PHE A 116 100.90 6.93 -35.37
C PHE A 116 101.72 6.49 -34.15
N ILE A 117 103.01 6.81 -34.19
CA ILE A 117 103.93 6.48 -33.10
C ILE A 117 104.71 7.73 -32.71
N PHE A 118 104.97 7.88 -31.40
CA PHE A 118 105.65 9.05 -30.87
C PHE A 118 106.82 8.61 -29.99
N PRO A 119 108.04 9.03 -30.30
CA PRO A 119 109.16 8.76 -29.39
C PRO A 119 109.05 9.62 -28.13
N PRO A 120 109.74 9.24 -27.05
CA PRO A 120 109.74 10.07 -25.85
C PRO A 120 110.48 11.39 -26.07
N SER A 121 109.98 12.43 -25.41
CA SER A 121 110.61 13.74 -25.50
C SER A 121 111.95 13.76 -24.77
N ASP A 122 112.85 14.61 -25.25
CA ASP A 122 114.13 14.79 -24.56
C ASP A 122 113.92 15.26 -23.12
N GLU A 123 112.90 16.09 -22.90
CA GLU A 123 112.58 16.56 -21.56
C GLU A 123 112.24 15.39 -20.63
N GLN A 124 111.53 14.39 -21.14
CA GLN A 124 111.19 13.24 -20.31
C GLN A 124 112.41 12.36 -20.04
N LEU A 125 113.30 12.23 -21.02
CA LEU A 125 114.53 11.47 -20.81
C LEU A 125 115.40 12.12 -19.74
N LYS A 126 115.50 13.46 -19.76
CA LYS A 126 116.19 14.16 -18.69
C LYS A 126 115.57 13.87 -17.33
N SER A 127 114.28 13.57 -17.29
CA SER A 127 113.60 13.20 -16.05
C SER A 127 113.84 11.75 -15.65
N GLY A 128 114.64 11.00 -16.41
CA GLY A 128 115.01 9.66 -16.03
C GLY A 128 114.06 8.56 -16.46
N THR A 129 113.07 8.86 -17.27
CA THR A 129 112.14 7.85 -17.76
C THR A 129 111.85 8.09 -19.24
N ALA A 130 111.38 7.04 -19.90
CA ALA A 130 111.02 7.12 -21.31
C ALA A 130 109.73 6.35 -21.55
N SER A 131 108.75 7.01 -22.15
CA SER A 131 107.48 6.37 -22.50
C SER A 131 107.17 6.63 -23.97
N VAL A 132 106.83 5.57 -24.69
CA VAL A 132 106.55 5.61 -26.13
C VAL A 132 105.06 5.40 -26.34
N VAL A 133 104.43 6.31 -27.08
CA VAL A 133 102.99 6.30 -27.31
C VAL A 133 102.71 5.86 -28.74
N CYS A 134 101.73 4.97 -28.89
CA CYS A 134 101.22 4.55 -30.18
C CYS A 134 99.73 4.87 -30.25
N LEU A 135 99.34 5.58 -31.31
CA LEU A 135 97.97 6.04 -31.47
C LEU A 135 97.28 5.29 -32.60
N LEU A 136 96.10 4.74 -32.32
CA LEU A 136 95.17 4.25 -33.33
C LEU A 136 94.00 5.22 -33.39
N ASN A 137 93.78 5.83 -34.55
CA ASN A 137 92.81 6.92 -34.69
C ASN A 137 91.62 6.49 -35.55
N ASN A 138 90.42 6.71 -35.02
CA ASN A 138 89.16 6.61 -35.77
C ASN A 138 89.01 5.25 -36.47
N PHE A 139 88.83 4.23 -35.64
CA PHE A 139 88.67 2.87 -36.14
C PHE A 139 87.42 2.23 -35.54
N TYR A 140 86.93 1.20 -36.24
CA TYR A 140 85.82 0.37 -35.81
C TYR A 140 85.98 -0.97 -36.48
N PRO A 141 85.70 -2.09 -35.77
CA PRO A 141 85.24 -2.18 -34.38
C PRO A 141 86.32 -1.92 -33.33
N ARG A 142 85.91 -1.95 -32.05
CA ARG A 142 86.83 -1.63 -30.96
C ARG A 142 87.96 -2.63 -30.83
N GLU A 143 87.75 -3.88 -31.28
CA GLU A 143 88.75 -4.91 -31.10
C GLU A 143 89.93 -4.73 -32.04
N ALA A 144 90.96 -4.02 -31.58
CA ALA A 144 92.23 -3.96 -32.26
C ALA A 144 93.30 -4.67 -31.44
N LYS A 145 94.32 -5.17 -32.12
CA LYS A 145 95.45 -5.83 -31.48
C LYS A 145 96.69 -4.98 -31.69
N VAL A 146 97.41 -4.69 -30.61
CA VAL A 146 98.57 -3.80 -30.63
C VAL A 146 99.74 -4.52 -29.97
N GLN A 147 100.84 -4.62 -30.70
CA GLN A 147 102.05 -5.29 -30.24
C GLN A 147 103.20 -4.30 -30.21
N TRP A 148 103.97 -4.33 -29.13
CA TRP A 148 105.18 -3.52 -29.02
C TRP A 148 106.40 -4.38 -29.29
N LYS A 149 107.27 -3.91 -30.18
CA LYS A 149 108.52 -4.58 -30.51
C LYS A 149 109.68 -3.65 -30.19
N VAL A 150 110.69 -4.18 -29.52
CA VAL A 150 111.92 -3.44 -29.22
C VAL A 150 113.09 -4.30 -29.68
N ASP A 151 113.73 -3.90 -30.78
CA ASP A 151 114.79 -4.69 -31.41
C ASP A 151 114.32 -6.12 -31.68
N ASN A 152 113.08 -6.25 -32.15
CA ASN A 152 112.38 -7.48 -32.49
C ASN A 152 111.93 -8.26 -31.26
N ALA A 153 112.16 -7.74 -30.05
CA ALA A 153 111.75 -8.44 -28.83
C ALA A 153 110.34 -8.02 -28.47
N LEU A 154 109.42 -8.98 -28.49
CA LEU A 154 108.04 -8.69 -28.13
C LEU A 154 107.95 -8.28 -26.67
N GLN A 155 107.28 -7.17 -26.39
CA GLN A 155 107.17 -6.62 -25.05
C GLN A 155 105.90 -7.11 -24.37
N SER A 156 106.00 -7.35 -23.06
CA SER A 156 104.85 -7.74 -22.25
C SER A 156 104.98 -7.13 -20.87
N GLY A 157 103.85 -6.73 -20.30
CA GLY A 157 103.79 -6.20 -18.95
C GLY A 157 104.19 -4.75 -18.78
N ASN A 158 104.74 -4.10 -19.79
CA ASN A 158 105.19 -2.72 -19.67
C ASN A 158 104.38 -1.75 -20.52
N SER A 159 103.24 -2.18 -21.06
CA SER A 159 102.41 -1.34 -21.90
C SER A 159 101.03 -1.19 -21.26
N GLN A 160 100.45 -0.01 -21.41
CA GLN A 160 99.08 0.26 -20.96
C GLN A 160 98.27 0.81 -22.12
N GLU A 161 97.03 0.33 -22.23
CA GLU A 161 96.13 0.75 -23.28
C GLU A 161 94.98 1.55 -22.69
N SER A 162 94.62 2.63 -23.37
CA SER A 162 93.43 3.41 -23.03
C SER A 162 92.62 3.64 -24.30
N VAL A 163 91.30 3.47 -24.21
CA VAL A 163 90.42 3.60 -25.36
C VAL A 163 89.41 4.71 -25.07
N THR A 164 89.10 5.49 -26.10
CA THR A 164 88.08 6.53 -25.98
C THR A 164 86.68 5.90 -26.00
N GLU A 165 85.71 6.70 -25.56
CA GLU A 165 84.33 6.36 -25.81
C GLU A 165 84.03 6.44 -27.31
N GLN A 166 82.95 5.79 -27.73
CA GLN A 166 82.58 5.81 -29.12
C GLN A 166 82.20 7.22 -29.53
N ASP A 167 82.69 7.65 -30.69
CA ASP A 167 82.49 9.03 -31.11
C ASP A 167 81.02 9.29 -31.41
N SER A 168 80.56 10.49 -31.02
CA SER A 168 79.16 10.86 -31.22
C SER A 168 78.84 11.15 -32.68
N LYS A 169 79.84 11.48 -33.50
CA LYS A 169 79.61 11.92 -34.88
C LYS A 169 79.93 10.85 -35.92
N ASP A 170 81.09 10.19 -35.82
CA ASP A 170 81.48 9.19 -36.80
C ASP A 170 81.45 7.77 -36.26
N SER A 171 81.13 7.59 -34.97
CA SER A 171 80.96 6.27 -34.34
C SER A 171 82.21 5.41 -34.45
N THR A 172 83.39 6.03 -34.45
CA THR A 172 84.65 5.31 -34.36
C THR A 172 85.24 5.41 -32.96
N TYR A 173 86.32 4.64 -32.76
CA TYR A 173 87.09 4.66 -31.53
C TYR A 173 88.50 5.16 -31.80
N SER A 174 89.14 5.64 -30.74
CA SER A 174 90.58 5.86 -30.74
C SER A 174 91.19 5.15 -29.54
N LEU A 175 92.41 4.67 -29.73
CA LEU A 175 93.09 3.86 -28.73
C LEU A 175 94.53 4.32 -28.59
N SER A 176 94.99 4.43 -27.36
CA SER A 176 96.37 4.78 -27.06
C SER A 176 97.06 3.61 -26.37
N SER A 177 98.21 3.22 -26.90
CA SER A 177 99.09 2.25 -26.26
C SER A 177 100.36 2.98 -25.83
N THR A 178 100.71 2.87 -24.56
CA THR A 178 101.85 3.59 -23.99
C THR A 178 102.85 2.58 -23.43
N LEU A 179 103.97 2.43 -24.12
CA LEU A 179 105.08 1.62 -23.65
C LEU A 179 105.97 2.45 -22.73
N THR A 180 106.23 1.94 -21.53
CA THR A 180 106.99 2.67 -20.51
C THR A 180 108.26 1.90 -20.20
N LEU A 181 109.40 2.57 -20.32
CA LEU A 181 110.71 1.97 -20.12
C LEU A 181 111.58 2.86 -19.26
N SER A 182 112.61 2.27 -18.67
CA SER A 182 113.62 3.02 -17.96
C SER A 182 114.46 3.85 -18.93
N LYS A 183 115.00 4.96 -18.43
CA LYS A 183 115.93 5.78 -19.20
C LYS A 183 117.06 4.94 -19.77
N ALA A 184 117.67 4.12 -18.91
CA ALA A 184 118.78 3.28 -19.36
C ALA A 184 118.31 2.20 -20.33
N ASP A 185 117.11 1.65 -20.11
CA ASP A 185 116.61 0.60 -20.98
C ASP A 185 116.25 1.15 -22.35
N TYR A 186 115.74 2.38 -22.41
CA TYR A 186 115.41 2.99 -23.69
C TYR A 186 116.68 3.23 -24.52
N GLU A 187 117.71 3.80 -23.90
CA GLU A 187 118.96 4.06 -24.59
C GLU A 187 119.75 2.78 -24.86
N LYS A 188 119.32 1.63 -24.32
CA LYS A 188 119.99 0.37 -24.57
C LYS A 188 119.60 -0.24 -25.92
N HIS A 189 118.48 0.16 -26.50
CA HIS A 189 117.97 -0.43 -27.74
C HIS A 189 117.75 0.65 -28.78
N LYS A 190 117.40 0.20 -30.00
CA LYS A 190 117.46 1.06 -31.18
C LYS A 190 116.11 1.22 -31.88
N VAL A 191 115.48 0.11 -32.26
CA VAL A 191 114.26 0.16 -33.07
C VAL A 191 113.06 -0.10 -32.17
N TYR A 192 112.13 0.84 -32.16
CA TYR A 192 110.88 0.74 -31.41
C TYR A 192 109.74 0.72 -32.40
N ALA A 193 108.94 -0.35 -32.37
CA ALA A 193 107.92 -0.57 -33.38
C ALA A 193 106.59 -0.86 -32.71
N CYS A 194 105.54 -0.27 -33.27
CA CYS A 194 104.17 -0.54 -32.89
C CYS A 194 103.49 -1.22 -34.07
N GLU A 195 103.11 -2.48 -33.90
CA GLU A 195 102.45 -3.25 -34.96
C GLU A 195 100.98 -3.43 -34.60
N VAL A 196 100.10 -3.05 -35.53
CA VAL A 196 98.67 -3.01 -35.30
C VAL A 196 97.99 -4.04 -36.20
N THR A 197 97.21 -4.93 -35.60
CA THR A 197 96.37 -5.86 -36.32
C THR A 197 94.91 -5.47 -36.09
N HIS A 198 94.18 -5.25 -37.17
CA HIS A 198 92.77 -4.88 -37.05
C HIS A 198 92.01 -5.48 -38.22
N GLN A 199 90.70 -5.66 -38.01
CA GLN A 199 89.85 -6.26 -39.02
C GLN A 199 89.87 -5.48 -40.33
N GLY A 200 90.01 -4.15 -40.27
CA GLY A 200 89.95 -3.32 -41.45
C GLY A 200 91.22 -3.21 -42.24
N LEU A 201 92.33 -3.73 -41.72
CA LEU A 201 93.63 -3.65 -42.40
C LEU A 201 93.87 -4.93 -43.18
N SER A 202 94.23 -4.78 -44.46
CA SER A 202 94.52 -5.94 -45.29
C SER A 202 95.73 -6.70 -44.77
N SER A 203 96.66 -6.02 -44.11
CA SER A 203 97.81 -6.63 -43.47
C SER A 203 98.21 -5.77 -42.29
N PRO A 204 98.88 -6.34 -41.29
CA PRO A 204 99.21 -5.56 -40.09
C PRO A 204 100.09 -4.35 -40.42
N VAL A 205 99.69 -3.19 -39.88
CA VAL A 205 100.43 -1.96 -40.06
C VAL A 205 101.46 -1.84 -38.95
N THR A 206 102.72 -1.66 -39.32
CA THR A 206 103.82 -1.48 -38.36
C THR A 206 104.39 -0.07 -38.52
N LYS A 207 104.38 0.68 -37.43
CA LYS A 207 105.02 1.99 -37.36
C LYS A 207 106.23 1.90 -36.43
N SER A 208 107.33 2.49 -36.84
CA SER A 208 108.57 2.34 -36.08
C SER A 208 109.43 3.59 -36.20
N PHE A 209 110.41 3.69 -35.31
CA PHE A 209 111.42 4.73 -35.41
C PHE A 209 112.73 4.18 -34.87
N ASN A 210 113.81 4.85 -35.25
CA ASN A 210 115.13 4.59 -34.67
C ASN A 210 115.39 5.61 -33.57
N ARG A 211 115.98 5.15 -32.47
CA ARG A 211 116.07 5.97 -31.26
C ARG A 211 116.77 7.30 -31.53
N GLY A 212 117.91 7.26 -32.22
CA GLY A 212 118.66 8.48 -32.44
C GLY A 212 117.99 9.43 -33.43
N GLU A 213 117.24 8.90 -34.38
CA GLU A 213 116.69 9.70 -35.47
C GLU A 213 115.26 10.13 -35.19
N GLN B 1 61.14 17.67 -10.32
CA GLN B 1 61.76 18.80 -9.63
C GLN B 1 62.48 18.31 -8.38
N VAL B 2 62.48 16.99 -8.19
CA VAL B 2 63.25 16.37 -7.13
C VAL B 2 64.73 16.41 -7.47
N GLN B 3 65.55 16.82 -6.51
CA GLN B 3 67.00 16.80 -6.66
C GLN B 3 67.64 16.20 -5.41
N LEU B 4 68.59 15.30 -5.63
CA LEU B 4 69.48 14.81 -4.59
C LEU B 4 70.88 15.32 -4.89
N VAL B 5 71.44 16.10 -3.97
CA VAL B 5 72.75 16.71 -4.15
C VAL B 5 73.70 16.12 -3.13
N GLN B 6 74.83 15.61 -3.61
CA GLN B 6 75.84 14.96 -2.78
C GLN B 6 76.99 15.92 -2.49
N SER B 7 77.76 15.57 -1.46
CA SER B 7 78.96 16.31 -1.12
C SER B 7 80.00 16.22 -2.24
N GLY B 8 81.00 17.09 -2.16
CA GLY B 8 82.05 17.13 -3.15
C GLY B 8 83.01 15.96 -3.00
N ALA B 9 83.97 15.92 -3.92
CA ALA B 9 84.91 14.81 -3.99
C ALA B 9 85.78 14.74 -2.73
N GLU B 10 86.18 13.53 -2.38
CA GLU B 10 87.03 13.26 -1.24
C GLU B 10 88.21 12.39 -1.69
N VAL B 11 89.41 12.71 -1.18
CA VAL B 11 90.60 11.91 -1.43
C VAL B 11 91.15 11.47 -0.09
N LYS B 12 91.35 10.15 0.07
CA LYS B 12 91.66 9.58 1.36
C LYS B 12 92.82 8.60 1.22
N LYS B 13 93.53 8.38 2.32
CA LYS B 13 94.56 7.37 2.36
C LYS B 13 94.03 6.10 3.02
N PRO B 14 94.63 4.93 2.73
CA PRO B 14 94.10 3.68 3.28
C PRO B 14 94.05 3.70 4.81
N GLY B 15 93.02 3.05 5.35
CA GLY B 15 92.75 3.05 6.77
C GLY B 15 91.96 4.24 7.27
N ALA B 16 91.89 5.33 6.51
CA ALA B 16 91.10 6.48 6.93
C ALA B 16 89.61 6.18 6.79
N SER B 17 88.79 7.15 7.16
CA SER B 17 87.34 7.06 7.05
C SER B 17 86.82 8.22 6.20
N VAL B 18 85.72 7.96 5.48
CA VAL B 18 85.07 8.97 4.67
C VAL B 18 83.58 8.97 4.99
N LYS B 19 82.98 10.15 4.98
CA LYS B 19 81.55 10.32 5.21
C LYS B 19 80.99 11.18 4.09
N VAL B 20 80.00 10.65 3.37
CA VAL B 20 79.41 11.33 2.21
C VAL B 20 77.98 11.73 2.57
N SER B 21 77.65 12.98 2.30
CA SER B 21 76.33 13.52 2.58
C SER B 21 75.47 13.54 1.32
N CYS B 22 74.15 13.58 1.53
CA CYS B 22 73.20 13.55 0.42
C CYS B 22 71.97 14.36 0.85
N LYS B 23 71.87 15.59 0.33
CA LYS B 23 70.76 16.47 0.67
C LYS B 23 69.63 16.27 -0.33
N ALA B 24 68.51 15.74 0.13
CA ALA B 24 67.35 15.50 -0.71
C ALA B 24 66.37 16.67 -0.60
N SER B 25 65.65 16.91 -1.69
CA SER B 25 64.70 18.01 -1.75
C SER B 25 63.60 17.69 -2.77
N GLY B 26 62.41 18.21 -2.51
CA GLY B 26 61.34 18.15 -3.49
C GLY B 26 60.39 16.98 -3.37
N TYR B 27 60.38 16.27 -2.26
CA TYR B 27 59.47 15.15 -2.07
C TYR B 27 59.31 14.90 -0.58
N PRO B 28 58.27 14.15 -0.17
CA PRO B 28 58.15 13.79 1.25
C PRO B 28 59.33 12.93 1.71
N PHE B 29 60.24 13.55 2.46
CA PHE B 29 61.52 12.91 2.75
C PHE B 29 61.35 11.65 3.60
N THR B 30 60.46 11.69 4.59
CA THR B 30 60.31 10.57 5.50
C THR B 30 59.52 9.40 4.91
N SER B 31 58.94 9.55 3.71
CA SER B 31 58.18 8.47 3.08
C SER B 31 59.04 7.55 2.23
N TYR B 32 60.27 7.96 1.88
CA TYR B 32 61.15 7.17 1.04
C TYR B 32 62.49 6.96 1.74
N GLY B 33 62.94 5.72 1.78
CA GLY B 33 64.28 5.43 2.26
C GLY B 33 65.33 5.88 1.26
N ILE B 34 66.58 5.83 1.69
CA ILE B 34 67.72 6.19 0.85
C ILE B 34 68.59 4.95 0.67
N SER B 35 68.97 4.67 -0.57
CA SER B 35 69.89 3.59 -0.92
C SER B 35 71.20 4.17 -1.42
N TRP B 36 72.31 3.53 -1.08
CA TRP B 36 73.64 3.96 -1.48
C TRP B 36 74.25 2.94 -2.43
N VAL B 37 74.77 3.43 -3.55
CA VAL B 37 75.39 2.59 -4.58
C VAL B 37 76.69 3.24 -5.01
N ARG B 38 77.72 2.42 -5.22
CA ARG B 38 79.01 2.90 -5.68
C ARG B 38 79.40 2.23 -7.00
N GLN B 39 80.25 2.92 -7.75
CA GLN B 39 80.70 2.44 -9.05
C GLN B 39 82.19 2.73 -9.19
N ALA B 40 83.01 1.68 -9.13
CA ALA B 40 84.42 1.83 -9.40
C ALA B 40 84.64 2.22 -10.87
N PRO B 41 85.74 2.91 -11.16
CA PRO B 41 85.95 3.40 -12.53
C PRO B 41 86.07 2.25 -13.52
N GLY B 42 85.17 2.24 -14.51
CA GLY B 42 85.11 1.18 -15.49
C GLY B 42 84.34 -0.05 -15.07
N GLN B 43 83.95 -0.14 -13.80
CA GLN B 43 83.25 -1.31 -13.28
C GLN B 43 81.75 -1.06 -13.25
N GLY B 44 81.00 -2.10 -12.89
CA GLY B 44 79.57 -2.01 -12.77
C GLY B 44 79.13 -1.38 -11.45
N LEU B 45 77.82 -1.41 -11.23
CA LEU B 45 77.23 -0.88 -10.02
C LEU B 45 77.31 -1.88 -8.88
N GLU B 46 77.44 -1.36 -7.66
CA GLU B 46 77.55 -2.18 -6.46
C GLU B 46 76.72 -1.56 -5.35
N TRP B 47 75.60 -2.20 -5.00
CA TRP B 47 74.76 -1.71 -3.92
C TRP B 47 75.46 -1.88 -2.57
N MET B 48 75.42 -0.84 -1.74
CA MET B 48 76.08 -0.85 -0.44
C MET B 48 75.13 -1.01 0.74
N GLY B 49 73.98 -0.35 0.70
CA GLY B 49 73.05 -0.50 1.81
C GLY B 49 71.85 0.41 1.64
N TRP B 50 70.94 0.29 2.61
CA TRP B 50 69.68 1.03 2.64
C TRP B 50 69.43 1.55 4.05
N ILE B 51 68.92 2.77 4.15
CA ILE B 51 68.51 3.34 5.44
C ILE B 51 67.09 3.88 5.31
N SER B 52 66.27 3.61 6.33
CA SER B 52 64.95 4.22 6.43
C SER B 52 65.06 5.65 6.94
N THR B 53 64.52 6.60 6.18
CA THR B 53 64.46 7.98 6.65
C THR B 53 63.41 8.18 7.74
N TYR B 54 62.56 7.19 7.98
CA TYR B 54 61.50 7.32 8.97
C TYR B 54 62.00 6.98 10.37
N ASN B 55 62.52 5.76 10.55
CA ASN B 55 62.94 5.30 11.86
C ASN B 55 64.44 4.99 11.95
N GLY B 56 65.18 5.16 10.87
CA GLY B 56 66.62 4.93 10.91
C GLY B 56 67.05 3.49 10.83
N ASN B 57 66.12 2.55 10.56
CA ASN B 57 66.51 1.17 10.35
C ASN B 57 67.39 1.07 9.10
N THR B 58 68.34 0.13 9.14
CA THR B 58 69.36 0.07 8.11
C THR B 58 69.56 -1.36 7.63
N ASN B 59 69.81 -1.50 6.34
CA ASN B 59 70.15 -2.77 5.71
C ASN B 59 71.44 -2.55 4.92
N TYR B 60 72.43 -3.40 5.15
CA TYR B 60 73.72 -3.27 4.50
C TYR B 60 74.05 -4.55 3.74
N ALA B 61 74.82 -4.42 2.67
CA ALA B 61 75.38 -5.58 2.00
C ALA B 61 76.44 -6.23 2.88
N GLN B 62 76.48 -7.57 2.86
CA GLN B 62 77.42 -8.30 3.70
C GLN B 62 78.85 -7.83 3.49
N LYS B 63 79.20 -7.43 2.25
CA LYS B 63 80.54 -6.94 1.96
C LYS B 63 80.93 -5.73 2.81
N PHE B 64 79.96 -5.02 3.38
CA PHE B 64 80.23 -3.78 4.10
C PHE B 64 79.71 -3.75 5.52
N GLN B 65 79.09 -4.83 6.02
CA GLN B 65 78.40 -4.80 7.31
C GLN B 65 79.21 -4.13 8.41
N GLY B 66 80.49 -4.50 8.52
CA GLY B 66 81.32 -3.94 9.58
C GLY B 66 81.88 -2.56 9.30
N ARG B 67 81.97 -2.17 8.03
CA ARG B 67 82.68 -0.94 7.67
C ARG B 67 81.77 0.25 7.42
N VAL B 68 80.52 0.04 7.04
CA VAL B 68 79.63 1.11 6.63
C VAL B 68 78.68 1.48 7.76
N THR B 69 78.37 2.76 7.88
CA THR B 69 77.37 3.26 8.81
C THR B 69 76.57 4.36 8.11
N MET B 70 75.26 4.15 7.99
CA MET B 70 74.38 5.15 7.39
C MET B 70 73.55 5.87 8.44
N THR B 71 73.34 7.17 8.21
CA THR B 71 72.62 8.05 9.12
C THR B 71 71.77 9.01 8.29
N THR B 72 70.66 9.46 8.87
CA THR B 72 69.83 10.48 8.25
C THR B 72 69.54 11.59 9.25
N ASP B 73 69.43 12.81 8.75
CA ASP B 73 68.90 13.94 9.51
C ASP B 73 67.60 14.41 8.85
N THR B 74 66.50 14.30 9.59
CA THR B 74 65.20 14.70 9.06
C THR B 74 65.10 16.21 8.90
N SER B 75 65.77 16.96 9.78
CA SER B 75 65.67 18.42 9.76
C SER B 75 66.17 18.98 8.44
N THR B 76 67.37 18.60 8.02
CA THR B 76 67.94 19.05 6.77
C THR B 76 67.63 18.10 5.61
N THR B 77 66.79 17.10 5.83
CA THR B 77 66.44 16.09 4.83
C THR B 77 67.70 15.58 4.11
N THR B 78 68.63 15.06 4.91
CA THR B 78 69.95 14.70 4.41
C THR B 78 70.29 13.29 4.87
N GLY B 79 70.81 12.49 3.95
CA GLY B 79 71.32 11.18 4.27
C GLY B 79 72.84 11.18 4.32
N TYR B 80 73.39 10.26 5.10
CA TYR B 80 74.84 10.15 5.26
C TYR B 80 75.29 8.71 5.09
N MET B 81 76.48 8.55 4.50
CA MET B 81 77.15 7.26 4.40
C MET B 81 78.58 7.41 4.92
N GLU B 82 78.91 6.66 5.96
CA GLU B 82 80.26 6.59 6.49
C GLU B 82 80.86 5.22 6.24
N LEU B 83 82.04 5.18 5.63
CA LEU B 83 82.75 3.95 5.33
C LEU B 83 84.12 4.01 6.00
N ARG B 84 84.35 3.10 6.94
CA ARG B 84 85.61 3.08 7.68
C ARG B 84 86.57 2.09 7.04
N ARG B 85 87.81 2.10 7.55
CA ARG B 85 88.84 1.12 7.19
C ARG B 85 89.00 1.04 5.66
N LEU B 86 89.17 2.21 5.04
CA LEU B 86 89.20 2.28 3.59
C LEU B 86 90.37 1.52 3.01
N ARG B 87 90.18 1.00 1.81
CA ARG B 87 91.20 0.30 1.05
C ARG B 87 91.25 0.87 -0.36
N SER B 88 92.30 0.52 -1.09
CA SER B 88 92.43 1.00 -2.47
C SER B 88 91.26 0.55 -3.33
N ASP B 89 90.66 -0.59 -3.02
CA ASP B 89 89.50 -1.07 -3.75
C ASP B 89 88.29 -0.14 -3.63
N ASP B 90 88.26 0.70 -2.59
CA ASP B 90 87.12 1.58 -2.37
C ASP B 90 87.14 2.83 -3.24
N THR B 91 88.14 3.00 -4.10
CA THR B 91 88.19 4.12 -5.02
C THR B 91 87.06 3.99 -6.02
N ALA B 92 85.99 4.77 -5.83
CA ALA B 92 84.80 4.65 -6.65
C ALA B 92 83.97 5.91 -6.53
N VAL B 93 83.04 6.07 -7.47
CA VAL B 93 82.01 7.10 -7.37
C VAL B 93 80.86 6.54 -6.54
N TYR B 94 80.42 7.29 -5.53
CA TYR B 94 79.37 6.86 -4.62
C TYR B 94 78.10 7.66 -4.87
N TYR B 95 77.00 6.94 -5.11
CA TYR B 95 75.72 7.54 -5.41
C TYR B 95 74.75 7.33 -4.26
N CYS B 96 73.97 8.35 -3.95
CA CYS B 96 72.77 8.18 -3.15
C CYS B 96 71.55 8.21 -4.07
N ALA B 97 70.55 7.40 -3.75
CA ALA B 97 69.36 7.33 -4.57
C ALA B 97 68.13 7.23 -3.69
N ARG B 98 67.01 7.75 -4.20
CA ARG B 98 65.73 7.59 -3.52
C ARG B 98 65.25 6.16 -3.74
N ASP B 99 64.95 5.48 -2.63
CA ASP B 99 64.70 4.04 -2.67
C ASP B 99 63.22 3.75 -2.61
N TYR B 100 62.74 2.96 -3.57
CA TYR B 100 61.41 2.38 -3.52
C TYR B 100 61.48 0.87 -3.64
N THR B 101 62.53 0.26 -3.08
CA THR B 101 62.60 -1.20 -3.01
C THR B 101 62.29 -1.74 -1.63
N ARG B 102 62.38 -0.91 -0.59
CA ARG B 102 62.00 -1.32 0.76
C ARG B 102 61.27 -0.17 1.45
N GLY B 103 60.31 -0.53 2.30
CA GLY B 103 59.46 0.48 2.92
C GLY B 103 60.11 1.20 4.08
N ALA B 104 59.97 2.52 4.10
CA ALA B 104 60.56 3.34 5.15
C ALA B 104 59.92 3.05 6.50
N TRP B 105 58.62 2.78 6.52
CA TRP B 105 57.92 2.53 7.77
C TRP B 105 58.06 1.07 8.21
N PHE B 106 57.64 0.14 7.36
CA PHE B 106 57.53 -1.26 7.74
C PHE B 106 58.72 -2.10 7.34
N GLY B 107 59.59 -1.60 6.45
CA GLY B 107 60.79 -2.34 6.11
C GLY B 107 60.61 -3.51 5.18
N GLU B 108 59.47 -3.61 4.49
CA GLU B 108 59.20 -4.72 3.59
C GLU B 108 59.40 -4.30 2.14
N SER B 109 59.66 -5.30 1.29
CA SER B 109 60.05 -5.03 -0.09
C SER B 109 58.91 -4.39 -0.88
N LEU B 110 59.27 -3.44 -1.74
CA LEU B 110 58.32 -2.67 -2.52
C LEU B 110 58.57 -2.89 -4.01
N ILE B 111 57.51 -2.72 -4.80
CA ILE B 111 57.61 -2.86 -6.26
C ILE B 111 58.12 -1.52 -6.81
N GLY B 112 59.41 -1.48 -7.16
CA GLY B 112 60.02 -0.24 -7.58
C GLY B 112 61.53 -0.39 -7.65
N GLY B 113 62.20 0.74 -7.73
CA GLY B 113 63.65 0.77 -7.82
C GLY B 113 64.22 2.04 -7.26
N PHE B 114 65.37 2.44 -7.80
CA PHE B 114 66.06 3.68 -7.44
C PHE B 114 65.65 4.73 -8.47
N ASP B 115 64.61 5.50 -8.16
CA ASP B 115 64.03 6.40 -9.16
C ASP B 115 64.90 7.63 -9.40
N ASN B 116 65.42 8.22 -8.34
CA ASN B 116 66.19 9.46 -8.44
C ASN B 116 67.58 9.22 -7.87
N TRP B 117 68.60 9.69 -8.59
CA TRP B 117 69.99 9.44 -8.25
C TRP B 117 70.73 10.76 -8.09
N GLY B 118 71.64 10.80 -7.14
CA GLY B 118 72.52 11.94 -7.01
C GLY B 118 73.56 11.99 -8.11
N GLN B 119 74.22 13.15 -8.22
CA GLN B 119 75.26 13.32 -9.22
C GLN B 119 76.49 12.47 -8.95
N GLY B 120 76.60 11.87 -7.78
CA GLY B 120 77.76 11.06 -7.44
C GLY B 120 78.87 11.87 -6.80
N THR B 121 79.57 11.21 -5.88
CA THR B 121 80.75 11.76 -5.22
C THR B 121 81.94 10.85 -5.50
N LEU B 122 83.00 11.41 -6.10
CA LEU B 122 84.22 10.66 -6.34
C LEU B 122 85.04 10.57 -5.06
N VAL B 123 85.27 9.35 -4.58
CA VAL B 123 86.18 9.10 -3.46
C VAL B 123 87.35 8.27 -3.97
N THR B 124 88.56 8.83 -3.88
CA THR B 124 89.79 8.16 -4.29
C THR B 124 90.58 7.75 -3.06
N VAL B 125 90.92 6.46 -2.98
CA VAL B 125 91.73 5.93 -1.88
C VAL B 125 93.05 5.44 -2.46
N SER B 126 94.15 6.08 -2.05
CA SER B 126 95.48 5.67 -2.47
C SER B 126 96.48 6.15 -1.45
N SER B 127 97.61 5.43 -1.35
CA SER B 127 98.71 5.86 -0.50
C SER B 127 99.44 7.06 -1.07
N ALA B 128 99.18 7.42 -2.33
CA ALA B 128 99.88 8.53 -2.98
C ALA B 128 99.43 9.86 -2.38
N SER B 129 100.18 10.91 -2.72
CA SER B 129 99.90 12.26 -2.27
C SER B 129 99.73 13.18 -3.48
N THR B 130 98.98 14.26 -3.28
CA THR B 130 98.65 15.19 -4.35
C THR B 130 99.91 15.67 -5.07
N LYS B 131 99.91 15.52 -6.39
CA LYS B 131 101.04 15.94 -7.21
C LYS B 131 100.54 16.45 -8.55
N GLY B 132 101.16 17.53 -9.04
CA GLY B 132 100.83 18.09 -10.33
C GLY B 132 101.40 17.25 -11.45
N PRO B 133 100.78 17.34 -12.63
CA PRO B 133 101.20 16.50 -13.75
C PRO B 133 102.45 17.01 -14.44
N SER B 134 103.34 16.09 -14.80
CA SER B 134 104.40 16.37 -15.76
C SER B 134 103.84 16.24 -17.16
N VAL B 135 104.05 17.25 -17.99
CA VAL B 135 103.48 17.32 -19.33
C VAL B 135 104.61 17.26 -20.35
N PHE B 136 104.49 16.36 -21.31
CA PHE B 136 105.51 16.10 -22.31
C PHE B 136 104.90 16.18 -23.71
N PRO B 137 105.66 16.68 -24.68
CA PRO B 137 105.13 16.78 -26.05
C PRO B 137 105.17 15.46 -26.79
N LEU B 138 104.09 15.16 -27.51
CA LEU B 138 104.08 14.07 -28.49
C LEU B 138 104.27 14.72 -29.85
N ALA B 139 105.53 14.90 -30.24
CA ALA B 139 105.85 15.70 -31.41
C ALA B 139 105.45 14.96 -32.68
N PRO B 140 104.97 15.67 -33.70
CA PRO B 140 104.62 15.02 -34.96
C PRO B 140 105.85 14.49 -35.67
N SER B 141 105.65 13.41 -36.43
CA SER B 141 106.76 12.69 -37.04
C SER B 141 107.53 13.59 -38.00
N SER B 142 108.85 13.44 -38.00
CA SER B 142 109.70 14.12 -38.97
C SER B 142 109.47 13.62 -40.39
N LYS B 143 108.77 12.50 -40.55
CA LYS B 143 108.43 11.93 -41.85
C LYS B 143 106.92 11.89 -42.04
N SER B 144 106.23 12.96 -41.66
CA SER B 144 104.80 13.05 -41.85
C SER B 144 104.47 13.13 -43.34
N THR B 145 103.37 12.47 -43.72
CA THR B 145 102.89 12.54 -45.10
C THR B 145 102.42 13.96 -45.39
N SER B 146 103.18 14.69 -46.20
CA SER B 146 102.89 16.11 -46.43
C SER B 146 101.52 16.30 -47.09
N GLY B 147 101.15 15.39 -47.98
CA GLY B 147 99.84 15.45 -48.61
C GLY B 147 98.81 14.61 -47.89
N GLY B 148 98.59 14.90 -46.61
CA GLY B 148 97.64 14.12 -45.83
C GLY B 148 97.49 14.66 -44.44
N THR B 149 96.97 13.82 -43.56
CA THR B 149 96.76 14.15 -42.16
C THR B 149 97.99 13.82 -41.33
N ALA B 150 98.26 14.66 -40.33
CA ALA B 150 99.34 14.44 -39.38
C ALA B 150 98.79 14.47 -37.97
N ALA B 151 99.38 13.66 -37.10
CA ALA B 151 98.94 13.52 -35.72
C ALA B 151 99.98 14.06 -34.76
N LEU B 152 99.53 14.81 -33.77
CA LEU B 152 100.36 15.31 -32.70
C LEU B 152 99.59 15.16 -31.40
N GLY B 153 100.27 15.34 -30.27
CA GLY B 153 99.57 15.13 -29.03
C GLY B 153 100.34 15.64 -27.83
N CYS B 154 99.84 15.26 -26.67
CA CYS B 154 100.37 15.73 -25.40
C CYS B 154 100.29 14.60 -24.39
N LEU B 155 101.33 14.44 -23.58
CA LEU B 155 101.38 13.38 -22.58
C LEU B 155 101.31 14.00 -21.19
N VAL B 156 100.26 13.66 -20.45
CA VAL B 156 100.03 14.16 -19.09
C VAL B 156 100.38 13.01 -18.14
N LYS B 157 101.59 13.03 -17.61
CA LYS B 157 102.17 11.88 -16.92
C LYS B 157 102.38 12.19 -15.44
N ASP B 158 102.16 11.17 -14.60
CA ASP B 158 102.38 11.25 -13.16
C ASP B 158 101.62 12.37 -12.47
N TYR B 159 100.34 12.13 -12.17
CA TYR B 159 99.57 13.08 -11.39
C TYR B 159 98.64 12.31 -10.46
N PHE B 160 98.21 12.99 -9.39
CA PHE B 160 97.27 12.41 -8.44
C PHE B 160 96.57 13.52 -7.69
N PRO B 161 95.28 13.40 -7.39
CA PRO B 161 94.34 12.39 -7.90
C PRO B 161 93.64 12.84 -9.17
N GLU B 162 92.63 12.09 -9.61
CA GLU B 162 91.73 12.57 -10.66
C GLU B 162 91.00 13.83 -10.20
N PRO B 163 90.57 14.71 -11.13
CA PRO B 163 90.75 14.62 -12.58
C PRO B 163 91.71 15.67 -13.15
N VAL B 164 92.12 15.51 -14.40
CA VAL B 164 92.83 16.55 -15.15
C VAL B 164 91.93 17.06 -16.26
N THR B 165 92.00 18.35 -16.53
CA THR B 165 91.34 18.99 -17.66
C THR B 165 92.40 19.31 -18.72
N VAL B 166 92.16 18.87 -19.94
CA VAL B 166 93.06 19.10 -21.06
C VAL B 166 92.31 19.80 -22.18
N SER B 167 92.86 20.91 -22.66
CA SER B 167 92.32 21.65 -23.80
C SER B 167 93.46 21.96 -24.76
N TRP B 168 93.09 22.24 -26.01
CA TRP B 168 94.06 22.55 -27.05
C TRP B 168 93.82 23.98 -27.54
N ASN B 169 94.88 24.79 -27.53
CA ASN B 169 94.82 26.19 -27.92
C ASN B 169 93.73 26.93 -27.16
N SER B 170 93.61 26.61 -25.86
CA SER B 170 92.64 27.25 -24.97
C SER B 170 91.21 27.10 -25.50
N GLY B 171 90.94 25.99 -26.18
CA GLY B 171 89.65 25.72 -26.78
C GLY B 171 89.52 26.13 -28.24
N ALA B 172 90.54 26.76 -28.82
CA ALA B 172 90.47 27.12 -30.23
C ALA B 172 90.53 25.89 -31.13
N LEU B 173 91.14 24.81 -30.65
CA LEU B 173 91.16 23.54 -31.35
C LEU B 173 90.22 22.57 -30.63
N THR B 174 89.22 22.07 -31.35
CA THR B 174 88.32 21.07 -30.79
C THR B 174 87.99 19.94 -31.76
N SER B 175 87.99 20.17 -33.07
CA SER B 175 87.79 19.10 -34.04
C SER B 175 89.06 18.27 -34.14
N GLY B 176 88.89 16.94 -34.10
CA GLY B 176 90.01 16.03 -34.22
C GLY B 176 90.76 15.76 -32.94
N VAL B 177 90.29 16.25 -31.80
CA VAL B 177 90.95 16.05 -30.53
C VAL B 177 90.37 14.81 -29.86
N HIS B 178 91.24 13.92 -29.40
CA HIS B 178 90.86 12.79 -28.55
C HIS B 178 91.70 12.85 -27.27
N THR B 179 91.05 13.12 -26.14
CA THR B 179 91.67 13.06 -24.83
C THR B 179 91.26 11.76 -24.16
N PHE B 180 92.22 10.88 -23.93
CA PHE B 180 91.94 9.52 -23.49
C PHE B 180 91.60 9.47 -22.00
N PRO B 181 90.84 8.46 -21.60
CA PRO B 181 90.64 8.23 -20.16
C PRO B 181 91.96 7.98 -19.45
N ALA B 182 92.05 8.45 -18.21
CA ALA B 182 93.25 8.23 -17.42
C ALA B 182 93.38 6.77 -17.04
N VAL B 183 94.63 6.33 -16.92
CA VAL B 183 94.96 4.98 -16.48
C VAL B 183 95.84 5.07 -15.25
N LEU B 184 95.49 4.34 -14.20
CA LEU B 184 96.29 4.32 -12.99
C LEU B 184 97.54 3.48 -13.21
N GLN B 185 98.69 4.07 -12.93
CA GLN B 185 99.97 3.39 -13.10
C GLN B 185 100.34 2.60 -11.85
N SER B 186 101.26 1.64 -12.03
CA SER B 186 101.72 0.83 -10.91
C SER B 186 102.33 1.68 -9.80
N SER B 187 102.87 2.85 -10.16
CA SER B 187 103.42 3.76 -9.17
C SER B 187 102.35 4.30 -8.23
N GLY B 188 101.07 4.23 -8.62
CA GLY B 188 99.98 4.80 -7.86
C GLY B 188 99.50 6.13 -8.38
N LEU B 189 100.19 6.71 -9.36
CA LEU B 189 99.81 7.95 -10.01
C LEU B 189 99.03 7.67 -11.28
N TYR B 190 98.25 8.66 -11.71
CA TYR B 190 97.48 8.56 -12.94
C TYR B 190 98.26 9.19 -14.09
N SER B 191 98.03 8.67 -15.29
CA SER B 191 98.66 9.17 -16.50
C SER B 191 97.64 9.29 -17.61
N LEU B 192 97.89 10.19 -18.55
CA LEU B 192 96.93 10.50 -19.59
C LEU B 192 97.65 10.97 -20.84
N SER B 193 97.03 10.71 -21.99
CA SER B 193 97.49 11.23 -23.28
C SER B 193 96.33 11.94 -23.96
N SER B 194 96.64 13.07 -24.59
CA SER B 194 95.66 13.82 -25.38
C SER B 194 96.28 14.11 -26.74
N VAL B 195 95.57 13.73 -27.81
CA VAL B 195 96.10 13.84 -29.16
C VAL B 195 95.14 14.65 -30.02
N VAL B 196 95.69 15.27 -31.06
CA VAL B 196 94.91 15.99 -32.06
C VAL B 196 95.48 15.67 -33.43
N THR B 197 94.61 15.49 -34.40
CA THR B 197 95.01 15.27 -35.79
C THR B 197 94.75 16.54 -36.60
N VAL B 198 95.73 16.92 -37.42
CA VAL B 198 95.72 18.19 -38.14
C VAL B 198 96.23 17.97 -39.55
N PRO B 199 95.97 18.92 -40.45
CA PRO B 199 96.58 18.84 -41.78
C PRO B 199 98.09 18.98 -41.69
N SER B 200 98.78 18.20 -42.53
CA SER B 200 100.25 18.26 -42.51
C SER B 200 100.76 19.59 -43.03
N SER B 201 100.04 20.22 -43.98
CA SER B 201 100.44 21.55 -44.44
C SER B 201 100.38 22.57 -43.31
N SER B 202 99.37 22.46 -42.45
CA SER B 202 99.18 23.41 -41.35
C SER B 202 100.25 23.28 -40.28
N LEU B 203 101.13 22.28 -40.37
CA LEU B 203 102.08 22.02 -39.29
C LEU B 203 103.16 23.10 -39.24
N GLY B 204 103.46 23.72 -40.39
CA GLY B 204 104.45 24.76 -40.47
C GLY B 204 103.94 26.16 -40.24
N THR B 205 102.60 26.33 -40.20
CA THR B 205 102.00 27.64 -40.10
C THR B 205 101.16 27.82 -38.84
N GLN B 206 100.62 26.74 -38.27
CA GLN B 206 99.83 26.79 -37.05
C GLN B 206 100.68 26.40 -35.85
N THR B 207 100.47 27.09 -34.74
CA THR B 207 101.04 26.74 -33.44
C THR B 207 100.02 25.92 -32.65
N TYR B 208 100.48 24.85 -32.01
CA TYR B 208 99.63 23.98 -31.21
C TYR B 208 100.11 23.93 -29.76
N ILE B 209 99.27 24.39 -28.84
CA ILE B 209 99.64 24.46 -27.42
C ILE B 209 98.68 23.58 -26.61
N CYS B 210 99.25 22.72 -25.77
CA CYS B 210 98.51 21.85 -24.88
C CYS B 210 98.22 22.56 -23.56
N ASN B 211 96.94 22.66 -23.19
CA ASN B 211 96.52 23.29 -21.94
C ASN B 211 96.11 22.22 -20.93
N VAL B 212 96.83 22.15 -19.81
CA VAL B 212 96.62 21.12 -18.79
C VAL B 212 96.33 21.81 -17.46
N ASN B 213 95.20 21.47 -16.85
CA ASN B 213 94.82 21.99 -15.54
C ASN B 213 94.59 20.82 -14.60
N HIS B 214 95.14 20.91 -13.39
CA HIS B 214 94.94 19.91 -12.34
C HIS B 214 94.56 20.65 -11.06
N LYS B 215 93.25 20.88 -10.89
CA LYS B 215 92.77 21.57 -9.68
C LYS B 215 93.14 20.87 -8.37
N PRO B 216 93.16 19.54 -8.27
CA PRO B 216 93.56 18.92 -6.99
C PRO B 216 94.96 19.28 -6.51
N SER B 217 95.82 19.79 -7.39
CA SER B 217 97.16 20.23 -7.00
C SER B 217 97.40 21.69 -7.33
N ASN B 218 96.38 22.42 -7.75
CA ASN B 218 96.50 23.83 -8.15
C ASN B 218 97.60 24.01 -9.19
N THR B 219 97.68 23.06 -10.11
CA THR B 219 98.68 23.05 -11.17
C THR B 219 98.02 23.32 -12.52
N LYS B 220 98.54 24.30 -13.25
CA LYS B 220 98.10 24.58 -14.61
C LYS B 220 99.34 24.73 -15.50
N VAL B 221 99.33 24.03 -16.64
CA VAL B 221 100.51 23.89 -17.49
C VAL B 221 100.10 24.13 -18.94
N ASP B 222 100.98 24.79 -19.70
CA ASP B 222 100.80 24.99 -21.13
C ASP B 222 102.06 24.57 -21.88
N LYS B 223 101.99 23.43 -22.58
CA LYS B 223 103.13 22.88 -23.31
C LYS B 223 102.96 23.16 -24.81
N LYS B 224 103.94 23.85 -25.39
CA LYS B 224 104.00 24.01 -26.84
C LYS B 224 104.49 22.73 -27.49
N VAL B 225 103.81 22.28 -28.55
CA VAL B 225 104.19 21.09 -29.30
C VAL B 225 104.76 21.55 -30.65
N GLU B 226 106.02 21.19 -30.91
CA GLU B 226 106.72 21.62 -32.11
C GLU B 226 107.26 20.43 -32.88
N PRO B 227 107.20 20.46 -34.21
CA PRO B 227 107.94 19.46 -35.00
C PRO B 227 109.43 19.68 -34.86
N LYS B 228 110.19 18.59 -34.82
CA LYS B 228 111.65 18.70 -34.81
C LYS B 228 112.28 17.77 -35.85
N GLN C 1 -43.53 -16.39 44.78
CA GLN C 1 -44.47 -16.33 45.89
C GLN C 1 -43.91 -15.54 47.07
N VAL C 2 -44.08 -14.22 47.03
CA VAL C 2 -43.72 -13.39 48.17
C VAL C 2 -44.75 -13.59 49.26
N GLN C 3 -44.28 -13.88 50.47
CA GLN C 3 -45.16 -14.02 51.63
C GLN C 3 -44.54 -13.34 52.85
N LEU C 4 -45.36 -12.57 53.56
CA LEU C 4 -45.01 -12.08 54.89
C LEU C 4 -45.95 -12.71 55.89
N VAL C 5 -45.41 -13.50 56.81
CA VAL C 5 -46.20 -14.19 57.82
C VAL C 5 -45.79 -13.67 59.19
N GLN C 6 -46.75 -13.16 59.94
CA GLN C 6 -46.51 -12.57 61.25
C GLN C 6 -46.89 -13.54 62.36
N SER C 7 -46.39 -13.24 63.56
CA SER C 7 -46.77 -14.00 64.74
C SER C 7 -48.25 -13.84 65.04
N GLY C 8 -48.77 -14.71 65.89
CA GLY C 8 -50.16 -14.69 66.24
C GLY C 8 -50.51 -13.53 67.15
N ALA C 9 -51.80 -13.44 67.48
CA ALA C 9 -52.31 -12.34 68.27
C ALA C 9 -51.67 -12.31 69.65
N GLU C 10 -51.58 -11.11 70.22
CA GLU C 10 -50.94 -10.89 71.50
C GLU C 10 -51.88 -10.12 72.41
N VAL C 11 -51.92 -10.50 73.68
CA VAL C 11 -52.70 -9.80 74.70
C VAL C 11 -51.75 -9.38 75.83
N LYS C 12 -51.72 -8.07 76.10
CA LYS C 12 -50.78 -7.46 77.04
C LYS C 12 -51.52 -6.49 77.96
N LYS C 13 -50.92 -6.24 79.10
CA LYS C 13 -51.35 -5.28 80.11
C LYS C 13 -50.62 -3.96 79.92
N PRO C 14 -51.20 -2.85 80.39
CA PRO C 14 -50.54 -1.56 80.24
C PRO C 14 -49.17 -1.55 80.92
N GLY C 15 -48.21 -0.86 80.30
CA GLY C 15 -46.84 -0.85 80.76
C GLY C 15 -46.01 -2.03 80.34
N ALA C 16 -46.64 -3.14 79.93
CA ALA C 16 -45.89 -4.30 79.46
C ALA C 16 -45.32 -4.02 78.07
N SER C 17 -44.61 -5.02 77.53
CA SER C 17 -44.04 -4.94 76.20
C SER C 17 -44.54 -6.10 75.34
N VAL C 18 -44.61 -5.85 74.04
CA VAL C 18 -44.99 -6.86 73.06
C VAL C 18 -43.95 -6.88 71.95
N LYS C 19 -43.68 -8.08 71.42
CA LYS C 19 -42.74 -8.27 70.31
C LYS C 19 -43.43 -9.09 69.24
N VAL C 20 -43.54 -8.52 68.03
CA VAL C 20 -44.22 -9.15 66.90
C VAL C 20 -43.19 -9.51 65.85
N SER C 21 -43.27 -10.74 65.34
CA SER C 21 -42.35 -11.24 64.35
C SER C 21 -42.96 -11.14 62.95
N CYS C 22 -42.09 -11.16 61.95
CA CYS C 22 -42.52 -11.03 60.55
C CYS C 22 -41.53 -11.85 59.72
N LYS C 23 -41.95 -13.05 59.31
CA LYS C 23 -41.08 -13.95 58.55
C LYS C 23 -41.31 -13.71 57.07
N ALA C 24 -40.26 -13.24 56.39
CA ALA C 24 -40.34 -12.95 54.96
C ALA C 24 -39.88 -14.13 54.13
N SER C 25 -40.43 -14.23 52.92
CA SER C 25 -40.12 -15.34 52.03
C SER C 25 -40.32 -14.91 50.58
N GLY C 26 -39.49 -15.48 49.70
CA GLY C 26 -39.70 -15.35 48.27
C GLY C 26 -39.00 -14.20 47.58
N TYR C 27 -38.03 -13.55 48.22
CA TYR C 27 -37.33 -12.44 47.62
C TYR C 27 -36.02 -12.23 48.37
N PRO C 28 -35.07 -11.47 47.77
CA PRO C 28 -33.83 -11.12 48.49
C PRO C 28 -34.10 -10.28 49.72
N PHE C 29 -33.97 -10.90 50.91
CA PHE C 29 -34.45 -10.27 52.13
C PHE C 29 -33.71 -8.95 52.42
N THR C 30 -32.41 -8.92 52.20
CA THR C 30 -31.62 -7.73 52.54
C THR C 30 -31.73 -6.62 51.52
N SER C 31 -32.40 -6.84 50.39
CA SER C 31 -32.54 -5.80 49.37
C SER C 31 -33.75 -4.91 49.56
N TYR C 32 -34.72 -5.32 50.40
CA TYR C 32 -35.94 -4.57 50.62
C TYR C 32 -36.13 -4.33 52.12
N GLY C 33 -36.36 -3.08 52.50
CA GLY C 33 -36.67 -2.77 53.87
C GLY C 33 -38.04 -3.24 54.30
N ILE C 34 -38.27 -3.15 55.61
CA ILE C 34 -39.54 -3.50 56.23
C ILE C 34 -40.14 -2.26 56.87
N SER C 35 -41.41 -2.01 56.60
CA SER C 35 -42.15 -0.95 57.28
C SER C 35 -43.22 -1.57 58.17
N TRP C 36 -43.44 -0.96 59.33
CA TRP C 36 -44.45 -1.40 60.27
C TRP C 36 -45.54 -0.36 60.39
N VAL C 37 -46.79 -0.81 60.28
CA VAL C 37 -47.96 0.06 60.33
C VAL C 37 -48.98 -0.59 61.25
N ARG C 38 -49.66 0.23 62.06
CA ARG C 38 -50.70 -0.25 62.95
C ARG C 38 -52.01 0.42 62.59
N GLN C 39 -53.11 -0.24 62.94
CA GLN C 39 -54.44 0.25 62.64
C GLN C 39 -55.32 0.00 63.86
N ALA C 40 -55.65 1.07 64.59
CA ALA C 40 -56.60 0.96 65.69
C ALA C 40 -57.98 0.60 65.16
N PRO C 41 -58.80 -0.06 65.97
CA PRO C 41 -60.12 -0.49 65.49
C PRO C 41 -60.99 0.72 65.15
N GLY C 42 -61.45 0.76 63.90
CA GLY C 42 -62.24 1.87 63.37
C GLY C 42 -61.44 3.03 62.84
N GLN C 43 -60.13 3.08 63.07
CA GLN C 43 -59.28 4.16 62.59
C GLN C 43 -58.55 3.76 61.31
N GLY C 44 -57.87 4.74 60.73
CA GLY C 44 -57.07 4.54 59.54
C GLY C 44 -55.71 3.93 59.86
N LEU C 45 -54.86 3.91 58.85
CA LEU C 45 -53.52 3.37 58.99
C LEU C 45 -52.62 4.40 59.66
N GLU C 46 -51.64 3.91 60.43
CA GLU C 46 -50.70 4.76 61.13
C GLU C 46 -49.32 4.15 60.98
N TRP C 47 -48.47 4.80 60.18
CA TRP C 47 -47.11 4.31 59.99
C TRP C 47 -46.31 4.46 61.26
N MET C 48 -45.57 3.42 61.64
CA MET C 48 -44.79 3.42 62.86
C MET C 48 -43.30 3.60 62.63
N GLY C 49 -42.74 2.97 61.60
CA GLY C 49 -41.34 3.13 61.33
C GLY C 49 -40.88 2.23 60.21
N TRP C 50 -39.59 2.36 59.91
CA TRP C 50 -38.92 1.63 58.84
C TRP C 50 -37.58 1.14 59.36
N ILE C 51 -37.22 -0.08 58.98
CA ILE C 51 -35.91 -0.63 59.29
C ILE C 51 -35.26 -1.14 58.01
N SER C 52 -33.96 -0.88 57.87
CA SER C 52 -33.16 -1.48 56.81
C SER C 52 -32.83 -2.92 57.16
N THR C 53 -33.20 -3.85 56.29
CA THR C 53 -32.77 -5.24 56.49
C THR C 53 -31.30 -5.45 56.19
N TYR C 54 -30.64 -4.46 55.60
CA TYR C 54 -29.23 -4.57 55.23
C TYR C 54 -28.29 -4.17 56.37
N ASN C 55 -28.41 -2.93 56.85
CA ASN C 55 -27.49 -2.41 57.87
C ASN C 55 -28.16 -2.07 59.19
N GLY C 56 -29.47 -2.28 59.32
CA GLY C 56 -30.15 -2.06 60.58
C GLY C 56 -30.47 -0.63 60.94
N ASN C 57 -30.25 0.32 60.04
CA ASN C 57 -30.68 1.69 60.30
C ASN C 57 -32.20 1.75 60.39
N THR C 58 -32.70 2.65 61.24
CA THR C 58 -34.12 2.72 61.55
C THR C 58 -34.59 4.16 61.55
N ASN C 59 -35.82 4.36 61.08
CA ASN C 59 -36.51 5.66 61.14
C ASN C 59 -37.87 5.43 61.77
N TYR C 60 -38.19 6.22 62.78
CA TYR C 60 -39.45 6.08 63.51
C TYR C 60 -40.22 7.39 63.50
N ALA C 61 -41.53 7.28 63.56
CA ALA C 61 -42.38 8.44 63.80
C ALA C 61 -42.24 8.89 65.25
N GLN C 62 -42.31 10.21 65.47
CA GLN C 62 -42.14 10.75 66.81
C GLN C 62 -43.09 10.11 67.82
N LYS C 63 -44.28 9.70 67.36
CA LYS C 63 -45.26 9.05 68.22
C LYS C 63 -44.71 7.79 68.90
N PHE C 64 -43.64 7.20 68.35
CA PHE C 64 -43.12 5.93 68.85
C PHE C 64 -41.63 5.96 69.16
N GLN C 65 -40.95 7.10 68.96
CA GLN C 65 -39.49 7.15 69.03
C GLN C 65 -38.92 6.43 70.25
N GLY C 66 -39.44 6.74 71.43
CA GLY C 66 -38.87 6.18 72.65
C GLY C 66 -39.30 4.77 72.97
N ARG C 67 -40.45 4.33 72.45
CA ARG C 67 -41.05 3.06 72.85
C ARG C 67 -40.79 1.93 71.88
N VAL C 68 -40.55 2.21 70.61
CA VAL C 68 -40.50 1.19 69.58
C VAL C 68 -39.05 0.81 69.30
N THR C 69 -38.84 -0.46 69.00
CA THR C 69 -37.55 -0.96 68.55
C THR C 69 -37.80 -1.98 67.45
N MET C 70 -37.26 -1.72 66.26
CA MET C 70 -37.37 -2.65 65.16
C MET C 70 -36.06 -3.40 64.97
N THR C 71 -36.17 -4.69 64.64
CA THR C 71 -35.01 -5.56 64.55
C THR C 71 -35.21 -6.52 63.38
N THR C 72 -34.10 -6.95 62.79
CA THR C 72 -34.12 -8.00 61.79
C THR C 72 -33.07 -9.03 62.12
N ASP C 73 -33.37 -10.29 61.79
CA ASP C 73 -32.41 -11.38 61.79
C ASP C 73 -32.25 -11.83 60.35
N THR C 74 -31.04 -11.65 59.80
CA THR C 74 -30.82 -12.02 58.41
C THR C 74 -30.87 -13.54 58.23
N SER C 75 -30.46 -14.30 59.24
CA SER C 75 -30.41 -15.75 59.11
C SER C 75 -31.80 -16.32 58.81
N THR C 76 -32.79 -15.95 59.61
CA THR C 76 -34.16 -16.41 59.40
C THR C 76 -34.96 -15.48 58.50
N THR C 77 -34.30 -14.47 57.91
CA THR C 77 -34.97 -13.45 57.07
C THR C 77 -36.26 -12.96 57.71
N THR C 78 -36.12 -12.50 58.95
CA THR C 78 -37.28 -12.17 59.78
C THR C 78 -37.09 -10.79 60.38
N GLY C 79 -38.13 -9.98 60.34
CA GLY C 79 -38.15 -8.70 61.03
C GLY C 79 -38.96 -8.79 62.32
N TYR C 80 -38.61 -7.92 63.27
CA TYR C 80 -39.27 -7.85 64.56
C TYR C 80 -39.62 -6.41 64.88
N MET C 81 -40.76 -6.23 65.56
CA MET C 81 -41.18 -4.94 66.09
C MET C 81 -41.50 -5.11 67.57
N GLU C 82 -40.76 -4.40 68.43
CA GLU C 82 -40.99 -4.44 69.86
C GLU C 82 -41.47 -3.06 70.32
N LEU C 83 -42.58 -3.02 71.06
CA LEU C 83 -43.13 -1.78 71.58
C LEU C 83 -43.20 -1.87 73.10
N ARG C 84 -42.41 -1.05 73.78
CA ARG C 84 -42.35 -1.03 75.24
C ARG C 84 -43.39 -0.07 75.82
N ARG C 85 -43.64 -0.23 77.13
CA ARG C 85 -44.47 0.71 77.88
C ARG C 85 -45.83 0.91 77.20
N LEU C 86 -46.51 -0.21 76.98
CA LEU C 86 -47.77 -0.20 76.24
C LEU C 86 -48.85 0.55 76.99
N ARG C 87 -49.76 1.14 76.23
CA ARG C 87 -50.92 1.84 76.74
C ARG C 87 -52.15 1.37 75.97
N SER C 88 -53.34 1.70 76.49
CA SER C 88 -54.57 1.23 75.86
C SER C 88 -54.69 1.72 74.42
N ASP C 89 -54.09 2.87 74.09
CA ASP C 89 -54.11 3.36 72.72
C ASP C 89 -53.42 2.43 71.75
N ASP C 90 -52.54 1.55 72.22
CA ASP C 90 -51.79 0.67 71.34
C ASP C 90 -52.58 -0.55 70.89
N THR C 91 -53.81 -0.71 71.35
CA THR C 91 -54.66 -1.82 70.91
C THR C 91 -54.99 -1.61 69.44
N ALA C 92 -54.33 -2.36 68.57
CA ALA C 92 -54.46 -2.18 67.14
C ALA C 92 -53.99 -3.43 66.42
N VAL C 93 -54.35 -3.54 65.14
CA VAL C 93 -53.76 -4.55 64.28
C VAL C 93 -52.45 -4.00 63.74
N TYR C 94 -51.38 -4.79 63.87
CA TYR C 94 -50.04 -4.37 63.46
C TYR C 94 -49.61 -5.14 62.21
N TYR C 95 -49.23 -4.39 61.18
CA TYR C 95 -48.80 -4.96 59.91
C TYR C 95 -47.31 -4.70 59.68
N CYS C 96 -46.62 -5.70 59.15
CA CYS C 96 -45.32 -5.49 58.51
C CYS C 96 -45.52 -5.51 57.00
N ALA C 97 -44.74 -4.70 56.31
CA ALA C 97 -44.85 -4.63 54.86
C ALA C 97 -43.46 -4.53 54.26
N ARG C 98 -43.32 -5.09 53.06
CA ARG C 98 -42.09 -4.93 52.31
C ARG C 98 -42.06 -3.51 51.75
N ASP C 99 -41.03 -2.76 52.07
CA ASP C 99 -41.00 -1.33 51.83
C ASP C 99 -40.14 -1.05 50.61
N TYR C 100 -40.71 -0.36 49.63
CA TYR C 100 -39.96 0.17 48.50
C TYR C 100 -40.15 1.68 48.39
N THR C 101 -40.24 2.33 49.56
CA THR C 101 -40.25 3.79 49.64
C THR C 101 -38.92 4.35 50.12
N ARG C 102 -38.06 3.51 50.68
CA ARG C 102 -36.74 3.90 51.14
C ARG C 102 -35.74 2.84 50.74
N GLY C 103 -34.50 3.27 50.46
CA GLY C 103 -33.46 2.34 50.04
C GLY C 103 -32.88 1.58 51.22
N ALA C 104 -32.76 0.27 51.07
CA ALA C 104 -32.23 -0.54 52.17
C ALA C 104 -30.76 -0.22 52.45
N TRP C 105 -29.99 0.05 51.41
CA TRP C 105 -28.56 0.35 51.59
C TRP C 105 -28.32 1.80 51.96
N PHE C 106 -28.80 2.73 51.14
CA PHE C 106 -28.45 4.14 51.25
C PHE C 106 -29.49 4.97 52.01
N GLY C 107 -30.68 4.44 52.22
CA GLY C 107 -31.68 5.15 53.00
C GLY C 107 -32.36 6.28 52.29
N GLU C 108 -32.26 6.36 50.96
CA GLU C 108 -32.84 7.44 50.19
C GLU C 108 -34.16 7.02 49.56
N SER C 109 -35.00 8.01 49.26
CA SER C 109 -36.35 7.75 48.83
C SER C 109 -36.39 7.06 47.46
N LEU C 110 -37.28 6.06 47.33
CA LEU C 110 -37.44 5.27 46.13
C LEU C 110 -38.86 5.44 45.59
N ILE C 111 -39.00 5.23 44.28
CA ILE C 111 -40.30 5.32 43.62
C ILE C 111 -41.03 3.99 43.81
N GLY C 112 -42.02 3.98 44.70
CA GLY C 112 -42.72 2.77 45.03
C GLY C 112 -43.61 2.98 46.24
N GLY C 113 -44.03 1.86 46.84
CA GLY C 113 -44.87 1.89 48.01
C GLY C 113 -44.65 0.65 48.85
N PHE C 114 -45.68 0.26 49.59
CA PHE C 114 -45.66 -0.97 50.38
C PHE C 114 -46.33 -2.06 49.55
N ASP C 115 -45.52 -2.81 48.81
CA ASP C 115 -46.06 -3.74 47.83
C ASP C 115 -46.67 -4.98 48.48
N ASN C 116 -46.00 -5.55 49.47
CA ASN C 116 -46.43 -6.80 50.09
C ASN C 116 -46.65 -6.59 51.58
N TRP C 117 -47.77 -7.11 52.08
CA TRP C 117 -48.21 -6.88 53.45
C TRP C 117 -48.42 -8.20 54.17
N GLY C 118 -48.07 -8.23 55.45
CA GLY C 118 -48.37 -9.37 56.29
C GLY C 118 -49.85 -9.46 56.60
N GLN C 119 -50.25 -10.63 57.12
CA GLN C 119 -51.65 -10.85 57.49
C GLN C 119 -52.08 -10.00 58.68
N GLY C 120 -51.14 -9.36 59.37
CA GLY C 120 -51.47 -8.57 60.53
C GLY C 120 -51.47 -9.37 61.81
N THR C 121 -51.04 -8.71 62.87
CA THR C 121 -51.07 -9.26 64.22
C THR C 121 -51.91 -8.35 65.09
N LEU C 122 -52.97 -8.90 65.68
CA LEU C 122 -53.79 -8.16 66.62
C LEU C 122 -53.12 -8.15 67.98
N VAL C 123 -52.80 -6.96 68.47
CA VAL C 123 -52.27 -6.76 69.82
C VAL C 123 -53.31 -6.00 70.62
N THR C 124 -53.81 -6.62 71.69
CA THR C 124 -54.79 -6.01 72.56
C THR C 124 -54.10 -5.58 73.85
N VAL C 125 -54.18 -4.29 74.17
CA VAL C 125 -53.60 -3.74 75.39
C VAL C 125 -54.75 -3.21 76.25
N SER C 126 -54.95 -3.83 77.41
CA SER C 126 -55.98 -3.38 78.34
C SER C 126 -55.62 -3.85 79.74
N SER C 127 -56.11 -3.11 80.74
CA SER C 127 -55.94 -3.52 82.12
C SER C 127 -56.78 -4.75 82.47
N ALA C 128 -57.68 -5.15 81.60
CA ALA C 128 -58.56 -6.29 81.86
C ALA C 128 -57.79 -7.60 81.79
N SER C 129 -58.44 -8.65 82.27
CA SER C 129 -57.91 -10.00 82.26
C SER C 129 -58.90 -10.92 81.55
N THR C 130 -58.36 -12.03 81.03
CA THR C 130 -59.16 -12.95 80.23
C THR C 130 -60.42 -13.38 80.96
N LYS C 131 -61.56 -13.20 80.30
CA LYS C 131 -62.86 -13.56 80.87
C LYS C 131 -63.78 -14.06 79.77
N GLY C 132 -64.53 -15.12 80.07
CA GLY C 132 -65.51 -15.65 79.15
C GLY C 132 -66.77 -14.80 79.11
N PRO C 133 -67.51 -14.89 78.01
CA PRO C 133 -68.71 -14.07 77.85
C PRO C 133 -69.90 -14.64 78.62
N SER C 134 -70.66 -13.75 79.24
CA SER C 134 -72.02 -14.09 79.68
C SER C 134 -72.96 -13.96 78.50
N VAL C 135 -73.75 -15.01 78.26
CA VAL C 135 -74.64 -15.05 77.10
C VAL C 135 -76.07 -15.04 77.60
N PHE C 136 -76.88 -14.12 77.07
CA PHE C 136 -78.25 -13.97 77.50
C PHE C 136 -79.18 -13.99 76.31
N PRO C 137 -80.37 -14.56 76.45
CA PRO C 137 -81.32 -14.63 75.31
C PRO C 137 -82.08 -13.33 75.11
N LEU C 138 -82.19 -12.93 73.85
CA LEU C 138 -83.07 -11.83 73.45
C LEU C 138 -84.33 -12.46 72.87
N ALA C 139 -85.31 -12.69 73.74
CA ALA C 139 -86.47 -13.48 73.36
C ALA C 139 -87.35 -12.71 72.38
N PRO C 140 -87.92 -13.38 71.37
CA PRO C 140 -88.85 -12.70 70.46
C PRO C 140 -90.16 -12.40 71.16
N SER C 141 -90.73 -11.24 70.84
CA SER C 141 -91.97 -10.84 71.49
C SER C 141 -93.03 -10.39 70.50
N SER C 142 -92.65 -9.68 69.44
CA SER C 142 -93.60 -9.19 68.47
C SER C 142 -92.99 -9.10 67.07
N GLY C 147 -96.83 -10.49 62.41
CA GLY C 147 -96.12 -9.64 61.46
C GLY C 147 -95.39 -10.44 60.40
N GLY C 148 -95.46 -11.77 60.49
CA GLY C 148 -94.77 -12.63 59.57
C GLY C 148 -93.39 -13.02 60.04
N THR C 149 -92.44 -12.10 59.90
CA THR C 149 -91.07 -12.33 60.38
C THR C 149 -90.94 -11.85 61.83
N ALA C 150 -90.18 -12.61 62.62
CA ALA C 150 -89.87 -12.23 63.99
C ALA C 150 -88.36 -12.24 64.18
N ALA C 151 -87.89 -11.35 65.04
CA ALA C 151 -86.46 -11.19 65.29
C ALA C 151 -86.13 -11.66 66.69
N LEU C 152 -85.08 -12.47 66.79
CA LEU C 152 -84.57 -12.93 68.08
C LEU C 152 -83.06 -12.92 68.05
N GLY C 153 -82.45 -13.04 69.21
CA GLY C 153 -81.00 -13.03 69.26
C GLY C 153 -80.49 -13.40 70.63
N CYS C 154 -79.18 -13.21 70.80
CA CYS C 154 -78.50 -13.51 72.04
C CYS C 154 -77.41 -12.46 72.25
N LEU C 155 -77.18 -12.10 73.51
CA LEU C 155 -76.26 -11.04 73.87
C LEU C 155 -74.97 -11.63 74.44
N VAL C 156 -73.85 -11.30 73.82
CA VAL C 156 -72.52 -11.76 74.23
C VAL C 156 -71.87 -10.61 74.99
N LYS C 157 -71.96 -10.67 76.31
CA LYS C 157 -71.71 -9.52 77.16
C LYS C 157 -70.47 -9.74 78.02
N ASP C 158 -69.66 -8.69 78.17
CA ASP C 158 -68.49 -8.68 79.05
C ASP C 158 -67.57 -9.86 78.82
N TYR C 159 -66.71 -9.76 77.81
CA TYR C 159 -65.72 -10.78 77.54
C TYR C 159 -64.42 -10.11 77.11
N PHE C 160 -63.32 -10.84 77.28
CA PHE C 160 -62.01 -10.32 76.91
C PHE C 160 -61.07 -11.49 76.67
N PRO C 161 -60.18 -11.41 75.68
CA PRO C 161 -60.10 -10.37 74.64
C PRO C 161 -60.94 -10.73 73.42
N GLU C 162 -60.83 -9.95 72.35
CA GLU C 162 -61.36 -10.39 71.07
C GLU C 162 -60.65 -11.67 70.64
N PRO C 163 -61.32 -12.53 69.87
CA PRO C 163 -62.69 -12.45 69.36
C PRO C 163 -63.61 -13.53 69.96
N VAL C 164 -64.92 -13.40 69.75
CA VAL C 164 -65.87 -14.48 70.03
C VAL C 164 -66.40 -15.01 68.70
N THR C 165 -66.69 -16.30 68.68
CA THR C 165 -67.33 -16.94 67.54
C THR C 165 -68.80 -17.17 67.87
N VAL C 166 -69.69 -16.67 67.01
CA VAL C 166 -71.13 -16.83 67.20
C VAL C 166 -71.73 -17.45 65.95
N SER C 167 -72.45 -18.56 66.13
CA SER C 167 -73.21 -19.21 65.07
C SER C 167 -74.59 -19.56 65.60
N TRP C 168 -75.52 -19.80 64.70
CA TRP C 168 -76.90 -20.14 65.06
C TRP C 168 -77.22 -21.55 64.59
N ASN C 169 -77.75 -22.37 65.50
CA ASN C 169 -78.11 -23.76 65.22
C ASN C 169 -76.95 -24.53 64.60
N SER C 170 -75.76 -24.34 65.15
CA SER C 170 -74.55 -25.04 64.73
C SER C 170 -74.24 -24.84 63.25
N GLY C 171 -74.59 -23.67 62.71
CA GLY C 171 -74.38 -23.38 61.31
C GLY C 171 -75.54 -23.70 60.41
N ALA C 172 -76.60 -24.33 60.92
CA ALA C 172 -77.76 -24.62 60.09
C ALA C 172 -78.51 -23.33 59.73
N LEU C 173 -78.37 -22.29 60.55
CA LEU C 173 -78.95 -20.98 60.25
C LEU C 173 -77.84 -20.02 59.83
N THR C 174 -77.97 -19.48 58.63
CA THR C 174 -77.07 -18.44 58.13
C THR C 174 -77.79 -17.30 57.43
N SER C 175 -78.96 -17.55 56.83
CA SER C 175 -79.75 -16.48 56.24
C SER C 175 -80.43 -15.65 57.33
N GLY C 176 -80.31 -14.34 57.23
CA GLY C 176 -80.94 -13.44 58.17
C GLY C 176 -80.18 -13.19 59.46
N VAL C 177 -78.96 -13.70 59.58
CA VAL C 177 -78.17 -13.53 60.80
C VAL C 177 -77.30 -12.29 60.64
N HIS C 178 -77.33 -11.43 61.65
CA HIS C 178 -76.39 -10.31 61.76
C HIS C 178 -75.68 -10.42 63.10
N THR C 179 -74.38 -10.68 63.06
CA THR C 179 -73.55 -10.64 64.25
C THR C 179 -72.78 -9.33 64.24
N PHE C 180 -73.07 -8.48 65.23
CA PHE C 180 -72.56 -7.12 65.20
C PHE C 180 -71.09 -7.10 65.64
N PRO C 181 -70.33 -6.10 65.18
CA PRO C 181 -68.98 -5.92 65.73
C PRO C 181 -69.04 -5.69 67.23
N ALA C 182 -68.01 -6.16 67.92
CA ALA C 182 -67.95 -5.94 69.35
C ALA C 182 -67.72 -4.47 69.65
N VAL C 183 -68.17 -4.04 70.83
CA VAL C 183 -67.99 -2.68 71.29
C VAL C 183 -67.14 -2.71 72.55
N LEU C 184 -66.06 -1.94 72.55
CA LEU C 184 -65.19 -1.86 73.70
C LEU C 184 -65.84 -1.01 74.78
N GLN C 185 -65.98 -1.59 75.98
CA GLN C 185 -66.51 -0.86 77.11
C GLN C 185 -65.37 -0.19 77.87
N SER C 186 -65.73 0.80 78.70
CA SER C 186 -64.73 1.54 79.45
C SER C 186 -63.86 0.63 80.31
N SER C 187 -64.42 -0.51 80.74
CA SER C 187 -63.64 -1.48 81.51
C SER C 187 -62.53 -2.13 80.69
N GLY C 188 -62.63 -2.10 79.37
CA GLY C 188 -61.72 -2.83 78.52
C GLY C 188 -62.28 -4.13 78.01
N LEU C 189 -63.48 -4.51 78.43
CA LEU C 189 -64.13 -5.72 77.96
C LEU C 189 -65.01 -5.42 76.76
N TYR C 190 -65.24 -6.44 75.94
CA TYR C 190 -66.04 -6.31 74.73
C TYR C 190 -67.45 -6.84 74.95
N SER C 191 -68.40 -6.29 74.20
CA SER C 191 -69.79 -6.74 74.23
C SER C 191 -70.30 -6.89 72.80
N LEU C 192 -71.24 -7.81 72.61
CA LEU C 192 -71.69 -8.13 71.27
C LEU C 192 -73.12 -8.65 71.34
N SER C 193 -73.86 -8.42 70.26
CA SER C 193 -75.18 -8.99 70.05
C SER C 193 -75.21 -9.67 68.69
N SER C 194 -75.87 -10.82 68.63
CA SER C 194 -76.09 -11.54 67.38
C SER C 194 -77.57 -11.84 67.27
N VAL C 195 -78.20 -11.38 66.19
CA VAL C 195 -79.63 -11.49 66.00
C VAL C 195 -79.91 -12.16 64.67
N VAL C 196 -81.07 -12.81 64.60
CA VAL C 196 -81.54 -13.44 63.37
C VAL C 196 -83.04 -13.19 63.25
N THR C 197 -83.51 -12.97 62.03
CA THR C 197 -84.93 -12.87 61.76
C THR C 197 -85.40 -14.18 61.15
N VAL C 198 -86.51 -14.69 61.67
CA VAL C 198 -86.99 -16.03 61.34
C VAL C 198 -88.50 -15.95 61.13
N PRO C 199 -89.14 -16.96 60.54
CA PRO C 199 -90.61 -16.96 60.49
C PRO C 199 -91.19 -17.00 61.89
N SER C 200 -92.26 -16.22 62.08
CA SER C 200 -92.90 -16.15 63.40
C SER C 200 -93.61 -17.46 63.75
N SER C 201 -94.09 -18.19 62.74
CA SER C 201 -94.76 -19.47 62.98
C SER C 201 -93.81 -20.47 63.64
N SER C 202 -92.55 -20.47 63.22
CA SER C 202 -91.56 -21.43 63.71
C SER C 202 -91.18 -21.23 65.17
N LEU C 203 -91.66 -20.18 65.84
CA LEU C 203 -91.11 -19.83 67.15
C LEU C 203 -91.49 -20.85 68.21
N GLY C 204 -92.63 -21.52 68.07
CA GLY C 204 -92.99 -22.53 69.04
C GLY C 204 -92.52 -23.93 68.73
N THR C 205 -92.04 -24.21 67.51
CA THR C 205 -91.69 -25.56 67.07
C THR C 205 -90.24 -25.73 66.68
N GLN C 206 -89.56 -24.66 66.25
CA GLN C 206 -88.16 -24.73 65.90
C GLN C 206 -87.34 -24.23 67.07
N THR C 207 -86.23 -24.91 67.34
CA THR C 207 -85.32 -24.47 68.39
C THR C 207 -84.27 -23.57 67.78
N TYR C 208 -84.02 -22.44 68.45
CA TYR C 208 -82.99 -21.49 68.03
C TYR C 208 -81.99 -21.40 69.17
N ILE C 209 -80.78 -21.88 68.93
CA ILE C 209 -79.74 -21.93 69.94
C ILE C 209 -78.58 -21.07 69.47
N CYS C 210 -78.12 -20.18 70.33
CA CYS C 210 -76.96 -19.36 70.01
C CYS C 210 -75.72 -20.16 70.37
N ASN C 211 -74.83 -20.35 69.39
CA ASN C 211 -73.59 -21.08 69.62
C ASN C 211 -72.49 -20.03 69.77
N VAL C 212 -71.92 -19.95 70.97
CA VAL C 212 -70.96 -18.91 71.32
C VAL C 212 -69.69 -19.59 71.78
N ASN C 213 -68.57 -19.27 71.12
CA ASN C 213 -67.27 -19.82 71.45
C ASN C 213 -66.31 -18.68 71.73
N HIS C 214 -65.55 -18.80 72.82
CA HIS C 214 -64.50 -17.84 73.19
C HIS C 214 -63.24 -18.65 73.47
N LYS C 215 -62.44 -18.87 72.42
CA LYS C 215 -61.21 -19.65 72.57
C LYS C 215 -60.24 -19.12 73.62
N PRO C 216 -60.07 -17.81 73.82
CA PRO C 216 -59.12 -17.36 74.87
C PRO C 216 -59.47 -17.80 76.27
N SER C 217 -60.71 -18.23 76.53
CA SER C 217 -61.09 -18.70 77.86
C SER C 217 -61.62 -20.13 77.85
N ASN C 218 -61.53 -20.84 76.73
CA ASN C 218 -62.07 -22.19 76.60
C ASN C 218 -63.54 -22.24 77.03
N THR C 219 -64.28 -21.21 76.63
CA THR C 219 -65.70 -21.08 76.96
C THR C 219 -66.52 -21.32 75.71
N LYS C 220 -67.38 -22.33 75.75
CA LYS C 220 -68.33 -22.59 74.68
C LYS C 220 -69.72 -22.63 75.32
N VAL C 221 -70.54 -21.63 75.02
CA VAL C 221 -71.91 -21.57 75.49
C VAL C 221 -72.82 -21.82 74.30
N ASP C 222 -73.89 -22.58 74.54
CA ASP C 222 -74.95 -22.79 73.57
C ASP C 222 -76.24 -22.45 74.31
N LYS C 223 -76.78 -21.27 74.03
CA LYS C 223 -77.92 -20.74 74.76
C LYS C 223 -79.18 -20.89 73.91
N LYS C 224 -80.17 -21.59 74.47
CA LYS C 224 -81.48 -21.69 73.84
C LYS C 224 -82.23 -20.38 74.00
N VAL C 225 -82.80 -19.89 72.90
CA VAL C 225 -83.61 -18.68 72.90
C VAL C 225 -85.07 -19.10 72.73
N GLU C 226 -85.90 -18.72 73.69
CA GLU C 226 -87.29 -19.14 73.71
C GLU C 226 -88.19 -17.91 73.66
N PRO C 227 -89.31 -17.99 72.94
CA PRO C 227 -90.26 -16.86 72.94
C PRO C 227 -90.83 -16.61 74.33
N LYS C 228 -91.05 -15.33 74.63
CA LYS C 228 -91.65 -14.93 75.89
C LYS C 228 -92.83 -13.99 75.62
N GLU D 1 -44.51 17.65 59.38
CA GLU D 1 -45.41 16.60 58.92
C GLU D 1 -46.29 17.10 57.77
N ILE D 2 -46.47 16.25 56.76
CA ILE D 2 -47.41 16.50 55.67
C ILE D 2 -48.70 15.74 55.98
N VAL D 3 -49.80 16.47 56.08
CA VAL D 3 -51.10 15.87 56.38
C VAL D 3 -51.84 15.66 55.07
N LEU D 4 -52.22 14.42 54.80
CA LEU D 4 -53.00 14.06 53.62
C LEU D 4 -54.46 14.00 54.04
N THR D 5 -55.30 14.78 53.37
CA THR D 5 -56.72 14.88 53.71
C THR D 5 -57.54 14.23 52.60
N GLN D 6 -58.29 13.20 52.94
CA GLN D 6 -59.17 12.53 52.00
C GLN D 6 -60.60 12.92 52.31
N SER D 7 -61.30 13.48 51.32
CA SER D 7 -62.69 13.87 51.48
C SER D 7 -63.48 13.34 50.29
N PRO D 8 -64.71 12.86 50.53
CA PRO D 8 -65.36 12.68 51.84
C PRO D 8 -64.85 11.43 52.54
N GLY D 9 -65.27 11.21 53.80
CA GLY D 9 -64.90 9.99 54.47
C GLY D 9 -65.56 8.76 53.88
N THR D 10 -66.82 8.91 53.44
CA THR D 10 -67.57 7.84 52.81
C THR D 10 -68.11 8.35 51.49
N LEU D 11 -67.88 7.58 50.42
CA LEU D 11 -68.27 7.96 49.06
C LEU D 11 -69.27 6.93 48.56
N SER D 12 -70.54 7.31 48.47
CA SER D 12 -71.61 6.42 48.06
C SER D 12 -71.77 6.49 46.55
N LEU D 13 -71.59 5.36 45.88
CA LEU D 13 -71.67 5.29 44.43
C LEU D 13 -72.31 3.96 44.04
N SER D 14 -73.01 3.98 42.90
CA SER D 14 -73.62 2.77 42.39
C SER D 14 -72.58 1.91 41.67
N PRO D 15 -72.78 0.60 41.63
CA PRO D 15 -71.85 -0.26 40.88
C PRO D 15 -71.86 0.08 39.40
N GLY D 16 -70.68 0.01 38.78
CA GLY D 16 -70.50 0.43 37.42
C GLY D 16 -70.30 1.92 37.22
N GLU D 17 -70.57 2.72 38.24
CA GLU D 17 -70.36 4.17 38.15
C GLU D 17 -68.87 4.50 38.20
N ARG D 18 -68.55 5.73 37.82
CA ARG D 18 -67.18 6.22 37.83
C ARG D 18 -66.86 6.78 39.21
N ALA D 19 -65.75 6.31 39.78
CA ALA D 19 -65.30 6.75 41.10
C ALA D 19 -64.06 7.60 40.96
N THR D 20 -64.07 8.77 41.60
CA THR D 20 -62.89 9.64 41.69
C THR D 20 -62.69 10.01 43.15
N LEU D 21 -61.59 9.55 43.74
CA LEU D 21 -61.27 9.82 45.13
C LEU D 21 -60.21 10.90 45.22
N SER D 22 -60.42 11.86 46.13
CA SER D 22 -59.52 12.98 46.29
C SER D 22 -58.57 12.75 47.46
N CYS D 23 -57.31 13.18 47.29
CA CYS D 23 -56.33 13.22 48.35
C CYS D 23 -55.62 14.56 48.30
N ARG D 24 -55.93 15.46 49.23
CA ARG D 24 -55.35 16.80 49.27
C ARG D 24 -54.28 16.86 50.35
N ALA D 25 -53.09 17.32 49.99
CA ALA D 25 -51.98 17.42 50.91
C ALA D 25 -51.86 18.83 51.46
N SER D 26 -51.30 18.93 52.67
CA SER D 26 -51.08 20.23 53.28
C SER D 26 -49.90 20.97 52.69
N GLN D 27 -49.04 20.28 51.93
CA GLN D 27 -47.90 20.88 51.25
C GLN D 27 -47.74 20.20 49.90
N THR D 28 -46.96 20.83 49.03
CA THR D 28 -46.68 20.20 47.74
C THR D 28 -45.91 18.91 47.94
N VAL D 29 -46.39 17.85 47.30
CA VAL D 29 -45.80 16.52 47.39
C VAL D 29 -45.25 16.14 46.03
N SER D 30 -44.00 15.68 46.00
CA SER D 30 -43.44 15.16 44.75
C SER D 30 -44.24 13.96 44.30
N SER D 31 -44.68 13.99 43.03
CA SER D 31 -45.46 12.87 42.50
C SER D 31 -44.72 11.55 42.63
N THR D 32 -43.39 11.59 42.60
CA THR D 32 -42.57 10.40 42.83
C THR D 32 -42.87 9.71 44.17
N SER D 33 -43.51 10.41 45.10
CA SER D 33 -43.66 9.92 46.47
C SER D 33 -45.10 9.99 46.94
N LEU D 34 -46.05 9.65 46.07
CA LEU D 34 -47.46 9.53 46.45
C LEU D 34 -47.97 8.16 46.01
N ALA D 35 -48.71 7.49 46.90
CA ALA D 35 -49.19 6.15 46.65
C ALA D 35 -50.63 5.99 47.12
N TRP D 36 -51.31 4.99 46.56
CA TRP D 36 -52.69 4.68 46.90
C TRP D 36 -52.81 3.22 47.34
N TYR D 37 -53.67 2.96 48.32
CA TYR D 37 -53.85 1.64 48.88
C TYR D 37 -55.33 1.31 48.98
N GLN D 38 -55.65 0.04 48.74
CA GLN D 38 -56.99 -0.50 48.95
C GLN D 38 -56.96 -1.45 50.14
N GLN D 39 -57.99 -1.37 50.98
CA GLN D 39 -58.18 -2.34 52.06
C GLN D 39 -59.63 -2.78 52.07
N LYS D 40 -59.85 -4.08 51.88
CA LYS D 40 -61.18 -4.63 52.08
C LYS D 40 -61.36 -4.93 53.57
N PRO D 41 -62.61 -4.97 54.05
CA PRO D 41 -62.83 -5.13 55.48
C PRO D 41 -62.26 -6.46 55.98
N GLY D 42 -61.48 -6.39 57.06
CA GLY D 42 -60.86 -7.55 57.64
C GLY D 42 -59.61 -8.05 56.96
N GLN D 43 -59.21 -7.44 55.84
CA GLN D 43 -58.02 -7.84 55.11
C GLN D 43 -56.91 -6.82 55.34
N ALA D 44 -55.72 -7.15 54.83
CA ALA D 44 -54.59 -6.24 54.89
C ALA D 44 -54.67 -5.25 53.74
N PRO D 45 -54.09 -4.06 53.91
CA PRO D 45 -54.10 -3.09 52.80
C PRO D 45 -53.27 -3.56 51.63
N ARG D 46 -53.71 -3.19 50.43
CA ARG D 46 -53.07 -3.59 49.18
CA ARG D 46 -53.06 -3.59 49.20
C ARG D 46 -52.70 -2.35 48.38
N LEU D 47 -51.45 -2.28 47.95
CA LEU D 47 -50.99 -1.16 47.13
C LEU D 47 -51.65 -1.19 45.76
N LEU D 48 -52.24 -0.06 45.37
CA LEU D 48 -52.88 0.07 44.06
C LEU D 48 -52.02 0.89 43.09
N ILE D 49 -51.55 2.05 43.54
CA ILE D 49 -50.81 2.99 42.71
C ILE D 49 -49.60 3.46 43.50
N TYR D 50 -48.46 3.58 42.81
CA TYR D 50 -47.27 4.19 43.37
C TYR D 50 -46.73 5.20 42.38
N GLY D 51 -45.91 6.13 42.88
CA GLY D 51 -45.42 7.20 42.03
C GLY D 51 -46.52 8.03 41.40
N ALA D 52 -47.63 8.22 42.11
CA ALA D 52 -48.80 9.00 41.68
C ALA D 52 -49.52 8.42 40.46
N SER D 53 -48.79 7.80 39.54
CA SER D 53 -49.35 7.34 38.27
C SER D 53 -49.23 5.85 38.02
N SER D 54 -48.21 5.19 38.57
CA SER D 54 -47.90 3.82 38.21
C SER D 54 -48.85 2.82 38.87
N ARG D 55 -49.50 1.99 38.06
CA ARG D 55 -50.27 0.87 38.58
C ARG D 55 -49.35 -0.20 39.15
N ALA D 56 -49.72 -0.73 40.31
CA ALA D 56 -48.96 -1.79 40.93
C ALA D 56 -49.18 -3.13 40.22
N THR D 57 -48.36 -4.11 40.58
CA THR D 57 -48.44 -5.43 39.96
C THR D 57 -49.79 -6.08 40.27
N GLY D 58 -50.46 -6.54 39.22
CA GLY D 58 -51.71 -7.26 39.38
C GLY D 58 -52.94 -6.39 39.60
N ILE D 59 -52.83 -5.09 39.40
CA ILE D 59 -53.96 -4.18 39.60
C ILE D 59 -54.70 -3.97 38.28
N PRO D 60 -56.02 -4.13 38.24
CA PRO D 60 -56.77 -3.94 37.00
C PRO D 60 -56.56 -2.55 36.42
N ASP D 61 -56.71 -2.45 35.10
CA ASP D 61 -56.50 -1.18 34.41
C ASP D 61 -57.55 -0.13 34.75
N ARG D 62 -58.69 -0.53 35.31
CA ARG D 62 -59.71 0.45 35.67
C ARG D 62 -59.24 1.38 36.79
N PHE D 63 -58.26 0.96 37.58
CA PHE D 63 -57.66 1.83 38.58
C PHE D 63 -56.58 2.69 37.93
N SER D 64 -56.64 4.00 38.18
CA SER D 64 -55.67 4.94 37.64
C SER D 64 -55.37 6.00 38.68
N GLY D 65 -54.14 6.48 38.69
CA GLY D 65 -53.71 7.54 39.58
C GLY D 65 -53.33 8.77 38.78
N SER D 66 -53.75 9.93 39.26
CA SER D 66 -53.49 11.20 38.59
C SER D 66 -53.28 12.28 39.64
N GLY D 67 -52.96 13.48 39.17
CA GLY D 67 -52.83 14.64 40.02
C GLY D 67 -51.38 15.03 40.23
N SER D 68 -51.21 16.19 40.87
CA SER D 68 -49.88 16.76 41.06
C SER D 68 -49.96 17.80 42.17
N GLY D 69 -48.79 18.24 42.62
CA GLY D 69 -48.71 19.28 43.64
C GLY D 69 -49.34 18.87 44.96
N THR D 70 -50.45 19.51 45.33
CA THR D 70 -51.16 19.21 46.55
C THR D 70 -52.40 18.35 46.35
N ASP D 71 -52.85 18.16 45.11
CA ASP D 71 -54.11 17.51 44.83
C ASP D 71 -53.88 16.28 43.95
N PHE D 72 -54.24 15.11 44.47
CA PHE D 72 -54.08 13.85 43.77
C PHE D 72 -55.43 13.12 43.73
N THR D 73 -55.62 12.31 42.69
CA THR D 73 -56.87 11.62 42.50
C THR D 73 -56.64 10.17 42.11
N LEU D 74 -57.42 9.28 42.70
CA LEU D 74 -57.52 7.89 42.27
C LEU D 74 -58.85 7.70 41.57
N THR D 75 -58.80 7.19 40.34
CA THR D 75 -60.00 7.00 39.53
C THR D 75 -60.25 5.51 39.32
N ILE D 76 -61.49 5.09 39.56
CA ILE D 76 -61.97 3.77 39.16
C ILE D 76 -62.95 3.99 38.02
N SER D 77 -62.60 3.52 36.83
CA SER D 77 -63.40 3.79 35.64
C SER D 77 -64.81 3.27 35.79
N ARG D 78 -64.94 2.01 36.21
CA ARG D 78 -66.24 1.40 36.46
C ARG D 78 -66.12 0.55 37.72
N LEU D 79 -66.88 0.92 38.75
CA LEU D 79 -66.83 0.18 40.01
C LEU D 79 -67.37 -1.23 39.84
N GLU D 80 -66.55 -2.22 40.15
CA GLU D 80 -66.99 -3.60 40.27
C GLU D 80 -67.41 -3.88 41.71
N PRO D 81 -68.20 -4.94 41.94
CA PRO D 81 -68.65 -5.23 43.31
C PRO D 81 -67.53 -5.40 44.32
N GLU D 82 -66.37 -5.95 43.93
CA GLU D 82 -65.26 -6.11 44.86
C GLU D 82 -64.55 -4.79 45.15
N ASP D 83 -64.81 -3.74 44.35
CA ASP D 83 -64.10 -2.48 44.51
C ASP D 83 -64.67 -1.60 45.62
N PHE D 84 -65.81 -1.96 46.19
CA PHE D 84 -66.38 -1.20 47.29
C PHE D 84 -65.62 -1.55 48.56
N ALA D 85 -64.64 -0.72 48.89
CA ALA D 85 -63.78 -0.92 50.05
C ALA D 85 -63.32 0.46 50.52
N VAL D 86 -62.40 0.48 51.47
CA VAL D 86 -61.78 1.73 51.93
C VAL D 86 -60.43 1.90 51.23
N TYR D 87 -60.16 3.12 50.78
CA TYR D 87 -58.97 3.44 50.00
C TYR D 87 -58.15 4.50 50.71
N TYR D 88 -56.85 4.24 50.89
CA TYR D 88 -55.95 5.15 51.58
C TYR D 88 -54.90 5.68 50.61
N CYS D 89 -54.71 7.00 50.59
CA CYS D 89 -53.54 7.58 49.97
C CYS D 89 -52.39 7.67 50.97
N GLN D 90 -51.16 7.69 50.43
CA GLN D 90 -49.96 7.72 51.26
C GLN D 90 -48.88 8.52 50.56
N GLN D 91 -48.14 9.30 51.32
CA GLN D 91 -47.00 10.05 50.79
C GLN D 91 -45.75 9.73 51.58
N HIS D 92 -44.61 9.72 50.89
CA HIS D 92 -43.32 9.67 51.54
C HIS D 92 -42.40 10.75 51.00
N ASP D 93 -42.97 11.89 50.61
CA ASP D 93 -42.18 13.06 50.24
C ASP D 93 -41.44 13.61 51.45
N THR D 94 -42.15 13.79 52.56
CA THR D 94 -41.54 14.19 53.82
C THR D 94 -42.06 13.23 54.89
N SER D 95 -41.15 12.54 55.55
CA SER D 95 -41.47 11.43 56.45
C SER D 95 -42.40 10.47 55.70
N LEU D 96 -43.30 9.80 56.42
CA LEU D 96 -44.32 8.98 55.79
C LEU D 96 -45.62 9.09 56.57
N THR D 97 -46.70 9.44 55.87
CA THR D 97 -48.01 9.61 56.49
C THR D 97 -49.07 9.03 55.58
N PHE D 98 -50.16 8.57 56.17
CA PHE D 98 -51.31 8.05 55.45
C PHE D 98 -52.44 9.07 55.47
N GLY D 99 -53.31 8.96 54.48
CA GLY D 99 -54.57 9.66 54.53
C GLY D 99 -55.51 9.01 55.52
N GLY D 100 -56.68 9.63 55.67
CA GLY D 100 -57.68 9.08 56.58
C GLY D 100 -58.49 7.95 55.98
N GLY D 101 -58.48 7.81 54.67
CA GLY D 101 -59.23 6.77 53.99
C GLY D 101 -60.60 7.26 53.54
N THR D 102 -61.03 6.73 52.39
CA THR D 102 -62.37 6.97 51.87
C THR D 102 -63.07 5.63 51.70
N LYS D 103 -64.20 5.46 52.37
CA LYS D 103 -65.01 4.26 52.23
C LYS D 103 -65.91 4.39 51.01
N VAL D 104 -65.73 3.52 50.03
CA VAL D 104 -66.58 3.52 48.85
C VAL D 104 -67.76 2.60 49.14
N GLU D 105 -68.93 3.19 49.29
CA GLU D 105 -70.14 2.51 49.73
C GLU D 105 -71.09 2.29 48.55
N ILE D 106 -71.77 1.15 48.56
CA ILE D 106 -72.79 0.88 47.54
C ILE D 106 -73.98 1.78 47.79
N LYS D 107 -74.26 2.67 46.85
CA LYS D 107 -75.46 3.51 46.96
C LYS D 107 -76.69 2.69 46.64
N ARG D 108 -77.73 2.86 47.45
CA ARG D 108 -78.89 1.99 47.41
C ARG D 108 -80.15 2.84 47.54
N THR D 109 -81.28 2.26 47.17
CA THR D 109 -82.56 2.91 47.44
C THR D 109 -82.78 3.04 48.93
N VAL D 110 -83.56 4.04 49.31
CA VAL D 110 -83.84 4.26 50.74
C VAL D 110 -84.68 3.10 51.26
N ALA D 111 -84.18 2.44 52.29
CA ALA D 111 -84.90 1.35 52.96
C ALA D 111 -85.12 1.74 54.42
N ALA D 112 -86.37 1.74 54.85
CA ALA D 112 -86.67 2.09 56.23
C ALA D 112 -86.24 0.96 57.16
N PRO D 113 -85.73 1.28 58.35
CA PRO D 113 -85.34 0.22 59.30
C PRO D 113 -86.55 -0.45 59.91
N SER D 114 -86.51 -1.78 59.96
CA SER D 114 -87.42 -2.53 60.82
C SER D 114 -86.89 -2.47 62.25
N VAL D 115 -87.76 -2.10 63.18
CA VAL D 115 -87.36 -1.78 64.55
C VAL D 115 -87.87 -2.86 65.48
N PHE D 116 -86.98 -3.34 66.34
CA PHE D 116 -87.32 -4.36 67.34
C PHE D 116 -86.69 -3.96 68.66
N ILE D 117 -87.37 -4.30 69.75
CA ILE D 117 -86.88 -4.00 71.09
C ILE D 117 -86.92 -5.28 71.91
N PHE D 118 -85.90 -5.46 72.76
CA PHE D 118 -85.76 -6.66 73.58
C PHE D 118 -85.59 -6.21 75.03
N PRO D 119 -86.48 -6.62 75.93
CA PRO D 119 -86.25 -6.36 77.35
C PRO D 119 -85.10 -7.20 77.88
N PRO D 120 -84.50 -6.84 79.01
CA PRO D 120 -83.42 -7.67 79.56
C PRO D 120 -83.97 -9.01 80.04
N SER D 121 -83.16 -10.04 79.85
CA SER D 121 -83.55 -11.37 80.30
C SER D 121 -83.49 -11.45 81.82
N ASP D 122 -84.34 -12.31 82.38
CA ASP D 122 -84.30 -12.56 83.81
C ASP D 122 -82.94 -13.11 84.23
N GLU D 123 -82.32 -13.92 83.37
CA GLU D 123 -80.99 -14.45 83.68
C GLU D 123 -79.98 -13.32 83.89
N GLN D 124 -80.08 -12.26 83.08
CA GLN D 124 -79.18 -11.13 83.27
C GLN D 124 -79.55 -10.34 84.52
N LEU D 125 -80.84 -10.19 84.80
CA LEU D 125 -81.27 -9.50 86.01
C LEU D 125 -80.81 -10.25 87.26
N LYS D 126 -80.95 -11.58 87.26
CA LYS D 126 -80.38 -12.37 88.34
C LYS D 126 -78.87 -12.18 88.42
N SER D 127 -78.24 -11.88 87.29
CA SER D 127 -76.81 -11.58 87.23
C SER D 127 -76.51 -10.14 87.65
N GLY D 128 -77.52 -9.38 88.07
CA GLY D 128 -77.31 -8.07 88.64
C GLY D 128 -77.22 -6.91 87.66
N THR D 129 -77.49 -7.14 86.38
CA THR D 129 -77.45 -6.08 85.39
C THR D 129 -78.65 -6.20 84.46
N ALA D 130 -78.95 -5.09 83.78
CA ALA D 130 -80.03 -5.06 82.81
C ALA D 130 -79.57 -4.28 81.59
N SER D 131 -79.67 -4.89 80.42
CA SER D 131 -79.34 -4.22 79.17
C SER D 131 -80.50 -4.39 78.20
N VAL D 132 -80.93 -3.28 77.60
CA VAL D 132 -82.05 -3.25 76.68
C VAL D 132 -81.49 -3.04 75.28
N VAL D 133 -81.86 -3.93 74.36
CA VAL D 133 -81.33 -3.90 73.01
C VAL D 133 -82.41 -3.39 72.07
N CYS D 134 -82.03 -2.48 71.18
CA CYS D 134 -82.90 -1.98 70.14
C CYS D 134 -82.26 -2.32 68.79
N LEU D 135 -83.01 -3.00 67.93
CA LEU D 135 -82.51 -3.47 66.65
C LEU D 135 -83.15 -2.70 65.51
N LEU D 136 -82.31 -2.13 64.66
CA LEU D 136 -82.73 -1.57 63.38
C LEU D 136 -82.25 -2.51 62.29
N ASN D 137 -83.17 -3.09 61.53
CA ASN D 137 -82.82 -4.15 60.59
C ASN D 137 -83.01 -3.68 59.15
N ASN D 138 -81.98 -3.88 58.33
CA ASN D 138 -82.02 -3.73 56.88
C ASN D 138 -82.52 -2.33 56.47
N PHE D 139 -81.67 -1.35 56.73
CA PHE D 139 -81.96 0.03 56.39
C PHE D 139 -80.80 0.65 55.62
N TYR D 140 -81.12 1.72 54.87
CA TYR D 140 -80.16 2.53 54.15
C TYR D 140 -80.79 3.91 54.01
N PRO D 141 -80.01 5.00 54.14
CA PRO D 141 -78.56 5.08 54.39
C PRO D 141 -78.15 4.78 55.83
N ARG D 142 -76.85 4.80 56.10
CA ARG D 142 -76.32 4.45 57.41
C ARG D 142 -76.73 5.43 58.51
N GLU D 143 -77.06 6.66 58.14
CA GLU D 143 -77.40 7.69 59.12
C GLU D 143 -78.78 7.48 59.74
N ALA D 144 -78.83 6.78 60.87
CA ALA D 144 -80.03 6.70 61.68
C ALA D 144 -79.81 7.40 63.02
N LYS D 145 -80.89 7.89 63.60
CA LYS D 145 -80.87 8.50 64.93
C LYS D 145 -81.67 7.64 65.88
N VAL D 146 -81.07 7.27 67.01
CA VAL D 146 -81.69 6.38 68.00
C VAL D 146 -81.53 7.01 69.38
N GLN D 147 -82.66 7.23 70.05
CA GLN D 147 -82.68 7.82 71.38
C GLN D 147 -83.37 6.90 72.37
N TRP D 148 -82.80 6.78 73.56
CA TRP D 148 -83.40 5.99 74.63
C TRP D 148 -84.10 6.92 75.62
N LYS D 149 -85.37 6.61 75.91
CA LYS D 149 -86.13 7.31 76.93
C LYS D 149 -86.57 6.30 77.98
N VAL D 150 -86.40 6.67 79.25
CA VAL D 150 -86.81 5.83 80.37
C VAL D 150 -87.71 6.67 81.25
N ASP D 151 -89.01 6.34 81.29
CA ASP D 151 -90.02 7.18 81.91
C ASP D 151 -89.95 8.61 81.37
N ASN D 152 -89.78 8.71 80.05
CA ASN D 152 -89.69 9.94 79.27
C ASN D 152 -88.36 10.66 79.46
N ALA D 153 -87.44 10.12 80.24
CA ALA D 153 -86.15 10.75 80.48
C ALA D 153 -85.15 10.30 79.40
N LEU D 154 -84.69 11.25 78.59
CA LEU D 154 -83.72 10.95 77.56
C LEU D 154 -82.40 10.48 78.17
N GLN D 155 -81.91 9.34 77.70
CA GLN D 155 -80.69 8.76 78.26
C GLN D 155 -79.47 9.20 77.46
N SER D 156 -78.37 9.44 78.18
CA SER D 156 -77.11 9.80 77.57
C SER D 156 -75.97 9.20 78.40
N GLY D 157 -74.90 8.80 77.70
CA GLY D 157 -73.74 8.25 78.35
C GLY D 157 -73.84 6.80 78.76
N ASN D 158 -75.03 6.21 78.67
CA ASN D 158 -75.27 4.83 79.07
C ASN D 158 -75.66 3.92 77.90
N SER D 159 -75.53 4.39 76.67
CA SER D 159 -75.90 3.63 75.49
C SER D 159 -74.69 3.45 74.58
N GLN D 160 -74.61 2.28 73.93
CA GLN D 160 -73.60 1.96 72.94
C GLN D 160 -74.27 1.52 71.64
N GLU D 161 -73.74 1.98 70.52
CA GLU D 161 -74.26 1.63 69.21
C GLU D 161 -73.23 0.82 68.42
N SER D 162 -73.69 -0.22 67.74
CA SER D 162 -72.87 -1.00 66.82
C SER D 162 -73.61 -1.17 65.50
N VAL D 163 -72.88 -1.01 64.40
CA VAL D 163 -73.45 -1.10 63.06
C VAL D 163 -72.76 -2.23 62.31
N THR D 164 -73.53 -2.95 61.50
CA THR D 164 -72.96 -4.00 60.67
C THR D 164 -72.21 -3.41 59.49
N GLU D 165 -71.37 -4.23 58.88
CA GLU D 165 -70.88 -3.89 57.56
C GLU D 165 -72.03 -3.97 56.56
N GLN D 166 -71.85 -3.31 55.42
CA GLN D 166 -72.89 -3.27 54.42
C GLN D 166 -73.12 -4.67 53.85
N ASP D 167 -74.40 -5.02 53.67
CA ASP D 167 -74.77 -6.37 53.29
C ASP D 167 -74.26 -6.71 51.89
N SER D 168 -73.85 -7.97 51.71
CA SER D 168 -73.31 -8.41 50.44
C SER D 168 -74.38 -8.53 49.36
N LYS D 169 -75.64 -8.70 49.74
CA LYS D 169 -76.71 -8.97 48.77
C LYS D 169 -77.61 -7.76 48.54
N ASP D 170 -78.12 -7.12 49.59
CA ASP D 170 -79.02 -5.98 49.45
C ASP D 170 -78.37 -4.66 49.83
N SER D 171 -77.13 -4.68 50.32
CA SER D 171 -76.36 -3.48 50.62
C SER D 171 -77.09 -2.56 51.60
N THR D 172 -77.82 -3.14 52.54
CA THR D 172 -78.41 -2.40 53.65
C THR D 172 -77.56 -2.57 54.90
N TYR D 173 -77.90 -1.81 55.93
CA TYR D 173 -77.23 -1.92 57.21
C TYR D 173 -78.19 -2.41 58.28
N SER D 174 -77.62 -2.97 59.34
CA SER D 174 -78.34 -3.22 60.57
C SER D 174 -77.56 -2.60 61.73
N LEU D 175 -78.30 -2.10 62.71
CA LEU D 175 -77.70 -1.37 63.81
C LEU D 175 -78.34 -1.81 65.11
N SER D 176 -77.49 -2.05 66.11
CA SER D 176 -77.94 -2.40 67.46
C SER D 176 -77.52 -1.30 68.43
N SER D 177 -78.48 -0.81 69.21
CA SER D 177 -78.22 0.10 70.32
C SER D 177 -78.55 -0.63 71.61
N THR D 178 -77.59 -0.63 72.54
CA THR D 178 -77.72 -1.37 73.79
C THR D 178 -77.63 -0.39 74.95
N LEU D 179 -78.77 -0.14 75.59
CA LEU D 179 -78.80 0.64 76.83
C LEU D 179 -78.51 -0.29 77.99
N THR D 180 -77.51 0.06 78.81
CA THR D 180 -77.08 -0.79 79.90
C THR D 180 -77.26 -0.06 81.23
N LEU D 181 -77.94 -0.72 82.16
CA LEU D 181 -78.24 -0.16 83.47
C LEU D 181 -77.96 -1.20 84.55
N SER D 182 -77.77 -0.73 85.76
CA SER D 182 -77.69 -1.63 86.91
C SER D 182 -79.06 -2.23 87.20
N LYS D 183 -79.05 -3.40 87.82
CA LYS D 183 -80.29 -4.04 88.27
C LYS D 183 -81.14 -3.09 89.09
N ALA D 184 -80.51 -2.39 90.05
CA ALA D 184 -81.26 -1.47 90.91
C ALA D 184 -81.81 -0.29 90.13
N ASP D 185 -81.04 0.25 89.18
CA ASP D 185 -81.52 1.39 88.40
C ASP D 185 -82.60 0.97 87.40
N TYR D 186 -82.50 -0.24 86.85
CA TYR D 186 -83.53 -0.71 85.94
C TYR D 186 -84.88 -0.87 86.63
N GLU D 187 -84.88 -1.47 87.84
CA GLU D 187 -86.11 -1.65 88.59
C GLU D 187 -86.66 -0.34 89.16
N LYS D 188 -85.90 0.76 89.08
CA LYS D 188 -86.38 2.03 89.60
C LYS D 188 -87.37 2.70 88.67
N HIS D 189 -87.44 2.29 87.40
CA HIS D 189 -88.28 2.93 86.40
C HIS D 189 -89.18 1.88 85.76
N LYS D 190 -90.08 2.34 84.89
CA LYS D 190 -91.18 1.52 84.40
C LYS D 190 -91.21 1.39 82.88
N VAL D 191 -91.18 2.50 82.15
CA VAL D 191 -91.35 2.50 80.69
C VAL D 191 -89.99 2.70 80.02
N TYR D 192 -89.62 1.77 79.15
CA TYR D 192 -88.39 1.85 78.37
C TYR D 192 -88.75 1.94 76.90
N ALA D 193 -88.28 2.99 76.25
CA ALA D 193 -88.67 3.29 74.87
C ALA D 193 -87.44 3.54 74.01
N CYS D 194 -87.45 2.98 72.80
CA CYS D 194 -86.44 3.22 71.78
C CYS D 194 -87.10 3.94 70.62
N GLU D 195 -86.68 5.18 70.35
CA GLU D 195 -87.22 5.98 69.25
C GLU D 195 -86.18 6.09 68.14
N VAL D 196 -86.59 5.74 66.93
CA VAL D 196 -85.70 5.70 65.77
C VAL D 196 -86.15 6.75 64.76
N THR D 197 -85.24 7.64 64.39
CA THR D 197 -85.46 8.60 63.33
C THR D 197 -84.56 8.23 62.15
N HIS D 198 -85.17 8.02 60.98
CA HIS D 198 -84.42 7.62 59.80
C HIS D 198 -85.04 8.22 58.56
N GLN D 199 -84.22 8.36 57.52
CA GLN D 199 -84.66 8.96 56.27
C GLN D 199 -85.85 8.22 55.66
N GLY D 200 -85.92 6.90 55.85
CA GLY D 200 -86.99 6.10 55.26
C GLY D 200 -88.29 6.06 56.04
N LEU D 201 -88.31 6.61 57.25
CA LEU D 201 -89.51 6.62 58.09
C LEU D 201 -90.24 7.94 57.95
N SER D 202 -91.55 7.86 57.66
CA SER D 202 -92.36 9.07 57.55
C SER D 202 -92.44 9.80 58.89
N SER D 203 -92.34 9.07 59.99
CA SER D 203 -92.30 9.65 61.33
C SER D 203 -91.48 8.72 62.22
N PRO D 204 -90.92 9.23 63.31
CA PRO D 204 -90.06 8.39 64.15
C PRO D 204 -90.82 7.19 64.70
N VAL D 205 -90.22 6.02 64.57
CA VAL D 205 -90.78 4.78 65.09
C VAL D 205 -90.32 4.61 66.53
N THR D 206 -91.29 4.42 67.43
CA THR D 206 -91.00 4.20 68.85
C THR D 206 -91.41 2.77 69.22
N LYS D 207 -90.45 2.01 69.72
CA LYS D 207 -90.69 0.69 70.29
C LYS D 207 -90.48 0.77 71.79
N SER D 208 -91.41 0.21 72.55
CA SER D 208 -91.36 0.36 74.01
C SER D 208 -91.97 -0.86 74.68
N PHE D 209 -91.68 -0.99 75.97
CA PHE D 209 -92.31 -2.00 76.81
C PHE D 209 -92.41 -1.47 78.23
N ASN D 210 -93.27 -2.11 79.01
CA ASN D 210 -93.35 -1.86 80.45
C ASN D 210 -92.53 -2.92 81.18
N ARG D 211 -91.81 -2.48 82.23
CA ARG D 211 -90.84 -3.34 82.89
C ARG D 211 -91.48 -4.60 83.45
N GLY D 212 -92.63 -4.45 84.12
CA GLY D 212 -93.26 -5.59 84.77
C GLY D 212 -93.84 -6.60 83.80
N GLU D 213 -94.18 -6.16 82.58
CA GLU D 213 -94.91 -7.02 81.66
C GLU D 213 -94.01 -7.76 80.68
N CYS D 214 -92.82 -7.24 80.40
CA CYS D 214 -91.87 -7.93 79.53
C CYS D 214 -90.51 -8.07 80.23
N SER E 1 27.77 -35.61 12.78
CA SER E 1 27.95 -35.46 11.34
C SER E 1 27.15 -36.51 10.58
N THR E 2 26.13 -36.08 9.86
CA THR E 2 25.36 -37.00 9.05
C THR E 2 26.17 -37.42 7.83
N ILE E 3 25.78 -38.56 7.24
CA ILE E 3 26.51 -39.07 6.08
C ILE E 3 26.32 -38.15 4.87
N GLU E 4 25.19 -37.43 4.81
CA GLU E 4 24.95 -36.55 3.67
C GLU E 4 25.88 -35.34 3.70
N GLU E 5 26.12 -34.76 4.88
CA GLU E 5 27.03 -33.63 4.97
C GLU E 5 28.49 -34.07 4.89
N GLN E 6 28.78 -35.31 5.30
CA GLN E 6 30.12 -35.84 5.07
C GLN E 6 30.41 -35.95 3.58
N ALA E 7 29.41 -36.35 2.80
CA ALA E 7 29.58 -36.39 1.35
C ALA E 7 29.73 -34.99 0.77
N LYS E 8 28.96 -34.02 1.28
CA LYS E 8 29.16 -32.63 0.89
C LYS E 8 30.59 -32.18 1.19
N THR E 9 31.07 -32.48 2.40
CA THR E 9 32.43 -32.11 2.77
C THR E 9 33.44 -32.83 1.88
N PHE E 10 33.20 -34.10 1.58
CA PHE E 10 34.07 -34.83 0.67
C PHE E 10 34.07 -34.20 -0.73
N LEU E 11 32.90 -33.85 -1.24
CA LEU E 11 32.82 -33.25 -2.57
C LEU E 11 33.57 -31.93 -2.64
N ASP E 12 33.59 -31.18 -1.54
CA ASP E 12 34.37 -29.94 -1.50
C ASP E 12 35.85 -30.22 -1.68
N LYS E 13 36.37 -31.26 -1.01
CA LYS E 13 37.77 -31.63 -1.19
C LYS E 13 38.02 -32.11 -2.62
N PHE E 14 37.10 -32.91 -3.17
CA PHE E 14 37.26 -33.40 -4.52
C PHE E 14 37.24 -32.26 -5.53
N ASN E 15 36.25 -31.36 -5.41
CA ASN E 15 36.08 -30.31 -6.40
C ASN E 15 37.31 -29.42 -6.51
N HIS E 16 37.95 -29.12 -5.38
CA HIS E 16 39.16 -28.30 -5.42
C HIS E 16 40.28 -29.01 -6.18
N GLU E 17 40.65 -30.21 -5.74
CA GLU E 17 41.77 -30.91 -6.35
C GLU E 17 41.47 -31.27 -7.81
N ALA E 18 40.24 -31.69 -8.09
CA ALA E 18 39.89 -32.10 -9.45
C ALA E 18 40.10 -30.97 -10.45
N GLU E 19 39.72 -29.74 -10.10
CA GLU E 19 39.86 -28.64 -11.06
C GLU E 19 41.32 -28.40 -11.41
N ASP E 20 42.21 -28.50 -10.42
CA ASP E 20 43.64 -28.29 -10.68
C ASP E 20 44.20 -29.42 -11.54
N LEU E 21 43.89 -30.67 -11.19
CA LEU E 21 44.46 -31.79 -11.94
C LEU E 21 43.84 -31.90 -13.33
N PHE E 22 42.53 -31.67 -13.45
CA PHE E 22 41.90 -31.70 -14.76
C PHE E 22 42.48 -30.62 -15.66
N TYR E 23 42.72 -29.42 -15.12
CA TYR E 23 43.29 -28.34 -15.90
C TYR E 23 44.67 -28.73 -16.44
N GLN E 24 45.52 -29.26 -15.57
CA GLN E 24 46.85 -29.68 -16.00
C GLN E 24 46.76 -30.71 -17.13
N SER E 25 45.89 -31.71 -16.95
CA SER E 25 45.67 -32.71 -17.99
C SER E 25 45.14 -32.07 -19.27
N SER E 26 44.13 -31.20 -19.12
CA SER E 26 43.51 -30.56 -20.28
C SER E 26 44.50 -29.64 -20.99
N LEU E 27 45.27 -28.86 -20.22
CA LEU E 27 46.26 -27.97 -20.83
C LEU E 27 47.38 -28.77 -21.47
N ALA E 28 47.76 -29.90 -20.88
CA ALA E 28 48.77 -30.75 -21.50
C ALA E 28 48.28 -31.29 -22.84
N SER E 29 47.01 -31.71 -22.92
CA SER E 29 46.46 -32.16 -24.19
C SER E 29 46.47 -31.04 -25.22
N TRP E 30 46.10 -29.84 -24.82
CA TRP E 30 46.14 -28.69 -25.72
C TRP E 30 47.54 -28.49 -26.27
N ASN E 31 48.55 -28.55 -25.40
CA ASN E 31 49.93 -28.33 -25.85
C ASN E 31 50.35 -29.38 -26.88
N TYR E 32 49.88 -30.62 -26.72
CA TYR E 32 50.15 -31.62 -27.73
C TYR E 32 49.37 -31.37 -29.02
N ASN E 33 48.05 -31.21 -28.90
CA ASN E 33 47.21 -31.11 -30.09
C ASN E 33 47.57 -29.89 -30.93
N THR E 34 48.10 -28.84 -30.31
CA THR E 34 48.53 -27.65 -31.04
C THR E 34 50.00 -27.69 -31.45
N ASN E 35 50.79 -28.61 -30.88
CA ASN E 35 52.25 -28.62 -31.07
C ASN E 35 52.71 -30.08 -30.90
N ILE E 36 52.54 -30.85 -31.98
CA ILE E 36 52.78 -32.29 -31.94
C ILE E 36 54.28 -32.54 -31.81
N THR E 37 54.72 -32.98 -30.63
CA THR E 37 56.11 -33.35 -30.38
C THR E 37 56.13 -34.54 -29.43
N GLU E 38 57.21 -35.32 -29.49
CA GLU E 38 57.33 -36.45 -28.57
C GLU E 38 57.44 -35.98 -27.12
N GLU E 39 57.99 -34.79 -26.90
CA GLU E 39 58.02 -34.23 -25.55
C GLU E 39 56.61 -33.95 -25.02
N ASN E 40 55.75 -33.36 -25.86
CA ASN E 40 54.39 -33.07 -25.44
C ASN E 40 53.55 -34.34 -25.32
N VAL E 41 53.88 -35.39 -26.08
CA VAL E 41 53.22 -36.68 -25.89
C VAL E 41 53.46 -37.18 -24.47
N GLN E 42 54.71 -37.10 -24.01
CA GLN E 42 55.02 -37.51 -22.65
C GLN E 42 54.32 -36.63 -21.63
N ASN E 43 54.28 -35.31 -21.88
CA ASN E 43 53.58 -34.40 -20.98
C ASN E 43 52.08 -34.68 -20.97
N MET E 44 51.49 -34.90 -22.14
CA MET E 44 50.06 -35.22 -22.21
C MET E 44 49.76 -36.52 -21.46
N ASN E 45 50.57 -37.55 -21.67
CA ASN E 45 50.33 -38.82 -21.02
C ASN E 45 50.58 -38.75 -19.51
N ASN E 46 51.68 -38.12 -19.10
CA ASN E 46 51.97 -38.00 -17.67
C ASN E 46 50.86 -37.27 -16.93
N ALA E 47 50.42 -36.13 -17.47
CA ALA E 47 49.34 -35.38 -16.82
C ALA E 47 48.03 -36.13 -16.90
N GLY E 48 47.73 -36.74 -18.05
CA GLY E 48 46.51 -37.53 -18.19
C GLY E 48 46.49 -38.74 -17.29
N ASP E 49 47.63 -39.43 -17.16
CA ASP E 49 47.72 -40.58 -16.28
C ASP E 49 47.55 -40.17 -14.82
N LYS E 50 48.18 -39.05 -14.43
CA LYS E 50 48.03 -38.56 -13.07
C LYS E 50 46.59 -38.20 -12.77
N TRP E 51 45.85 -37.72 -13.79
CA TRP E 51 44.43 -37.45 -13.63
C TRP E 51 43.64 -38.73 -13.47
N SER E 52 43.92 -39.72 -14.33
CA SER E 52 43.21 -41.00 -14.26
C SER E 52 43.47 -41.69 -12.92
N ALA E 53 44.68 -41.56 -12.39
CA ALA E 53 44.98 -42.11 -11.07
C ALA E 53 44.20 -41.40 -9.99
N PHE E 54 44.09 -40.07 -10.08
CA PHE E 54 43.31 -39.31 -9.11
C PHE E 54 41.83 -39.72 -9.14
N LEU E 55 41.26 -39.84 -10.34
CA LEU E 55 39.89 -40.33 -10.46
C LEU E 55 39.75 -41.73 -9.89
N LYS E 56 40.73 -42.58 -10.14
CA LYS E 56 40.70 -43.95 -9.62
C LYS E 56 40.64 -43.94 -8.09
N GLU E 57 41.51 -43.14 -7.45
CA GLU E 57 41.52 -43.06 -6.00
C GLU E 57 40.24 -42.45 -5.46
N GLN E 58 39.80 -41.33 -6.04
CA GLN E 58 38.61 -40.65 -5.53
C GLN E 58 37.34 -41.47 -5.75
N SER E 59 37.26 -42.19 -6.86
CA SER E 59 36.07 -43.00 -7.11
C SER E 59 35.90 -44.07 -6.04
N THR E 60 37.00 -44.72 -5.64
CA THR E 60 36.94 -45.66 -4.54
C THR E 60 36.53 -44.96 -3.24
N LEU E 61 37.08 -43.78 -2.99
CA LEU E 61 36.73 -43.03 -1.79
C LEU E 61 35.27 -42.58 -1.82
N ALA E 62 34.76 -42.24 -3.00
CA ALA E 62 33.36 -41.84 -3.12
C ALA E 62 32.42 -42.99 -2.75
N GLN E 63 32.81 -44.23 -3.09
CA GLN E 63 31.98 -45.40 -2.82
C GLN E 63 31.85 -45.70 -1.33
N MET E 64 32.56 -44.97 -0.47
CA MET E 64 32.41 -45.14 0.97
C MET E 64 31.18 -44.42 1.53
N TYR E 65 30.49 -43.65 0.70
CA TYR E 65 29.26 -42.96 1.10
C TYR E 65 28.07 -43.66 0.47
N PRO E 66 27.26 -44.38 1.25
CA PRO E 66 26.12 -45.12 0.66
C PRO E 66 25.13 -44.16 0.03
N LEU E 67 24.93 -44.32 -1.28
CA LEU E 67 24.13 -43.37 -2.04
C LEU E 67 22.68 -43.31 -1.55
N GLN E 68 22.16 -44.42 -1.03
CA GLN E 68 20.78 -44.45 -0.56
C GLN E 68 20.55 -43.56 0.66
N GLU E 69 21.60 -43.11 1.33
CA GLU E 69 21.46 -42.21 2.47
C GLU E 69 21.61 -40.74 2.10
N ILE E 70 21.95 -40.43 0.86
CA ILE E 70 22.09 -39.04 0.40
C ILE E 70 20.77 -38.65 -0.26
N GLN E 71 20.09 -37.67 0.35
CA GLN E 71 18.80 -37.18 -0.10
C GLN E 71 18.91 -36.05 -1.10
N ASN E 72 19.91 -35.18 -0.93
CA ASN E 72 20.12 -34.03 -1.80
C ASN E 72 20.45 -34.51 -3.21
N LEU E 73 19.61 -34.12 -4.17
CA LEU E 73 19.76 -34.61 -5.54
C LEU E 73 21.06 -34.12 -6.17
N THR E 74 21.46 -32.89 -5.89
CA THR E 74 22.71 -32.38 -6.44
C THR E 74 23.91 -33.15 -5.88
N VAL E 75 23.88 -33.46 -4.58
CA VAL E 75 24.93 -34.28 -4.00
C VAL E 75 24.84 -35.70 -4.52
N LYS E 76 23.62 -36.24 -4.63
CA LYS E 76 23.43 -37.60 -5.11
C LYS E 76 23.95 -37.77 -6.54
N LEU E 77 23.70 -36.79 -7.41
CA LEU E 77 24.22 -36.84 -8.78
C LEU E 77 25.74 -36.79 -8.80
N GLN E 78 26.34 -35.92 -7.98
CA GLN E 78 27.79 -35.79 -7.98
C GLN E 78 28.46 -37.08 -7.52
N LEU E 79 28.04 -37.62 -6.37
CA LEU E 79 28.59 -38.89 -5.90
C LEU E 79 28.38 -40.00 -6.92
N GLN E 80 27.18 -40.06 -7.52
CA GLN E 80 26.87 -41.08 -8.51
C GLN E 80 27.86 -41.06 -9.67
N ALA E 81 28.24 -39.86 -10.14
CA ALA E 81 29.17 -39.76 -11.25
C ALA E 81 30.55 -40.32 -10.90
N LEU E 82 30.95 -40.22 -9.63
CA LEU E 82 32.23 -40.77 -9.21
C LEU E 82 32.14 -42.26 -8.91
N GLN E 83 31.02 -42.70 -8.34
CA GLN E 83 30.86 -44.08 -7.88
C GLN E 83 30.76 -45.10 -9.01
N GLN E 84 30.83 -44.66 -10.27
CA GLN E 84 30.71 -45.57 -11.40
C GLN E 84 31.75 -46.70 -11.34
N ASN E 85 31.25 -47.93 -11.20
CA ASN E 85 32.12 -49.11 -11.20
C ASN E 85 32.58 -49.46 -12.62
N GLY E 86 31.62 -49.74 -13.51
CA GLY E 86 31.95 -50.14 -14.87
C GLY E 86 32.60 -51.52 -14.90
N SER E 87 33.68 -51.63 -15.70
CA SER E 87 34.39 -52.88 -15.86
C SER E 87 35.10 -53.34 -14.58
N SER E 88 35.19 -52.48 -13.56
CA SER E 88 35.88 -52.85 -12.32
C SER E 88 35.18 -54.00 -11.59
N VAL E 89 33.94 -54.30 -11.91
CA VAL E 89 33.27 -55.44 -11.29
C VAL E 89 33.75 -56.76 -11.87
N LEU E 90 34.26 -56.76 -13.10
CA LEU E 90 34.73 -57.98 -13.72
C LEU E 90 36.01 -58.46 -13.04
N SER E 91 36.26 -59.77 -13.15
CA SER E 91 37.50 -60.35 -12.67
C SER E 91 38.69 -59.79 -13.46
N GLU E 92 39.88 -59.93 -12.88
CA GLU E 92 41.09 -59.43 -13.53
C GLU E 92 41.29 -60.09 -14.89
N ASP E 93 40.99 -61.38 -14.99
CA ASP E 93 41.09 -62.08 -16.27
C ASP E 93 40.12 -61.50 -17.29
N LYS E 94 38.84 -61.37 -16.91
CA LYS E 94 37.84 -60.85 -17.83
C LYS E 94 38.05 -59.37 -18.12
N SER E 95 38.59 -58.61 -17.15
CA SER E 95 38.91 -57.21 -17.42
C SER E 95 39.99 -57.10 -18.49
N LYS E 96 41.06 -57.90 -18.36
CA LYS E 96 42.10 -57.91 -19.38
C LYS E 96 41.59 -58.47 -20.70
N ARG E 97 40.66 -59.43 -20.65
CA ARG E 97 40.12 -60.00 -21.87
C ARG E 97 39.34 -58.97 -22.68
N LEU E 98 38.49 -58.19 -21.99
CA LEU E 98 37.67 -57.20 -22.69
C LEU E 98 38.50 -56.04 -23.22
N ASN E 99 39.44 -55.55 -22.41
CA ASN E 99 40.32 -54.48 -22.88
C ASN E 99 41.17 -54.93 -24.05
N THR E 100 41.66 -56.17 -24.03
CA THR E 100 42.39 -56.71 -25.17
C THR E 100 41.51 -56.75 -26.40
N ILE E 101 40.26 -57.20 -26.26
CA ILE E 101 39.33 -57.27 -27.39
C ILE E 101 39.04 -55.87 -27.91
N LEU E 102 38.81 -54.91 -27.01
CA LEU E 102 38.54 -53.54 -27.43
C LEU E 102 39.71 -52.95 -28.21
N ASN E 103 40.93 -53.10 -27.68
CA ASN E 103 42.11 -52.59 -28.37
C ASN E 103 42.35 -53.32 -29.69
N THR E 104 42.07 -54.62 -29.72
CA THR E 104 42.26 -55.39 -30.96
C THR E 104 41.25 -54.99 -32.02
N MET E 105 39.95 -54.92 -31.64
CA MET E 105 38.93 -54.53 -32.60
C MET E 105 39.16 -53.11 -33.11
N SER E 106 39.56 -52.19 -32.22
CA SER E 106 39.86 -50.82 -32.64
C SER E 106 41.02 -50.78 -33.62
N THR E 107 42.07 -51.56 -33.35
CA THR E 107 43.25 -51.54 -34.23
C THR E 107 42.95 -52.18 -35.58
N ILE E 108 42.15 -53.24 -35.60
CA ILE E 108 41.75 -53.87 -36.86
C ILE E 108 41.06 -52.86 -37.76
N TYR E 109 40.18 -52.04 -37.19
CA TYR E 109 39.52 -51.00 -37.98
C TYR E 109 40.51 -49.93 -38.43
N SER E 110 41.37 -49.46 -37.53
CA SER E 110 42.25 -48.35 -37.86
C SER E 110 43.37 -48.74 -38.83
N THR E 111 43.77 -50.01 -38.84
CA THR E 111 44.88 -50.46 -39.67
C THR E 111 44.46 -51.38 -40.81
N GLY E 112 43.22 -51.88 -40.81
CA GLY E 112 42.78 -52.77 -41.86
C GLY E 112 42.84 -52.09 -43.22
N LYS E 113 43.27 -52.85 -44.22
CA LYS E 113 43.39 -52.33 -45.58
C LYS E 113 43.30 -53.48 -46.56
N VAL E 114 42.52 -53.30 -47.62
CA VAL E 114 42.43 -54.29 -48.69
C VAL E 114 43.64 -54.13 -49.60
N CYS E 115 44.25 -55.26 -49.96
CA CYS E 115 45.52 -55.22 -50.68
C CYS E 115 45.57 -56.27 -51.79
N ASN E 116 46.19 -55.89 -52.90
CA ASN E 116 46.58 -56.81 -53.97
C ASN E 116 47.36 -56.06 -55.03
N GLN E 121 50.31 -56.61 -54.10
CA GLN E 121 51.06 -55.53 -54.72
C GLN E 121 50.88 -54.21 -53.97
N GLU E 122 49.71 -53.60 -54.13
CA GLU E 122 49.39 -52.33 -53.51
C GLU E 122 48.09 -52.45 -52.71
N CYS E 123 47.99 -51.65 -51.65
CA CYS E 123 46.87 -51.72 -50.73
C CYS E 123 46.17 -50.37 -50.63
N LEU E 124 44.87 -50.40 -50.37
CA LEU E 124 44.05 -49.22 -50.13
C LEU E 124 43.56 -49.21 -48.69
N LEU E 125 43.74 -48.09 -48.00
CA LEU E 125 43.17 -47.90 -46.68
C LEU E 125 41.72 -47.43 -46.79
N LEU E 126 41.00 -47.51 -45.67
CA LEU E 126 39.64 -46.97 -45.62
C LEU E 126 39.66 -45.48 -45.92
N GLU E 127 40.43 -44.72 -45.14
CA GLU E 127 40.62 -43.30 -45.37
C GLU E 127 42.04 -43.04 -45.85
N PRO E 128 42.23 -42.35 -46.97
CA PRO E 128 41.21 -41.78 -47.86
C PRO E 128 40.77 -42.73 -48.98
N GLY E 129 41.45 -43.87 -49.12
CA GLY E 129 41.29 -44.72 -50.29
C GLY E 129 39.90 -45.21 -50.62
N LEU E 130 39.35 -46.11 -49.80
CA LEU E 130 38.04 -46.66 -50.09
C LEU E 130 36.95 -45.60 -49.97
N ASN E 131 37.09 -44.68 -49.00
CA ASN E 131 36.10 -43.62 -48.82
C ASN E 131 36.01 -42.72 -50.04
N GLU E 132 37.15 -42.46 -50.70
CA GLU E 132 37.11 -41.68 -51.93
C GLU E 132 36.34 -42.40 -53.01
N ILE E 133 36.49 -43.73 -53.10
CA ILE E 133 35.73 -44.50 -54.08
C ILE E 133 34.24 -44.48 -53.74
N MET E 134 33.91 -44.80 -52.49
CA MET E 134 32.49 -44.85 -52.09
C MET E 134 31.81 -43.49 -52.23
N ALA E 135 32.56 -42.40 -52.08
CA ALA E 135 31.95 -41.09 -52.18
C ALA E 135 31.82 -40.60 -53.62
N ASN E 136 32.80 -40.89 -54.46
CA ASN E 136 32.89 -40.27 -55.78
C ASN E 136 32.63 -41.21 -56.95
N SER E 137 32.85 -42.51 -56.80
CA SER E 137 32.80 -43.42 -57.94
C SER E 137 31.36 -43.61 -58.43
N LEU E 138 31.25 -43.78 -59.75
CA LEU E 138 29.98 -44.06 -60.41
C LEU E 138 29.94 -45.48 -60.99
N ASP E 139 30.97 -46.29 -60.72
CA ASP E 139 31.04 -47.65 -61.22
C ASP E 139 30.40 -48.60 -60.20
N TYR E 140 29.33 -49.29 -60.64
CA TYR E 140 28.62 -50.22 -59.75
C TYR E 140 29.56 -51.29 -59.20
N ASN E 141 30.43 -51.84 -60.04
CA ASN E 141 31.31 -52.92 -59.62
C ASN E 141 32.51 -52.44 -58.82
N GLU E 142 33.01 -51.23 -59.11
CA GLU E 142 34.09 -50.67 -58.30
C GLU E 142 33.62 -50.37 -56.89
N ARG E 143 32.44 -49.75 -56.76
CA ARG E 143 31.87 -49.51 -55.43
C ARG E 143 31.53 -50.82 -54.74
N LEU E 144 31.02 -51.80 -55.50
CA LEU E 144 30.75 -53.12 -54.93
C LEU E 144 32.02 -53.77 -54.41
N TRP E 145 33.12 -53.64 -55.17
CA TRP E 145 34.39 -54.21 -54.71
C TRP E 145 34.84 -53.56 -53.40
N ALA E 146 34.86 -52.23 -53.35
CA ALA E 146 35.27 -51.53 -52.13
C ALA E 146 34.34 -51.87 -50.96
N TRP E 147 33.03 -51.90 -51.21
CA TRP E 147 32.06 -52.21 -50.16
C TRP E 147 32.25 -53.64 -49.65
N GLU E 148 32.44 -54.59 -50.57
CA GLU E 148 32.55 -55.99 -50.16
C GLU E 148 33.92 -56.32 -49.59
N SER E 149 34.98 -55.74 -50.17
CA SER E 149 36.32 -56.06 -49.69
C SER E 149 36.55 -55.54 -48.28
N TRP E 150 35.98 -54.39 -47.94
CA TRP E 150 36.09 -53.86 -46.58
C TRP E 150 35.42 -54.79 -45.57
N ARG E 151 34.21 -55.25 -45.88
CA ARG E 151 33.47 -56.11 -44.97
C ARG E 151 34.10 -57.50 -44.88
N SER E 152 34.64 -58.01 -45.97
CA SER E 152 35.27 -59.34 -45.93
C SER E 152 36.62 -59.29 -45.24
N GLU E 153 37.41 -58.25 -45.50
CA GLU E 153 38.75 -58.16 -44.92
C GLU E 153 38.68 -57.78 -43.44
N VAL E 154 37.94 -56.71 -43.12
CA VAL E 154 37.88 -56.20 -41.76
C VAL E 154 36.78 -56.89 -40.95
N GLY E 155 35.57 -56.94 -41.51
CA GLY E 155 34.44 -57.45 -40.75
C GLY E 155 34.59 -58.90 -40.31
N LYS E 156 35.19 -59.73 -41.18
CA LYS E 156 35.39 -61.12 -40.81
C LYS E 156 36.42 -61.27 -39.69
N GLN E 157 37.42 -60.40 -39.64
CA GLN E 157 38.39 -60.45 -38.55
C GLN E 157 37.77 -60.02 -37.22
N LEU E 158 36.82 -59.08 -37.26
CA LEU E 158 36.15 -58.61 -36.05
C LEU E 158 35.11 -59.59 -35.55
N ARG E 159 34.51 -60.38 -36.44
CA ARG E 159 33.36 -61.22 -36.08
C ARG E 159 33.57 -62.09 -34.84
N PRO E 160 34.63 -62.89 -34.72
CA PRO E 160 34.76 -63.72 -33.51
C PRO E 160 35.05 -62.91 -32.26
N LEU E 161 35.72 -61.76 -32.40
CA LEU E 161 35.98 -60.91 -31.24
C LEU E 161 34.71 -60.26 -30.71
N TYR E 162 33.85 -59.80 -31.62
CA TYR E 162 32.63 -59.11 -31.20
C TYR E 162 31.70 -60.05 -30.42
N GLU E 163 31.67 -61.33 -30.79
CA GLU E 163 30.89 -62.31 -30.04
C GLU E 163 31.36 -62.39 -28.59
N GLU E 164 32.68 -62.37 -28.38
CA GLU E 164 33.21 -62.33 -27.02
C GLU E 164 32.98 -60.97 -26.37
N TYR E 165 33.08 -59.89 -27.16
CA TYR E 165 32.81 -58.55 -26.65
C TYR E 165 31.39 -58.43 -26.12
N VAL E 166 30.42 -58.98 -26.86
CA VAL E 166 29.03 -58.92 -26.42
C VAL E 166 28.84 -59.70 -25.12
N VAL E 167 29.47 -60.87 -25.01
CA VAL E 167 29.32 -61.68 -23.80
C VAL E 167 30.00 -61.01 -22.62
N LEU E 168 31.18 -60.44 -22.83
CA LEU E 168 31.90 -59.80 -21.73
C LEU E 168 31.20 -58.51 -21.30
N LYS E 169 30.72 -57.71 -22.25
CA LYS E 169 30.04 -56.46 -21.93
C LYS E 169 28.74 -56.74 -21.17
N ASN E 170 27.94 -57.69 -21.67
CA ASN E 170 26.71 -58.06 -20.98
C ASN E 170 27.01 -58.56 -19.57
N GLU E 171 28.10 -59.34 -19.40
CA GLU E 171 28.51 -59.75 -18.07
C GLU E 171 28.84 -58.55 -17.20
N MET E 172 29.53 -57.55 -17.77
CA MET E 172 29.80 -56.33 -17.04
C MET E 172 28.51 -55.62 -16.66
N ALA E 173 27.56 -55.52 -17.60
CA ALA E 173 26.33 -54.78 -17.35
C ALA E 173 25.48 -55.46 -16.29
N ARG E 174 25.36 -56.80 -16.36
CA ARG E 174 24.57 -57.52 -15.37
C ARG E 174 25.19 -57.43 -13.99
N ALA E 175 26.52 -57.28 -13.91
CA ALA E 175 27.17 -57.09 -12.62
C ALA E 175 26.84 -55.72 -12.03
N ASN E 176 26.57 -54.73 -12.87
CA ASN E 176 26.14 -53.42 -12.41
C ASN E 176 24.62 -53.29 -12.31
N HIS E 177 23.91 -54.42 -12.30
CA HIS E 177 22.46 -54.49 -12.13
C HIS E 177 21.69 -53.94 -13.31
N TYR E 178 22.28 -53.94 -14.50
CA TYR E 178 21.55 -53.62 -15.72
C TYR E 178 21.11 -54.89 -16.43
N GLU E 179 20.05 -54.78 -17.22
CA GLU E 179 19.52 -55.95 -17.92
C GLU E 179 20.50 -56.47 -18.96
N ASP E 180 21.16 -55.58 -19.67
CA ASP E 180 22.16 -55.94 -20.67
C ASP E 180 22.98 -54.70 -20.96
N TYR E 181 23.99 -54.85 -21.83
CA TYR E 181 24.86 -53.73 -22.13
C TYR E 181 24.14 -52.61 -22.88
N GLY E 182 23.06 -52.92 -23.59
CA GLY E 182 22.24 -51.87 -24.17
C GLY E 182 21.48 -51.09 -23.11
N ASP E 183 20.95 -51.79 -22.11
CA ASP E 183 20.35 -51.11 -20.95
C ASP E 183 21.36 -50.22 -20.25
N TYR E 184 22.63 -50.64 -20.23
CA TYR E 184 23.68 -49.80 -19.65
C TYR E 184 23.81 -48.50 -20.42
N TRP E 185 23.87 -48.58 -21.76
CA TRP E 185 24.00 -47.37 -22.56
C TRP E 185 22.80 -46.45 -22.40
N ARG E 186 21.60 -47.02 -22.35
CA ARG E 186 20.40 -46.22 -22.15
C ARG E 186 20.35 -45.54 -20.78
N GLY E 187 21.31 -45.82 -19.89
CA GLY E 187 21.38 -45.14 -18.61
C GLY E 187 21.68 -43.66 -18.69
N ASP E 188 22.18 -43.17 -19.83
CA ASP E 188 22.49 -41.74 -19.93
C ASP E 188 21.22 -40.88 -19.90
N TYR E 189 20.09 -41.43 -20.35
CA TYR E 189 18.84 -40.70 -20.37
C TYR E 189 17.98 -40.95 -19.13
N GLU E 190 18.43 -41.83 -18.24
CA GLU E 190 17.65 -42.19 -17.07
C GLU E 190 17.57 -41.03 -16.09
N VAL E 191 16.37 -40.78 -15.58
CA VAL E 191 16.14 -39.80 -14.52
C VAL E 191 15.30 -40.47 -13.44
N ASN E 192 15.79 -40.44 -12.21
CA ASN E 192 15.08 -41.04 -11.08
C ASN E 192 14.97 -40.04 -9.95
N GLY E 193 13.89 -40.14 -9.20
CA GLY E 193 13.71 -39.37 -7.99
C GLY E 193 13.24 -37.95 -8.16
N VAL E 194 12.98 -37.51 -9.39
CA VAL E 194 12.47 -36.17 -9.66
C VAL E 194 11.08 -36.35 -10.26
N ASP E 195 10.06 -36.33 -9.39
CA ASP E 195 8.69 -36.56 -9.84
C ASP E 195 8.29 -35.54 -10.93
N GLY E 196 7.60 -36.03 -11.95
CA GLY E 196 7.22 -35.21 -13.07
C GLY E 196 8.30 -35.04 -14.12
N TYR E 197 9.51 -35.49 -13.85
CA TYR E 197 10.61 -35.41 -14.80
C TYR E 197 11.37 -36.71 -14.95
N ASP E 198 10.98 -37.75 -14.22
CA ASP E 198 11.64 -39.05 -14.31
C ASP E 198 11.55 -39.61 -15.73
N TYR E 199 12.47 -40.51 -16.04
CA TYR E 199 12.56 -41.10 -17.38
C TYR E 199 13.22 -42.47 -17.23
N SER E 200 12.49 -43.52 -17.60
CA SER E 200 13.00 -44.88 -17.46
C SER E 200 13.84 -45.26 -18.67
N ARG E 201 14.79 -46.18 -18.45
CA ARG E 201 15.68 -46.58 -19.52
C ARG E 201 14.95 -47.28 -20.65
N GLY E 202 13.84 -47.97 -20.33
CA GLY E 202 13.04 -48.57 -21.38
C GLY E 202 12.23 -47.56 -22.17
N GLN E 203 11.92 -46.41 -21.57
CA GLN E 203 11.14 -45.40 -22.27
C GLN E 203 11.89 -44.83 -23.48
N LEU E 204 13.22 -44.87 -23.45
CA LEU E 204 13.99 -44.42 -24.60
C LEU E 204 13.66 -45.24 -25.84
N ILE E 205 13.47 -46.54 -25.67
CA ILE E 205 13.08 -47.39 -26.80
C ILE E 205 11.71 -46.99 -27.32
N GLU E 206 10.75 -46.81 -26.41
CA GLU E 206 9.40 -46.43 -26.83
C GLU E 206 9.39 -45.06 -27.50
N ASP E 207 10.14 -44.10 -26.96
CA ASP E 207 10.13 -42.75 -27.54
C ASP E 207 10.81 -42.73 -28.89
N VAL E 208 11.88 -43.49 -29.05
CA VAL E 208 12.56 -43.55 -30.35
C VAL E 208 11.66 -44.20 -31.38
N GLU E 209 11.04 -45.34 -31.04
CA GLU E 209 10.15 -46.01 -31.98
C GLU E 209 8.92 -45.17 -32.28
N HIS E 210 8.38 -44.47 -31.27
CA HIS E 210 7.23 -43.62 -31.49
C HIS E 210 7.55 -42.47 -32.44
N THR E 211 8.69 -41.81 -32.22
CA THR E 211 9.06 -40.70 -33.08
C THR E 211 9.48 -41.17 -34.46
N PHE E 212 10.11 -42.36 -34.55
CA PHE E 212 10.56 -42.86 -35.84
C PHE E 212 9.40 -43.17 -36.77
N GLU E 213 8.28 -43.63 -36.22
CA GLU E 213 7.10 -43.90 -37.04
C GLU E 213 6.60 -42.63 -37.74
N GLU E 214 6.78 -41.47 -37.13
CA GLU E 214 6.25 -40.24 -37.71
C GLU E 214 7.16 -39.68 -38.80
N ILE E 215 8.46 -40.01 -38.76
CA ILE E 215 9.35 -39.56 -39.82
C ILE E 215 9.36 -40.51 -41.01
N LYS E 216 8.87 -41.74 -40.84
CA LYS E 216 8.81 -42.70 -41.94
C LYS E 216 8.21 -42.15 -43.22
N PRO E 217 7.08 -41.41 -43.20
CA PRO E 217 6.57 -40.86 -44.47
C PRO E 217 7.56 -39.93 -45.15
N LEU E 218 8.20 -39.05 -44.40
CA LEU E 218 9.19 -38.15 -44.98
C LEU E 218 10.38 -38.92 -45.55
N TYR E 219 10.89 -39.89 -44.78
CA TYR E 219 11.99 -40.71 -45.25
C TYR E 219 11.59 -41.57 -46.44
N GLU E 220 10.38 -42.13 -46.40
CA GLU E 220 9.92 -42.98 -47.49
C GLU E 220 9.84 -42.21 -48.80
N HIS E 221 9.37 -40.95 -48.75
CA HIS E 221 9.32 -40.15 -49.96
C HIS E 221 10.71 -39.72 -50.41
N LEU E 222 11.60 -39.44 -49.47
CA LEU E 222 12.99 -39.18 -49.83
C LEU E 222 13.63 -40.43 -50.44
N HIS E 223 13.39 -41.59 -49.82
CA HIS E 223 13.86 -42.86 -50.37
C HIS E 223 13.31 -43.05 -51.78
N ALA E 224 12.02 -42.76 -51.99
CA ALA E 224 11.44 -42.89 -53.33
C ALA E 224 12.11 -41.95 -54.32
N TYR E 225 12.36 -40.71 -53.92
CA TYR E 225 12.96 -39.74 -54.83
C TYR E 225 14.40 -40.11 -55.16
N VAL E 226 15.20 -40.40 -54.13
CA VAL E 226 16.60 -40.76 -54.35
C VAL E 226 16.69 -42.01 -55.22
N ARG E 227 15.80 -42.99 -54.98
CA ARG E 227 15.79 -44.19 -55.80
C ARG E 227 15.54 -43.85 -57.27
N ALA E 228 14.54 -43.01 -57.53
CA ALA E 228 14.23 -42.63 -58.91
C ALA E 228 15.43 -41.94 -59.57
N LYS E 229 16.10 -41.05 -58.83
CA LYS E 229 17.28 -40.39 -59.38
C LYS E 229 18.44 -41.37 -59.52
N LEU E 230 18.56 -42.30 -58.58
CA LEU E 230 19.66 -43.26 -58.63
C LEU E 230 19.54 -44.21 -59.82
N MET E 231 18.30 -44.55 -60.22
CA MET E 231 18.15 -45.43 -61.37
C MET E 231 18.56 -44.75 -62.67
N ASN E 232 18.43 -43.42 -62.74
CA ASN E 232 18.91 -42.72 -63.93
C ASN E 232 20.42 -42.76 -64.06
N ALA E 233 21.12 -43.36 -63.09
CA ALA E 233 22.55 -43.59 -63.15
C ALA E 233 22.92 -45.06 -63.24
N TYR E 234 22.13 -45.94 -62.62
CA TYR E 234 22.36 -47.39 -62.67
C TYR E 234 21.08 -48.10 -63.11
N PRO E 235 20.61 -47.84 -64.35
CA PRO E 235 19.30 -48.38 -64.76
C PRO E 235 19.29 -49.90 -64.90
N SER E 236 20.44 -50.53 -65.09
CA SER E 236 20.51 -51.98 -65.24
C SER E 236 20.72 -52.70 -63.91
N TYR E 237 20.77 -51.98 -62.80
CA TYR E 237 21.03 -52.59 -61.50
C TYR E 237 20.00 -52.28 -60.44
N ILE E 238 19.17 -51.24 -60.61
CA ILE E 238 18.27 -50.78 -59.57
C ILE E 238 16.84 -51.15 -59.96
N SER E 239 16.17 -51.87 -59.06
CA SER E 239 14.75 -52.18 -59.23
C SER E 239 13.90 -50.99 -58.83
N PRO E 240 12.85 -50.67 -59.60
CA PRO E 240 11.97 -49.56 -59.21
C PRO E 240 11.18 -49.80 -57.94
N ILE E 241 11.03 -51.05 -57.50
CA ILE E 241 10.26 -51.36 -56.30
C ILE E 241 11.13 -51.87 -55.15
N GLY E 242 12.41 -52.15 -55.40
CA GLY E 242 13.25 -52.77 -54.40
C GLY E 242 13.97 -51.75 -53.53
N CYS E 243 14.73 -52.28 -52.56
CA CYS E 243 15.56 -51.46 -51.72
C CYS E 243 16.75 -50.90 -52.51
N LEU E 244 17.43 -49.93 -51.92
CA LEU E 244 18.60 -49.37 -52.56
C LEU E 244 19.82 -50.23 -52.29
N PRO E 245 20.64 -50.53 -53.29
CA PRO E 245 21.88 -51.28 -53.04
C PRO E 245 22.80 -50.51 -52.09
N ALA E 246 23.31 -51.22 -51.09
CA ALA E 246 24.03 -50.57 -49.99
C ALA E 246 25.33 -49.90 -50.42
N HIS E 247 25.89 -50.30 -51.56
CA HIS E 247 27.16 -49.75 -52.02
C HIS E 247 26.99 -48.54 -52.92
N LEU E 248 25.75 -48.12 -53.20
CA LEU E 248 25.49 -47.00 -54.08
C LEU E 248 25.04 -45.75 -53.34
N LEU E 249 25.23 -45.69 -52.02
CA LEU E 249 24.68 -44.64 -51.20
C LEU E 249 25.69 -43.54 -50.88
N GLY E 250 26.71 -43.37 -51.70
CA GLY E 250 27.72 -42.36 -51.48
C GLY E 250 28.52 -42.49 -50.22
N ASP E 251 28.45 -43.63 -49.54
CA ASP E 251 29.10 -43.81 -48.24
C ASP E 251 29.43 -45.28 -48.09
N MET E 252 30.43 -45.57 -47.23
CA MET E 252 30.84 -46.96 -47.05
C MET E 252 29.75 -47.79 -46.38
N TRP E 253 28.89 -47.16 -45.57
CA TRP E 253 27.83 -47.84 -44.86
C TRP E 253 26.44 -47.29 -45.16
N GLY E 254 26.34 -46.18 -45.89
CA GLY E 254 25.06 -45.52 -46.07
C GLY E 254 24.61 -44.69 -44.89
N ARG E 255 25.53 -44.25 -44.04
CA ARG E 255 25.17 -43.46 -42.88
C ARG E 255 24.67 -42.08 -43.29
N PHE E 256 25.25 -41.51 -44.34
CA PHE E 256 24.82 -40.23 -44.89
C PHE E 256 24.70 -40.33 -46.40
N TRP E 257 23.61 -39.81 -46.95
CA TRP E 257 23.39 -39.75 -48.39
C TRP E 257 23.84 -38.43 -48.99
N THR E 258 24.68 -37.66 -48.27
CA THR E 258 25.07 -36.33 -48.73
C THR E 258 25.78 -36.38 -50.08
N ASN E 259 26.62 -37.41 -50.29
CA ASN E 259 27.38 -37.52 -51.53
C ASN E 259 26.50 -37.83 -52.73
N LEU E 260 25.24 -38.22 -52.52
CA LEU E 260 24.28 -38.44 -53.59
C LEU E 260 23.68 -37.14 -54.13
N TYR E 261 24.06 -35.99 -53.56
CA TYR E 261 23.51 -34.72 -54.02
C TYR E 261 23.80 -34.46 -55.50
N SER E 262 24.99 -34.85 -55.97
CA SER E 262 25.33 -34.66 -57.37
C SER E 262 24.40 -35.42 -58.30
N LEU E 263 23.87 -36.56 -57.85
CA LEU E 263 22.98 -37.37 -58.68
C LEU E 263 21.50 -37.04 -58.48
N THR E 264 21.14 -36.45 -57.33
CA THR E 264 19.73 -36.26 -56.99
C THR E 264 19.31 -34.81 -56.89
N VAL E 265 20.22 -33.86 -57.13
CA VAL E 265 19.92 -32.43 -56.99
C VAL E 265 18.69 -32.07 -57.83
N PRO E 266 17.65 -31.49 -57.22
CA PRO E 266 16.42 -31.24 -57.97
C PRO E 266 16.59 -30.22 -59.10
N PHE E 267 17.40 -29.18 -58.88
CA PHE E 267 17.64 -28.13 -59.87
C PHE E 267 19.15 -27.91 -59.93
N GLY E 268 19.84 -28.81 -60.65
CA GLY E 268 21.29 -28.81 -60.67
C GLY E 268 21.92 -27.61 -61.34
N GLN E 269 21.21 -26.95 -62.24
CA GLN E 269 21.78 -25.79 -62.91
C GLN E 269 21.76 -24.54 -62.05
N LYS E 270 20.96 -24.52 -60.99
CA LYS E 270 20.99 -23.37 -60.09
C LYS E 270 22.06 -23.58 -59.01
N PRO E 271 22.98 -22.65 -58.84
CA PRO E 271 24.07 -22.85 -57.88
C PRO E 271 23.60 -22.67 -56.45
N ASN E 272 24.35 -23.26 -55.53
CA ASN E 272 24.11 -23.06 -54.11
C ASN E 272 24.87 -21.83 -53.62
N ILE E 273 24.43 -21.31 -52.48
CA ILE E 273 24.90 -20.03 -51.95
C ILE E 273 26.23 -20.24 -51.24
N ASP E 274 27.32 -19.82 -51.88
CA ASP E 274 28.66 -19.87 -51.32
C ASP E 274 29.20 -18.45 -51.21
N VAL E 275 29.29 -17.94 -49.98
CA VAL E 275 29.76 -16.58 -49.73
C VAL E 275 31.28 -16.53 -49.63
N THR E 276 31.95 -17.65 -49.91
CA THR E 276 33.40 -17.67 -49.86
C THR E 276 33.99 -16.62 -50.80
N ASP E 277 33.41 -16.43 -51.98
CA ASP E 277 33.89 -15.40 -52.89
C ASP E 277 33.75 -14.01 -52.27
N ALA E 278 32.63 -13.76 -51.58
CA ALA E 278 32.44 -12.47 -50.94
C ALA E 278 33.43 -12.26 -49.80
N MET E 279 33.68 -13.30 -49.01
CA MET E 279 34.66 -13.21 -47.93
C MET E 279 36.05 -12.90 -48.45
N VAL E 280 36.47 -13.60 -49.51
CA VAL E 280 37.83 -13.41 -50.04
C VAL E 280 38.00 -12.00 -50.60
N ASP E 281 37.03 -11.54 -51.38
CA ASP E 281 37.14 -10.21 -51.99
C ASP E 281 37.16 -9.11 -50.92
N GLN E 282 36.41 -9.30 -49.84
CA GLN E 282 36.42 -8.37 -48.71
C GLN E 282 37.63 -8.56 -47.81
N ALA E 283 38.53 -9.49 -48.15
CA ALA E 283 39.75 -9.76 -47.39
C ALA E 283 39.43 -10.13 -45.94
N TRP E 284 38.45 -11.01 -45.76
CA TRP E 284 38.11 -11.48 -44.42
C TRP E 284 39.25 -12.32 -43.84
N ASP E 285 39.25 -12.44 -42.53
CA ASP E 285 40.29 -13.13 -41.79
C ASP E 285 39.63 -14.17 -40.88
N ALA E 286 40.45 -15.10 -40.38
CA ALA E 286 39.95 -16.07 -39.42
C ALA E 286 39.41 -15.39 -38.17
N GLN E 287 40.12 -14.37 -37.68
CA GLN E 287 39.64 -13.63 -36.52
C GLN E 287 38.36 -12.87 -36.84
N ARG E 288 38.26 -12.32 -38.05
CA ARG E 288 37.03 -11.67 -38.47
C ARG E 288 35.86 -12.65 -38.44
N ILE E 289 36.09 -13.89 -38.87
CA ILE E 289 35.06 -14.92 -38.80
C ILE E 289 34.59 -15.11 -37.37
N PHE E 290 35.53 -15.27 -36.44
CA PHE E 290 35.16 -15.51 -35.05
C PHE E 290 34.59 -14.25 -34.41
N LYS E 291 35.03 -13.07 -34.84
CA LYS E 291 34.43 -11.84 -34.33
C LYS E 291 32.98 -11.72 -34.78
N GLU E 292 32.69 -12.11 -36.03
CA GLU E 292 31.30 -12.10 -36.50
C GLU E 292 30.47 -13.13 -35.76
N ALA E 293 31.06 -14.31 -35.49
CA ALA E 293 30.37 -15.30 -34.66
C ALA E 293 30.15 -14.75 -33.26
N GLU E 294 31.18 -14.15 -32.67
CA GLU E 294 31.04 -13.52 -31.36
C GLU E 294 29.96 -12.45 -31.37
N LYS E 295 29.91 -11.64 -32.44
CA LYS E 295 28.83 -10.67 -32.59
C LYS E 295 27.46 -11.35 -32.58
N PHE E 296 27.37 -12.55 -33.20
CA PHE E 296 26.10 -13.25 -33.26
C PHE E 296 25.60 -13.62 -31.88
N PHE E 297 26.47 -14.19 -31.05
CA PHE E 297 26.05 -14.58 -29.69
C PHE E 297 25.74 -13.35 -28.84
N VAL E 298 26.48 -12.26 -29.04
CA VAL E 298 26.18 -11.02 -28.32
C VAL E 298 24.80 -10.50 -28.72
N SER E 299 24.40 -10.69 -29.97
CA SER E 299 23.12 -10.16 -30.44
C SER E 299 21.94 -10.78 -29.70
N VAL E 300 22.09 -12.01 -29.22
CA VAL E 300 21.03 -12.68 -28.47
C VAL E 300 21.23 -12.55 -26.96
N GLY E 301 22.18 -11.73 -26.53
CA GLY E 301 22.41 -11.48 -25.12
C GLY E 301 23.42 -12.38 -24.46
N LEU E 302 24.11 -13.23 -25.21
CA LEU E 302 25.16 -14.05 -24.63
C LEU E 302 26.44 -13.24 -24.45
N PRO E 303 27.32 -13.68 -23.56
CA PRO E 303 28.54 -12.92 -23.28
C PRO E 303 29.51 -12.90 -24.45
N ASN E 304 30.42 -11.94 -24.40
CA ASN E 304 31.57 -11.92 -25.29
C ASN E 304 32.49 -13.10 -24.96
N MET E 305 33.37 -13.43 -25.90
CA MET E 305 34.42 -14.38 -25.59
C MET E 305 35.42 -13.74 -24.64
N THR E 306 36.01 -14.57 -23.78
CA THR E 306 36.90 -14.05 -22.75
C THR E 306 38.21 -13.57 -23.38
N GLN E 307 38.90 -12.70 -22.64
CA GLN E 307 40.23 -12.28 -23.08
C GLN E 307 41.15 -13.48 -23.26
N GLY E 308 41.05 -14.47 -22.36
CA GLY E 308 41.83 -15.69 -22.52
C GLY E 308 41.50 -16.46 -23.78
N PHE E 309 40.24 -16.38 -24.23
CA PHE E 309 39.86 -17.04 -25.48
C PHE E 309 40.64 -16.46 -26.65
N TRP E 310 40.67 -15.13 -26.77
CA TRP E 310 41.34 -14.51 -27.90
C TRP E 310 42.87 -14.66 -27.80
N GLU E 311 43.40 -14.75 -26.58
CA GLU E 311 44.84 -14.86 -26.41
C GLU E 311 45.34 -16.28 -26.57
N ASN E 312 44.55 -17.28 -26.15
CA ASN E 312 45.05 -18.65 -26.07
C ASN E 312 44.54 -19.56 -27.19
N SER E 313 43.45 -19.21 -27.85
CA SER E 313 42.93 -20.06 -28.92
C SER E 313 43.88 -20.04 -30.12
N MET E 314 43.89 -21.15 -30.84
CA MET E 314 44.63 -21.27 -32.10
C MET E 314 43.61 -21.30 -33.23
N LEU E 315 43.41 -20.15 -33.87
CA LEU E 315 42.40 -20.01 -34.90
C LEU E 315 42.94 -20.13 -36.31
N THR E 316 44.24 -20.34 -36.47
CA THR E 316 44.86 -20.42 -37.78
C THR E 316 45.89 -21.55 -37.80
N ASP E 317 46.29 -21.93 -39.02
CA ASP E 317 47.33 -22.93 -39.20
C ASP E 317 48.62 -22.47 -38.52
N PRO E 318 49.24 -23.30 -37.68
CA PRO E 318 50.49 -22.89 -37.01
C PRO E 318 51.70 -22.89 -37.93
N GLY E 319 51.45 -22.72 -39.23
CA GLY E 319 52.52 -22.67 -40.20
C GLY E 319 53.01 -24.05 -40.57
N ASN E 320 54.17 -24.08 -41.23
CA ASN E 320 54.71 -25.33 -41.76
C ASN E 320 55.61 -26.06 -40.78
N VAL E 321 56.33 -25.33 -39.93
CA VAL E 321 57.30 -25.95 -39.04
C VAL E 321 56.62 -26.64 -37.87
N GLN E 322 55.48 -26.14 -37.42
CA GLN E 322 54.77 -26.65 -36.25
C GLN E 322 53.54 -27.42 -36.69
N LYS E 323 53.53 -28.73 -36.41
CA LYS E 323 52.43 -29.61 -36.78
C LYS E 323 51.38 -29.65 -35.68
N ALA E 324 50.11 -29.59 -36.08
CA ALA E 324 49.00 -29.59 -35.15
C ALA E 324 47.85 -30.42 -35.71
N VAL E 325 46.96 -30.83 -34.81
CA VAL E 325 45.72 -31.51 -35.20
C VAL E 325 44.74 -30.47 -35.70
N CYS E 326 44.19 -30.68 -36.89
CA CYS E 326 43.32 -29.68 -37.53
C CYS E 326 41.86 -30.05 -37.47
N HIS E 327 41.46 -30.89 -36.52
CA HIS E 327 40.05 -31.18 -36.32
C HIS E 327 39.40 -30.06 -35.50
N PRO E 328 38.29 -29.47 -35.97
CA PRO E 328 37.64 -28.40 -35.20
C PRO E 328 37.16 -28.87 -33.84
N THR E 329 37.77 -28.35 -32.77
CA THR E 329 37.45 -28.76 -31.41
C THR E 329 37.26 -27.54 -30.51
N ALA E 330 36.28 -27.62 -29.62
CA ALA E 330 36.08 -26.63 -28.57
C ALA E 330 36.60 -27.19 -27.26
N TRP E 331 37.36 -26.39 -26.52
CA TRP E 331 38.08 -26.84 -25.34
C TRP E 331 37.56 -26.12 -24.12
N ASP E 332 37.11 -26.88 -23.12
CA ASP E 332 36.78 -26.37 -21.80
C ASP E 332 37.83 -26.94 -20.83
N LEU E 333 38.92 -26.20 -20.64
CA LEU E 333 39.99 -26.63 -19.76
C LEU E 333 39.65 -26.46 -18.29
N GLY E 334 38.58 -25.73 -17.97
CA GLY E 334 38.23 -25.43 -16.61
C GLY E 334 38.87 -24.14 -16.12
N LYS E 335 38.43 -23.70 -14.95
CA LYS E 335 39.00 -22.53 -14.28
C LYS E 335 38.97 -21.29 -15.17
N GLY E 336 37.89 -21.16 -15.95
CA GLY E 336 37.69 -20.01 -16.80
C GLY E 336 38.48 -20.00 -18.09
N ASP E 337 39.17 -21.10 -18.42
CA ASP E 337 40.00 -21.18 -19.62
C ASP E 337 39.17 -21.81 -20.73
N PHE E 338 38.77 -21.00 -21.71
CA PHE E 338 37.98 -21.46 -22.85
C PHE E 338 38.75 -21.22 -24.13
N ARG E 339 38.86 -22.25 -24.97
CA ARG E 339 39.63 -22.17 -26.19
C ARG E 339 38.94 -22.93 -27.31
N ILE E 340 39.18 -22.47 -28.54
CA ILE E 340 38.84 -23.21 -29.75
C ILE E 340 40.13 -23.46 -30.52
N LEU E 341 40.31 -24.70 -30.95
CA LEU E 341 41.49 -25.09 -31.78
C LEU E 341 40.96 -25.45 -33.17
N MET E 342 41.11 -24.55 -34.14
CA MET E 342 40.59 -24.77 -35.48
C MET E 342 41.59 -24.24 -36.50
N CYS E 343 41.94 -25.08 -37.47
CA CYS E 343 42.78 -24.66 -38.60
C CYS E 343 41.86 -23.99 -39.62
N THR E 344 41.48 -22.75 -39.31
CA THR E 344 40.48 -22.06 -40.10
C THR E 344 41.03 -21.65 -41.47
N LYS E 345 40.21 -21.85 -42.49
CA LYS E 345 40.43 -21.30 -43.82
C LYS E 345 39.31 -20.31 -44.12
N VAL E 346 39.64 -19.26 -44.87
CA VAL E 346 38.65 -18.24 -45.21
C VAL E 346 37.62 -18.84 -46.16
N THR E 347 36.58 -19.44 -45.60
CA THR E 347 35.55 -20.12 -46.39
C THR E 347 34.25 -20.15 -45.61
N MET E 348 33.16 -20.40 -46.33
CA MET E 348 31.84 -20.42 -45.71
C MET E 348 31.68 -21.57 -44.73
N ASP E 349 32.23 -22.74 -45.06
CA ASP E 349 32.12 -23.89 -44.16
C ASP E 349 32.81 -23.64 -42.83
N ASP E 350 33.98 -23.00 -42.86
CA ASP E 350 34.64 -22.62 -41.63
C ASP E 350 33.88 -21.53 -40.90
N PHE E 351 33.25 -20.61 -41.65
CA PHE E 351 32.40 -19.60 -41.04
C PHE E 351 31.27 -20.25 -40.25
N LEU E 352 30.63 -21.26 -40.82
CA LEU E 352 29.57 -21.95 -40.09
C LEU E 352 30.14 -22.81 -38.97
N THR E 353 31.33 -23.39 -39.16
CA THR E 353 31.92 -24.20 -38.11
C THR E 353 32.30 -23.36 -36.90
N ALA E 354 32.79 -22.14 -37.13
CA ALA E 354 33.15 -21.26 -36.02
C ALA E 354 31.94 -20.98 -35.13
N HIS E 355 30.76 -20.81 -35.73
CA HIS E 355 29.56 -20.64 -34.93
C HIS E 355 29.23 -21.92 -34.17
N HIS E 356 29.39 -23.07 -34.82
CA HIS E 356 29.12 -24.34 -34.17
C HIS E 356 30.03 -24.54 -32.96
N GLU E 357 31.33 -24.35 -33.14
CA GLU E 357 32.29 -24.56 -32.06
C GLU E 357 32.07 -23.56 -30.94
N MET E 358 31.83 -22.29 -31.28
CA MET E 358 31.60 -21.29 -30.25
C MET E 358 30.28 -21.53 -29.52
N GLY E 359 29.34 -22.23 -30.15
CA GLY E 359 28.15 -22.66 -29.43
C GLY E 359 28.49 -23.57 -28.27
N HIS E 360 29.47 -24.45 -28.47
CA HIS E 360 29.97 -25.26 -27.36
C HIS E 360 30.58 -24.37 -26.29
N ILE E 361 31.41 -23.41 -26.71
CA ILE E 361 32.04 -22.49 -25.76
C ILE E 361 31.00 -21.74 -24.96
N GLN E 362 29.93 -21.28 -25.63
CA GLN E 362 28.86 -20.57 -24.92
C GLN E 362 28.14 -21.51 -23.96
N TYR E 363 27.94 -22.77 -24.37
CA TYR E 363 27.38 -23.76 -23.45
C TYR E 363 28.34 -24.02 -22.30
N ASP E 364 29.64 -24.16 -22.59
CA ASP E 364 30.62 -24.36 -21.54
C ASP E 364 30.63 -23.19 -20.56
N MET E 365 30.67 -21.96 -21.07
CA MET E 365 30.70 -20.79 -20.21
C MET E 365 29.45 -20.69 -19.33
N ALA E 366 28.31 -21.14 -19.85
CA ALA E 366 27.05 -21.00 -19.12
C ALA E 366 27.03 -21.84 -17.85
N TYR E 367 27.39 -23.12 -17.95
CA TYR E 367 27.37 -24.02 -16.81
C TYR E 367 28.66 -24.00 -15.99
N ALA E 368 29.57 -23.05 -16.26
CA ALA E 368 30.81 -22.97 -15.51
C ALA E 368 30.57 -22.75 -14.01
N ALA E 369 29.41 -22.21 -13.63
CA ALA E 369 29.09 -22.00 -12.23
C ALA E 369 28.70 -23.29 -11.51
N GLN E 370 28.37 -24.34 -12.25
CA GLN E 370 27.97 -25.60 -11.65
C GLN E 370 29.18 -26.28 -11.02
N PRO E 371 28.96 -27.20 -10.08
CA PRO E 371 30.06 -28.01 -9.57
C PRO E 371 30.76 -28.77 -10.70
N PHE E 372 32.05 -29.06 -10.48
CA PHE E 372 32.87 -29.68 -11.51
C PHE E 372 32.19 -30.89 -12.15
N LEU E 373 31.58 -31.74 -11.33
CA LEU E 373 30.99 -32.98 -11.83
C LEU E 373 29.73 -32.75 -12.66
N LEU E 374 29.15 -31.55 -12.63
CA LEU E 374 27.93 -31.24 -13.34
C LEU E 374 28.16 -30.41 -14.60
N ARG E 375 29.42 -30.17 -14.97
CA ARG E 375 29.75 -29.30 -16.10
C ARG E 375 29.78 -30.10 -17.41
N ASN E 376 28.60 -30.42 -17.89
CA ASN E 376 28.43 -31.07 -19.19
C ASN E 376 27.00 -30.84 -19.65
N GLY E 377 26.73 -31.23 -20.90
CA GLY E 377 25.38 -31.16 -21.41
C GLY E 377 24.41 -32.02 -20.62
N ALA E 378 23.13 -31.65 -20.70
CA ALA E 378 22.10 -32.34 -19.93
C ALA E 378 22.02 -33.82 -20.27
N ASN E 379 22.27 -34.17 -21.53
CA ASN E 379 22.50 -35.55 -21.93
C ASN E 379 23.44 -35.55 -23.13
N GLU E 380 23.78 -36.75 -23.61
CA GLU E 380 24.81 -36.90 -24.65
C GLU E 380 24.45 -36.18 -25.94
N GLY E 381 23.18 -35.86 -26.16
CA GLY E 381 22.74 -35.18 -27.38
C GLY E 381 22.68 -33.67 -27.31
N PHE E 382 22.79 -33.09 -26.12
CA PHE E 382 22.54 -31.66 -25.96
C PHE E 382 23.62 -30.82 -26.63
N HIS E 383 24.90 -31.15 -26.40
CA HIS E 383 25.99 -30.28 -26.83
C HIS E 383 25.97 -30.07 -28.35
N GLU E 384 25.88 -31.16 -29.11
CA GLU E 384 25.87 -31.01 -30.57
C GLU E 384 24.59 -30.34 -31.05
N ALA E 385 23.48 -30.51 -30.34
CA ALA E 385 22.26 -29.84 -30.75
C ALA E 385 22.41 -28.33 -30.63
N VAL E 386 23.06 -27.86 -29.56
CA VAL E 386 23.29 -26.42 -29.40
C VAL E 386 24.24 -25.92 -30.49
N GLY E 387 25.22 -26.73 -30.88
CA GLY E 387 26.12 -26.33 -31.94
C GLY E 387 25.46 -26.23 -33.30
N GLU E 388 24.58 -27.20 -33.62
CA GLU E 388 23.99 -27.24 -34.95
C GLU E 388 23.08 -26.05 -35.22
N ILE E 389 22.31 -25.63 -34.21
CA ILE E 389 21.36 -24.54 -34.41
C ILE E 389 22.08 -23.23 -34.73
N MET E 390 23.33 -23.09 -34.33
CA MET E 390 24.08 -21.89 -34.67
C MET E 390 24.45 -21.89 -36.15
N SER E 391 24.94 -23.02 -36.65
CA SER E 391 25.17 -23.14 -38.08
C SER E 391 23.87 -22.96 -38.87
N LEU E 392 22.74 -23.40 -38.30
CA LEU E 392 21.45 -23.21 -38.97
C LEU E 392 21.14 -21.74 -39.16
N SER E 393 21.21 -20.95 -38.08
CA SER E 393 20.89 -19.54 -38.16
C SER E 393 21.88 -18.77 -39.02
N ALA E 394 23.18 -19.09 -38.89
CA ALA E 394 24.20 -18.34 -39.62
C ALA E 394 24.16 -18.61 -41.13
N ALA E 395 23.74 -19.81 -41.53
CA ALA E 395 23.70 -20.16 -42.94
C ALA E 395 22.49 -19.59 -43.67
N THR E 396 21.52 -19.05 -42.95
CA THR E 396 20.34 -18.50 -43.60
C THR E 396 20.74 -17.33 -44.48
N PRO E 397 20.08 -17.12 -45.63
CA PRO E 397 20.41 -15.95 -46.45
C PRO E 397 20.19 -14.64 -45.71
N LYS E 398 19.16 -14.58 -44.85
CA LYS E 398 18.90 -13.36 -44.08
C LYS E 398 20.12 -12.97 -43.24
N HIS E 399 20.69 -13.92 -42.51
CA HIS E 399 21.86 -13.62 -41.70
C HIS E 399 23.04 -13.22 -42.58
N LEU E 400 23.32 -14.01 -43.63
CA LEU E 400 24.40 -13.67 -44.55
C LEU E 400 24.15 -12.32 -45.23
N LYS E 401 22.88 -12.01 -45.50
CA LYS E 401 22.52 -10.71 -46.05
C LYS E 401 22.72 -9.60 -45.03
N SER E 402 22.36 -9.86 -43.77
CA SER E 402 22.50 -8.85 -42.73
C SER E 402 23.97 -8.56 -42.41
N ILE E 403 24.85 -9.56 -42.51
CA ILE E 403 26.27 -9.35 -42.23
C ILE E 403 26.99 -8.92 -43.51
N GLY E 404 26.25 -8.69 -44.58
CA GLY E 404 26.81 -8.11 -45.79
C GLY E 404 27.57 -9.06 -46.69
N LEU E 405 27.46 -10.38 -46.49
CA LEU E 405 28.10 -11.33 -47.39
C LEU E 405 27.24 -11.66 -48.60
N LEU E 406 25.95 -11.31 -48.55
CA LEU E 406 25.07 -11.32 -49.71
C LEU E 406 24.57 -9.91 -49.95
N SER E 407 24.55 -9.49 -51.21
CA SER E 407 24.05 -8.18 -51.55
C SER E 407 22.58 -8.06 -51.15
N PRO E 408 22.14 -6.86 -50.73
CA PRO E 408 20.73 -6.69 -50.37
C PRO E 408 19.77 -6.94 -51.53
N ASP E 409 20.28 -6.93 -52.76
CA ASP E 409 19.50 -7.25 -53.95
C ASP E 409 19.45 -8.74 -54.24
N PHE E 410 19.92 -9.58 -53.32
CA PHE E 410 19.93 -11.02 -53.52
C PHE E 410 18.50 -11.53 -53.71
N GLN E 411 18.32 -12.37 -54.72
CA GLN E 411 17.00 -12.80 -55.15
C GLN E 411 16.50 -14.00 -54.36
N GLU E 412 15.22 -13.94 -53.96
CA GLU E 412 14.55 -15.09 -53.37
C GLU E 412 14.34 -16.16 -54.43
N ASP E 413 14.67 -17.41 -54.09
CA ASP E 413 14.67 -18.48 -55.07
C ASP E 413 14.00 -19.72 -54.47
N ASN E 414 12.81 -20.07 -54.97
CA ASN E 414 12.17 -21.30 -54.52
C ASN E 414 13.02 -22.52 -54.83
N GLU E 415 13.58 -22.58 -56.05
CA GLU E 415 14.36 -23.74 -56.48
C GLU E 415 15.63 -23.89 -55.67
N THR E 416 16.35 -22.79 -55.42
CA THR E 416 17.55 -22.86 -54.60
C THR E 416 17.24 -23.36 -53.19
N GLU E 417 16.08 -22.98 -52.66
CA GLU E 417 15.68 -23.45 -51.33
C GLU E 417 15.41 -24.94 -51.33
N ILE E 418 14.65 -25.43 -52.32
CA ILE E 418 14.41 -26.87 -52.42
C ILE E 418 15.73 -27.62 -52.58
N ASN E 419 16.66 -27.04 -53.35
CA ASN E 419 18.01 -27.60 -53.43
C ASN E 419 18.63 -27.72 -52.05
N PHE E 420 18.48 -26.70 -51.21
CA PHE E 420 19.06 -26.70 -49.88
C PHE E 420 18.38 -27.73 -48.98
N LEU E 421 17.05 -27.70 -48.92
CA LEU E 421 16.33 -28.61 -48.04
C LEU E 421 16.59 -30.08 -48.41
N LEU E 422 16.70 -30.37 -49.71
CA LEU E 422 16.97 -31.75 -50.11
C LEU E 422 18.35 -32.19 -49.66
N LYS E 423 19.36 -31.35 -49.87
CA LYS E 423 20.70 -31.69 -49.39
C LYS E 423 20.74 -31.84 -47.88
N GLN E 424 19.93 -31.04 -47.16
CA GLN E 424 19.80 -31.25 -45.72
C GLN E 424 19.16 -32.59 -45.42
N ALA E 425 18.13 -32.95 -46.17
CA ALA E 425 17.46 -34.23 -45.95
C ALA E 425 18.40 -35.39 -46.21
N LEU E 426 19.26 -35.27 -47.21
CA LEU E 426 20.22 -36.33 -47.50
C LEU E 426 21.13 -36.59 -46.31
N THR E 427 21.50 -35.54 -45.58
CA THR E 427 22.38 -35.68 -44.43
C THR E 427 21.62 -35.92 -43.13
N ILE E 428 20.48 -35.29 -42.95
CA ILE E 428 19.77 -35.28 -41.67
C ILE E 428 18.67 -36.35 -41.62
N VAL E 429 17.79 -36.37 -42.62
CA VAL E 429 16.68 -37.32 -42.60
C VAL E 429 17.17 -38.73 -42.89
N GLY E 430 17.99 -38.88 -43.93
CA GLY E 430 18.49 -40.19 -44.30
C GLY E 430 19.32 -40.87 -43.23
N THR E 431 19.90 -40.11 -42.31
CA THR E 431 20.75 -40.70 -41.28
C THR E 431 19.95 -41.41 -40.19
N LEU E 432 18.72 -40.98 -39.97
CA LEU E 432 17.94 -41.43 -38.82
C LEU E 432 17.51 -42.89 -38.93
N PRO E 433 17.00 -43.38 -40.07
CA PRO E 433 16.68 -44.81 -40.14
C PRO E 433 17.91 -45.70 -40.03
N PHE E 434 19.01 -45.32 -40.68
CA PHE E 434 20.26 -46.05 -40.49
C PHE E 434 20.68 -46.01 -39.01
N THR E 435 20.63 -44.84 -38.39
CA THR E 435 21.04 -44.70 -37.00
C THR E 435 20.13 -45.50 -36.06
N TYR E 436 18.82 -45.41 -36.25
CA TYR E 436 17.89 -46.16 -35.42
C TYR E 436 18.08 -47.66 -35.61
N MET E 437 18.11 -48.11 -36.88
CA MET E 437 18.21 -49.53 -37.17
C MET E 437 19.50 -50.10 -36.61
N LEU E 438 20.60 -49.34 -36.70
CA LEU E 438 21.88 -49.82 -36.17
C LEU E 438 21.79 -50.05 -34.67
N GLU E 439 21.33 -49.04 -33.93
CA GLU E 439 21.25 -49.18 -32.47
C GLU E 439 20.19 -50.19 -32.07
N LYS E 440 19.13 -50.34 -32.87
CA LYS E 440 18.13 -51.37 -32.62
C LYS E 440 18.76 -52.76 -32.69
N TRP E 441 19.58 -53.00 -33.72
CA TRP E 441 20.27 -54.28 -33.83
C TRP E 441 21.17 -54.53 -32.62
N ARG E 442 21.94 -53.53 -32.22
CA ARG E 442 22.84 -53.69 -31.07
C ARG E 442 22.04 -53.95 -29.79
N TRP E 443 20.98 -53.15 -29.57
CA TRP E 443 20.15 -53.35 -28.39
C TRP E 443 19.62 -54.78 -28.31
N MET E 444 19.14 -55.32 -29.44
CA MET E 444 18.65 -56.69 -29.47
C MET E 444 19.77 -57.70 -29.32
N VAL E 445 20.96 -57.40 -29.84
CA VAL E 445 22.09 -58.32 -29.68
C VAL E 445 22.52 -58.38 -28.22
N PHE E 446 22.66 -57.23 -27.58
CA PHE E 446 22.98 -57.22 -26.15
C PHE E 446 21.88 -57.89 -25.35
N LYS E 447 20.62 -57.64 -25.71
CA LYS E 447 19.49 -58.26 -25.03
C LYS E 447 19.38 -59.76 -25.33
N GLY E 448 20.13 -60.27 -26.30
CA GLY E 448 20.10 -61.68 -26.63
C GLY E 448 18.93 -62.14 -27.46
N GLU E 449 18.21 -61.21 -28.09
CA GLU E 449 17.06 -61.57 -28.91
C GLU E 449 17.46 -62.11 -30.29
N ILE E 450 18.71 -61.87 -30.72
CA ILE E 450 19.22 -62.35 -31.98
C ILE E 450 20.29 -63.42 -31.68
N PRO E 451 20.06 -64.68 -32.03
CA PRO E 451 21.11 -65.69 -31.84
C PRO E 451 22.30 -65.41 -32.74
N LYS E 452 23.46 -65.93 -32.30
CA LYS E 452 24.70 -65.73 -33.04
C LYS E 452 24.59 -66.25 -34.47
N ASP E 453 23.89 -67.38 -34.68
CA ASP E 453 23.69 -67.94 -36.00
C ASP E 453 22.72 -67.13 -36.87
N GLN E 454 22.25 -65.97 -36.40
CA GLN E 454 21.34 -65.14 -37.19
C GLN E 454 21.68 -63.66 -37.09
N TRP E 455 22.90 -63.30 -36.67
CA TRP E 455 23.27 -61.90 -36.55
C TRP E 455 23.17 -61.19 -37.90
N MET E 456 23.89 -61.71 -38.90
CA MET E 456 23.88 -61.08 -40.22
C MET E 456 22.56 -61.27 -40.93
N LYS E 457 21.85 -62.37 -40.68
CA LYS E 457 20.54 -62.58 -41.29
C LYS E 457 19.57 -61.50 -40.85
N LYS E 458 19.45 -61.29 -39.54
CA LYS E 458 18.52 -60.27 -39.04
C LYS E 458 19.02 -58.86 -39.32
N TRP E 459 20.35 -58.67 -39.36
CA TRP E 459 20.90 -57.35 -39.69
C TRP E 459 20.41 -56.88 -41.05
N TRP E 460 20.54 -57.74 -42.07
CA TRP E 460 20.10 -57.35 -43.40
C TRP E 460 18.59 -57.42 -43.55
N GLU E 461 17.92 -58.26 -42.76
CA GLU E 461 16.46 -58.19 -42.70
C GLU E 461 16.00 -56.82 -42.24
N MET E 462 16.72 -56.22 -41.28
CA MET E 462 16.35 -54.91 -40.77
C MET E 462 16.72 -53.81 -41.76
N LYS E 463 17.90 -53.90 -42.38
CA LYS E 463 18.29 -52.88 -43.35
C LYS E 463 17.33 -52.84 -44.53
N ARG E 464 16.81 -53.99 -44.94
CA ARG E 464 15.79 -54.00 -45.99
C ARG E 464 14.48 -53.39 -45.49
N GLU E 465 14.03 -53.82 -44.32
CA GLU E 465 12.72 -53.37 -43.83
C GLU E 465 12.78 -51.93 -43.32
N ILE E 466 13.73 -51.63 -42.45
CA ILE E 466 13.74 -50.33 -41.78
C ILE E 466 14.40 -49.26 -42.64
N VAL E 467 15.62 -49.51 -43.11
CA VAL E 467 16.36 -48.48 -43.84
C VAL E 467 15.98 -48.43 -45.32
N GLY E 468 15.43 -49.50 -45.87
CA GLY E 468 15.16 -49.55 -47.30
C GLY E 468 16.41 -49.77 -48.11
N VAL E 469 17.33 -50.60 -47.60
CA VAL E 469 18.64 -50.82 -48.19
C VAL E 469 18.95 -52.31 -48.16
N VAL E 470 19.35 -52.86 -49.30
CA VAL E 470 19.60 -54.29 -49.45
C VAL E 470 21.07 -54.52 -49.77
N GLU E 471 21.58 -55.67 -49.32
CA GLU E 471 22.99 -56.00 -49.55
C GLU E 471 23.17 -56.52 -50.99
N PRO E 472 24.26 -56.14 -51.64
CA PRO E 472 24.52 -56.66 -53.00
C PRO E 472 25.08 -58.07 -53.03
N VAL E 473 25.70 -58.52 -51.94
CA VAL E 473 26.28 -59.86 -51.85
C VAL E 473 25.70 -60.55 -50.62
N PRO E 474 25.25 -61.80 -50.74
CA PRO E 474 24.78 -62.50 -49.54
C PRO E 474 25.93 -62.77 -48.59
N HIS E 475 25.72 -62.44 -47.32
CA HIS E 475 26.72 -62.63 -46.26
C HIS E 475 26.24 -63.67 -45.26
N ASP E 476 27.08 -64.66 -44.99
CA ASP E 476 26.80 -65.64 -43.96
C ASP E 476 27.39 -65.17 -42.63
N GLU E 477 27.24 -65.98 -41.59
CA GLU E 477 27.65 -65.53 -40.26
C GLU E 477 29.17 -65.43 -40.07
N THR E 478 30.00 -65.56 -41.10
CA THR E 478 31.42 -65.24 -40.94
C THR E 478 31.68 -63.75 -41.02
N TYR E 479 30.75 -62.99 -41.59
CA TYR E 479 30.86 -61.54 -41.66
C TYR E 479 30.44 -60.90 -40.34
N CYS E 480 30.79 -59.62 -40.18
CA CYS E 480 30.31 -58.78 -39.09
C CYS E 480 30.24 -57.35 -39.63
N ASP E 481 29.26 -57.12 -40.50
CA ASP E 481 29.13 -55.82 -41.16
C ASP E 481 28.90 -54.65 -40.20
N PRO E 482 28.12 -54.77 -39.12
CA PRO E 482 28.03 -53.64 -38.18
C PRO E 482 29.37 -53.21 -37.63
N ALA E 483 30.20 -54.17 -37.19
CA ALA E 483 31.50 -53.84 -36.64
C ALA E 483 32.41 -53.17 -37.65
N SER E 484 32.10 -53.28 -38.94
CA SER E 484 32.85 -52.56 -39.96
C SER E 484 32.62 -51.05 -39.87
N LEU E 485 31.75 -50.59 -38.99
CA LEU E 485 31.58 -49.17 -38.71
C LEU E 485 32.39 -48.78 -37.49
N PHE E 486 32.98 -47.58 -37.53
CA PHE E 486 33.84 -47.09 -36.46
C PHE E 486 33.18 -47.25 -35.08
N HIS E 487 31.97 -46.74 -34.92
CA HIS E 487 31.34 -46.71 -33.60
C HIS E 487 31.08 -48.10 -33.05
N VAL E 488 30.87 -49.10 -33.91
CA VAL E 488 30.60 -50.44 -33.41
C VAL E 488 31.91 -51.12 -33.01
N SER E 489 32.97 -50.93 -33.80
CA SER E 489 34.27 -51.49 -33.45
C SER E 489 34.88 -50.80 -32.24
N ASN E 490 34.55 -49.53 -32.01
CA ASN E 490 35.17 -48.73 -30.97
C ASN E 490 34.27 -48.52 -29.76
N ASP E 491 33.19 -49.30 -29.64
CA ASP E 491 32.39 -49.36 -28.41
C ASP E 491 31.79 -47.99 -28.06
N TYR E 492 31.15 -47.36 -29.04
CA TYR E 492 30.48 -46.09 -28.85
C TYR E 492 28.97 -46.25 -29.06
N SER E 493 28.19 -45.61 -28.19
CA SER E 493 26.75 -45.58 -28.40
C SER E 493 26.45 -44.77 -29.66
N PHE E 494 25.36 -45.13 -30.33
CA PHE E 494 25.03 -44.52 -31.61
C PHE E 494 23.69 -43.80 -31.63
N ILE E 495 22.80 -44.08 -30.69
CA ILE E 495 21.53 -43.37 -30.62
C ILE E 495 21.71 -41.89 -30.32
N ARG E 496 22.88 -41.48 -29.81
CA ARG E 496 23.16 -40.06 -29.60
C ARG E 496 22.86 -39.23 -30.84
N TYR E 497 23.18 -39.75 -32.02
CA TYR E 497 22.96 -38.97 -33.24
C TYR E 497 21.48 -38.87 -33.59
N TYR E 498 20.67 -39.84 -33.17
CA TYR E 498 19.23 -39.75 -33.40
C TYR E 498 18.60 -38.69 -32.51
N THR E 499 18.82 -38.79 -31.18
CA THR E 499 18.22 -37.84 -30.25
C THR E 499 18.71 -36.42 -30.52
N ARG E 500 20.03 -36.26 -30.74
CA ARG E 500 20.58 -34.94 -31.03
C ARG E 500 19.89 -34.29 -32.23
N THR E 501 19.64 -35.07 -33.29
CA THR E 501 19.03 -34.50 -34.48
C THR E 501 17.61 -34.04 -34.19
N LEU E 502 16.86 -34.79 -33.37
CA LEU E 502 15.52 -34.35 -32.99
C LEU E 502 15.59 -33.13 -32.08
N TYR E 503 16.51 -33.13 -31.11
CA TYR E 503 16.64 -32.00 -30.18
C TYR E 503 16.93 -30.70 -30.91
N GLN E 504 17.84 -30.72 -31.89
CA GLN E 504 18.28 -29.47 -32.50
C GLN E 504 17.14 -28.73 -33.21
N PHE E 505 16.19 -29.46 -33.77
CA PHE E 505 15.05 -28.79 -34.40
C PHE E 505 13.99 -28.41 -33.38
N GLN E 506 13.90 -29.14 -32.27
CA GLN E 506 13.08 -28.68 -31.16
C GLN E 506 13.61 -27.36 -30.62
N PHE E 507 14.94 -27.25 -30.50
CA PHE E 507 15.54 -25.99 -30.08
C PHE E 507 15.25 -24.88 -31.09
N GLN E 508 15.54 -25.14 -32.37
CA GLN E 508 15.39 -24.10 -33.39
C GLN E 508 13.95 -23.62 -33.50
N GLU E 509 12.99 -24.54 -33.47
CA GLU E 509 11.59 -24.15 -33.53
C GLU E 509 11.23 -23.28 -32.33
N ALA E 510 11.60 -23.72 -31.12
CA ALA E 510 11.22 -22.99 -29.92
C ALA E 510 11.87 -21.61 -29.86
N LEU E 511 13.13 -21.50 -30.30
CA LEU E 511 13.81 -20.22 -30.29
C LEU E 511 13.26 -19.26 -31.34
N CYS E 512 12.86 -19.79 -32.50
CA CYS E 512 12.27 -18.93 -33.52
C CYS E 512 10.87 -18.50 -33.14
N GLN E 513 10.12 -19.34 -32.44
CA GLN E 513 8.84 -18.91 -31.87
C GLN E 513 9.07 -17.78 -30.87
N ALA E 514 10.11 -17.90 -30.03
CA ALA E 514 10.45 -16.82 -29.13
C ALA E 514 10.94 -15.59 -29.89
N ALA E 515 11.62 -15.79 -31.02
CA ALA E 515 12.03 -14.68 -31.87
C ALA E 515 10.90 -14.20 -32.77
N LYS E 516 9.71 -14.80 -32.67
CA LYS E 516 8.55 -14.41 -33.46
C LYS E 516 8.84 -14.44 -34.96
N HIS E 517 9.53 -15.49 -35.40
CA HIS E 517 9.81 -15.67 -36.81
C HIS E 517 8.53 -16.02 -37.57
N GLU E 518 8.25 -15.26 -38.62
CA GLU E 518 7.10 -15.50 -39.48
C GLU E 518 7.59 -16.04 -40.82
N GLY E 519 7.17 -17.26 -41.14
CA GLY E 519 7.56 -17.89 -42.38
C GLY E 519 8.09 -19.30 -42.18
N PRO E 520 8.77 -19.83 -43.19
CA PRO E 520 9.35 -21.17 -43.07
C PRO E 520 10.41 -21.24 -41.97
N LEU E 521 10.44 -22.37 -41.26
CA LEU E 521 11.37 -22.53 -40.16
C LEU E 521 12.82 -22.55 -40.65
N HIS E 522 13.07 -23.13 -41.82
CA HIS E 522 14.43 -23.26 -42.32
C HIS E 522 15.08 -21.93 -42.69
N LYS E 523 14.29 -20.86 -42.79
CA LYS E 523 14.81 -19.52 -43.10
C LYS E 523 15.02 -18.65 -41.88
N CYS E 524 14.71 -19.17 -40.68
CA CYS E 524 14.82 -18.40 -39.45
C CYS E 524 16.26 -18.29 -38.96
N ASP E 525 16.64 -17.08 -38.54
CA ASP E 525 17.83 -16.87 -37.72
C ASP E 525 17.43 -16.10 -36.46
N ILE E 526 17.94 -16.55 -35.32
CA ILE E 526 17.56 -16.00 -34.02
C ILE E 526 18.30 -14.70 -33.70
N SER E 527 19.05 -14.16 -34.67
CA SER E 527 19.84 -12.96 -34.45
C SER E 527 19.01 -11.82 -33.87
N ASN E 528 19.61 -11.09 -32.94
CA ASN E 528 19.05 -9.90 -32.30
C ASN E 528 17.81 -10.18 -31.46
N SER E 529 17.53 -11.45 -31.17
CA SER E 529 16.38 -11.82 -30.33
C SER E 529 16.90 -12.20 -28.95
N THR E 530 17.01 -11.22 -28.07
CA THR E 530 17.38 -11.50 -26.69
C THR E 530 16.35 -12.40 -26.01
N GLU E 531 15.09 -12.30 -26.42
CA GLU E 531 14.06 -13.16 -25.85
C GLU E 531 14.36 -14.63 -26.14
N ALA E 532 14.85 -14.93 -27.34
CA ALA E 532 15.25 -16.30 -27.66
C ALA E 532 16.52 -16.68 -26.91
N GLY E 533 17.51 -15.79 -26.89
CA GLY E 533 18.76 -16.09 -26.20
C GLY E 533 18.58 -16.28 -24.70
N GLN E 534 17.64 -15.57 -24.10
CA GLN E 534 17.39 -15.76 -22.67
C GLN E 534 16.75 -17.12 -22.41
N LYS E 535 15.82 -17.53 -23.29
CA LYS E 535 15.20 -18.83 -23.15
C LYS E 535 16.21 -19.96 -23.35
N LEU E 536 17.16 -19.76 -24.29
CA LEU E 536 18.24 -20.72 -24.47
C LEU E 536 19.12 -20.81 -23.23
N PHE E 537 19.51 -19.66 -22.68
CA PHE E 537 20.39 -19.63 -21.52
C PHE E 537 19.78 -20.35 -20.31
N ASN E 538 18.45 -20.33 -20.19
CA ASN E 538 17.78 -21.01 -19.07
C ASN E 538 18.06 -22.51 -19.05
N MET E 539 18.44 -23.08 -20.19
CA MET E 539 18.84 -24.49 -20.26
C MET E 539 20.36 -24.65 -20.14
N LEU E 540 21.12 -23.79 -20.84
CA LEU E 540 22.57 -23.91 -20.83
C LEU E 540 23.12 -23.80 -19.42
N ARG E 541 22.52 -22.93 -18.59
CA ARG E 541 23.03 -22.69 -17.25
C ARG E 541 22.95 -23.95 -16.38
N LEU E 542 22.03 -24.86 -16.68
CA LEU E 542 21.83 -26.02 -15.81
C LEU E 542 22.93 -27.06 -15.95
N GLY E 543 23.42 -27.29 -17.17
CA GLY E 543 24.33 -28.40 -17.38
C GLY E 543 23.71 -29.73 -17.01
N LYS E 544 24.40 -30.49 -16.17
CA LYS E 544 23.91 -31.77 -15.66
C LYS E 544 23.12 -31.63 -14.37
N SER E 545 23.01 -30.41 -13.81
CA SER E 545 22.44 -30.27 -12.48
C SER E 545 20.94 -30.58 -12.44
N GLU E 546 20.27 -30.55 -13.58
CA GLU E 546 18.84 -30.81 -13.64
C GLU E 546 18.59 -31.90 -14.65
N PRO E 547 17.46 -32.61 -14.53
CA PRO E 547 17.11 -33.61 -15.53
C PRO E 547 17.06 -33.01 -16.93
N TRP E 548 17.55 -33.77 -17.91
CA TRP E 548 17.49 -33.30 -19.30
C TRP E 548 16.06 -33.07 -19.75
N THR E 549 15.10 -33.77 -19.15
CA THR E 549 13.69 -33.51 -19.43
C THR E 549 13.30 -32.11 -18.97
N LEU E 550 13.87 -31.65 -17.85
CA LEU E 550 13.61 -30.30 -17.39
C LEU E 550 14.39 -29.27 -18.22
N ALA E 551 15.66 -29.57 -18.52
CA ALA E 551 16.45 -28.68 -19.35
C ALA E 551 15.83 -28.51 -20.72
N LEU E 552 15.35 -29.61 -21.32
CA LEU E 552 14.65 -29.52 -22.60
C LEU E 552 13.40 -28.67 -22.48
N GLU E 553 12.69 -28.80 -21.35
CA GLU E 553 11.49 -27.98 -21.13
C GLU E 553 11.82 -26.50 -21.07
N ASN E 554 12.98 -26.13 -20.52
CA ASN E 554 13.37 -24.73 -20.45
C ASN E 554 13.49 -24.08 -21.82
N VAL E 555 13.68 -24.87 -22.87
CA VAL E 555 13.75 -24.36 -24.23
C VAL E 555 12.43 -24.51 -24.96
N VAL E 556 11.84 -25.70 -24.93
CA VAL E 556 10.70 -26.01 -25.78
C VAL E 556 9.38 -26.05 -25.00
N GLY E 557 9.42 -26.12 -23.68
CA GLY E 557 8.22 -26.22 -22.89
C GLY E 557 7.63 -27.61 -22.81
N ALA E 558 8.34 -28.62 -23.29
CA ALA E 558 7.90 -30.00 -23.24
C ALA E 558 8.99 -30.87 -22.63
N LYS E 559 8.57 -31.93 -21.94
CA LYS E 559 9.48 -32.85 -21.28
C LYS E 559 10.04 -33.93 -22.20
N ASN E 560 9.50 -34.08 -23.40
CA ASN E 560 9.77 -35.25 -24.22
C ASN E 560 10.43 -34.88 -25.54
N MET E 561 11.14 -35.85 -26.10
CA MET E 561 11.71 -35.72 -27.43
C MET E 561 10.59 -35.73 -28.47
N ASN E 562 10.66 -34.82 -29.43
CA ASN E 562 9.59 -34.68 -30.41
C ASN E 562 10.18 -34.54 -31.81
N VAL E 563 9.62 -35.30 -32.75
CA VAL E 563 10.08 -35.24 -34.13
C VAL E 563 9.29 -34.25 -34.98
N ARG E 564 8.11 -33.84 -34.53
CA ARG E 564 7.29 -32.92 -35.32
C ARG E 564 7.98 -31.60 -35.62
N PRO E 565 8.77 -31.00 -34.73
CA PRO E 565 9.55 -29.82 -35.15
C PRO E 565 10.53 -30.11 -36.27
N LEU E 566 11.12 -31.32 -36.30
CA LEU E 566 11.97 -31.69 -37.42
C LEU E 566 11.17 -31.79 -38.71
N LEU E 567 9.94 -32.29 -38.62
CA LEU E 567 9.08 -32.37 -39.80
C LEU E 567 8.71 -30.97 -40.30
N ASN E 568 8.46 -30.03 -39.39
CA ASN E 568 8.13 -28.67 -39.79
C ASN E 568 9.29 -28.03 -40.54
N TYR E 569 10.52 -28.39 -40.21
CA TYR E 569 11.68 -27.86 -40.93
C TYR E 569 11.67 -28.33 -42.38
N PHE E 570 11.38 -29.61 -42.61
CA PHE E 570 11.36 -30.19 -43.95
C PHE E 570 9.99 -30.15 -44.59
N GLU E 571 9.00 -29.52 -43.94
CA GLU E 571 7.66 -29.41 -44.51
C GLU E 571 7.64 -28.86 -45.93
N PRO E 572 8.43 -27.83 -46.29
CA PRO E 572 8.42 -27.41 -47.71
C PRO E 572 8.94 -28.48 -48.66
N LEU E 573 10.00 -29.20 -48.27
CA LEU E 573 10.52 -30.28 -49.11
C LEU E 573 9.56 -31.46 -49.15
N PHE E 574 8.94 -31.79 -48.02
CA PHE E 574 8.00 -32.91 -47.97
C PHE E 574 6.82 -32.68 -48.90
N THR E 575 6.32 -31.44 -48.96
CA THR E 575 5.26 -31.12 -49.92
C THR E 575 5.73 -31.29 -51.35
N TRP E 576 6.94 -30.80 -51.65
CA TRP E 576 7.50 -30.95 -52.99
C TRP E 576 7.78 -32.41 -53.32
N LEU E 577 8.25 -33.19 -52.33
CA LEU E 577 8.52 -34.60 -52.56
C LEU E 577 7.24 -35.38 -52.86
N LYS E 578 6.16 -35.09 -52.13
CA LYS E 578 4.88 -35.73 -52.40
C LYS E 578 4.41 -35.48 -53.82
N ASP E 579 4.68 -34.30 -54.36
CA ASP E 579 4.31 -33.99 -55.74
C ASP E 579 5.20 -34.73 -56.74
N GLN E 580 6.51 -34.73 -56.51
CA GLN E 580 7.41 -35.38 -57.45
C GLN E 580 7.20 -36.88 -57.51
N ASN E 581 6.85 -37.48 -56.37
CA ASN E 581 6.72 -38.93 -56.28
C ASN E 581 5.38 -39.46 -56.80
N LYS E 582 4.43 -38.59 -57.15
CA LYS E 582 3.11 -39.06 -57.56
C LYS E 582 3.21 -40.09 -58.68
N ASN E 583 4.13 -39.89 -59.63
CA ASN E 583 4.38 -40.83 -60.72
C ASN E 583 5.33 -41.95 -60.34
N SER E 584 5.84 -41.98 -59.11
CA SER E 584 6.91 -42.88 -58.72
C SER E 584 6.46 -43.88 -57.68
N PHE E 585 7.19 -45.00 -57.62
CA PHE E 585 6.99 -45.97 -56.55
C PHE E 585 7.50 -45.40 -55.22
N VAL E 586 6.64 -45.40 -54.22
CA VAL E 586 7.03 -45.02 -52.86
C VAL E 586 6.91 -46.27 -51.99
N GLY E 587 7.93 -46.52 -51.19
CA GLY E 587 8.03 -47.77 -50.45
C GLY E 587 8.84 -48.80 -51.20
N TRP E 588 9.25 -49.84 -50.48
CA TRP E 588 10.16 -50.83 -51.03
C TRP E 588 9.68 -52.24 -50.68
N SER E 589 10.12 -53.20 -51.48
CA SER E 589 9.92 -54.62 -51.23
C SER E 589 11.21 -55.20 -50.67
N THR E 590 11.09 -55.95 -49.57
CA THR E 590 12.25 -56.55 -48.93
C THR E 590 12.64 -57.89 -49.57
N ASP E 591 11.88 -58.37 -50.56
CA ASP E 591 12.19 -59.66 -51.17
C ASP E 591 13.26 -59.53 -52.25
N TRP E 592 13.25 -58.45 -53.01
CA TRP E 592 14.20 -58.28 -54.09
C TRP E 592 15.61 -58.16 -53.57
N SER E 593 16.56 -58.67 -54.36
CA SER E 593 17.98 -58.59 -54.07
C SER E 593 18.74 -58.53 -55.39
N PRO E 594 19.85 -57.81 -55.46
CA PRO E 594 20.63 -57.76 -56.71
C PRO E 594 21.27 -59.08 -57.07
N TYR E 595 21.54 -59.95 -56.10
CA TYR E 595 22.18 -61.23 -56.37
C TYR E 595 21.15 -62.32 -56.63
N SER F 1 -7.89 37.90 28.06
CA SER F 1 -9.18 37.69 27.39
C SER F 1 -9.42 38.74 26.31
N THR F 2 -9.43 38.31 25.04
CA THR F 2 -9.72 39.22 23.95
C THR F 2 -11.21 39.56 23.93
N ILE F 3 -11.53 40.69 23.29
CA ILE F 3 -12.90 41.15 23.23
C ILE F 3 -13.77 40.20 22.40
N GLU F 4 -13.17 39.48 21.45
CA GLU F 4 -13.94 38.57 20.61
C GLU F 4 -14.47 37.39 21.41
N GLU F 5 -13.64 36.82 22.29
CA GLU F 5 -14.09 35.70 23.10
C GLU F 5 -14.99 36.16 24.24
N GLN F 6 -14.85 37.40 24.70
CA GLN F 6 -15.80 37.93 25.67
C GLN F 6 -17.21 38.00 25.10
N ALA F 7 -17.32 38.39 23.81
CA ALA F 7 -18.63 38.42 23.16
C ALA F 7 -19.18 37.01 22.97
N LYS F 8 -18.31 36.05 22.65
CA LYS F 8 -18.74 34.65 22.61
C LYS F 8 -19.30 34.23 23.96
N THR F 9 -18.61 34.61 25.03
CA THR F 9 -19.08 34.28 26.38
C THR F 9 -20.44 34.92 26.66
N PHE F 10 -20.62 36.18 26.22
CA PHE F 10 -21.92 36.85 26.38
C PHE F 10 -23.02 36.13 25.60
N LEU F 11 -22.74 35.73 24.36
CA LEU F 11 -23.73 35.03 23.57
C LEU F 11 -24.12 33.69 24.18
N ASP F 12 -23.19 33.01 24.85
CA ASP F 12 -23.52 31.77 25.54
C ASP F 12 -24.56 32.00 26.63
N LYS F 13 -24.37 33.06 27.43
CA LYS F 13 -25.36 33.42 28.44
C LYS F 13 -26.67 33.85 27.81
N PHE F 14 -26.59 34.63 26.73
CA PHE F 14 -27.80 35.09 26.06
C PHE F 14 -28.59 33.94 25.47
N ASN F 15 -27.91 32.99 24.82
CA ASN F 15 -28.61 31.91 24.14
C ASN F 15 -29.44 31.09 25.11
N HIS F 16 -28.92 30.82 26.30
CA HIS F 16 -29.69 30.10 27.31
C HIS F 16 -30.91 30.89 27.75
N GLU F 17 -30.69 32.11 28.23
CA GLU F 17 -31.78 32.88 28.81
C GLU F 17 -32.84 33.22 27.76
N ALA F 18 -32.41 33.53 26.53
CA ALA F 18 -33.36 33.87 25.48
C ALA F 18 -34.31 32.71 25.19
N GLU F 19 -33.80 31.48 25.16
CA GLU F 19 -34.64 30.33 24.84
C GLU F 19 -35.74 30.12 25.88
N ASP F 20 -35.41 30.31 27.16
CA ASP F 20 -36.41 30.13 28.20
C ASP F 20 -37.48 31.22 28.12
N LEU F 21 -37.05 32.48 27.98
CA LEU F 21 -38.01 33.58 27.96
C LEU F 21 -38.81 33.59 26.65
N PHE F 22 -38.15 33.28 25.52
CA PHE F 22 -38.88 33.21 24.26
C PHE F 22 -39.94 32.12 24.30
N TYR F 23 -39.61 30.96 24.87
CA TYR F 23 -40.57 29.87 24.95
C TYR F 23 -41.80 30.27 25.76
N GLN F 24 -41.58 30.93 26.91
CA GLN F 24 -42.70 31.38 27.73
C GLN F 24 -43.59 32.33 26.93
N SER F 25 -42.98 33.28 26.21
CA SER F 25 -43.76 34.17 25.35
C SER F 25 -44.47 33.38 24.25
N SER F 26 -43.74 32.48 23.59
CA SER F 26 -44.33 31.73 22.48
C SER F 26 -45.46 30.83 22.96
N LEU F 27 -45.27 30.15 24.09
CA LEU F 27 -46.33 29.30 24.63
C LEU F 27 -47.51 30.13 25.10
N ALA F 28 -47.23 31.29 25.69
CA ALA F 28 -48.32 32.18 26.12
C ALA F 28 -49.12 32.67 24.92
N SER F 29 -48.44 33.06 23.85
CA SER F 29 -49.15 33.48 22.64
C SER F 29 -49.97 32.34 22.05
N TRP F 30 -49.38 31.14 22.01
CA TRP F 30 -50.12 29.96 21.54
C TRP F 30 -51.38 29.73 22.37
N ASN F 31 -51.26 29.84 23.69
CA ASN F 31 -52.41 29.60 24.55
C ASN F 31 -53.52 30.61 24.28
N TYR F 32 -53.18 31.86 23.96
CA TYR F 32 -54.19 32.84 23.63
C TYR F 32 -54.81 32.54 22.27
N ASN F 33 -53.98 32.37 21.24
CA ASN F 33 -54.50 32.16 19.89
C ASN F 33 -55.35 30.91 19.78
N THR F 34 -55.10 29.91 20.62
CA THR F 34 -55.90 28.70 20.65
C THR F 34 -57.04 28.74 21.66
N ASN F 35 -57.03 29.71 22.58
CA ASN F 35 -57.99 29.76 23.68
C ASN F 35 -58.13 31.23 24.08
N ILE F 36 -58.95 31.95 23.31
CA ILE F 36 -59.09 33.40 23.46
C ILE F 36 -59.81 33.69 24.77
N THR F 37 -59.08 34.24 25.74
CA THR F 37 -59.65 34.66 27.01
C THR F 37 -58.89 35.89 27.48
N GLU F 38 -59.56 36.71 28.30
CA GLU F 38 -58.90 37.91 28.84
C GLU F 38 -57.73 37.54 29.74
N GLU F 39 -57.81 36.40 30.43
CA GLU F 39 -56.66 35.92 31.21
C GLU F 39 -55.51 35.55 30.28
N ASN F 40 -55.81 34.87 29.18
CA ASN F 40 -54.75 34.47 28.25
C ASN F 40 -54.16 35.68 27.52
N VAL F 41 -54.96 36.72 27.30
CA VAL F 41 -54.41 37.98 26.79
C VAL F 41 -53.42 38.58 27.78
N GLN F 42 -53.78 38.56 29.07
CA GLN F 42 -52.89 39.07 30.11
C GLN F 42 -51.62 38.22 30.21
N ASN F 43 -51.76 36.90 30.13
CA ASN F 43 -50.60 36.03 30.18
C ASN F 43 -49.67 36.25 29.00
N MET F 44 -50.24 36.36 27.79
CA MET F 44 -49.43 36.68 26.62
C MET F 44 -48.79 38.05 26.76
N ASN F 45 -49.55 39.03 27.26
CA ASN F 45 -49.01 40.37 27.43
C ASN F 45 -47.89 40.39 28.47
N ASN F 46 -48.09 39.72 29.60
CA ASN F 46 -47.05 39.64 30.61
C ASN F 46 -45.78 38.98 30.06
N ALA F 47 -45.95 37.86 29.36
CA ALA F 47 -44.80 37.18 28.77
C ALA F 47 -44.17 38.01 27.67
N GLY F 48 -44.98 38.68 26.86
CA GLY F 48 -44.44 39.54 25.82
C GLY F 48 -43.65 40.71 26.39
N ASP F 49 -44.13 41.28 27.50
CA ASP F 49 -43.39 42.36 28.15
C ASP F 49 -42.08 41.86 28.73
N LYS F 50 -42.10 40.70 29.39
CA LYS F 50 -40.87 40.15 29.98
C LYS F 50 -39.85 39.80 28.90
N TRP F 51 -40.32 39.34 27.73
CA TRP F 51 -39.42 39.06 26.63
C TRP F 51 -38.85 40.35 26.03
N SER F 52 -39.70 41.33 25.76
CA SER F 52 -39.23 42.60 25.20
C SER F 52 -38.29 43.32 26.16
N ALA F 53 -38.54 43.21 27.46
CA ALA F 53 -37.63 43.80 28.44
C ALA F 53 -36.27 43.11 28.41
N PHE F 54 -36.27 41.78 28.27
CA PHE F 54 -35.01 41.04 28.19
C PHE F 54 -34.22 41.43 26.95
N LEU F 55 -34.89 41.49 25.79
CA LEU F 55 -34.21 41.93 24.57
C LEU F 55 -33.68 43.35 24.71
N LYS F 56 -34.46 44.26 25.29
CA LYS F 56 -34.01 45.64 25.47
C LYS F 56 -32.74 45.68 26.32
N GLU F 57 -32.74 44.96 27.44
CA GLU F 57 -31.55 44.95 28.30
C GLU F 57 -30.37 44.32 27.59
N GLN F 58 -30.58 43.16 26.97
CA GLN F 58 -29.48 42.45 26.33
C GLN F 58 -28.94 43.21 25.13
N SER F 59 -29.80 43.91 24.40
CA SER F 59 -29.34 44.71 23.26
C SER F 59 -28.38 45.79 23.72
N THR F 60 -28.65 46.42 24.87
CA THR F 60 -27.73 47.40 25.41
C THR F 60 -26.37 46.78 25.74
N LEU F 61 -26.37 45.59 26.34
CA LEU F 61 -25.10 44.93 26.65
C LEU F 61 -24.36 44.52 25.38
N ALA F 62 -25.10 44.14 24.33
CA ALA F 62 -24.45 43.76 23.08
C ALA F 62 -23.65 44.90 22.48
N GLN F 63 -24.15 46.14 22.60
CA GLN F 63 -23.45 47.28 22.01
C GLN F 63 -22.14 47.61 22.71
N MET F 64 -21.82 46.95 23.82
CA MET F 64 -20.54 47.16 24.47
C MET F 64 -19.41 46.36 23.82
N TYR F 65 -19.72 45.49 22.85
CA TYR F 65 -18.71 44.77 22.10
C TYR F 65 -18.64 45.34 20.69
N PRO F 66 -17.64 46.16 20.37
CA PRO F 66 -17.53 46.75 19.02
C PRO F 66 -17.28 45.70 17.95
N LEU F 67 -18.18 45.64 16.96
CA LEU F 67 -18.10 44.60 15.94
C LEU F 67 -16.80 44.65 15.14
N GLN F 68 -16.22 45.84 14.99
CA GLN F 68 -14.98 45.96 14.21
C GLN F 68 -13.81 45.23 14.85
N GLU F 69 -13.94 44.84 16.11
CA GLU F 69 -12.96 44.02 16.81
C GLU F 69 -13.30 42.55 16.78
N ILE F 70 -14.42 42.17 16.18
CA ILE F 70 -14.88 40.78 16.13
C ILE F 70 -14.37 40.15 14.84
N GLN F 71 -13.52 39.13 14.97
CA GLN F 71 -12.96 38.47 13.80
C GLN F 71 -13.87 37.37 13.27
N ASN F 72 -14.47 36.60 14.18
CA ASN F 72 -15.36 35.51 13.82
C ASN F 72 -16.64 36.07 13.21
N LEU F 73 -16.88 35.76 11.93
CA LEU F 73 -18.05 36.32 11.25
C LEU F 73 -19.35 35.74 11.80
N THR F 74 -19.36 34.47 12.18
CA THR F 74 -20.57 33.87 12.74
C THR F 74 -20.94 34.55 14.05
N VAL F 75 -19.95 34.89 14.88
CA VAL F 75 -20.20 35.67 16.08
C VAL F 75 -20.61 37.09 15.71
N LYS F 76 -19.96 37.67 14.70
CA LYS F 76 -20.27 39.04 14.28
C LYS F 76 -21.71 39.17 13.81
N LEU F 77 -22.22 38.17 13.09
CA LEU F 77 -23.61 38.21 12.64
C LEU F 77 -24.58 38.17 13.82
N GLN F 78 -24.27 37.33 14.83
CA GLN F 78 -25.14 37.22 15.99
C GLN F 78 -25.19 38.52 16.78
N LEU F 79 -24.03 39.09 17.10
CA LEU F 79 -23.98 40.35 17.85
C LEU F 79 -24.71 41.45 17.11
N GLN F 80 -24.49 41.55 15.80
CA GLN F 80 -25.12 42.61 15.00
C GLN F 80 -26.64 42.57 15.12
N ALA F 81 -27.22 41.37 15.18
CA ALA F 81 -28.67 41.25 15.32
C ALA F 81 -29.16 41.83 16.65
N LEU F 82 -28.35 41.75 17.70
CA LEU F 82 -28.75 42.34 18.98
C LEU F 82 -28.44 43.84 19.03
N GLN F 83 -27.34 44.27 18.41
CA GLN F 83 -26.89 45.66 18.48
C GLN F 83 -27.78 46.62 17.70
N GLN F 84 -28.84 46.13 17.04
CA GLN F 84 -29.71 46.97 16.24
C GLN F 84 -30.27 48.14 17.05
N ASN F 85 -29.88 49.36 16.68
CA ASN F 85 -30.44 50.54 17.35
C ASN F 85 -31.83 50.86 16.81
N GLY F 86 -31.95 51.09 15.51
CA GLY F 86 -33.25 51.41 14.94
C GLY F 86 -33.73 52.77 15.43
N SER F 87 -35.00 52.81 15.86
CA SER F 87 -35.58 54.06 16.34
C SER F 87 -34.90 54.59 17.59
N SER F 88 -34.02 53.80 18.22
CA SER F 88 -33.30 54.27 19.40
C SER F 88 -32.35 55.42 19.08
N VAL F 89 -32.05 55.66 17.80
CA VAL F 89 -31.21 56.79 17.43
C VAL F 89 -31.98 58.10 17.50
N LEU F 90 -33.30 58.06 17.34
CA LEU F 90 -34.10 59.27 17.39
C LEU F 90 -34.22 59.79 18.82
N SER F 91 -34.44 61.09 18.95
CA SER F 91 -34.74 61.71 20.22
C SER F 91 -36.08 61.21 20.76
N GLU F 92 -36.28 61.37 22.07
CA GLU F 92 -37.53 60.93 22.69
C GLU F 92 -38.74 61.62 22.07
N ASP F 93 -38.61 62.91 21.73
CA ASP F 93 -39.70 63.63 21.09
C ASP F 93 -40.03 63.02 19.73
N LYS F 94 -39.02 62.85 18.88
CA LYS F 94 -39.25 62.28 17.55
C LYS F 94 -39.61 60.80 17.63
N SER F 95 -39.08 60.07 18.62
CA SER F 95 -39.45 58.67 18.79
C SER F 95 -40.92 58.51 19.12
N LYS F 96 -41.41 59.31 20.07
CA LYS F 96 -42.83 59.24 20.43
C LYS F 96 -43.72 59.72 19.29
N ARG F 97 -43.26 60.72 18.53
CA ARG F 97 -44.06 61.24 17.42
C ARG F 97 -44.15 60.23 16.28
N LEU F 98 -43.07 59.51 16.01
CA LEU F 98 -43.11 58.47 14.98
C LEU F 98 -44.03 57.33 15.40
N ASN F 99 -43.93 56.89 16.66
CA ASN F 99 -44.82 55.84 17.15
C ASN F 99 -46.27 56.30 17.13
N THR F 100 -46.52 57.55 17.52
CA THR F 100 -47.87 58.10 17.43
C THR F 100 -48.35 58.14 15.98
N ILE F 101 -47.48 58.57 15.07
CA ILE F 101 -47.84 58.61 13.65
C ILE F 101 -48.14 57.21 13.13
N LEU F 102 -47.32 56.23 13.49
CA LEU F 102 -47.55 54.86 13.06
C LEU F 102 -48.88 54.34 13.58
N ASN F 103 -49.16 54.54 14.86
CA ASN F 103 -50.42 54.09 15.43
C ASN F 103 -51.60 54.81 14.80
N THR F 104 -51.44 56.09 14.45
CA THR F 104 -52.52 56.84 13.81
C THR F 104 -52.81 56.30 12.42
N MET F 105 -51.77 56.10 11.60
CA MET F 105 -51.96 55.55 10.27
C MET F 105 -52.50 54.14 10.33
N SER F 106 -51.99 53.32 11.26
CA SER F 106 -52.51 51.97 11.42
C SER F 106 -53.97 51.99 11.86
N THR F 107 -54.31 52.88 12.80
CA THR F 107 -55.70 52.98 13.26
C THR F 107 -56.59 53.55 12.17
N ILE F 108 -56.08 54.52 11.40
CA ILE F 108 -56.85 55.07 10.29
C ILE F 108 -57.18 53.98 9.27
N TYR F 109 -56.20 53.14 8.95
CA TYR F 109 -56.46 52.03 8.03
C TYR F 109 -57.40 51.00 8.66
N SER F 110 -57.15 50.64 9.92
CA SER F 110 -57.92 49.58 10.56
C SER F 110 -59.35 50.01 10.87
N THR F 111 -59.59 51.31 11.05
CA THR F 111 -60.90 51.81 11.43
C THR F 111 -61.60 52.60 10.33
N GLY F 112 -60.90 52.95 9.26
CA GLY F 112 -61.49 53.70 8.17
C GLY F 112 -62.64 52.98 7.49
N LEU F 125 -66.68 49.52 5.69
CA LEU F 125 -65.29 49.18 5.91
C LEU F 125 -64.70 48.50 4.66
N LEU F 126 -63.36 48.44 4.62
CA LEU F 126 -62.69 47.74 3.52
C LEU F 126 -63.07 46.27 3.49
N GLU F 127 -62.86 45.56 4.59
CA GLU F 127 -63.21 44.15 4.71
C GLU F 127 -64.39 43.98 5.65
N PRO F 128 -65.44 43.25 5.25
CA PRO F 128 -65.59 42.56 3.96
C PRO F 128 -66.29 43.41 2.90
N GLY F 129 -66.79 44.59 3.28
CA GLY F 129 -67.66 45.37 2.42
C GLY F 129 -67.07 45.74 1.08
N LEU F 130 -66.06 46.62 1.08
CA LEU F 130 -65.48 47.06 -0.18
C LEU F 130 -64.75 45.92 -0.89
N ASN F 131 -64.11 45.02 -0.13
CA ASN F 131 -63.38 43.91 -0.73
C ASN F 131 -64.32 42.98 -1.49
N GLU F 132 -65.54 42.77 -0.98
CA GLU F 132 -66.50 41.93 -1.69
C GLU F 132 -66.92 42.54 -3.01
N ILE F 133 -67.04 43.86 -3.07
CA ILE F 133 -67.43 44.54 -4.31
C ILE F 133 -66.34 44.39 -5.37
N MET F 134 -65.09 44.66 -5.01
CA MET F 134 -64.01 44.63 -5.99
C MET F 134 -63.84 43.24 -6.60
N ALA F 135 -64.14 42.19 -5.83
CA ALA F 135 -64.00 40.82 -6.33
C ALA F 135 -65.23 40.37 -7.11
N ASN F 136 -66.43 40.75 -6.66
CA ASN F 136 -67.66 40.18 -7.19
C ASN F 136 -68.49 41.14 -8.02
N SER F 137 -68.42 42.45 -7.78
CA SER F 137 -69.30 43.38 -8.48
C SER F 137 -68.85 43.53 -9.93
N LEU F 138 -69.82 43.63 -10.84
CA LEU F 138 -69.56 43.87 -12.26
C LEU F 138 -70.07 45.22 -12.73
N ASP F 139 -70.54 46.07 -11.81
CA ASP F 139 -71.05 47.38 -12.17
C ASP F 139 -69.89 48.37 -12.21
N TYR F 140 -69.65 48.95 -13.39
CA TYR F 140 -68.53 49.87 -13.58
C TYR F 140 -68.58 51.02 -12.57
N ASN F 141 -69.77 51.56 -12.33
CA ASN F 141 -69.88 52.70 -11.43
C ASN F 141 -69.80 52.28 -9.97
N GLU F 142 -70.28 51.09 -9.64
CA GLU F 142 -70.16 50.59 -8.27
C GLU F 142 -68.71 50.29 -7.92
N ARG F 143 -67.98 49.63 -8.83
CA ARG F 143 -66.57 49.34 -8.59
C ARG F 143 -65.75 50.63 -8.54
N LEU F 144 -66.06 51.59 -9.43
CA LEU F 144 -65.39 52.88 -9.38
C LEU F 144 -65.69 53.61 -8.07
N TRP F 145 -66.93 53.52 -7.59
CA TRP F 145 -67.30 54.16 -6.33
C TRP F 145 -66.49 53.62 -5.17
N ALA F 146 -66.43 52.28 -5.04
CA ALA F 146 -65.66 51.69 -3.96
C ALA F 146 -64.18 52.02 -4.07
N TRP F 147 -63.62 51.95 -5.29
CA TRP F 147 -62.20 52.24 -5.48
C TRP F 147 -61.88 53.70 -5.14
N GLU F 148 -62.72 54.63 -5.58
CA GLU F 148 -62.45 56.04 -5.36
C GLU F 148 -62.76 56.47 -3.93
N SER F 149 -63.82 55.93 -3.33
CA SER F 149 -64.19 56.32 -1.98
C SER F 149 -63.12 55.90 -0.96
N TRP F 150 -62.51 54.74 -1.17
CA TRP F 150 -61.43 54.31 -0.29
C TRP F 150 -60.25 55.26 -0.38
N ARG F 151 -59.86 55.65 -1.59
CA ARG F 151 -58.71 56.53 -1.78
C ARG F 151 -59.02 57.95 -1.31
N SER F 152 -60.24 58.43 -1.56
CA SER F 152 -60.58 59.81 -1.18
C SER F 152 -60.83 59.96 0.32
N GLU F 153 -61.57 59.03 0.92
CA GLU F 153 -61.90 59.14 2.34
C GLU F 153 -60.71 58.81 3.24
N VAL F 154 -60.08 57.66 2.99
CA VAL F 154 -58.99 57.20 3.85
C VAL F 154 -57.64 57.73 3.38
N GLY F 155 -57.35 57.61 2.08
CA GLY F 155 -56.04 57.97 1.58
C GLY F 155 -55.70 59.44 1.78
N LYS F 156 -56.69 60.32 1.63
CA LYS F 156 -56.44 61.74 1.84
C LYS F 156 -56.17 62.04 3.30
N GLN F 157 -56.78 61.29 4.22
CA GLN F 157 -56.47 61.47 5.63
C GLN F 157 -55.06 60.99 5.97
N LEU F 158 -54.57 59.97 5.27
CA LEU F 158 -53.22 59.48 5.51
C LEU F 158 -52.17 60.41 4.91
N ARG F 159 -52.53 61.14 3.85
CA ARG F 159 -51.57 61.97 3.11
C ARG F 159 -50.74 62.91 3.99
N PRO F 160 -51.33 63.75 4.85
CA PRO F 160 -50.49 64.65 5.66
C PRO F 160 -49.66 63.91 6.69
N LEU F 161 -50.16 62.78 7.21
CA LEU F 161 -49.36 62.01 8.16
C LEU F 161 -48.18 61.34 7.46
N TYR F 162 -48.41 60.79 6.26
CA TYR F 162 -47.35 60.10 5.54
C TYR F 162 -46.22 61.06 5.16
N GLU F 163 -46.55 62.31 4.85
CA GLU F 163 -45.51 63.29 4.58
C GLU F 163 -44.58 63.47 5.78
N GLU F 164 -45.15 63.48 6.99
CA GLU F 164 -44.32 63.51 8.19
C GLU F 164 -43.63 62.18 8.41
N TYR F 165 -44.32 61.08 8.09
CA TYR F 165 -43.74 59.74 8.21
C TYR F 165 -42.49 59.59 7.36
N VAL F 166 -42.53 60.08 6.11
CA VAL F 166 -41.38 60.00 5.23
C VAL F 166 -40.19 60.77 5.81
N VAL F 167 -40.45 61.94 6.38
CA VAL F 167 -39.37 62.75 6.94
C VAL F 167 -38.78 62.09 8.18
N LEU F 168 -39.63 61.51 9.03
CA LEU F 168 -39.14 60.92 10.27
C LEU F 168 -38.33 59.65 10.02
N LYS F 169 -38.77 58.80 9.10
CA LYS F 169 -38.05 57.55 8.83
C LYS F 169 -36.67 57.83 8.24
N ASN F 170 -36.61 58.71 7.24
CA ASN F 170 -35.33 59.06 6.64
C ASN F 170 -34.37 59.65 7.67
N GLU F 171 -34.88 60.47 8.58
CA GLU F 171 -34.04 60.98 9.67
C GLU F 171 -33.49 59.84 10.52
N MET F 172 -34.33 58.83 10.80
CA MET F 172 -33.88 57.66 11.52
C MET F 172 -32.82 56.89 10.72
N ALA F 173 -33.06 56.69 9.42
CA ALA F 173 -32.15 55.88 8.61
C ALA F 173 -30.80 56.56 8.45
N ARG F 174 -30.80 57.86 8.16
CA ARG F 174 -29.53 58.59 8.03
C ARG F 174 -28.79 58.65 9.36
N ALA F 175 -29.51 58.62 10.48
CA ALA F 175 -28.84 58.52 11.78
C ALA F 175 -28.20 57.14 11.96
N ASN F 176 -28.75 56.12 11.30
CA ASN F 176 -28.18 54.78 11.32
C ASN F 176 -27.19 54.56 10.19
N HIS F 177 -26.69 55.63 9.57
CA HIS F 177 -25.67 55.61 8.53
C HIS F 177 -26.16 55.01 7.22
N TYR F 178 -27.47 55.02 6.98
CA TYR F 178 -28.03 54.63 5.70
C TYR F 178 -28.35 55.86 4.85
N GLU F 179 -28.39 55.65 3.53
CA GLU F 179 -28.68 56.75 2.63
C GLU F 179 -30.11 57.25 2.82
N ASP F 180 -31.05 56.34 3.01
CA ASP F 180 -32.46 56.68 3.23
C ASP F 180 -33.16 55.47 3.83
N TYR F 181 -34.44 55.63 4.14
CA TYR F 181 -35.20 54.55 4.76
C TYR F 181 -35.40 53.36 3.81
N GLY F 182 -35.37 53.60 2.50
CA GLY F 182 -35.38 52.49 1.57
C GLY F 182 -34.07 51.71 1.59
N ASP F 183 -32.96 52.43 1.67
CA ASP F 183 -31.66 51.78 1.86
C ASP F 183 -31.65 50.97 3.15
N TYR F 184 -32.35 51.45 4.18
CA TYR F 184 -32.48 50.69 5.42
C TYR F 184 -33.17 49.36 5.17
N TRP F 185 -34.28 49.38 4.43
CA TRP F 185 -34.98 48.13 4.11
C TRP F 185 -34.11 47.20 3.27
N ARG F 186 -33.36 47.77 2.33
CA ARG F 186 -32.44 46.96 1.51
C ARG F 186 -31.30 46.38 2.32
N GLY F 187 -31.16 46.75 3.60
CA GLY F 187 -30.18 46.13 4.47
C GLY F 187 -30.45 44.67 4.77
N ASP F 188 -31.68 44.21 4.51
CA ASP F 188 -32.03 42.82 4.79
C ASP F 188 -31.27 41.85 3.89
N TYR F 189 -30.91 42.27 2.68
CA TYR F 189 -30.19 41.45 1.72
C TYR F 189 -28.68 41.69 1.73
N GLU F 190 -28.20 42.63 2.54
CA GLU F 190 -26.79 43.00 2.52
C GLU F 190 -25.90 41.88 3.06
N VAL F 191 -24.82 41.59 2.33
CA VAL F 191 -23.79 40.65 2.76
C VAL F 191 -22.42 41.30 2.57
N ASN F 192 -21.63 41.34 3.65
CA ASN F 192 -20.27 41.87 3.62
C ASN F 192 -19.32 40.90 4.31
N GLY F 193 -18.07 40.92 3.86
CA GLY F 193 -17.01 40.17 4.48
C GLY F 193 -16.91 38.70 4.09
N VAL F 194 -17.72 38.24 3.14
CA VAL F 194 -17.69 36.86 2.66
C VAL F 194 -17.27 36.90 1.20
N ASP F 195 -15.98 36.71 0.95
CA ASP F 195 -15.45 36.80 -0.41
C ASP F 195 -16.18 35.85 -1.34
N GLY F 196 -16.54 36.37 -2.53
CA GLY F 196 -17.28 35.60 -3.49
C GLY F 196 -18.78 35.54 -3.26
N TYR F 197 -19.26 36.03 -2.12
CA TYR F 197 -20.69 36.00 -1.82
C TYR F 197 -21.24 37.33 -1.33
N ASP F 198 -20.41 38.36 -1.22
CA ASP F 198 -20.89 39.66 -0.77
C ASP F 198 -21.98 40.19 -1.70
N TYR F 199 -22.79 41.11 -1.17
CA TYR F 199 -23.92 41.66 -1.89
C TYR F 199 -24.20 43.04 -1.35
N SER F 200 -24.11 44.06 -2.21
CA SER F 200 -24.31 45.44 -1.80
C SER F 200 -25.78 45.80 -1.85
N ARG F 201 -26.17 46.78 -1.02
CA ARG F 201 -27.57 47.17 -0.96
C ARG F 201 -28.06 47.76 -2.28
N GLY F 202 -27.16 48.37 -3.05
CA GLY F 202 -27.53 48.85 -4.37
C GLY F 202 -27.72 47.75 -5.39
N GLN F 203 -27.08 46.58 -5.18
CA GLN F 203 -27.21 45.49 -6.13
C GLN F 203 -28.64 44.96 -6.21
N LEU F 204 -29.40 45.09 -5.12
CA LEU F 204 -30.81 44.66 -5.15
C LEU F 204 -31.61 45.48 -6.15
N ILE F 205 -31.36 46.78 -6.23
CA ILE F 205 -32.06 47.62 -7.20
C ILE F 205 -31.70 47.18 -8.62
N GLU F 206 -30.41 46.95 -8.88
CA GLU F 206 -29.99 46.48 -10.19
C GLU F 206 -30.55 45.10 -10.49
N ASP F 207 -30.54 44.21 -9.49
CA ASP F 207 -31.02 42.85 -9.71
C ASP F 207 -32.53 42.80 -9.93
N VAL F 208 -33.28 43.63 -9.21
CA VAL F 208 -34.73 43.65 -9.37
C VAL F 208 -35.10 44.12 -10.76
N GLU F 209 -34.51 45.24 -11.21
CA GLU F 209 -34.77 45.75 -12.55
C GLU F 209 -34.27 44.80 -13.62
N HIS F 210 -33.13 44.15 -13.37
CA HIS F 210 -32.56 43.22 -14.35
C HIS F 210 -33.50 42.05 -14.60
N THR F 211 -34.05 41.47 -13.52
CA THR F 211 -35.00 40.37 -13.68
C THR F 211 -36.36 40.87 -14.17
N PHE F 212 -36.76 42.08 -13.77
CA PHE F 212 -38.06 42.61 -14.18
C PHE F 212 -38.12 42.84 -15.68
N GLU F 213 -36.99 43.21 -16.30
CA GLU F 213 -36.96 43.38 -17.76
C GLU F 213 -37.34 42.10 -18.48
N GLU F 214 -37.03 40.94 -17.88
CA GLU F 214 -37.36 39.67 -18.51
C GLU F 214 -38.82 39.28 -18.31
N ILE F 215 -39.46 39.79 -17.26
CA ILE F 215 -40.87 39.52 -17.04
C ILE F 215 -41.79 40.48 -17.79
N LYS F 216 -41.27 41.63 -18.21
CA LYS F 216 -42.05 42.60 -18.97
C LYS F 216 -42.75 42.00 -20.18
N PRO F 217 -42.10 41.18 -21.04
CA PRO F 217 -42.84 40.59 -22.17
C PRO F 217 -43.99 39.70 -21.73
N LEU F 218 -43.76 38.85 -20.73
CA LEU F 218 -44.83 37.97 -20.25
C LEU F 218 -45.97 38.76 -19.63
N TYR F 219 -45.66 39.78 -18.83
CA TYR F 219 -46.69 40.59 -18.21
C TYR F 219 -47.50 41.33 -19.25
N GLU F 220 -46.83 41.88 -20.27
CA GLU F 220 -47.53 42.59 -21.33
C GLU F 220 -48.48 41.65 -22.09
N HIS F 221 -48.05 40.41 -22.33
CA HIS F 221 -48.91 39.45 -23.01
C HIS F 221 -50.05 39.00 -22.11
N LEU F 222 -49.81 38.88 -20.81
CA LEU F 222 -50.90 38.61 -19.87
C LEU F 222 -51.88 39.77 -19.82
N HIS F 223 -51.35 41.01 -19.75
CA HIS F 223 -52.20 42.18 -19.79
C HIS F 223 -53.04 42.23 -21.06
N ALA F 224 -52.44 41.89 -22.20
CA ALA F 224 -53.17 41.91 -23.47
C ALA F 224 -54.33 40.92 -23.44
N TYR F 225 -54.05 39.69 -22.99
CA TYR F 225 -55.12 38.65 -23.02
C TYR F 225 -56.29 39.08 -22.13
N VAL F 226 -55.99 39.63 -20.94
CA VAL F 226 -57.06 40.00 -20.01
C VAL F 226 -57.87 41.18 -20.51
N ARG F 227 -57.20 42.17 -21.13
CA ARG F 227 -57.90 43.35 -21.63
C ARG F 227 -58.97 42.98 -22.65
N ALA F 228 -58.64 42.11 -23.60
CA ALA F 228 -59.62 41.69 -24.61
C ALA F 228 -60.79 40.99 -23.95
N LYS F 229 -60.52 40.12 -22.97
CA LYS F 229 -61.58 39.43 -22.24
C LYS F 229 -62.35 40.38 -21.33
N LEU F 230 -61.66 41.38 -20.75
CA LEU F 230 -62.33 42.27 -19.79
C LEU F 230 -63.43 43.10 -20.43
N MET F 231 -63.25 43.51 -21.69
CA MET F 231 -64.30 44.27 -22.35
C MET F 231 -65.52 43.42 -22.64
N ASN F 232 -65.33 42.12 -22.88
CA ASN F 232 -66.44 41.20 -23.09
C ASN F 232 -67.23 40.97 -21.81
N TYR F 237 -66.24 48.91 -22.26
CA TYR F 237 -65.80 50.06 -21.48
C TYR F 237 -64.29 50.26 -21.58
N ILE F 238 -63.59 49.22 -22.00
CA ILE F 238 -62.13 49.20 -22.01
C ILE F 238 -61.65 49.32 -23.45
N SER F 239 -60.83 50.34 -23.72
CA SER F 239 -60.19 50.52 -25.01
C SER F 239 -58.96 49.62 -25.11
N PRO F 240 -58.71 48.99 -26.27
CA PRO F 240 -57.54 48.15 -26.47
C PRO F 240 -56.23 48.94 -26.42
N LEU F 244 -55.12 49.31 -18.21
CA LEU F 244 -56.34 48.80 -17.58
C LEU F 244 -56.82 49.75 -16.49
N PRO F 245 -58.13 50.01 -16.46
CA PRO F 245 -58.69 50.86 -15.40
C PRO F 245 -58.44 50.26 -14.03
N ALA F 246 -57.96 51.10 -13.11
CA ALA F 246 -57.52 50.63 -11.80
C ALA F 246 -58.66 50.05 -10.96
N HIS F 247 -59.91 50.40 -11.25
CA HIS F 247 -61.04 49.90 -10.48
C HIS F 247 -61.58 48.60 -11.07
N ASP F 251 -59.95 43.17 -6.95
CA ASP F 251 -59.25 43.58 -5.73
C ASP F 251 -59.31 45.10 -5.55
N MET F 252 -59.20 45.56 -4.30
CA MET F 252 -59.27 46.98 -4.00
C MET F 252 -58.08 47.75 -4.56
N TRP F 253 -56.93 47.09 -4.73
CA TRP F 253 -55.72 47.74 -5.20
C TRP F 253 -55.15 47.13 -6.47
N GLY F 254 -55.69 46.02 -6.96
CA GLY F 254 -55.11 45.33 -8.09
C GLY F 254 -53.90 44.50 -7.76
N ARG F 255 -53.75 44.08 -6.51
CA ARG F 255 -52.59 43.29 -6.11
C ARG F 255 -52.61 41.91 -6.75
N PHE F 256 -53.80 41.32 -6.89
CA PHE F 256 -53.95 40.01 -7.51
C PHE F 256 -55.08 40.04 -8.52
N TRP F 257 -54.84 39.44 -9.69
CA TRP F 257 -55.86 39.29 -10.72
C TRP F 257 -56.58 37.95 -10.63
N THR F 258 -56.49 37.28 -9.47
CA THR F 258 -57.10 35.96 -9.32
C THR F 258 -58.60 36.01 -9.50
N ASN F 259 -59.24 37.09 -9.04
CA ASN F 259 -60.69 37.20 -9.15
C ASN F 259 -61.18 37.41 -10.58
N LEU F 260 -60.27 37.74 -11.50
CA LEU F 260 -60.60 37.85 -12.91
C LEU F 260 -60.65 36.50 -13.62
N TYR F 261 -60.36 35.40 -12.90
CA TYR F 261 -60.37 34.08 -13.53
C TYR F 261 -61.73 33.75 -14.11
N SER F 262 -62.81 34.15 -13.43
CA SER F 262 -64.15 33.91 -13.94
C SER F 262 -64.38 34.60 -15.28
N LEU F 263 -63.71 35.73 -15.51
CA LEU F 263 -63.86 36.46 -16.76
C LEU F 263 -62.83 36.08 -17.81
N THR F 264 -61.70 35.50 -17.41
CA THR F 264 -60.58 35.25 -18.31
C THR F 264 -60.27 33.78 -18.53
N VAL F 265 -61.05 32.87 -17.95
CA VAL F 265 -60.81 31.44 -18.04
C VAL F 265 -60.68 31.02 -19.50
N PRO F 266 -59.59 30.39 -19.92
CA PRO F 266 -59.41 30.11 -21.35
C PRO F 266 -60.39 29.08 -21.90
N PHE F 267 -60.70 28.01 -21.14
CA PHE F 267 -61.63 26.96 -21.59
C PHE F 267 -62.56 26.62 -20.44
N GLY F 268 -63.55 27.48 -20.21
CA GLY F 268 -64.45 27.34 -19.07
C GLY F 268 -65.33 26.12 -19.15
N ILE F 273 -59.13 20.99 -11.27
CA ILE F 273 -59.11 19.73 -10.54
C ILE F 273 -59.10 20.01 -9.03
N ASP F 274 -60.24 19.80 -8.39
CA ASP F 274 -60.40 19.98 -6.95
C ASP F 274 -60.77 18.64 -6.34
N VAL F 275 -59.86 18.07 -5.56
CA VAL F 275 -60.07 16.76 -4.94
C VAL F 275 -60.89 16.89 -3.67
N THR F 276 -61.44 18.09 -3.43
CA THR F 276 -62.27 18.30 -2.26
C THR F 276 -63.45 17.32 -2.23
N ASP F 277 -64.06 17.07 -3.38
CA ASP F 277 -65.12 16.07 -3.46
C ASP F 277 -64.58 14.67 -3.16
N ALA F 278 -63.39 14.35 -3.69
CA ALA F 278 -62.80 13.04 -3.45
C ALA F 278 -62.42 12.87 -1.98
N MET F 279 -61.87 13.92 -1.36
CA MET F 279 -61.58 13.85 0.07
C MET F 279 -62.85 13.62 0.87
N VAL F 280 -63.93 14.32 0.54
CA VAL F 280 -65.19 14.17 1.27
C VAL F 280 -65.73 12.75 1.08
N ASP F 281 -65.68 12.23 -0.14
CA ASP F 281 -66.23 10.90 -0.39
C ASP F 281 -65.44 9.82 0.36
N GLN F 282 -64.12 9.99 0.46
CA GLN F 282 -63.31 9.06 1.24
C GLN F 282 -63.33 9.34 2.73
N ALA F 283 -64.07 10.36 3.17
CA ALA F 283 -64.20 10.70 4.59
C ALA F 283 -62.84 10.98 5.23
N TRP F 284 -62.03 11.78 4.54
CA TRP F 284 -60.72 12.16 5.06
C TRP F 284 -60.85 12.98 6.34
N ASP F 285 -59.76 13.02 7.09
CA ASP F 285 -59.71 13.68 8.39
C ASP F 285 -58.56 14.67 8.40
N ALA F 286 -58.59 15.56 9.38
CA ALA F 286 -57.49 16.50 9.56
C ALA F 286 -56.17 15.76 9.76
N GLN F 287 -56.21 14.67 10.52
CA GLN F 287 -55.00 13.85 10.70
C GLN F 287 -54.56 13.24 9.39
N ARG F 288 -55.52 12.75 8.58
CA ARG F 288 -55.19 12.18 7.29
C ARG F 288 -54.53 13.20 6.37
N ILE F 289 -55.04 14.43 6.37
CA ILE F 289 -54.44 15.50 5.57
C ILE F 289 -52.99 15.72 5.98
N PHE F 290 -52.75 15.90 7.28
CA PHE F 290 -51.40 16.20 7.76
C PHE F 290 -50.48 14.98 7.69
N LYS F 291 -51.02 13.77 7.85
CA LYS F 291 -50.20 12.58 7.72
C LYS F 291 -49.71 12.39 6.28
N GLU F 292 -50.56 12.71 5.30
CA GLU F 292 -50.12 12.64 3.91
C GLU F 292 -49.04 13.67 3.64
N ALA F 293 -49.16 14.86 4.24
CA ALA F 293 -48.09 15.84 4.15
C ALA F 293 -46.82 15.32 4.81
N GLU F 294 -46.95 14.76 6.02
CA GLU F 294 -45.80 14.16 6.70
C GLU F 294 -45.17 13.07 5.84
N LYS F 295 -45.99 12.21 5.23
CA LYS F 295 -45.48 11.20 4.31
C LYS F 295 -44.70 11.85 3.16
N PHE F 296 -45.18 13.00 2.67
CA PHE F 296 -44.52 13.67 1.56
C PHE F 296 -43.10 14.09 1.93
N PHE F 297 -42.94 14.76 3.08
CA PHE F 297 -41.61 15.19 3.50
C PHE F 297 -40.75 14.00 3.88
N VAL F 298 -41.34 12.97 4.49
CA VAL F 298 -40.59 11.75 4.80
C VAL F 298 -40.08 11.08 3.53
N SER F 299 -40.84 11.19 2.44
CA SER F 299 -40.46 10.54 1.19
C SER F 299 -39.16 11.07 0.61
N VAL F 300 -38.82 12.34 0.88
CA VAL F 300 -37.61 12.96 0.33
C VAL F 300 -36.45 12.92 1.33
N GLY F 301 -36.58 12.20 2.43
CA GLY F 301 -35.50 12.08 3.38
C GLY F 301 -35.49 13.12 4.48
N LEU F 302 -36.53 13.95 4.58
CA LEU F 302 -36.64 14.91 5.66
C LEU F 302 -37.15 14.20 6.92
N PRO F 303 -36.91 14.78 8.09
CA PRO F 303 -37.31 14.11 9.33
C PRO F 303 -38.82 13.99 9.47
N ASN F 304 -39.23 13.07 10.32
CA ASN F 304 -40.62 12.95 10.74
C ASN F 304 -41.03 14.16 11.59
N MET F 305 -42.33 14.37 11.68
CA MET F 305 -42.85 15.34 12.64
C MET F 305 -42.69 14.81 14.05
N THR F 306 -42.42 15.72 14.98
CA THR F 306 -42.15 15.32 16.35
C THR F 306 -43.44 14.88 17.05
N GLN F 307 -43.27 14.07 18.10
CA GLN F 307 -44.42 13.71 18.93
C GLN F 307 -45.06 14.96 19.54
N GLY F 308 -44.23 15.92 19.97
CA GLY F 308 -44.77 17.16 20.50
C GLY F 308 -45.62 17.89 19.49
N PHE F 309 -45.31 17.74 18.21
CA PHE F 309 -46.15 18.32 17.16
C PHE F 309 -47.54 17.70 17.18
N TRP F 310 -47.60 16.36 17.21
CA TRP F 310 -48.89 15.68 17.15
C TRP F 310 -49.71 15.84 18.43
N GLU F 311 -49.04 16.03 19.56
CA GLU F 311 -49.77 16.16 20.82
C GLU F 311 -50.30 17.57 21.04
N ASN F 312 -49.55 18.59 20.62
CA ASN F 312 -49.86 19.96 20.99
C ASN F 312 -50.44 20.80 19.85
N SER F 313 -50.28 20.38 18.61
CA SER F 313 -50.82 21.15 17.50
C SER F 313 -52.35 21.12 17.51
N MET F 314 -52.95 22.18 17.00
CA MET F 314 -54.39 22.28 16.83
C MET F 314 -54.69 22.19 15.33
N LEU F 315 -55.08 21.00 14.88
CA LEU F 315 -55.30 20.72 13.47
C LEU F 315 -56.77 20.83 13.05
N THR F 316 -57.66 21.11 13.99
CA THR F 316 -59.09 21.24 13.68
C THR F 316 -59.67 22.39 14.48
N ASP F 317 -60.80 22.90 14.00
CA ASP F 317 -61.52 23.94 14.73
C ASP F 317 -61.99 23.40 16.07
N PRO F 318 -61.66 24.07 17.19
CA PRO F 318 -62.14 23.60 18.50
C PRO F 318 -63.60 23.92 18.76
N GLY F 319 -64.38 24.15 17.71
CA GLY F 319 -65.81 24.36 17.87
C GLY F 319 -66.16 25.75 18.36
N ASN F 320 -67.39 25.86 18.84
CA ASN F 320 -67.96 27.13 19.29
C ASN F 320 -67.66 27.41 20.75
N VAL F 321 -67.46 26.38 21.57
CA VAL F 321 -67.25 26.60 23.00
C VAL F 321 -65.86 27.18 23.24
N GLN F 322 -64.88 26.76 22.44
CA GLN F 322 -63.51 27.27 22.53
C GLN F 322 -63.26 28.11 21.28
N LYS F 323 -63.13 29.42 21.47
CA LYS F 323 -62.89 30.33 20.36
C LYS F 323 -61.39 30.51 20.14
N ALA F 324 -60.95 30.45 18.89
CA ALA F 324 -59.54 30.59 18.56
C ALA F 324 -59.38 31.37 17.26
N VAL F 325 -58.20 31.91 17.06
CA VAL F 325 -57.83 32.52 15.79
C VAL F 325 -57.46 31.41 14.82
N CYS F 326 -58.10 31.39 13.66
CA CYS F 326 -57.99 30.28 12.72
C CYS F 326 -57.12 30.59 11.52
N HIS F 327 -56.18 31.53 11.67
CA HIS F 327 -55.25 31.79 10.58
C HIS F 327 -54.17 30.72 10.56
N PRO F 328 -53.93 30.06 9.42
CA PRO F 328 -52.91 29.01 9.36
C PRO F 328 -51.52 29.54 9.69
N THR F 329 -50.98 29.12 10.83
CA THR F 329 -49.68 29.58 11.30
C THR F 329 -48.83 28.40 11.74
N ALA F 330 -47.55 28.47 11.42
CA ALA F 330 -46.58 27.49 11.91
C ALA F 330 -45.79 28.13 13.04
N TRP F 331 -45.65 27.39 14.14
CA TRP F 331 -45.06 27.91 15.36
C TRP F 331 -43.77 27.18 15.66
N ASP F 332 -42.68 27.93 15.81
CA ASP F 332 -41.42 27.42 16.33
C ASP F 332 -41.25 28.06 17.71
N LEU F 333 -41.74 27.37 18.74
CA LEU F 333 -41.65 27.89 20.10
C LEU F 333 -40.24 27.76 20.66
N GLY F 334 -39.37 27.03 19.98
CA GLY F 334 -38.04 26.74 20.48
C GLY F 334 -38.02 25.46 21.29
N LYS F 335 -36.79 25.03 21.59
CA LYS F 335 -36.56 23.86 22.45
C LYS F 335 -37.29 22.62 21.93
N GLY F 336 -37.31 22.46 20.60
CA GLY F 336 -37.89 21.30 19.97
C GLY F 336 -39.40 21.28 19.90
N ASP F 337 -40.06 22.37 20.26
CA ASP F 337 -41.52 22.45 20.27
C ASP F 337 -41.98 23.04 18.95
N PHE F 338 -42.55 22.21 18.08
CA PHE F 338 -43.06 22.63 16.79
C PHE F 338 -44.55 22.33 16.73
N ARG F 339 -45.34 23.32 16.33
CA ARG F 339 -46.78 23.19 16.30
C ARG F 339 -47.34 23.88 15.07
N ILE F 340 -48.48 23.38 14.59
CA ILE F 340 -49.28 24.03 13.56
C ILE F 340 -50.66 24.30 14.13
N LEU F 341 -51.15 25.51 13.90
CA LEU F 341 -52.50 25.92 14.30
C LEU F 341 -53.30 26.15 13.02
N MET F 342 -54.17 25.21 12.69
CA MET F 342 -55.00 25.32 11.49
C MET F 342 -56.38 24.77 11.78
N CYS F 343 -57.40 25.58 11.51
CA CYS F 343 -58.78 25.12 11.60
C CYS F 343 -59.17 24.46 10.28
N THR F 344 -58.66 23.24 10.11
CA THR F 344 -58.79 22.53 8.84
C THR F 344 -60.23 22.08 8.62
N VAL F 346 -61.91 20.20 5.67
CA VAL F 346 -61.77 19.10 4.73
C VAL F 346 -61.92 19.60 3.30
N THR F 347 -60.82 20.08 2.71
CA THR F 347 -60.86 20.65 1.38
C THR F 347 -59.48 20.57 0.75
N MET F 348 -59.45 20.70 -0.58
CA MET F 348 -58.18 20.67 -1.29
C MET F 348 -57.32 21.88 -0.94
N ASP F 349 -57.95 23.05 -0.75
CA ASP F 349 -57.20 24.24 -0.37
C ASP F 349 -56.53 24.08 0.98
N ASP F 350 -57.22 23.44 1.94
CA ASP F 350 -56.59 23.14 3.22
C ASP F 350 -55.51 22.08 3.06
N PHE F 351 -55.73 21.11 2.17
CA PHE F 351 -54.70 20.12 1.87
C PHE F 351 -53.43 20.79 1.37
N LEU F 352 -53.57 21.74 0.45
CA LEU F 352 -52.39 22.46 -0.03
C LEU F 352 -51.82 23.39 1.04
N THR F 353 -52.69 23.94 1.89
CA THR F 353 -52.22 24.82 2.97
C THR F 353 -51.41 24.04 4.00
N ALA F 354 -51.82 22.80 4.29
CA ALA F 354 -51.07 21.98 5.25
C ALA F 354 -49.64 21.75 4.79
N HIS F 355 -49.44 21.55 3.49
CA HIS F 355 -48.09 21.40 2.97
C HIS F 355 -47.29 22.70 3.10
N HIS F 356 -47.94 23.84 2.84
CA HIS F 356 -47.27 25.12 3.00
C HIS F 356 -46.83 25.33 4.44
N GLU F 357 -47.74 25.14 5.40
CA GLU F 357 -47.39 25.35 6.80
C GLU F 357 -46.34 24.35 7.27
N MET F 358 -46.49 23.07 6.90
CA MET F 358 -45.50 22.08 7.30
C MET F 358 -44.16 22.32 6.62
N GLY F 359 -44.16 22.99 5.46
CA GLY F 359 -42.91 23.41 4.87
C GLY F 359 -42.13 24.37 5.76
N HIS F 360 -42.84 25.25 6.46
CA HIS F 360 -42.20 26.10 7.45
C HIS F 360 -41.65 25.25 8.60
N ILE F 361 -42.43 24.29 9.08
CA ILE F 361 -41.99 23.43 10.17
C ILE F 361 -40.71 22.69 9.79
N GLN F 362 -40.66 22.17 8.56
CA GLN F 362 -39.45 21.47 8.11
C GLN F 362 -38.25 22.39 8.04
N TYR F 363 -38.47 23.63 7.59
CA TYR F 363 -37.38 24.62 7.61
C TYR F 363 -36.96 24.95 9.03
N ASP F 364 -37.93 25.16 9.92
CA ASP F 364 -37.61 25.44 11.33
C ASP F 364 -36.81 24.30 11.94
N MET F 365 -37.28 23.06 11.76
CA MET F 365 -36.60 21.90 12.33
C MET F 365 -35.17 21.76 11.81
N ALA F 366 -34.93 22.14 10.56
CA ALA F 366 -33.61 21.96 9.97
C ALA F 366 -32.58 22.86 10.64
N TYR F 367 -32.88 24.15 10.77
CA TYR F 367 -31.94 25.09 11.38
C TYR F 367 -32.09 25.16 12.89
N ALA F 368 -32.85 24.25 13.50
CA ALA F 368 -32.98 24.23 14.95
C ALA F 368 -31.65 24.00 15.66
N ALA F 369 -30.67 23.41 14.97
CA ALA F 369 -29.35 23.20 15.57
C ALA F 369 -28.51 24.48 15.56
N GLN F 370 -28.89 25.48 14.78
CA GLN F 370 -28.13 26.72 14.72
C GLN F 370 -28.31 27.52 16.01
N PRO F 371 -27.40 28.45 16.30
CA PRO F 371 -27.61 29.35 17.44
C PRO F 371 -28.93 30.10 17.34
N PHE F 372 -29.46 30.47 18.51
CA PHE F 372 -30.80 31.05 18.60
C PHE F 372 -30.97 32.23 17.64
N LEU F 373 -29.98 33.12 17.57
CA LEU F 373 -30.13 34.32 16.75
C LEU F 373 -30.08 34.04 15.26
N LEU F 374 -29.67 32.85 14.85
CA LEU F 374 -29.55 32.50 13.44
C LEU F 374 -30.69 31.61 12.96
N ARG F 375 -31.69 31.38 13.80
CA ARG F 375 -32.80 30.47 13.46
C ARG F 375 -33.88 31.26 12.72
N ASN F 376 -33.59 31.53 11.45
CA ASN F 376 -34.56 32.17 10.57
C ASN F 376 -34.16 31.85 9.13
N GLY F 377 -35.05 32.20 8.20
CA GLY F 377 -34.71 32.08 6.79
C GLY F 377 -33.52 32.94 6.43
N ALA F 378 -32.84 32.56 5.35
CA ALA F 378 -31.63 33.28 4.95
C ALA F 378 -31.92 34.74 4.66
N ASN F 379 -33.10 35.03 4.13
CA ASN F 379 -33.61 36.40 4.03
C ASN F 379 -35.13 36.35 4.10
N GLU F 380 -35.75 37.54 4.05
CA GLU F 380 -37.19 37.65 4.27
C GLU F 380 -38.01 36.85 3.26
N GLY F 381 -37.44 36.51 2.10
CA GLY F 381 -38.17 35.76 1.09
C GLY F 381 -38.02 34.26 1.13
N PHE F 382 -37.07 33.74 1.90
CA PHE F 382 -36.76 32.30 1.84
C PHE F 382 -37.88 31.47 2.43
N HIS F 383 -38.38 31.84 3.61
CA HIS F 383 -39.31 30.99 4.33
C HIS F 383 -40.58 30.73 3.52
N GLU F 384 -41.17 31.80 2.98
CA GLU F 384 -42.41 31.64 2.22
C GLU F 384 -42.18 30.88 0.93
N ALA F 385 -40.99 31.03 0.33
CA ALA F 385 -40.68 30.28 -0.90
C ALA F 385 -40.61 28.79 -0.64
N VAL F 386 -40.05 28.38 0.50
CA VAL F 386 -40.01 26.96 0.85
C VAL F 386 -41.41 26.41 1.01
N GLY F 387 -42.33 27.22 1.56
CA GLY F 387 -43.70 26.79 1.70
C GLY F 387 -44.41 26.63 0.37
N GLU F 388 -44.17 27.56 -0.56
CA GLU F 388 -44.90 27.57 -1.83
C GLU F 388 -44.59 26.33 -2.66
N ILE F 389 -43.32 25.92 -2.71
CA ILE F 389 -42.94 24.77 -3.53
C ILE F 389 -43.60 23.49 -3.05
N MET F 390 -43.96 23.43 -1.76
CA MET F 390 -44.64 22.23 -1.26
C MET F 390 -46.08 22.17 -1.76
N SER F 391 -46.80 23.29 -1.66
CA SER F 391 -48.15 23.36 -2.23
C SER F 391 -48.12 23.14 -3.73
N LEU F 392 -47.08 23.64 -4.40
CA LEU F 392 -46.96 23.43 -5.85
C LEU F 392 -46.84 21.95 -6.19
N SER F 393 -45.91 21.24 -5.51
CA SER F 393 -45.71 19.83 -5.81
C SER F 393 -46.94 19.01 -5.43
N ALA F 394 -47.58 19.33 -4.31
CA ALA F 394 -48.74 18.56 -3.88
C ALA F 394 -49.93 18.76 -4.79
N ALA F 395 -50.06 19.94 -5.42
CA ALA F 395 -51.19 20.24 -6.28
C ALA F 395 -51.11 19.59 -7.65
N THR F 396 -49.95 19.02 -8.01
CA THR F 396 -49.82 18.36 -9.30
C THR F 396 -50.74 17.16 -9.37
N PRO F 397 -51.34 16.88 -10.53
CA PRO F 397 -52.19 15.67 -10.66
C PRO F 397 -51.45 14.38 -10.39
N LYS F 398 -50.17 14.29 -10.76
CA LYS F 398 -49.39 13.08 -10.51
C LYS F 398 -49.39 12.72 -9.03
N HIS F 399 -49.12 13.71 -8.17
CA HIS F 399 -49.16 13.47 -6.73
C HIS F 399 -50.56 13.09 -6.25
N LEU F 400 -51.57 13.87 -6.67
CA LEU F 400 -52.94 13.58 -6.27
C LEU F 400 -53.39 12.21 -6.73
N LYS F 401 -52.96 11.78 -7.91
CA LYS F 401 -53.25 10.43 -8.36
C LYS F 401 -52.44 9.41 -7.56
N SER F 402 -51.17 9.74 -7.28
CA SER F 402 -50.32 8.82 -6.52
C SER F 402 -50.83 8.66 -5.08
N ILE F 403 -51.41 9.72 -4.50
CA ILE F 403 -51.97 9.64 -3.16
C ILE F 403 -53.43 9.21 -3.18
N GLY F 404 -53.98 8.89 -4.34
CA GLY F 404 -55.33 8.35 -4.46
C GLY F 404 -56.44 9.36 -4.29
N LEU F 405 -56.13 10.65 -4.30
CA LEU F 405 -57.16 11.68 -4.22
C LEU F 405 -57.64 12.08 -5.62
N SER F 407 -58.97 9.67 -9.79
CA SER F 407 -59.04 8.34 -10.37
C SER F 407 -57.82 8.04 -11.23
N PRO F 408 -57.37 6.78 -11.23
CA PRO F 408 -56.20 6.42 -12.05
C PRO F 408 -56.42 6.54 -13.55
N ASP F 409 -57.66 6.57 -14.01
CA ASP F 409 -57.96 6.75 -15.42
C ASP F 409 -58.03 8.22 -15.84
N PHE F 410 -57.71 9.15 -14.94
CA PHE F 410 -57.75 10.55 -15.29
C PHE F 410 -56.73 10.86 -16.39
N GLN F 411 -57.20 11.44 -17.48
CA GLN F 411 -56.35 11.76 -18.61
C GLN F 411 -55.83 13.18 -18.47
N GLU F 412 -54.54 13.36 -18.78
CA GLU F 412 -54.00 14.71 -18.84
C GLU F 412 -54.65 15.48 -19.99
N ASP F 413 -55.02 16.73 -19.71
CA ASP F 413 -55.78 17.55 -20.65
C ASP F 413 -55.04 18.87 -20.80
N ASN F 414 -54.54 19.12 -22.02
CA ASN F 414 -53.81 20.36 -22.29
C ASN F 414 -54.64 21.59 -21.96
N GLU F 415 -55.95 21.55 -22.29
CA GLU F 415 -56.81 22.69 -21.98
C GLU F 415 -56.92 22.90 -20.47
N THR F 416 -57.07 21.81 -19.71
CA THR F 416 -57.10 21.91 -18.25
C THR F 416 -55.80 22.47 -17.69
N GLU F 417 -54.66 22.15 -18.33
CA GLU F 417 -53.38 22.66 -17.86
C GLU F 417 -53.29 24.17 -18.03
N ILE F 418 -53.67 24.68 -19.22
CA ILE F 418 -53.69 26.12 -19.45
C ILE F 418 -54.64 26.80 -18.47
N ASN F 419 -55.77 26.16 -18.18
CA ASN F 419 -56.70 26.68 -17.17
C ASN F 419 -56.00 26.89 -15.82
N PHE F 420 -55.19 25.93 -15.40
CA PHE F 420 -54.48 26.06 -14.13
C PHE F 420 -53.39 27.12 -14.21
N LEU F 421 -52.56 27.08 -15.25
CA LEU F 421 -51.47 28.03 -15.39
C LEU F 421 -51.98 29.46 -15.50
N LEU F 422 -53.13 29.67 -16.15
CA LEU F 422 -53.70 31.01 -16.25
C LEU F 422 -54.10 31.54 -14.88
N LYS F 423 -54.77 30.72 -14.08
CA LYS F 423 -55.11 31.12 -12.72
C LYS F 423 -53.86 31.36 -11.88
N GLN F 424 -52.79 30.58 -12.11
CA GLN F 424 -51.52 30.83 -11.45
C GLN F 424 -50.90 32.15 -11.90
N ALA F 425 -50.93 32.42 -13.20
CA ALA F 425 -50.32 33.65 -13.72
C ALA F 425 -51.06 34.88 -13.23
N LEU F 426 -52.39 34.82 -13.12
CA LEU F 426 -53.16 35.96 -12.62
C LEU F 426 -52.76 36.32 -11.20
N THR F 427 -52.41 35.34 -10.37
CA THR F 427 -52.07 35.57 -8.98
C THR F 427 -50.58 35.86 -8.80
N ILE F 428 -49.71 35.21 -9.57
CA ILE F 428 -48.26 35.29 -9.37
C ILE F 428 -47.64 36.34 -10.28
N VAL F 429 -47.96 36.29 -11.58
CA VAL F 429 -47.35 37.23 -12.52
C VAL F 429 -47.90 38.64 -12.32
N GLY F 430 -49.22 38.76 -12.17
CA GLY F 430 -49.82 40.08 -11.97
C GLY F 430 -49.33 40.79 -10.73
N THR F 431 -48.85 40.05 -9.74
CA THR F 431 -48.35 40.66 -8.51
C THR F 431 -46.97 41.29 -8.72
N LEU F 432 -46.20 40.79 -9.69
CA LEU F 432 -44.80 41.19 -9.80
C LEU F 432 -44.63 42.64 -10.25
N PRO F 433 -45.34 43.15 -11.28
CA PRO F 433 -45.16 44.57 -11.62
C PRO F 433 -45.64 45.50 -10.53
N PHE F 434 -46.76 45.17 -9.87
CA PHE F 434 -47.22 45.97 -8.74
C PHE F 434 -46.16 46.04 -7.64
N THR F 435 -45.57 44.90 -7.29
CA THR F 435 -44.54 44.90 -6.26
C THR F 435 -43.34 45.74 -6.67
N TYR F 436 -42.90 45.58 -7.92
CA TYR F 436 -41.77 46.38 -8.41
C TYR F 436 -42.12 47.87 -8.44
N MET F 437 -43.25 48.21 -9.08
CA MET F 437 -43.63 49.61 -9.21
C MET F 437 -43.89 50.26 -7.86
N LEU F 438 -44.54 49.55 -6.94
CA LEU F 438 -44.81 50.10 -5.62
C LEU F 438 -43.53 50.41 -4.87
N GLU F 439 -42.65 49.42 -4.75
CA GLU F 439 -41.42 49.60 -3.99
C GLU F 439 -40.47 50.57 -4.68
N LYS F 440 -40.46 50.58 -6.01
CA LYS F 440 -39.66 51.56 -6.73
C LYS F 440 -40.13 52.98 -6.43
N TRP F 441 -41.45 53.19 -6.45
CA TRP F 441 -41.99 54.50 -6.10
C TRP F 441 -41.60 54.88 -4.67
N ARG F 442 -41.74 53.94 -3.72
CA ARG F 442 -41.37 54.24 -2.35
C ARG F 442 -39.88 54.52 -2.22
N TRP F 443 -39.04 53.68 -2.83
CA TRP F 443 -37.60 53.90 -2.80
C TRP F 443 -37.23 55.27 -3.36
N MET F 444 -37.88 55.67 -4.46
CA MET F 444 -37.63 56.99 -5.02
C MET F 444 -38.12 58.09 -4.08
N VAL F 445 -39.21 57.83 -3.35
CA VAL F 445 -39.69 58.79 -2.36
C VAL F 445 -38.74 58.85 -1.18
N PHE F 446 -38.27 57.69 -0.71
CA PHE F 446 -37.29 57.67 0.38
C PHE F 446 -35.99 58.34 -0.04
N LYS F 447 -35.54 58.08 -1.27
CA LYS F 447 -34.32 58.72 -1.78
C LYS F 447 -34.49 60.20 -2.05
N GLY F 448 -35.72 60.71 -2.04
CA GLY F 448 -35.97 62.12 -2.29
C GLY F 448 -35.94 62.51 -3.75
N GLU F 449 -36.04 61.55 -4.66
CA GLU F 449 -36.04 61.87 -6.09
C GLU F 449 -37.37 62.42 -6.57
N ILE F 450 -38.44 62.21 -5.83
CA ILE F 450 -39.76 62.73 -6.15
C ILE F 450 -40.13 63.78 -5.11
N PRO F 451 -40.27 65.05 -5.49
CA PRO F 451 -40.74 66.05 -4.52
C PRO F 451 -42.17 65.77 -4.07
N LYS F 452 -42.49 66.28 -2.88
CA LYS F 452 -43.83 66.08 -2.32
C LYS F 452 -44.93 66.56 -3.27
N ASP F 453 -44.67 67.64 -4.00
CA ASP F 453 -45.65 68.16 -4.96
C ASP F 453 -45.84 67.27 -6.18
N GLN F 454 -45.19 66.09 -6.23
CA GLN F 454 -45.38 65.18 -7.35
C GLN F 454 -45.47 63.73 -6.88
N TRP F 455 -45.76 63.50 -5.60
CA TRP F 455 -45.85 62.14 -5.08
C TRP F 455 -46.94 61.35 -5.80
N MET F 456 -48.17 61.89 -5.82
CA MET F 456 -49.26 61.17 -6.46
C MET F 456 -49.15 61.21 -7.99
N LYS F 457 -48.59 62.29 -8.53
CA LYS F 457 -48.39 62.38 -9.98
C LYS F 457 -47.44 61.30 -10.47
N LYS F 458 -46.29 61.15 -9.80
CA LYS F 458 -45.32 60.15 -10.22
C LYS F 458 -45.81 58.73 -9.99
N TRP F 459 -46.65 58.53 -8.96
CA TRP F 459 -47.24 57.21 -8.73
C TRP F 459 -48.07 56.74 -9.92
N TRP F 460 -48.99 57.59 -10.41
CA TRP F 460 -49.80 57.18 -11.54
C TRP F 460 -49.03 57.22 -12.84
N GLU F 461 -48.03 58.09 -12.95
CA GLU F 461 -47.08 57.99 -14.05
C GLU F 461 -46.35 56.66 -14.02
N MET F 462 -45.99 56.19 -12.82
CA MET F 462 -45.29 54.92 -12.69
C MET F 462 -46.22 53.73 -12.94
N LYS F 463 -47.45 53.82 -12.44
CA LYS F 463 -48.41 52.73 -12.67
C LYS F 463 -48.69 52.56 -14.16
N ARG F 464 -48.72 53.67 -14.90
CA ARG F 464 -48.84 53.59 -16.36
C ARG F 464 -47.57 53.03 -16.98
N GLU F 465 -46.41 53.53 -16.55
CA GLU F 465 -45.15 53.14 -17.19
C GLU F 465 -44.77 51.71 -16.83
N ILE F 466 -44.80 51.37 -15.55
CA ILE F 466 -44.33 50.06 -15.11
C ILE F 466 -45.44 49.02 -15.26
N VAL F 473 -59.96 58.66 -13.03
CA VAL F 473 -60.17 59.86 -12.25
C VAL F 473 -58.84 60.43 -11.77
N PRO F 474 -58.60 61.71 -12.04
CA PRO F 474 -57.34 62.34 -11.63
C PRO F 474 -57.31 62.62 -10.14
N HIS F 475 -56.22 62.24 -9.50
CA HIS F 475 -56.01 62.46 -8.07
C HIS F 475 -54.86 63.43 -7.88
N ASP F 476 -55.09 64.49 -7.10
CA ASP F 476 -54.04 65.44 -6.77
C ASP F 476 -53.30 65.01 -5.51
N GLU F 477 -52.32 65.81 -5.12
CA GLU F 477 -51.44 65.53 -3.98
C GLU F 477 -52.12 65.67 -2.63
N THR F 478 -53.44 65.79 -2.59
CA THR F 478 -54.18 65.79 -1.33
C THR F 478 -54.36 64.37 -0.79
N ASP F 481 -53.02 57.32 -2.53
CA ASP F 481 -53.44 55.98 -2.97
C ASP F 481 -52.49 54.86 -2.51
N PRO F 482 -51.17 55.08 -2.53
CA PRO F 482 -50.28 54.04 -1.96
C PRO F 482 -50.58 53.72 -0.52
N ALA F 483 -50.81 54.74 0.31
CA ALA F 483 -51.12 54.50 1.72
C ALA F 483 -52.42 53.73 1.90
N SER F 484 -53.28 53.68 0.88
CA SER F 484 -54.48 52.86 0.93
C SER F 484 -54.20 51.37 0.93
N LEU F 485 -52.94 50.95 0.82
CA LEU F 485 -52.55 49.56 0.96
C LEU F 485 -52.04 49.31 2.37
N PHE F 486 -52.40 48.16 2.94
CA PHE F 486 -52.01 47.81 4.29
C PHE F 486 -50.51 47.96 4.51
N HIS F 487 -49.70 47.34 3.64
CA HIS F 487 -48.27 47.28 3.87
C HIS F 487 -47.63 48.67 3.84
N VAL F 488 -48.23 49.61 3.10
CA VAL F 488 -47.69 50.96 3.07
C VAL F 488 -48.13 51.75 4.30
N SER F 489 -49.38 51.56 4.73
CA SER F 489 -49.87 52.25 5.92
C SER F 489 -49.23 51.71 7.19
N ASN F 490 -48.81 50.44 7.20
CA ASN F 490 -48.29 49.80 8.40
C ASN F 490 -46.78 49.63 8.37
N ASP F 491 -46.10 50.35 7.49
CA ASP F 491 -44.63 50.47 7.52
C ASP F 491 -43.96 49.11 7.32
N TYR F 492 -44.38 48.40 6.28
CA TYR F 492 -43.79 47.12 5.91
C TYR F 492 -43.16 47.21 4.52
N SER F 493 -41.97 46.64 4.37
CA SER F 493 -41.35 46.54 3.06
C SER F 493 -42.17 45.63 2.15
N PHE F 494 -42.10 45.90 0.84
CA PHE F 494 -42.91 45.16 -0.11
C PHE F 494 -42.11 44.37 -1.13
N ILE F 495 -40.82 44.67 -1.30
CA ILE F 495 -39.97 43.88 -2.20
C ILE F 495 -39.87 42.43 -1.72
N ARG F 496 -40.22 42.17 -0.46
CA ARG F 496 -40.27 40.81 0.05
C ARG F 496 -41.05 39.87 -0.86
N TYR F 497 -42.17 40.34 -1.42
CA TYR F 497 -43.00 39.47 -2.25
C TYR F 497 -42.38 39.24 -3.63
N TYR F 498 -41.58 40.19 -4.12
CA TYR F 498 -40.91 40.01 -5.40
C TYR F 498 -39.82 38.95 -5.30
N THR F 499 -38.90 39.10 -4.34
CA THR F 499 -37.83 38.13 -4.19
C THR F 499 -38.39 36.75 -3.85
N ARG F 500 -39.37 36.69 -2.94
CA ARG F 500 -39.97 35.41 -2.57
C ARG F 500 -40.50 34.67 -3.79
N THR F 501 -41.19 35.39 -4.69
CA THR F 501 -41.77 34.73 -5.86
C THR F 501 -40.70 34.21 -6.80
N LEU F 502 -39.59 34.93 -6.94
CA LEU F 502 -38.50 34.46 -7.79
C LEU F 502 -37.80 33.25 -7.18
N TYR F 503 -37.53 33.29 -5.87
CA TYR F 503 -36.85 32.19 -5.21
C TYR F 503 -37.63 30.88 -5.34
N GLN F 504 -38.96 30.94 -5.18
CA GLN F 504 -39.76 29.72 -5.17
C GLN F 504 -39.68 28.97 -6.49
N PHE F 505 -39.50 29.70 -7.60
CA PHE F 505 -39.36 29.02 -8.88
C PHE F 505 -37.94 28.52 -9.11
N GLN F 506 -36.94 29.19 -8.55
CA GLN F 506 -35.57 28.66 -8.59
C GLN F 506 -35.47 27.36 -7.80
N PHE F 507 -36.12 27.29 -6.63
CA PHE F 507 -36.13 26.05 -5.86
C PHE F 507 -36.81 24.92 -6.62
N GLN F 508 -38.01 25.19 -7.14
CA GLN F 508 -38.77 24.13 -7.83
C GLN F 508 -38.01 23.60 -9.04
N GLU F 509 -37.41 24.49 -9.84
CA GLU F 509 -36.63 24.05 -10.99
C GLU F 509 -35.43 23.22 -10.55
N ALA F 510 -34.67 23.72 -9.57
CA ALA F 510 -33.46 23.03 -9.14
C ALA F 510 -33.77 21.67 -8.53
N LEU F 511 -34.86 21.59 -7.76
CA LEU F 511 -35.23 20.32 -7.13
C LEU F 511 -35.75 19.33 -8.15
N CYS F 512 -36.46 19.80 -9.18
CA CYS F 512 -36.94 18.91 -10.23
C CYS F 512 -35.81 18.46 -11.13
N GLN F 513 -34.80 19.31 -11.34
CA GLN F 513 -33.60 18.86 -12.03
C GLN F 513 -32.89 17.78 -11.25
N ALA F 514 -32.81 17.93 -9.93
CA ALA F 514 -32.25 16.88 -9.08
C ALA F 514 -33.14 15.64 -9.04
N ALA F 515 -34.46 15.82 -9.15
CA ALA F 515 -35.39 14.70 -9.19
C ALA F 515 -35.47 14.02 -10.54
N LYS F 516 -34.67 14.46 -11.51
CA LYS F 516 -34.64 13.87 -12.86
C LYS F 516 -36.02 13.89 -13.51
N HIS F 517 -36.72 15.01 -13.36
CA HIS F 517 -38.03 15.19 -13.99
C HIS F 517 -37.90 15.34 -15.50
N GLY F 519 -40.03 17.04 -19.01
CA GLY F 519 -41.32 17.59 -19.36
C GLY F 519 -41.55 18.98 -18.78
N PRO F 520 -42.80 19.43 -18.78
CA PRO F 520 -43.09 20.76 -18.22
C PRO F 520 -42.80 20.82 -16.72
N LEU F 521 -42.27 21.96 -16.28
CA LEU F 521 -41.94 22.14 -14.87
C LEU F 521 -43.18 22.16 -14.00
N HIS F 522 -44.30 22.71 -14.51
CA HIS F 522 -45.52 22.85 -13.72
C HIS F 522 -46.17 21.53 -13.34
N LYS F 523 -45.76 20.42 -13.96
CA LYS F 523 -46.29 19.10 -13.63
C LYS F 523 -45.37 18.32 -12.70
N CYS F 524 -44.24 18.89 -12.30
CA CYS F 524 -43.28 18.20 -11.46
C CYS F 524 -43.71 18.16 -10.00
N ASP F 525 -43.53 16.99 -9.38
CA ASP F 525 -43.63 16.82 -7.94
C ASP F 525 -42.32 16.20 -7.44
N ILE F 526 -41.77 16.77 -6.38
CA ILE F 526 -40.48 16.35 -5.84
C ILE F 526 -40.61 15.11 -4.97
N SER F 527 -41.80 14.52 -4.92
CA SER F 527 -42.06 13.35 -4.10
C SER F 527 -41.07 12.23 -4.41
N ASN F 528 -40.62 11.53 -3.37
CA ASN F 528 -39.76 10.36 -3.42
C ASN F 528 -38.37 10.65 -3.97
N SER F 529 -37.97 11.92 -4.05
CA SER F 529 -36.64 12.29 -4.54
C SER F 529 -35.78 12.65 -3.34
N THR F 530 -35.08 11.65 -2.78
CA THR F 530 -34.14 11.91 -1.71
C THR F 530 -33.02 12.83 -2.16
N GLU F 531 -32.65 12.77 -3.44
CA GLU F 531 -31.66 13.70 -3.98
C GLU F 531 -32.15 15.14 -3.89
N ALA F 532 -33.44 15.36 -4.16
CA ALA F 532 -34.00 16.69 -4.03
C ALA F 532 -34.08 17.13 -2.57
N GLY F 533 -34.52 16.23 -1.68
CA GLY F 533 -34.58 16.55 -0.27
C GLY F 533 -33.22 16.86 0.32
N GLN F 534 -32.17 16.20 -0.18
CA GLN F 534 -30.82 16.52 0.26
C GLN F 534 -30.37 17.88 -0.23
N LYS F 535 -30.68 18.22 -1.48
CA LYS F 535 -30.33 19.53 -2.00
C LYS F 535 -31.08 20.63 -1.28
N LEU F 536 -32.36 20.39 -0.95
CA LEU F 536 -33.11 21.35 -0.15
C LEU F 536 -32.55 21.44 1.27
N PHE F 537 -32.34 20.29 1.92
CA PHE F 537 -31.85 20.28 3.29
C PHE F 537 -30.48 20.95 3.42
N ASN F 538 -29.63 20.85 2.39
CA ASN F 538 -28.33 21.50 2.44
C ASN F 538 -28.44 23.01 2.62
N MET F 539 -29.58 23.58 2.25
CA MET F 539 -29.86 25.00 2.48
C MET F 539 -30.63 25.25 3.76
N LEU F 540 -31.65 24.44 4.03
CA LEU F 540 -32.51 24.67 5.19
C LEU F 540 -31.70 24.67 6.50
N ARG F 541 -30.72 23.78 6.61
CA ARG F 541 -29.95 23.69 7.85
C ARG F 541 -29.16 24.95 8.13
N LEU F 542 -28.85 25.75 7.10
CA LEU F 542 -28.04 26.94 7.32
C LEU F 542 -28.83 28.02 8.03
N GLY F 543 -30.11 28.14 7.68
CA GLY F 543 -30.90 29.25 8.21
C GLY F 543 -30.30 30.59 7.85
N LYS F 544 -30.13 31.45 8.85
CA LYS F 544 -29.51 32.75 8.67
C LYS F 544 -28.00 32.73 8.90
N SER F 545 -27.42 31.57 9.22
CA SER F 545 -26.02 31.49 9.62
C SER F 545 -25.06 31.78 8.48
N GLU F 546 -25.51 31.69 7.24
CA GLU F 546 -24.68 31.92 6.07
C GLU F 546 -25.33 32.96 5.18
N PRO F 547 -24.55 33.62 4.32
CA PRO F 547 -25.14 34.55 3.36
C PRO F 547 -26.19 33.87 2.51
N TRP F 548 -27.28 34.60 2.24
CA TRP F 548 -28.34 34.06 1.40
C TRP F 548 -27.84 33.72 0.00
N THR F 549 -26.79 34.40 -0.46
CA THR F 549 -26.20 34.05 -1.75
C THR F 549 -25.58 32.65 -1.70
N LEU F 550 -25.01 32.27 -0.57
CA LEU F 550 -24.47 30.92 -0.42
C LEU F 550 -25.58 29.89 -0.23
N ALA F 551 -26.59 30.23 0.59
CA ALA F 551 -27.71 29.33 0.79
C ALA F 551 -28.46 29.08 -0.52
N LEU F 552 -28.66 30.14 -1.31
CA LEU F 552 -29.29 29.98 -2.62
C LEU F 552 -28.44 29.13 -3.54
N GLU F 553 -27.12 29.32 -3.50
CA GLU F 553 -26.23 28.51 -4.33
C GLU F 553 -26.29 27.03 -3.93
N ASN F 554 -26.43 26.77 -2.63
CA ASN F 554 -26.53 25.39 -2.17
C ASN F 554 -27.78 24.69 -2.72
N VAL F 555 -28.78 25.45 -3.13
CA VAL F 555 -30.01 24.90 -3.72
C VAL F 555 -29.97 24.99 -5.24
N VAL F 556 -29.66 26.16 -5.79
CA VAL F 556 -29.81 26.41 -7.22
C VAL F 556 -28.47 26.45 -7.97
N GLY F 557 -27.36 26.57 -7.26
CA GLY F 557 -26.05 26.65 -7.89
C GLY F 557 -25.67 28.02 -8.41
N ALA F 558 -26.43 29.07 -8.08
CA ALA F 558 -26.12 30.42 -8.52
C ALA F 558 -26.15 31.35 -7.31
N LYS F 559 -25.31 32.37 -7.35
CA LYS F 559 -25.23 33.32 -6.25
C LYS F 559 -26.29 34.41 -6.32
N ASN F 560 -26.99 34.55 -7.45
CA ASN F 560 -27.90 35.65 -7.68
C ASN F 560 -29.30 35.10 -7.95
N MET F 561 -30.31 35.91 -7.67
CA MET F 561 -31.68 35.54 -7.99
C MET F 561 -31.90 35.56 -9.50
N ASN F 562 -32.68 34.59 -9.98
CA ASN F 562 -32.87 34.38 -11.42
C ASN F 562 -34.35 34.23 -11.70
N VAL F 563 -34.82 34.93 -12.73
CA VAL F 563 -36.22 34.88 -13.12
C VAL F 563 -36.49 33.83 -14.21
N ARG F 564 -35.45 33.34 -14.89
CA ARG F 564 -35.66 32.37 -15.96
C ARG F 564 -36.35 31.09 -15.52
N PRO F 565 -36.11 30.54 -14.33
CA PRO F 565 -36.92 29.38 -13.89
C PRO F 565 -38.39 29.72 -13.76
N LEU F 566 -38.74 30.95 -13.35
CA LEU F 566 -40.14 31.35 -13.31
C LEU F 566 -40.74 31.37 -14.71
N LEU F 567 -39.97 31.80 -15.71
CA LEU F 567 -40.45 31.79 -17.08
C LEU F 567 -40.66 30.37 -17.59
N ASN F 568 -39.79 29.44 -17.20
CA ASN F 568 -39.94 28.05 -17.61
C ASN F 568 -41.22 27.44 -17.06
N TYR F 569 -41.67 27.86 -15.88
CA TYR F 569 -42.93 27.39 -15.34
C TYR F 569 -44.10 27.85 -16.19
N PHE F 570 -44.11 29.12 -16.58
CA PHE F 570 -45.19 29.71 -17.36
C PHE F 570 -44.94 29.66 -18.86
N GLU F 571 -43.86 29.01 -19.30
CA GLU F 571 -43.56 28.91 -20.73
C GLU F 571 -44.72 28.37 -21.57
N PRO F 572 -45.47 27.34 -21.16
CA PRO F 572 -46.62 26.93 -21.98
C PRO F 572 -47.70 28.00 -22.09
N LEU F 573 -47.96 28.73 -21.01
CA LEU F 573 -48.95 29.80 -21.07
C LEU F 573 -48.49 30.95 -21.94
N PHE F 574 -47.19 31.30 -21.87
CA PHE F 574 -46.65 32.33 -22.73
C PHE F 574 -46.76 31.94 -24.20
N THR F 575 -46.50 30.67 -24.51
CA THR F 575 -46.67 30.19 -25.88
C THR F 575 -48.13 30.26 -26.31
N TRP F 576 -49.05 29.87 -25.42
CA TRP F 576 -50.47 29.96 -25.73
C TRP F 576 -50.91 31.41 -25.85
N LEU F 577 -50.37 32.29 -24.99
CA LEU F 577 -50.70 33.71 -25.08
C LEU F 577 -50.19 34.33 -26.36
N LYS F 578 -48.97 33.96 -26.78
CA LYS F 578 -48.44 34.47 -28.04
C LYS F 578 -49.35 34.13 -29.21
N ASP F 579 -49.97 32.94 -29.18
CA ASP F 579 -50.92 32.57 -30.22
C ASP F 579 -52.24 33.33 -30.04
N GLN F 580 -52.73 33.40 -28.80
CA GLN F 580 -54.02 34.04 -28.54
C GLN F 580 -53.99 35.53 -28.81
N ASN F 581 -52.86 36.19 -28.58
CA ASN F 581 -52.77 37.64 -28.72
C ASN F 581 -52.66 38.10 -30.17
N LYS F 582 -52.50 37.17 -31.12
CA LYS F 582 -52.27 37.52 -32.52
C LYS F 582 -53.30 38.50 -33.06
N ASN F 583 -54.57 38.34 -32.69
CA ASN F 583 -55.63 39.21 -33.19
C ASN F 583 -55.70 40.55 -32.47
N SER F 584 -54.83 40.79 -31.49
CA SER F 584 -54.92 41.99 -30.67
C SER F 584 -53.69 42.86 -30.84
N ASP G 1 26.96 -4.96 -4.71
CA ASP G 1 26.11 -3.85 -4.33
C ASP G 1 25.03 -4.30 -3.36
N ILE G 2 24.43 -3.34 -2.65
CA ILE G 2 23.30 -3.59 -1.78
C ILE G 2 22.02 -3.39 -2.58
N GLN G 3 21.14 -4.38 -2.54
CA GLN G 3 19.90 -4.36 -3.31
C GLN G 3 18.76 -3.90 -2.40
N MET G 4 18.06 -2.86 -2.84
CA MET G 4 17.00 -2.24 -2.07
C MET G 4 15.64 -2.72 -2.55
N THR G 5 14.73 -2.97 -1.61
CA THR G 5 13.40 -3.49 -1.94
C THR G 5 12.36 -2.64 -1.25
N GLN G 6 11.53 -1.98 -2.05
CA GLN G 6 10.42 -1.16 -1.56
C GLN G 6 9.09 -1.89 -1.65
N SER G 7 8.26 -1.69 -0.64
CA SER G 7 6.91 -2.22 -0.55
C SER G 7 6.11 -1.14 0.15
N PRO G 8 4.86 -0.87 -0.28
CA PRO G 8 4.11 -1.46 -1.40
C PRO G 8 4.52 -0.88 -2.74
N SER G 9 4.15 -1.53 -3.84
CA SER G 9 4.47 -0.97 -5.16
C SER G 9 3.58 0.24 -5.48
N SER G 10 2.27 0.11 -5.33
CA SER G 10 1.39 1.24 -5.51
C SER G 10 0.37 1.27 -4.37
N LEU G 11 -0.06 2.48 -4.01
CA LEU G 11 -0.88 2.67 -2.82
C LEU G 11 -1.88 3.78 -3.10
N SER G 12 -3.16 3.45 -2.96
CA SER G 12 -4.25 4.43 -3.02
C SER G 12 -4.69 4.82 -1.61
N ALA G 13 -4.59 6.11 -1.30
CA ALA G 13 -4.94 6.62 0.04
C ALA G 13 -5.76 7.90 -0.11
N ALA G 14 -6.56 8.19 0.91
CA ALA G 14 -7.40 9.39 0.95
C ALA G 14 -6.64 10.57 1.57
N VAL G 15 -7.16 11.78 1.32
CA VAL G 15 -6.58 12.96 1.96
C VAL G 15 -6.75 12.88 3.46
N GLY G 16 -5.69 13.17 4.20
CA GLY G 16 -5.70 13.05 5.64
C GLY G 16 -5.26 11.70 6.17
N ASP G 17 -5.15 10.70 5.30
CA ASP G 17 -4.73 9.38 5.70
C ASP G 17 -3.26 9.37 6.13
N ARG G 18 -2.97 8.53 7.12
CA ARG G 18 -1.59 8.18 7.46
C ARG G 18 -1.09 7.14 6.46
N VAL G 19 -0.11 7.50 5.65
CA VAL G 19 0.48 6.54 4.72
C VAL G 19 1.74 5.96 5.34
N THR G 20 2.01 4.68 5.09
CA THR G 20 3.22 4.03 5.57
C THR G 20 3.89 3.28 4.42
N ILE G 21 5.13 3.64 4.10
CA ILE G 21 5.90 2.95 3.07
C ILE G 21 7.13 2.30 3.70
N THR G 22 7.54 1.16 3.14
CA THR G 22 8.58 0.35 3.77
C THR G 22 9.77 0.28 2.81
N CYS G 23 10.97 0.12 3.36
CA CYS G 23 12.20 0.01 2.57
C CYS G 23 13.06 -1.11 3.12
N ARG G 24 13.40 -2.10 2.30
CA ARG G 24 14.19 -3.24 2.76
C ARG G 24 15.55 -3.28 2.06
N ALA G 25 16.59 -3.37 2.87
CA ALA G 25 17.99 -3.41 2.46
C ALA G 25 18.48 -4.86 2.45
N SER G 26 19.26 -5.21 1.42
CA SER G 26 19.76 -6.58 1.33
C SER G 26 20.68 -6.94 2.48
N GLN G 27 21.24 -5.94 3.18
CA GLN G 27 21.97 -6.18 4.42
C GLN G 27 21.88 -4.94 5.30
N SER G 28 22.29 -5.11 6.56
CA SER G 28 22.21 -4.01 7.51
C SER G 28 23.00 -2.81 7.01
N ILE G 29 22.32 -1.68 6.89
CA ILE G 29 22.94 -0.42 6.50
C ILE G 29 22.86 0.59 7.63
N GLY G 30 22.64 0.12 8.86
CA GLY G 30 22.54 1.02 10.00
C GLY G 30 21.44 2.04 9.77
N SER G 31 21.82 3.31 9.81
CA SER G 31 20.89 4.39 9.48
C SER G 31 21.24 5.07 8.17
N TYR G 32 22.13 4.48 7.37
CA TYR G 32 22.56 5.05 6.10
C TYR G 32 21.49 4.88 5.03
N LEU G 33 20.32 5.47 5.29
CA LEU G 33 19.18 5.33 4.39
C LEU G 33 18.57 6.71 4.17
N ASN G 34 18.36 7.08 2.91
CA ASN G 34 17.71 8.33 2.54
C ASN G 34 16.41 8.03 1.81
N TRP G 35 15.47 8.97 1.89
CA TRP G 35 14.21 8.87 1.18
C TRP G 35 14.07 10.04 0.22
N TYR G 36 13.47 9.79 -0.94
CA TYR G 36 13.25 10.84 -1.92
C TYR G 36 11.80 10.82 -2.37
N GLN G 37 11.32 11.98 -2.78
CA GLN G 37 10.05 12.16 -3.45
C GLN G 37 10.26 12.65 -4.87
N GLN G 38 9.46 12.13 -5.80
CA GLN G 38 9.52 12.60 -7.18
C GLN G 38 8.08 12.71 -7.65
N LYS G 39 7.74 13.86 -8.19
CA LYS G 39 6.46 14.18 -8.79
C LYS G 39 6.59 14.19 -10.31
N PRO G 40 5.49 13.92 -11.01
CA PRO G 40 5.56 13.80 -12.48
C PRO G 40 6.15 15.04 -13.12
N GLY G 41 7.13 14.81 -14.00
CA GLY G 41 7.80 15.89 -14.69
C GLY G 41 8.87 16.60 -13.89
N LYS G 42 9.15 16.13 -12.67
CA LYS G 42 10.12 16.77 -11.80
C LYS G 42 11.24 15.81 -11.40
N ALA G 43 12.34 16.40 -11.00
CA ALA G 43 13.46 15.66 -10.43
C ALA G 43 13.14 15.17 -9.02
N PRO G 44 13.83 14.14 -8.56
CA PRO G 44 13.63 13.67 -7.19
C PRO G 44 13.99 14.76 -6.19
N LYS G 45 13.26 14.77 -5.08
CA LYS G 45 13.45 15.75 -4.02
C LYS G 45 13.79 15.02 -2.74
N LEU G 46 14.95 15.33 -2.17
CA LEU G 46 15.35 14.71 -0.92
C LEU G 46 14.39 15.09 0.20
N LEU G 47 13.87 14.08 0.89
CA LEU G 47 12.97 14.29 2.02
C LEU G 47 13.64 13.97 3.35
N ILE G 48 14.33 12.83 3.40
CA ILE G 48 14.87 12.26 4.62
C ILE G 48 16.28 11.79 4.32
N TYR G 49 17.20 12.04 5.26
CA TYR G 49 18.50 11.39 5.23
C TYR G 49 18.82 10.88 6.62
N ALA G 50 19.78 9.95 6.68
CA ALA G 50 20.13 9.27 7.93
C ALA G 50 18.90 8.68 8.59
N ALA G 51 18.02 8.11 7.75
CA ALA G 51 16.84 7.36 8.15
C ALA G 51 15.76 8.16 8.87
N SER G 52 16.12 9.26 9.54
CA SER G 52 15.11 10.01 10.30
C SER G 52 15.23 11.52 10.24
N SER G 53 16.37 12.08 9.84
CA SER G 53 16.52 13.53 9.82
C SER G 53 15.69 14.14 8.69
N LEU G 54 14.82 15.08 9.03
CA LEU G 54 14.01 15.76 8.03
C LEU G 54 14.86 16.81 7.31
N GLN G 55 14.92 16.70 5.98
CA GLN G 55 15.63 17.70 5.18
C GLN G 55 14.97 19.07 5.29
N SER G 56 15.80 20.11 5.22
CA SER G 56 15.32 21.48 5.34
C SER G 56 14.27 21.78 4.28
N GLY G 57 13.14 22.33 4.69
CA GLY G 57 12.07 22.70 3.80
C GLY G 57 11.05 21.61 3.54
N VAL G 58 11.26 20.43 4.08
CA VAL G 58 10.35 19.29 3.87
C VAL G 58 9.27 19.38 4.95
N PRO G 59 7.99 19.38 4.58
CA PRO G 59 6.93 19.57 5.58
C PRO G 59 7.02 18.50 6.66
N SER G 60 6.55 18.86 7.85
CA SER G 60 6.72 17.99 9.02
C SER G 60 5.84 16.76 8.99
N ARG G 61 4.89 16.67 8.05
CA ARG G 61 4.11 15.44 7.92
C ARG G 61 4.95 14.27 7.42
N PHE G 62 6.08 14.55 6.78
CA PHE G 62 6.99 13.49 6.37
C PHE G 62 7.87 13.10 7.55
N SER G 63 8.08 11.80 7.70
CA SER G 63 9.00 11.31 8.73
C SER G 63 9.52 9.94 8.32
N GLY G 64 10.78 9.69 8.65
CA GLY G 64 11.40 8.40 8.42
C GLY G 64 11.68 7.69 9.72
N SER G 65 11.73 6.36 9.66
CA SER G 65 12.09 5.56 10.81
C SER G 65 12.80 4.30 10.33
N GLY G 66 13.36 3.56 11.26
CA GLY G 66 14.04 2.34 10.89
C GLY G 66 15.54 2.42 11.15
N SER G 67 16.13 1.24 11.30
CA SER G 67 17.57 1.09 11.45
C SER G 67 17.92 -0.32 10.99
N GLY G 68 19.18 -0.49 10.60
CA GLY G 68 19.63 -1.79 10.17
C GLY G 68 19.14 -2.24 8.82
N THR G 69 18.01 -2.95 8.76
CA THR G 69 17.60 -3.54 7.49
C THR G 69 16.19 -3.17 7.07
N ASP G 70 15.32 -2.84 8.03
CA ASP G 70 13.96 -2.41 7.71
C ASP G 70 13.79 -0.94 8.09
N PHE G 71 13.27 -0.17 7.13
CA PHE G 71 13.07 1.27 7.24
C PHE G 71 11.67 1.63 6.79
N THR G 72 11.11 2.66 7.42
CA THR G 72 9.78 3.14 7.06
C THR G 72 9.78 4.64 6.82
N LEU G 73 9.01 5.06 5.81
CA LEU G 73 8.65 6.44 5.58
C LEU G 73 7.17 6.61 5.86
N THR G 74 6.82 7.66 6.60
CA THR G 74 5.44 7.88 7.01
C THR G 74 5.01 9.29 6.64
N ILE G 75 3.81 9.39 6.08
CA ILE G 75 3.13 10.67 5.89
C ILE G 75 1.98 10.71 6.89
N SER G 76 2.07 11.63 7.86
CA SER G 76 1.08 11.68 8.93
C SER G 76 -0.31 11.96 8.39
N SER G 77 -0.42 12.85 7.41
CA SER G 77 -1.71 13.19 6.82
C SER G 77 -1.45 13.54 5.36
N LEU G 78 -1.85 12.65 4.46
CA LEU G 78 -1.53 12.80 3.04
C LEU G 78 -2.19 14.05 2.47
N GLN G 79 -1.40 14.93 1.88
CA GLN G 79 -1.92 16.05 1.12
C GLN G 79 -2.02 15.75 -0.37
N PRO G 80 -2.85 16.51 -1.10
CA PRO G 80 -2.96 16.31 -2.56
C PRO G 80 -1.65 16.44 -3.29
N GLU G 81 -0.74 17.26 -2.75
CA GLU G 81 0.59 17.55 -3.28
C GLU G 81 1.57 16.42 -3.05
N ASP G 82 1.14 15.38 -2.37
CA ASP G 82 1.91 14.19 -2.00
C ASP G 82 1.86 13.08 -3.04
N PHE G 83 1.05 13.21 -4.08
CA PHE G 83 0.99 12.15 -5.07
C PHE G 83 2.27 12.24 -5.89
N ALA G 84 3.04 11.16 -5.82
CA ALA G 84 4.39 11.08 -6.33
C ALA G 84 4.90 9.66 -6.07
N ILE G 85 6.04 9.35 -6.65
CA ILE G 85 6.74 8.09 -6.36
C ILE G 85 7.82 8.37 -5.34
N TYR G 86 7.95 7.50 -4.35
CA TYR G 86 8.87 7.68 -3.24
C TYR G 86 9.95 6.62 -3.31
N TYR G 87 11.21 7.06 -3.32
CA TYR G 87 12.38 6.18 -3.40
C TYR G 87 13.17 6.23 -2.11
N CYS G 88 13.65 5.08 -1.66
CA CYS G 88 14.70 5.01 -0.66
C CYS G 88 16.06 4.84 -1.33
N GLN G 89 17.11 5.13 -0.58
CA GLN G 89 18.47 5.04 -1.10
C GLN G 89 19.43 4.79 0.04
N GLN G 90 20.20 3.71 -0.09
CA GLN G 90 21.23 3.41 0.88
C GLN G 90 22.48 4.24 0.60
N SER G 91 23.07 4.77 1.66
CA SER G 91 24.30 5.52 1.57
C SER G 91 25.43 4.83 2.33
N TYR G 92 25.31 3.53 2.55
CA TYR G 92 26.33 2.80 3.30
C TYR G 92 27.49 2.41 2.40
N VAL G 93 27.20 1.82 1.25
CA VAL G 93 28.23 1.42 0.30
C VAL G 93 28.41 2.52 -0.74
N SER G 94 29.65 2.90 -0.98
CA SER G 94 30.00 4.00 -1.85
C SER G 94 31.18 3.58 -2.71
N PRO G 95 31.33 4.19 -3.89
CA PRO G 95 30.51 5.26 -4.49
C PRO G 95 29.21 4.74 -5.09
N THR G 96 29.07 3.42 -5.22
CA THR G 96 27.93 2.81 -5.92
C THR G 96 26.68 2.83 -5.03
N TYR G 97 26.18 4.05 -4.80
CA TYR G 97 24.90 4.22 -4.13
C TYR G 97 23.77 3.66 -4.99
N THR G 98 22.82 2.99 -4.35
CA THR G 98 21.70 2.39 -5.06
C THR G 98 20.37 2.89 -4.51
N PHE G 99 19.34 2.84 -5.36
CA PHE G 99 17.98 3.26 -5.02
C PHE G 99 16.99 2.09 -5.02
N GLY G 100 15.95 2.24 -4.21
CA GLY G 100 14.81 1.35 -4.22
C GLY G 100 14.04 1.42 -5.53
N PRO G 101 13.10 0.48 -5.73
CA PRO G 101 12.31 0.51 -6.97
C PRO G 101 11.31 1.65 -7.06
N GLY G 102 10.97 2.28 -5.94
CA GLY G 102 9.94 3.29 -5.88
C GLY G 102 8.62 2.77 -5.37
N THR G 103 7.88 3.64 -4.67
CA THR G 103 6.51 3.37 -4.22
C THR G 103 5.63 4.51 -4.72
N LYS G 104 4.70 4.19 -5.61
CA LYS G 104 3.80 5.18 -6.18
C LYS G 104 2.58 5.32 -5.29
N VAL G 105 2.34 6.54 -4.81
CA VAL G 105 1.24 6.84 -3.90
C VAL G 105 0.18 7.60 -4.69
N ASP G 106 -0.90 6.90 -5.00
CA ASP G 106 -2.08 7.50 -5.63
C ASP G 106 -2.99 8.00 -4.52
N ILE G 107 -3.75 9.04 -4.83
CA ILE G 107 -4.62 9.66 -3.83
C ILE G 107 -6.07 9.38 -4.18
N LYS G 108 -6.80 8.88 -3.19
CA LYS G 108 -8.23 8.64 -3.33
C LYS G 108 -9.02 9.91 -3.10
N ARG G 109 -10.07 10.09 -3.90
CA ARG G 109 -10.95 11.24 -3.79
C ARG G 109 -12.34 10.82 -4.27
N THR G 110 -13.29 11.74 -4.10
CA THR G 110 -14.66 11.46 -4.48
C THR G 110 -14.77 11.36 -6.00
N VAL G 111 -15.84 10.69 -6.45
CA VAL G 111 -16.08 10.52 -7.88
C VAL G 111 -16.30 11.88 -8.52
N ALA G 112 -15.67 12.10 -9.67
CA ALA G 112 -15.85 13.31 -10.46
C ALA G 112 -16.05 12.90 -11.92
N ALA G 113 -17.19 13.32 -12.50
CA ALA G 113 -17.50 12.96 -13.86
C ALA G 113 -16.67 13.81 -14.84
N PRO G 114 -16.30 13.25 -15.99
CA PRO G 114 -15.51 14.02 -16.95
C PRO G 114 -16.36 15.05 -17.68
N SER G 115 -15.77 16.22 -17.93
CA SER G 115 -16.26 17.11 -18.96
C SER G 115 -15.73 16.64 -20.30
N VAL G 116 -16.64 16.47 -21.27
CA VAL G 116 -16.32 15.84 -22.54
C VAL G 116 -16.42 16.87 -23.66
N PHE G 117 -15.38 16.93 -24.48
CA PHE G 117 -15.32 17.80 -25.65
C PHE G 117 -14.79 17.01 -26.82
N ILE G 118 -15.23 17.38 -28.02
CA ILE G 118 -14.77 16.78 -29.26
C ILE G 118 -14.22 17.88 -30.15
N PHE G 119 -13.12 17.58 -30.84
CA PHE G 119 -12.44 18.55 -31.68
C PHE G 119 -12.36 18.02 -33.11
N PRO G 120 -12.90 18.72 -34.09
CA PRO G 120 -12.73 18.31 -35.47
C PRO G 120 -11.33 18.62 -35.96
N PRO G 121 -10.85 17.95 -37.00
CA PRO G 121 -9.51 18.28 -37.52
C PRO G 121 -9.48 19.70 -38.08
N SER G 122 -8.36 20.36 -37.86
CA SER G 122 -8.16 21.71 -38.37
C SER G 122 -7.97 21.70 -39.89
N ASP G 123 -8.26 22.84 -40.51
CA ASP G 123 -8.00 22.95 -41.95
C ASP G 123 -6.51 22.86 -42.23
N GLU G 124 -5.68 23.39 -41.33
CA GLU G 124 -4.24 23.32 -41.51
C GLU G 124 -3.75 21.89 -41.57
N GLN G 125 -4.29 21.02 -40.69
CA GLN G 125 -3.89 19.62 -40.73
C GLN G 125 -4.38 18.95 -42.00
N LEU G 126 -5.62 19.24 -42.41
CA LEU G 126 -6.17 18.60 -43.60
C LEU G 126 -5.33 18.92 -44.83
N LYS G 127 -4.79 20.14 -44.88
CA LYS G 127 -3.90 20.50 -45.98
C LYS G 127 -2.68 19.59 -46.04
N SER G 128 -2.21 19.12 -44.88
CA SER G 128 -1.08 18.19 -44.84
C SER G 128 -1.45 16.77 -45.24
N GLY G 129 -2.73 16.45 -45.35
CA GLY G 129 -3.17 15.16 -45.86
C GLY G 129 -3.65 14.16 -44.84
N THR G 130 -3.83 14.57 -43.57
CA THR G 130 -4.27 13.67 -42.52
C THR G 130 -5.23 14.39 -41.59
N ALA G 131 -6.20 13.65 -41.08
CA ALA G 131 -7.22 14.20 -40.18
C ALA G 131 -7.12 13.54 -38.82
N SER G 132 -6.96 14.35 -37.77
CA SER G 132 -6.95 13.88 -36.39
C SER G 132 -8.17 14.42 -35.67
N VAL G 133 -8.98 13.51 -35.13
CA VAL G 133 -10.16 13.87 -34.34
C VAL G 133 -9.85 13.53 -32.89
N VAL G 134 -10.02 14.50 -32.01
CA VAL G 134 -9.60 14.41 -30.62
C VAL G 134 -10.82 14.50 -29.71
N CYS G 135 -10.94 13.55 -28.78
CA CYS G 135 -11.97 13.56 -27.75
C CYS G 135 -11.27 13.77 -26.42
N LEU G 136 -11.72 14.75 -25.65
CA LEU G 136 -11.06 15.11 -24.39
C LEU G 136 -12.00 14.89 -23.20
N LEU G 137 -11.54 14.08 -22.25
CA LEU G 137 -12.24 13.87 -20.98
C LEU G 137 -11.43 14.56 -19.89
N ASN G 138 -12.01 15.58 -19.27
CA ASN G 138 -11.26 16.52 -18.43
C ASN G 138 -11.66 16.37 -16.98
N ASN G 139 -10.66 16.17 -16.12
CA ASN G 139 -10.78 16.26 -14.66
C ASN G 139 -11.86 15.31 -14.14
N PHE G 140 -11.57 14.02 -14.27
CA PHE G 140 -12.46 12.97 -13.80
C PHE G 140 -11.75 12.08 -12.80
N TYR G 141 -12.56 11.36 -12.01
CA TYR G 141 -12.07 10.36 -11.07
C TYR G 141 -13.18 9.35 -10.90
N PRO G 142 -12.87 8.04 -10.87
CA PRO G 142 -11.54 7.41 -10.97
C PRO G 142 -10.94 7.36 -12.37
N ARG G 143 -9.76 6.76 -12.49
CA ARG G 143 -9.03 6.80 -13.75
C ARG G 143 -9.74 5.98 -14.82
N GLU G 144 -10.42 4.90 -14.42
CA GLU G 144 -11.04 4.01 -15.39
C GLU G 144 -12.10 4.76 -16.17
N ALA G 145 -12.00 4.68 -17.49
CA ALA G 145 -12.94 5.31 -18.39
C ALA G 145 -12.91 4.56 -19.71
N LYS G 146 -14.02 4.58 -20.43
CA LYS G 146 -14.10 3.92 -21.72
C LYS G 146 -14.58 4.94 -22.75
N VAL G 147 -13.81 5.09 -23.82
CA VAL G 147 -14.18 5.95 -24.93
C VAL G 147 -14.20 5.13 -26.21
N GLN G 148 -15.23 5.35 -27.02
CA GLN G 148 -15.44 4.61 -28.26
C GLN G 148 -15.74 5.61 -29.36
N TRP G 149 -15.08 5.43 -30.49
CA TRP G 149 -15.33 6.29 -31.64
C TRP G 149 -16.34 5.63 -32.55
N LYS G 150 -17.35 6.40 -32.96
CA LYS G 150 -18.34 5.94 -33.90
C LYS G 150 -18.32 6.92 -35.06
N VAL G 151 -18.05 6.41 -36.25
CA VAL G 151 -18.02 7.18 -37.48
C VAL G 151 -19.22 6.74 -38.30
N ASP G 152 -20.19 7.64 -38.45
CA ASP G 152 -21.52 7.30 -38.94
C ASP G 152 -22.05 6.07 -38.20
N ASN G 153 -21.90 6.09 -36.88
CA ASN G 153 -22.40 5.06 -35.96
C ASN G 153 -21.74 3.70 -36.18
N ALA G 154 -20.60 3.63 -36.87
CA ALA G 154 -19.80 2.42 -36.93
C ALA G 154 -18.68 2.52 -35.91
N LEU G 155 -18.63 1.56 -34.98
CA LEU G 155 -17.59 1.58 -33.96
C LEU G 155 -16.22 1.35 -34.59
N GLN G 156 -15.26 2.19 -34.23
CA GLN G 156 -13.92 2.14 -34.78
C GLN G 156 -13.02 1.26 -33.92
N SER G 157 -12.04 0.63 -34.56
CA SER G 157 -11.04 -0.16 -33.85
C SER G 157 -9.68 0.06 -34.49
N GLY G 158 -8.65 0.13 -33.65
CA GLY G 158 -7.28 0.13 -34.10
C GLY G 158 -6.82 1.41 -34.76
N ASN G 159 -7.67 2.43 -34.88
CA ASN G 159 -7.29 3.67 -35.54
C ASN G 159 -7.37 4.84 -34.57
N SER G 160 -7.22 4.56 -33.27
CA SER G 160 -7.21 5.59 -32.26
C SER G 160 -6.17 5.25 -31.21
N GLN G 161 -5.64 6.28 -30.55
CA GLN G 161 -4.72 6.09 -29.44
C GLN G 161 -5.16 7.01 -28.30
N GLU G 162 -5.09 6.49 -27.08
CA GLU G 162 -5.48 7.27 -25.92
C GLU G 162 -4.25 7.69 -25.13
N SER G 163 -4.38 8.81 -24.43
CA SER G 163 -3.38 9.27 -23.49
C SER G 163 -4.05 9.85 -22.26
N VAL G 164 -3.47 9.57 -21.10
CA VAL G 164 -4.04 9.99 -19.82
C VAL G 164 -2.95 10.70 -19.04
N THR G 165 -3.32 11.82 -18.41
CA THR G 165 -2.38 12.59 -17.60
C THR G 165 -2.10 11.87 -16.29
N GLU G 166 -1.01 12.27 -15.65
CA GLU G 166 -0.86 11.92 -14.25
C GLU G 166 -1.92 12.62 -13.41
N GLN G 167 -2.20 12.02 -12.26
CA GLN G 167 -3.16 12.59 -11.32
C GLN G 167 -2.79 14.01 -10.94
N ASP G 168 -3.75 14.93 -11.08
CA ASP G 168 -3.51 16.34 -10.79
C ASP G 168 -3.15 16.55 -9.33
N SER G 169 -2.10 17.34 -9.08
CA SER G 169 -1.64 17.55 -7.72
C SER G 169 -2.55 18.48 -6.92
N LYS G 170 -3.47 19.19 -7.57
CA LYS G 170 -4.40 20.08 -6.89
C LYS G 170 -5.71 19.36 -6.53
N ASP G 171 -6.42 18.86 -7.55
CA ASP G 171 -7.74 18.28 -7.33
C ASP G 171 -7.77 16.76 -7.46
N SER G 172 -6.62 16.12 -7.64
CA SER G 172 -6.52 14.66 -7.60
C SER G 172 -7.37 13.97 -8.67
N THR G 173 -7.63 14.64 -9.78
CA THR G 173 -8.35 14.03 -10.88
C THR G 173 -7.40 13.63 -12.00
N TYR G 174 -7.95 12.96 -13.01
CA TYR G 174 -7.24 12.61 -14.22
C TYR G 174 -7.93 13.27 -15.41
N SER G 175 -7.17 13.44 -16.49
CA SER G 175 -7.73 13.84 -17.77
C SER G 175 -7.25 12.85 -18.82
N LEU G 176 -8.04 12.70 -19.88
CA LEU G 176 -7.75 11.72 -20.90
C LEU G 176 -8.04 12.30 -22.29
N SER G 177 -7.17 12.00 -23.23
CA SER G 177 -7.39 12.33 -24.64
C SER G 177 -7.49 11.03 -25.43
N SER G 178 -8.40 11.01 -26.40
CA SER G 178 -8.45 9.96 -27.42
C SER G 178 -8.37 10.62 -28.79
N THR G 179 -7.43 10.16 -29.61
CA THR G 179 -7.18 10.78 -30.90
C THR G 179 -7.45 9.77 -32.01
N LEU G 180 -8.46 10.05 -32.82
CA LEU G 180 -8.76 9.24 -33.99
C LEU G 180 -8.00 9.84 -35.17
N THR G 181 -7.20 9.01 -35.84
CA THR G 181 -6.36 9.48 -36.95
C THR G 181 -6.82 8.83 -38.25
N LEU G 182 -7.14 9.66 -39.23
CA LEU G 182 -7.60 9.20 -40.53
C LEU G 182 -6.87 9.97 -41.62
N SER G 183 -6.64 9.28 -42.74
CA SER G 183 -6.19 9.91 -43.96
C SER G 183 -7.20 10.94 -44.48
N LYS G 184 -6.67 11.95 -45.18
CA LYS G 184 -7.53 12.99 -45.76
C LYS G 184 -8.58 12.38 -46.68
N ALA G 185 -8.23 11.29 -47.37
CA ALA G 185 -9.20 10.61 -48.20
C ALA G 185 -10.26 9.93 -47.34
N ASP G 186 -9.81 9.15 -46.35
CA ASP G 186 -10.69 8.45 -45.42
C ASP G 186 -11.55 9.41 -44.59
N TYR G 187 -11.04 10.61 -44.30
CA TYR G 187 -11.79 11.55 -43.47
C TYR G 187 -13.05 12.03 -44.18
N GLU G 188 -12.97 12.20 -45.50
CA GLU G 188 -14.07 12.71 -46.30
C GLU G 188 -15.04 11.61 -46.73
N LYS G 189 -14.72 10.34 -46.48
CA LYS G 189 -15.65 9.27 -46.80
C LYS G 189 -16.88 9.25 -45.90
N HIS G 190 -16.84 9.95 -44.76
CA HIS G 190 -17.92 9.84 -43.77
C HIS G 190 -18.33 11.23 -43.28
N LYS G 191 -19.46 11.27 -42.57
CA LYS G 191 -20.12 12.52 -42.23
C LYS G 191 -20.15 12.79 -40.72
N VAL G 192 -20.61 11.83 -39.93
CA VAL G 192 -20.86 12.02 -38.50
C VAL G 192 -19.69 11.46 -37.71
N TYR G 193 -19.03 12.30 -36.93
CA TYR G 193 -17.92 11.90 -36.07
C TYR G 193 -18.29 12.11 -34.61
N ALA G 194 -18.34 11.01 -33.84
CA ALA G 194 -18.79 11.04 -32.46
C ALA G 194 -17.89 10.18 -31.59
N CYS G 195 -17.69 10.61 -30.35
CA CYS G 195 -17.07 9.79 -29.31
C CYS G 195 -18.04 9.63 -28.14
N GLU G 196 -18.22 8.38 -27.71
CA GLU G 196 -19.16 8.03 -26.65
C GLU G 196 -18.37 7.65 -25.41
N VAL G 197 -18.62 8.34 -24.29
CA VAL G 197 -17.82 8.22 -23.09
C VAL G 197 -18.66 7.55 -21.99
N THR G 198 -18.13 6.47 -21.43
CA THR G 198 -18.72 5.79 -20.28
C THR G 198 -17.77 5.98 -19.10
N HIS G 199 -18.29 6.53 -18.00
CA HIS G 199 -17.52 6.73 -16.79
C HIS G 199 -18.45 6.61 -15.59
N GLN G 200 -17.91 6.06 -14.49
CA GLN G 200 -18.76 5.76 -13.34
C GLN G 200 -19.32 7.01 -12.69
N GLY G 201 -18.88 8.19 -13.12
CA GLY G 201 -19.46 9.43 -12.67
C GLY G 201 -20.66 9.89 -13.45
N LEU G 202 -21.09 9.13 -14.46
CA LEU G 202 -22.22 9.52 -15.28
C LEU G 202 -23.31 8.47 -15.20
N SER G 203 -24.57 8.92 -15.29
CA SER G 203 -25.71 8.01 -15.25
C SER G 203 -25.82 7.17 -16.52
N SER G 204 -25.22 7.64 -17.63
CA SER G 204 -25.41 7.05 -18.95
C SER G 204 -24.28 7.54 -19.83
N PRO G 205 -23.91 6.78 -20.87
CA PRO G 205 -22.88 7.26 -21.79
C PRO G 205 -23.18 8.66 -22.32
N VAL G 206 -22.12 9.46 -22.47
CA VAL G 206 -22.22 10.82 -23.00
C VAL G 206 -21.56 10.86 -24.38
N THR G 207 -22.29 11.35 -25.37
CA THR G 207 -21.81 11.40 -26.74
C THR G 207 -21.63 12.87 -27.15
N LYS G 208 -20.44 13.18 -27.65
CA LYS G 208 -20.14 14.45 -28.31
C LYS G 208 -19.84 14.18 -29.78
N SER G 209 -20.54 14.88 -30.67
CA SER G 209 -20.43 14.62 -32.10
C SER G 209 -20.28 15.94 -32.84
N PHE G 210 -19.90 15.83 -34.12
CA PHE G 210 -19.87 16.97 -35.03
C PHE G 210 -20.06 16.47 -36.45
N ASN G 211 -20.61 17.36 -37.28
CA ASN G 211 -20.76 17.11 -38.71
C ASN G 211 -19.52 17.68 -39.38
N ARG G 212 -18.87 16.88 -40.23
CA ARG G 212 -17.66 17.33 -40.93
C ARG G 212 -17.88 18.64 -41.67
N GLY G 213 -19.11 18.95 -42.07
CA GLY G 213 -19.32 20.18 -42.81
C GLY G 213 -19.16 21.42 -41.96
N GLU G 214 -19.19 21.26 -40.64
CA GLU G 214 -19.02 22.36 -39.67
C GLU G 214 -19.99 23.51 -39.93
N GLU H 1 16.87 29.27 -4.59
CA GLU H 1 18.25 29.74 -4.57
C GLU H 1 19.15 28.78 -5.34
N VAL H 2 19.32 27.58 -4.80
CA VAL H 2 20.15 26.57 -5.46
C VAL H 2 19.44 26.11 -6.73
N GLN H 3 20.13 26.24 -7.86
CA GLN H 3 19.59 25.83 -9.15
C GLN H 3 20.59 24.97 -9.90
N LEU H 4 20.09 23.91 -10.53
CA LEU H 4 20.87 23.07 -11.43
C LEU H 4 20.14 23.03 -12.76
N VAL H 5 20.86 23.25 -13.85
CA VAL H 5 20.27 23.40 -15.18
C VAL H 5 20.92 22.39 -16.09
N GLU H 6 20.13 21.43 -16.57
CA GLU H 6 20.61 20.40 -17.48
C GLU H 6 20.70 20.92 -18.90
N SER H 7 21.61 20.35 -19.68
CA SER H 7 21.75 20.71 -21.08
C SER H 7 22.51 19.60 -21.81
N GLY H 8 22.42 19.63 -23.15
CA GLY H 8 23.16 18.71 -23.99
C GLY H 8 22.42 17.45 -24.41
N GLY H 9 21.16 17.30 -24.03
CA GLY H 9 20.40 16.12 -24.40
C GLY H 9 20.01 16.12 -25.87
N GLY H 10 19.28 15.06 -26.25
CA GLY H 10 18.76 14.91 -27.58
C GLY H 10 19.02 13.53 -28.13
N LEU H 11 19.01 13.44 -29.46
CA LEU H 11 19.20 12.16 -30.16
C LEU H 11 20.66 11.93 -30.48
N VAL H 12 21.07 10.67 -30.43
CA VAL H 12 22.40 10.25 -30.88
C VAL H 12 22.29 8.84 -31.43
N GLN H 13 23.07 8.55 -32.47
CA GLN H 13 23.07 7.22 -33.06
C GLN H 13 23.77 6.22 -32.14
N PRO H 14 23.42 4.93 -32.24
CA PRO H 14 24.13 3.92 -31.44
C PRO H 14 25.62 3.91 -31.76
N GLY H 15 26.43 3.80 -30.70
CA GLY H 15 27.86 3.94 -30.82
C GLY H 15 28.36 5.37 -30.84
N GLY H 16 27.45 6.35 -30.89
CA GLY H 16 27.85 7.75 -30.94
C GLY H 16 28.33 8.29 -29.61
N SER H 17 28.81 9.53 -29.66
CA SER H 17 29.31 10.23 -28.48
C SER H 17 28.57 11.55 -28.30
N LEU H 18 28.31 11.89 -27.04
CA LEU H 18 27.59 13.12 -26.70
C LEU H 18 28.03 13.56 -25.32
N ARG H 19 28.04 14.89 -25.11
CA ARG H 19 28.39 15.49 -23.84
C ARG H 19 27.18 16.16 -23.22
N LEU H 20 26.84 15.77 -22.00
CA LEU H 20 25.87 16.49 -21.19
C LEU H 20 26.57 17.60 -20.42
N SER H 21 25.84 18.69 -20.20
CA SER H 21 26.36 19.82 -19.45
C SER H 21 25.36 20.22 -18.37
N CYS H 22 25.87 20.59 -17.20
CA CYS H 22 25.02 21.03 -16.10
C CYS H 22 25.64 22.27 -15.47
N ALA H 23 24.85 23.33 -15.41
CA ALA H 23 25.28 24.60 -14.82
C ALA H 23 24.61 24.77 -13.45
N ALA H 24 25.40 25.22 -12.48
CA ALA H 24 24.96 25.34 -11.11
C ALA H 24 24.96 26.81 -10.68
N SER H 25 24.08 27.12 -9.75
CA SER H 25 24.00 28.46 -9.18
C SER H 25 23.45 28.36 -7.76
N GLY H 26 23.74 29.39 -6.97
CA GLY H 26 23.23 29.51 -5.62
C GLY H 26 24.07 28.88 -4.54
N PHE H 27 25.23 28.32 -4.87
CA PHE H 27 26.14 27.79 -3.86
C PHE H 27 27.56 27.83 -4.39
N THR H 28 28.51 27.64 -3.49
CA THR H 28 29.93 27.55 -3.87
C THR H 28 30.14 26.21 -4.55
N PHE H 29 30.20 26.22 -5.88
CA PHE H 29 30.26 24.97 -6.64
C PHE H 29 31.54 24.20 -6.34
N SER H 30 32.66 24.90 -6.18
CA SER H 30 33.94 24.25 -5.90
C SER H 30 33.92 23.44 -4.61
N SER H 31 33.04 23.75 -3.67
CA SER H 31 33.05 23.14 -2.35
C SER H 31 32.19 21.89 -2.25
N TYR H 32 31.45 21.52 -3.30
CA TYR H 32 30.52 20.41 -3.24
C TYR H 32 30.87 19.34 -4.26
N ASP H 33 30.63 18.10 -3.88
CA ASP H 33 30.69 16.99 -4.82
C ASP H 33 29.53 17.08 -5.81
N MET H 34 29.75 16.57 -7.03
CA MET H 34 28.71 16.53 -8.04
C MET H 34 28.54 15.11 -8.54
N HIS H 35 27.31 14.77 -8.93
CA HIS H 35 26.95 13.43 -9.37
C HIS H 35 26.11 13.50 -10.63
N TRP H 36 26.13 12.41 -11.38
CA TRP H 36 25.15 12.16 -12.43
C TRP H 36 24.33 10.93 -12.07
N VAL H 37 23.01 11.07 -12.12
CA VAL H 37 22.07 9.98 -11.90
C VAL H 37 21.13 9.91 -13.09
N ARG H 38 20.79 8.70 -13.52
CA ARG H 38 19.89 8.51 -14.64
C ARG H 38 18.70 7.67 -14.23
N GLN H 39 17.60 7.82 -14.98
CA GLN H 39 16.35 7.15 -14.69
C GLN H 39 15.81 6.51 -15.96
N THR H 40 15.43 5.25 -15.87
CA THR H 40 14.80 4.53 -16.96
C THR H 40 13.52 3.89 -16.43
N THR H 41 12.59 3.63 -17.35
CA THR H 41 11.31 3.06 -16.96
C THR H 41 11.48 1.67 -16.36
N GLY H 42 12.38 0.87 -16.93
CA GLY H 42 12.59 -0.49 -16.46
C GLY H 42 13.49 -0.63 -15.25
N LYS H 43 14.61 0.11 -15.24
CA LYS H 43 15.65 -0.08 -14.23
C LYS H 43 15.64 0.99 -13.13
N GLY H 44 14.78 2.00 -13.23
CA GLY H 44 14.70 2.98 -12.17
C GLY H 44 15.90 3.92 -12.08
N LEU H 45 16.08 4.48 -10.89
CA LEU H 45 17.19 5.41 -10.64
C LEU H 45 18.50 4.66 -10.54
N GLU H 46 19.43 4.98 -11.44
CA GLU H 46 20.78 4.43 -11.42
C GLU H 46 21.78 5.56 -11.28
N TRP H 47 22.66 5.45 -10.29
CA TRP H 47 23.80 6.37 -10.20
C TRP H 47 24.80 6.13 -11.32
N VAL H 48 25.28 7.20 -11.94
CA VAL H 48 26.10 7.12 -13.14
C VAL H 48 27.52 7.61 -12.90
N SER H 49 27.69 8.67 -12.11
CA SER H 49 29.04 9.16 -11.90
C SER H 49 29.09 10.04 -10.66
N THR H 50 30.30 10.19 -10.12
CA THR H 50 30.57 11.06 -8.99
C THR H 50 31.90 11.76 -9.22
N ILE H 51 31.95 13.06 -8.91
CA ILE H 51 33.19 13.82 -8.92
C ILE H 51 33.30 14.59 -7.59
N GLY H 52 34.44 14.44 -6.93
CA GLY H 52 34.66 15.06 -5.64
C GLY H 52 35.31 16.44 -5.75
N THR H 53 35.79 16.91 -4.60
CA THR H 53 36.42 18.22 -4.49
C THR H 53 37.93 18.18 -4.69
N ALA H 54 38.51 16.99 -4.87
CA ALA H 54 39.95 16.83 -4.99
C ALA H 54 40.35 16.21 -6.33
N GLY H 55 39.49 16.31 -7.34
CA GLY H 55 39.75 15.67 -8.61
C GLY H 55 39.43 14.19 -8.67
N ASP H 56 38.84 13.64 -7.61
CA ASP H 56 38.52 12.22 -7.57
C ASP H 56 37.21 11.95 -8.30
N THR H 57 37.22 10.92 -9.14
CA THR H 57 36.07 10.55 -9.96
C THR H 57 35.73 9.09 -9.75
N TYR H 58 34.44 8.78 -9.85
CA TYR H 58 33.95 7.44 -9.54
C TYR H 58 32.89 7.04 -10.55
N TYR H 59 32.84 5.75 -10.87
CA TYR H 59 31.93 5.24 -11.89
C TYR H 59 31.49 3.84 -11.50
N PRO H 60 30.31 3.41 -11.94
CA PRO H 60 29.98 1.99 -11.91
C PRO H 60 30.57 1.26 -13.11
N ASP H 61 30.60 -0.07 -13.01
CA ASP H 61 31.20 -0.88 -14.06
C ASP H 61 30.48 -0.73 -15.40
N SER H 62 29.18 -0.46 -15.38
CA SER H 62 28.41 -0.34 -16.61
C SER H 62 28.90 0.79 -17.52
N VAL H 63 29.64 1.77 -16.98
CA VAL H 63 30.01 2.96 -17.75
C VAL H 63 31.49 3.26 -17.60
N LYS H 64 32.17 2.52 -16.72
CA LYS H 64 33.56 2.79 -16.35
C LYS H 64 34.47 3.08 -17.53
N GLY H 65 34.26 2.43 -18.66
CA GLY H 65 35.11 2.65 -19.81
C GLY H 65 34.55 3.67 -20.78
N ARG H 66 33.25 3.93 -20.68
CA ARG H 66 32.54 4.77 -21.64
C ARG H 66 32.30 6.19 -21.18
N PHE H 67 31.95 6.43 -19.92
CA PHE H 67 31.63 7.78 -19.47
C PHE H 67 32.80 8.41 -18.71
N THR H 68 32.92 9.73 -18.85
CA THR H 68 33.95 10.52 -18.16
C THR H 68 33.29 11.76 -17.58
N ILE H 69 33.29 11.88 -16.26
CA ILE H 69 32.78 13.06 -15.57
C ILE H 69 33.89 14.09 -15.44
N SER H 70 33.52 15.36 -15.57
CA SER H 70 34.46 16.45 -15.33
C SER H 70 33.71 17.64 -14.76
N ARG H 71 34.45 18.56 -14.16
CA ARG H 71 33.86 19.78 -13.63
C ARG H 71 34.76 20.95 -13.97
N GLU H 72 34.15 22.14 -14.02
CA GLU H 72 34.84 23.38 -14.35
C GLU H 72 34.40 24.39 -13.29
N ASP H 73 35.11 24.38 -12.15
CA ASP H 73 34.74 25.23 -11.03
C ASP H 73 34.82 26.70 -11.38
N ALA H 74 35.66 27.06 -12.35
CA ALA H 74 35.73 28.46 -12.78
C ALA H 74 34.40 28.94 -13.34
N LYS H 75 33.57 28.04 -13.87
CA LYS H 75 32.29 28.40 -14.45
C LYS H 75 31.11 27.71 -13.76
N ASN H 76 31.32 27.12 -12.58
CA ASN H 76 30.28 26.40 -11.84
C ASN H 76 29.54 25.41 -12.74
N SER H 77 30.30 24.65 -13.52
CA SER H 77 29.76 23.81 -14.58
C SER H 77 30.19 22.36 -14.37
N LEU H 78 29.34 21.45 -14.80
CA LEU H 78 29.59 20.02 -14.71
C LEU H 78 29.33 19.39 -16.06
N TYR H 79 30.13 18.39 -16.41
CA TYR H 79 30.06 17.76 -17.71
C TYR H 79 30.08 16.25 -17.56
N LEU H 80 29.48 15.57 -18.53
CA LEU H 80 29.55 14.11 -18.63
C LEU H 80 29.78 13.74 -20.09
N GLN H 81 31.04 13.46 -20.43
CA GLN H 81 31.37 12.95 -21.76
C GLN H 81 30.98 11.49 -21.85
N MET H 82 30.08 11.17 -22.79
CA MET H 82 29.59 9.81 -22.98
C MET H 82 30.02 9.32 -24.35
N ASN H 83 30.75 8.20 -24.38
CA ASN H 83 31.21 7.58 -25.61
C ASN H 83 30.68 6.16 -25.70
N SER H 84 30.63 5.64 -26.94
CA SER H 84 30.12 4.30 -27.20
C SER H 84 28.73 4.11 -26.62
N LEU H 85 27.88 5.12 -26.82
CA LEU H 85 26.53 5.09 -26.27
C LEU H 85 25.71 3.96 -26.88
N ARG H 86 25.19 3.09 -26.03
CA ARG H 86 24.33 2.01 -26.45
C ARG H 86 22.87 2.40 -26.23
N ALA H 87 21.97 1.64 -26.86
CA ALA H 87 20.54 1.93 -26.73
C ALA H 87 20.11 1.93 -25.28
N GLY H 88 20.69 1.04 -24.46
CA GLY H 88 20.38 0.98 -23.04
C GLY H 88 20.73 2.23 -22.26
N ASP H 89 21.49 3.15 -22.85
CA ASP H 89 21.76 4.43 -22.18
C ASP H 89 20.63 5.43 -22.33
N THR H 90 19.58 5.10 -23.08
CA THR H 90 18.44 5.98 -23.23
C THR H 90 17.78 6.23 -21.88
N ALA H 91 17.93 7.44 -21.35
CA ALA H 91 17.46 7.73 -20.01
C ALA H 91 17.37 9.24 -19.82
N VAL H 92 16.66 9.64 -18.77
CA VAL H 92 16.69 11.01 -18.27
C VAL H 92 17.84 11.11 -17.28
N TYR H 93 18.77 12.04 -17.54
CA TYR H 93 19.96 12.20 -16.72
C TYR H 93 19.82 13.43 -15.85
N TYR H 94 20.07 13.26 -14.56
CA TYR H 94 20.04 14.34 -13.57
C TYR H 94 21.45 14.59 -13.05
N CYS H 95 21.90 15.82 -13.12
CA CYS H 95 23.03 16.24 -12.29
C CYS H 95 22.53 16.56 -10.90
N ALA H 96 23.26 16.14 -9.89
CA ALA H 96 22.83 16.34 -8.52
C ALA H 96 24.01 16.76 -7.66
N ARG H 97 23.75 17.66 -6.72
CA ARG H 97 24.74 18.01 -5.73
C ARG H 97 24.69 17.02 -4.58
N GLY H 98 25.86 16.62 -4.10
CA GLY H 98 25.96 15.73 -2.96
C GLY H 98 26.42 16.47 -1.72
N ASP H 99 25.97 16.02 -0.56
CA ASP H 99 26.40 16.58 0.71
C ASP H 99 26.30 15.49 1.77
N SER H 100 26.90 15.76 2.93
CA SER H 100 26.85 14.84 4.05
C SER H 100 26.58 15.61 5.34
N SER H 101 25.87 14.95 6.25
CA SER H 101 25.71 15.40 7.63
C SER H 101 26.50 14.42 8.48
N GLY H 102 27.75 14.76 8.75
CA GLY H 102 28.67 13.80 9.33
C GLY H 102 29.00 12.73 8.31
N TYR H 103 28.82 11.46 8.69
CA TYR H 103 29.11 10.35 7.80
C TYR H 103 27.99 10.07 6.81
N TYR H 104 26.76 10.46 7.12
CA TYR H 104 25.61 10.11 6.30
C TYR H 104 25.53 11.04 5.09
N TYR H 105 25.50 10.45 3.89
CA TYR H 105 25.63 11.15 2.63
C TYR H 105 24.30 11.16 1.89
N TYR H 106 24.05 12.24 1.14
CA TYR H 106 22.78 12.39 0.44
C TYR H 106 22.93 13.33 -0.74
N PHE H 107 22.01 13.20 -1.70
CA PHE H 107 21.88 14.14 -2.81
C PHE H 107 20.77 15.13 -2.49
N ASP H 108 21.13 16.38 -2.21
CA ASP H 108 20.15 17.34 -1.74
C ASP H 108 19.47 18.11 -2.87
N TYR H 109 20.17 18.40 -3.96
CA TYR H 109 19.62 19.18 -5.05
C TYR H 109 19.82 18.49 -6.38
N TRP H 110 18.76 18.50 -7.21
CA TRP H 110 18.76 17.84 -8.51
C TRP H 110 18.39 18.85 -9.59
N GLY H 111 18.90 18.64 -10.80
CA GLY H 111 18.52 19.45 -11.94
C GLY H 111 17.18 19.04 -12.50
N GLN H 112 16.83 19.62 -13.65
CA GLN H 112 15.54 19.33 -14.26
C GLN H 112 15.50 17.96 -14.92
N GLY H 113 16.65 17.41 -15.23
CA GLY H 113 16.75 16.21 -16.06
C GLY H 113 16.88 16.56 -17.52
N THR H 114 17.66 15.74 -18.23
CA THR H 114 17.79 15.84 -19.67
C THR H 114 17.63 14.46 -20.28
N LEU H 115 16.86 14.39 -21.37
CA LEU H 115 16.55 13.12 -22.01
C LEU H 115 17.59 12.83 -23.08
N LEU H 116 18.23 11.67 -22.97
CA LEU H 116 19.14 11.15 -24.00
C LEU H 116 18.48 9.96 -24.68
N THR H 117 18.37 10.03 -26.00
CA THR H 117 17.83 8.93 -26.80
C THR H 117 18.90 8.41 -27.74
N VAL H 118 19.23 7.12 -27.60
CA VAL H 118 20.20 6.45 -28.45
C VAL H 118 19.42 5.58 -29.41
N SER H 119 19.26 6.04 -30.65
CA SER H 119 18.43 5.34 -31.62
C SER H 119 18.97 5.55 -33.02
N SER H 120 18.74 4.56 -33.89
CA SER H 120 19.11 4.67 -35.29
C SER H 120 18.16 5.57 -36.07
N ALA H 121 16.98 5.85 -35.53
CA ALA H 121 16.00 6.68 -36.22
C ALA H 121 16.50 8.12 -36.37
N SER H 122 15.87 8.85 -37.28
CA SER H 122 16.24 10.21 -37.63
C SER H 122 15.36 11.22 -36.89
N THR H 123 15.91 12.41 -36.69
CA THR H 123 15.14 13.51 -36.11
C THR H 123 14.01 13.92 -37.05
N LYS H 124 12.88 14.31 -36.46
CA LYS H 124 11.71 14.75 -37.21
C LYS H 124 11.03 15.86 -36.43
N GLY H 125 10.85 17.02 -37.08
CA GLY H 125 10.22 18.15 -36.43
C GLY H 125 8.72 18.00 -36.32
N PRO H 126 8.16 18.47 -35.22
CA PRO H 126 6.71 18.32 -35.01
C PRO H 126 5.90 19.27 -35.87
N SER H 127 4.74 18.79 -36.29
CA SER H 127 3.71 19.61 -36.90
C SER H 127 2.70 19.99 -35.82
N VAL H 128 2.41 21.28 -35.71
CA VAL H 128 1.53 21.80 -34.65
C VAL H 128 0.24 22.29 -35.28
N PHE H 129 -0.88 21.76 -34.80
CA PHE H 129 -2.19 22.09 -35.33
C PHE H 129 -3.10 22.58 -34.22
N PRO H 130 -3.96 23.55 -34.50
CA PRO H 130 -4.84 24.07 -33.45
C PRO H 130 -6.05 23.18 -33.23
N LEU H 131 -6.41 23.02 -31.97
CA LEU H 131 -7.66 22.37 -31.58
C LEU H 131 -8.61 23.48 -31.16
N ALA H 132 -9.32 24.03 -32.15
CA ALA H 132 -10.12 25.21 -31.91
C ALA H 132 -11.33 24.87 -31.04
N PRO H 133 -11.72 25.76 -30.13
CA PRO H 133 -12.89 25.49 -29.29
C PRO H 133 -14.17 25.46 -30.11
N SER H 134 -15.16 24.72 -29.60
CA SER H 134 -16.44 24.56 -30.27
C SER H 134 -17.26 25.85 -30.19
N SER H 135 -18.40 25.83 -30.87
CA SER H 135 -19.32 26.96 -30.87
C SER H 135 -20.34 26.81 -29.75
N GLY H 141 -20.70 29.15 -19.68
CA GLY H 141 -20.09 27.88 -19.34
C GLY H 141 -18.59 27.90 -19.65
N THR H 142 -17.95 26.75 -19.47
CA THR H 142 -16.53 26.59 -19.72
C THR H 142 -16.31 25.83 -21.02
N ALA H 143 -15.32 26.27 -21.79
CA ALA H 143 -15.00 25.68 -23.09
C ALA H 143 -13.54 25.28 -23.11
N ALA H 144 -13.23 24.26 -23.91
CA ALA H 144 -11.90 23.68 -23.97
C ALA H 144 -11.27 23.92 -25.32
N LEU H 145 -9.95 24.11 -25.30
CA LEU H 145 -9.16 24.40 -26.48
C LEU H 145 -7.77 23.81 -26.28
N GLY H 146 -7.04 23.61 -27.37
CA GLY H 146 -5.71 23.06 -27.24
C GLY H 146 -4.92 23.09 -28.53
N CYS H 147 -3.77 22.40 -28.49
CA CYS H 147 -2.89 22.24 -29.64
C CYS H 147 -2.50 20.77 -29.79
N LEU H 148 -2.45 20.32 -31.04
CA LEU H 148 -1.99 18.97 -31.35
C LEU H 148 -0.57 19.05 -31.94
N VAL H 149 0.38 18.47 -31.22
CA VAL H 149 1.78 18.45 -31.63
C VAL H 149 2.07 17.06 -32.21
N LYS H 150 2.03 16.94 -33.53
CA LYS H 150 2.00 15.65 -34.20
C LYS H 150 3.31 15.36 -34.92
N ASP H 151 3.67 14.08 -34.95
CA ASP H 151 4.73 13.52 -35.80
C ASP H 151 6.08 14.21 -35.54
N TYR H 152 6.66 13.87 -34.40
CA TYR H 152 8.00 14.34 -34.06
C TYR H 152 8.81 13.20 -33.47
N PHE H 153 10.13 13.34 -33.54
CA PHE H 153 11.06 12.39 -32.95
C PHE H 153 12.39 13.08 -32.73
N PRO H 154 13.09 12.82 -31.64
CA PRO H 154 12.65 12.07 -30.44
C PRO H 154 11.88 12.94 -29.48
N GLU H 155 11.38 12.37 -28.38
CA GLU H 155 10.95 13.18 -27.25
C GLU H 155 12.14 13.94 -26.67
N PRO H 156 11.91 15.07 -26.00
CA PRO H 156 10.61 15.68 -25.67
C PRO H 156 10.23 16.89 -26.51
N VAL H 157 8.95 17.25 -26.50
CA VAL H 157 8.49 18.57 -26.90
C VAL H 157 8.07 19.33 -25.66
N THR H 158 8.45 20.60 -25.58
CA THR H 158 7.95 21.50 -24.55
C THR H 158 6.76 22.27 -25.10
N VAL H 159 5.72 22.37 -24.29
CA VAL H 159 4.52 23.13 -24.63
C VAL H 159 4.19 24.06 -23.47
N SER H 160 3.98 25.33 -23.77
CA SER H 160 3.48 26.30 -22.81
C SER H 160 2.40 27.12 -23.48
N TRP H 161 1.64 27.85 -22.68
CA TRP H 161 0.56 28.71 -23.18
C TRP H 161 0.86 30.15 -22.82
N ASN H 162 0.73 31.04 -23.82
CA ASN H 162 0.96 32.48 -23.66
C ASN H 162 2.30 32.76 -23.02
N SER H 163 3.35 32.10 -23.55
CA SER H 163 4.73 32.27 -23.08
C SER H 163 4.85 32.01 -21.59
N GLY H 164 4.00 31.12 -21.07
CA GLY H 164 4.04 30.75 -19.66
C GLY H 164 3.05 31.49 -18.79
N ALA H 165 2.31 32.45 -19.33
CA ALA H 165 1.35 33.20 -18.52
C ALA H 165 0.15 32.36 -18.13
N LEU H 166 -0.24 31.39 -18.97
CA LEU H 166 -1.43 30.59 -18.75
C LEU H 166 -1.01 29.18 -18.34
N THR H 167 -0.94 28.95 -17.03
CA THR H 167 -0.62 27.64 -16.49
C THR H 167 -1.81 26.93 -15.85
N SER H 168 -2.76 27.69 -15.30
CA SER H 168 -3.94 27.09 -14.68
C SER H 168 -4.83 26.45 -15.72
N GLY H 169 -5.30 25.23 -15.44
CA GLY H 169 -6.18 24.51 -16.33
C GLY H 169 -5.52 23.90 -17.54
N VAL H 170 -4.19 23.88 -17.58
CA VAL H 170 -3.45 23.31 -18.70
C VAL H 170 -3.19 21.83 -18.43
N HIS H 171 -3.43 21.01 -19.44
CA HIS H 171 -3.16 19.57 -19.37
C HIS H 171 -2.42 19.18 -20.64
N THR H 172 -1.10 19.03 -20.54
CA THR H 172 -0.29 18.51 -21.64
C THR H 172 -0.19 16.99 -21.46
N PHE H 173 -0.67 16.26 -22.46
CA PHE H 173 -0.76 14.82 -22.31
C PHE H 173 0.57 14.14 -22.60
N PRO H 174 0.83 13.00 -21.95
CA PRO H 174 2.01 12.22 -22.30
C PRO H 174 2.03 11.86 -23.77
N ALA H 175 3.24 11.85 -24.34
CA ALA H 175 3.40 11.58 -25.77
C ALA H 175 3.06 10.13 -26.09
N VAL H 176 2.24 9.94 -27.11
CA VAL H 176 1.88 8.61 -27.59
C VAL H 176 2.79 8.26 -28.76
N LEU H 177 3.42 7.09 -28.68
CA LEU H 177 4.23 6.60 -29.78
C LEU H 177 3.33 6.01 -30.86
N GLN H 178 3.38 6.56 -32.06
CA GLN H 178 2.58 6.08 -33.16
C GLN H 178 3.27 4.92 -33.88
N SER H 179 2.48 4.17 -34.65
CA SER H 179 3.02 3.05 -35.42
C SER H 179 4.09 3.51 -36.39
N SER H 180 4.03 4.77 -36.83
CA SER H 180 5.07 5.33 -37.69
C SER H 180 6.40 5.50 -36.98
N GLY H 181 6.44 5.28 -35.66
CA GLY H 181 7.64 5.53 -34.90
C GLY H 181 7.83 6.98 -34.50
N LEU H 182 6.86 7.83 -34.80
CA LEU H 182 6.88 9.23 -34.41
C LEU H 182 5.96 9.43 -33.20
N TYR H 183 6.39 10.30 -32.28
CA TYR H 183 5.56 10.65 -31.15
C TYR H 183 4.56 11.72 -31.54
N SER H 184 3.39 11.69 -30.90
CA SER H 184 2.41 12.76 -31.01
C SER H 184 1.89 13.11 -29.62
N LEU H 185 1.50 14.37 -29.46
CA LEU H 185 1.17 14.90 -28.15
C LEU H 185 0.06 15.92 -28.31
N SER H 186 -0.86 15.93 -27.34
CA SER H 186 -1.90 16.93 -27.27
C SER H 186 -1.76 17.73 -25.98
N SER H 187 -1.89 19.04 -26.07
CA SER H 187 -1.92 19.91 -24.91
C SER H 187 -3.18 20.75 -24.99
N VAL H 188 -3.98 20.73 -23.93
CA VAL H 188 -5.24 21.45 -23.89
C VAL H 188 -5.26 22.35 -22.67
N VAL H 189 -6.05 23.42 -22.77
CA VAL H 189 -6.36 24.29 -21.65
C VAL H 189 -7.86 24.54 -21.65
N THR H 190 -8.46 24.55 -20.48
CA THR H 190 -9.89 24.78 -20.34
C THR H 190 -10.11 26.20 -19.87
N VAL H 191 -10.98 26.93 -20.57
CA VAL H 191 -11.07 28.38 -20.38
C VAL H 191 -12.53 28.79 -20.32
N PRO H 192 -12.79 29.91 -19.65
CA PRO H 192 -14.16 30.46 -19.61
C PRO H 192 -14.62 30.92 -21.00
N SER H 193 -15.85 30.54 -21.36
CA SER H 193 -16.37 30.91 -22.67
C SER H 193 -16.48 32.42 -22.84
N SER H 194 -16.64 33.16 -21.74
CA SER H 194 -16.69 34.61 -21.81
C SER H 194 -15.41 35.20 -22.39
N SER H 195 -14.27 34.55 -22.16
CA SER H 195 -12.96 35.09 -22.52
C SER H 195 -12.52 34.73 -23.93
N LEU H 196 -13.33 33.96 -24.67
CA LEU H 196 -12.93 33.60 -26.03
C LEU H 196 -12.79 34.81 -26.93
N GLY H 197 -13.47 35.91 -26.61
CA GLY H 197 -13.28 37.15 -27.34
C GLY H 197 -12.29 38.09 -26.69
N THR H 198 -12.16 37.98 -25.36
CA THR H 198 -11.29 38.89 -24.61
C THR H 198 -9.82 38.50 -24.68
N GLN H 199 -9.51 37.20 -24.77
CA GLN H 199 -8.14 36.73 -24.65
C GLN H 199 -7.76 35.86 -25.83
N THR H 200 -6.51 35.99 -26.27
CA THR H 200 -5.92 35.15 -27.31
C THR H 200 -5.08 34.07 -26.65
N TYR H 201 -5.40 32.81 -26.96
CA TYR H 201 -4.70 31.66 -26.38
C TYR H 201 -3.77 31.09 -27.43
N ILE H 202 -2.48 31.02 -27.09
CA ILE H 202 -1.44 30.59 -28.02
C ILE H 202 -0.54 29.58 -27.32
N CYS H 203 -0.39 28.40 -27.93
CA CYS H 203 0.56 27.40 -27.43
C CYS H 203 1.93 27.65 -28.03
N ASN H 204 2.96 27.53 -27.18
CA ASN H 204 4.35 27.63 -27.61
C ASN H 204 4.95 26.24 -27.59
N VAL H 205 5.35 25.75 -28.76
CA VAL H 205 5.84 24.40 -28.92
C VAL H 205 7.34 24.47 -29.16
N ASN H 206 8.11 23.77 -28.32
CA ASN H 206 9.56 23.73 -28.42
C ASN H 206 10.01 22.30 -28.61
N HIS H 207 10.78 22.06 -29.67
CA HIS H 207 11.40 20.75 -29.93
C HIS H 207 12.88 21.01 -30.18
N LYS H 208 13.64 21.13 -29.09
CA LYS H 208 15.09 21.33 -29.20
C LYS H 208 15.79 20.30 -30.09
N PRO H 209 15.41 19.01 -30.10
CA PRO H 209 16.08 18.06 -31.02
C PRO H 209 16.00 18.44 -32.49
N SER H 210 15.12 19.35 -32.89
CA SER H 210 15.07 19.82 -34.27
C SER H 210 15.11 21.34 -34.40
N ASN H 211 15.31 22.06 -33.29
CA ASN H 211 15.26 23.52 -33.29
C ASN H 211 13.94 24.05 -33.86
N THR H 212 12.87 23.30 -33.66
CA THR H 212 11.54 23.69 -34.13
C THR H 212 10.80 24.40 -33.02
N LYS H 213 10.51 25.69 -33.22
CA LYS H 213 9.77 26.50 -32.25
C LYS H 213 8.59 27.13 -32.98
N VAL H 214 7.38 26.75 -32.58
CA VAL H 214 6.16 27.20 -33.22
C VAL H 214 5.26 27.84 -32.17
N ASP H 215 4.77 29.04 -32.47
CA ASP H 215 3.76 29.72 -31.66
C ASP H 215 2.49 29.76 -32.49
N LYS H 216 1.59 28.82 -32.24
CA LYS H 216 0.33 28.71 -32.97
C LYS H 216 -0.79 29.38 -32.19
N LYS H 217 -1.51 30.27 -32.85
CA LYS H 217 -2.66 30.94 -32.26
C LYS H 217 -3.92 30.11 -32.48
N VAL H 218 -4.74 30.01 -31.44
CA VAL H 218 -5.94 29.19 -31.46
C VAL H 218 -7.14 30.09 -31.25
N GLU H 219 -8.10 30.03 -32.17
CA GLU H 219 -9.29 30.86 -32.15
C GLU H 219 -10.49 30.03 -32.60
N PRO H 220 -11.71 30.38 -32.15
CA PRO H 220 -12.95 29.67 -32.48
C PRO H 220 -13.12 29.35 -33.96
N ILE I 9 52.52 17.02 13.42
CA ILE I 9 52.75 15.83 12.61
C ILE I 9 52.91 16.20 11.14
N THR I 10 54.07 15.86 10.57
CA THR I 10 54.36 16.15 9.17
C THR I 10 54.58 14.88 8.34
N ASN I 11 54.48 13.71 8.95
CA ASN I 11 54.81 12.47 8.24
C ASN I 11 53.57 11.89 7.58
N LEU I 12 53.73 11.42 6.34
CA LEU I 12 52.61 10.95 5.56
C LEU I 12 52.36 9.47 5.87
N CYS I 13 51.11 9.07 5.88
CA CYS I 13 50.81 7.70 6.25
C CYS I 13 51.37 6.77 5.16
N PRO I 14 51.91 5.61 5.53
CA PRO I 14 52.63 4.79 4.55
C PRO I 14 51.71 3.88 3.74
N PHE I 15 50.73 4.51 3.06
CA PHE I 15 49.80 3.74 2.24
C PHE I 15 50.52 3.10 1.07
N ASP I 16 51.57 3.76 0.56
CA ASP I 16 52.32 3.22 -0.56
C ASP I 16 52.97 1.89 -0.21
N GLU I 17 53.43 1.73 1.04
CA GLU I 17 54.06 0.49 1.51
C GLU I 17 53.14 -0.71 1.36
N VAL I 18 51.83 -0.52 1.48
CA VAL I 18 50.86 -1.62 1.46
C VAL I 18 50.43 -1.92 0.03
N PHE I 19 50.05 -0.90 -0.73
CA PHE I 19 49.49 -1.15 -2.06
C PHE I 19 50.58 -1.67 -3.00
N ASN I 20 51.82 -1.18 -2.85
CA ASN I 20 52.91 -1.57 -3.73
C ASN I 20 53.87 -2.56 -3.08
N ALA I 21 53.40 -3.32 -2.08
CA ALA I 21 54.24 -4.36 -1.49
C ALA I 21 54.49 -5.49 -2.49
N THR I 22 55.73 -5.97 -2.52
CA THR I 22 56.09 -7.03 -3.47
C THR I 22 55.33 -8.33 -3.20
N ARG I 23 55.26 -8.72 -1.93
CA ARG I 23 54.57 -9.93 -1.53
C ARG I 23 53.31 -9.64 -0.73
N PHE I 24 52.26 -10.40 -0.99
CA PHE I 24 51.02 -10.34 -0.24
C PHE I 24 50.81 -11.64 0.52
N ALA I 25 50.04 -11.56 1.60
CA ALA I 25 49.77 -12.72 2.44
C ALA I 25 48.76 -13.65 1.77
N SER I 26 48.82 -14.92 2.14
CA SER I 26 47.67 -15.78 1.94
C SER I 26 46.50 -15.26 2.77
N VAL I 27 45.28 -15.46 2.24
CA VAL I 27 44.11 -14.88 2.89
C VAL I 27 43.87 -15.47 4.27
N TYR I 28 44.21 -16.75 4.47
CA TYR I 28 44.01 -17.34 5.79
C TYR I 28 44.94 -16.72 6.81
N ALA I 29 46.11 -16.28 6.37
CA ALA I 29 47.13 -15.67 7.22
C ALA I 29 47.25 -14.18 6.94
N TRP I 30 46.11 -13.50 6.77
CA TRP I 30 46.12 -12.13 6.27
C TRP I 30 46.97 -11.21 7.13
N ASN I 31 47.62 -10.26 6.48
CA ASN I 31 48.57 -9.35 7.13
C ASN I 31 47.84 -8.11 7.61
N ARG I 32 48.28 -7.57 8.75
CA ARG I 32 47.75 -6.33 9.29
C ARG I 32 48.85 -5.31 9.56
N LYS I 33 48.69 -4.11 9.02
CA LYS I 33 49.59 -2.98 9.26
C LYS I 33 48.81 -1.92 10.04
N ARG I 34 49.40 -1.43 11.14
CA ARG I 34 48.79 -0.37 11.92
CA ARG I 34 48.79 -0.37 11.93
C ARG I 34 49.39 0.96 11.49
N ILE I 35 48.54 1.82 10.94
CA ILE I 35 48.95 3.15 10.50
C ILE I 35 48.44 4.16 11.53
N SER I 36 49.35 4.95 12.07
CA SER I 36 49.05 5.87 13.16
C SER I 36 50.06 7.01 13.15
N ASN I 37 49.70 8.11 13.82
CA ASN I 37 50.60 9.25 14.01
C ASN I 37 51.16 9.71 12.66
N CYS I 38 50.24 10.01 11.76
CA CYS I 38 50.63 10.42 10.42
C CYS I 38 49.48 11.19 9.77
N VAL I 39 49.83 11.82 8.67
CA VAL I 39 48.93 12.57 7.81
C VAL I 39 48.65 11.66 6.63
N ALA I 40 47.38 11.48 6.26
CA ALA I 40 47.06 10.57 5.19
C ALA I 40 46.59 11.37 3.99
N ASP I 41 47.20 11.04 2.85
CA ASP I 41 46.86 11.55 1.53
C ASP I 41 46.22 10.43 0.73
N TYR I 42 44.90 10.45 0.62
CA TYR I 42 44.17 9.41 -0.07
C TYR I 42 44.25 9.58 -1.59
N SER I 43 45.26 10.32 -2.04
CA SER I 43 45.49 10.59 -3.45
C SER I 43 45.85 9.31 -4.19
N VAL I 44 46.44 8.34 -3.49
CA VAL I 44 46.73 7.06 -4.12
C VAL I 44 45.45 6.35 -4.56
N LEU I 45 44.35 6.55 -3.82
CA LEU I 45 43.07 5.97 -4.21
C LEU I 45 42.44 6.77 -5.37
N TYR I 46 42.35 8.09 -5.21
CA TYR I 46 41.70 8.96 -6.20
C TYR I 46 42.33 8.91 -7.59
N ASN I 47 43.65 8.80 -7.68
CA ASN I 47 44.34 8.64 -8.96
C ASN I 47 44.56 7.18 -9.33
N LEU I 48 43.46 6.45 -9.45
CA LEU I 48 43.42 5.12 -10.03
C LEU I 48 42.44 5.10 -11.19
N ALA I 49 42.87 4.57 -12.33
CA ALA I 49 41.95 4.34 -13.44
C ALA I 49 41.13 3.09 -13.14
N PRO I 50 39.83 3.20 -12.92
CA PRO I 50 39.11 2.19 -12.14
C PRO I 50 38.84 0.83 -12.78
N PHE I 51 39.83 0.20 -13.42
CA PHE I 51 39.78 -1.26 -13.48
C PHE I 51 40.09 -1.84 -12.11
N PHE I 52 40.34 -0.95 -11.15
CA PHE I 52 40.53 -1.33 -9.76
C PHE I 52 39.18 -1.32 -9.03
N THR I 53 38.99 -2.29 -8.15
CA THR I 53 37.84 -2.35 -7.26
C THR I 53 37.99 -1.21 -6.25
N PHE I 54 36.91 -0.43 -6.04
CA PHE I 54 36.96 0.59 -4.98
C PHE I 54 35.62 0.92 -4.31
N LYS I 55 35.31 0.16 -3.26
CA LYS I 55 34.05 0.29 -2.54
C LYS I 55 34.38 0.64 -1.10
N CYS I 56 33.74 1.69 -0.59
CA CYS I 56 33.91 2.18 0.77
C CYS I 56 32.63 1.99 1.56
N TYR I 57 32.79 1.78 2.86
CA TYR I 57 31.63 1.49 3.69
C TYR I 57 31.61 2.45 4.87
N GLY I 58 30.46 3.07 5.07
CA GLY I 58 30.18 4.05 6.09
C GLY I 58 30.54 5.49 5.77
N VAL I 59 31.66 5.78 5.09
CA VAL I 59 32.04 7.20 4.83
C VAL I 59 32.16 7.37 3.33
N SER I 60 32.10 8.60 2.77
CA SER I 60 32.23 8.52 1.33
C SER I 60 33.66 8.84 0.88
N PRO I 61 34.12 8.20 -0.19
CA PRO I 61 35.50 8.43 -0.68
C PRO I 61 35.86 9.88 -1.01
N THR I 62 34.90 10.75 -1.33
CA THR I 62 35.20 12.19 -1.37
C THR I 62 35.50 12.80 -0.01
N LYS I 63 34.81 12.38 1.04
CA LYS I 63 34.96 13.02 2.34
C LYS I 63 36.14 12.49 3.13
N LEU I 64 37.10 11.83 2.48
CA LEU I 64 38.17 11.24 3.27
C LEU I 64 39.26 12.25 3.60
N ASN I 65 39.50 13.28 2.79
CA ASN I 65 40.61 14.12 3.20
C ASN I 65 40.22 15.11 4.28
N ASP I 66 38.94 15.13 4.66
CA ASP I 66 38.43 16.00 5.70
C ASP I 66 38.25 15.26 7.02
N LEU I 67 38.75 14.03 7.10
CA LEU I 67 38.51 13.17 8.24
C LEU I 67 39.74 12.91 9.08
N CYS I 68 39.47 12.52 10.31
CA CYS I 68 40.46 12.11 11.30
C CYS I 68 40.00 10.83 11.94
N PHE I 69 40.96 9.99 12.35
CA PHE I 69 40.63 8.71 12.95
C PHE I 69 41.66 8.44 14.03
N THR I 70 41.28 7.60 15.01
CA THR I 70 42.25 7.20 16.02
C THR I 70 43.29 6.24 15.48
N ASN I 71 42.88 5.28 14.65
CA ASN I 71 43.81 4.36 14.03
C ASN I 71 43.27 3.93 12.68
N VAL I 72 44.19 3.74 11.73
CA VAL I 72 43.86 3.09 10.46
C VAL I 72 44.60 1.77 10.44
N TYR I 73 43.90 0.70 10.07
CA TYR I 73 44.51 -0.60 9.83
C TYR I 73 44.47 -0.89 8.34
N ALA I 74 45.53 -1.52 7.84
CA ALA I 74 45.59 -1.94 6.45
C ALA I 74 45.81 -3.46 6.41
N ASP I 75 44.75 -4.19 6.09
CA ASP I 75 44.83 -5.62 5.93
C ASP I 75 45.01 -5.93 4.44
N SER I 76 45.80 -6.96 4.15
CA SER I 76 46.11 -7.27 2.77
C SER I 76 46.33 -8.77 2.60
N PHE I 77 46.06 -9.26 1.40
CA PHE I 77 46.02 -10.69 1.10
C PHE I 77 45.71 -10.86 -0.37
N VAL I 78 45.79 -12.11 -0.83
CA VAL I 78 45.46 -12.48 -2.20
C VAL I 78 44.30 -13.47 -2.15
N ILE I 79 43.33 -13.25 -3.03
CA ILE I 79 42.19 -14.13 -3.23
C ILE I 79 41.92 -14.26 -4.72
N ARG I 80 40.94 -15.08 -5.06
CA ARG I 80 40.54 -15.20 -6.45
C ARG I 80 39.53 -14.12 -6.82
N GLY I 81 39.42 -13.87 -8.13
CA GLY I 81 38.56 -12.79 -8.58
C GLY I 81 37.12 -13.00 -8.16
N ASP I 82 36.67 -14.25 -8.20
CA ASP I 82 35.32 -14.62 -7.81
C ASP I 82 35.06 -14.40 -6.33
N GLU I 83 36.11 -14.21 -5.53
CA GLU I 83 35.97 -14.05 -4.08
C GLU I 83 36.03 -12.61 -3.62
N VAL I 84 36.33 -11.66 -4.50
CA VAL I 84 36.44 -10.27 -4.08
C VAL I 84 35.11 -9.78 -3.51
N ARG I 85 33.99 -10.27 -4.05
CA ARG I 85 32.69 -9.91 -3.52
C ARG I 85 32.53 -10.31 -2.06
N GLN I 86 33.28 -11.30 -1.59
CA GLN I 86 33.19 -11.73 -0.20
C GLN I 86 33.90 -10.78 0.76
N ILE I 87 34.72 -9.86 0.27
CA ILE I 87 35.40 -8.92 1.15
C ILE I 87 34.50 -7.71 1.32
N ALA I 88 33.41 -7.90 2.06
CA ALA I 88 32.43 -6.87 2.32
C ALA I 88 31.60 -7.30 3.51
N PRO I 89 31.02 -6.36 4.25
CA PRO I 89 30.16 -6.76 5.38
C PRO I 89 28.98 -7.57 4.87
N GLY I 90 28.57 -8.56 5.67
CA GLY I 90 27.35 -9.27 5.35
C GLY I 90 27.47 -10.32 4.28
N GLN I 91 28.69 -10.68 3.88
CA GLN I 91 28.91 -11.65 2.81
C GLN I 91 29.11 -13.05 3.37
N THR I 92 28.96 -14.05 2.50
CA THR I 92 29.20 -15.43 2.86
C THR I 92 30.10 -16.04 1.79
N GLY I 93 30.69 -17.19 2.12
CA GLY I 93 31.56 -17.89 1.21
C GLY I 93 32.73 -18.47 1.99
N ASN I 94 33.60 -19.24 1.34
CA ASN I 94 34.78 -19.77 2.03
C ASN I 94 35.63 -18.66 2.65
N ILE I 95 35.83 -17.56 1.92
CA ILE I 95 36.73 -16.51 2.39
C ILE I 95 36.13 -15.76 3.58
N ALA I 96 34.91 -15.24 3.42
CA ALA I 96 34.28 -14.50 4.50
C ALA I 96 34.04 -15.37 5.72
N ASP I 97 33.69 -16.65 5.51
CA ASP I 97 33.37 -17.52 6.64
C ASP I 97 34.64 -17.99 7.35
N TYR I 98 35.66 -18.41 6.58
CA TYR I 98 36.76 -19.17 7.15
C TYR I 98 38.12 -18.48 7.04
N ASN I 99 38.20 -17.29 6.43
CA ASN I 99 39.51 -16.70 6.18
C ASN I 99 39.62 -15.25 6.65
N TYR I 100 38.68 -14.41 6.21
CA TYR I 100 38.73 -12.99 6.56
C TYR I 100 37.30 -12.45 6.59
N LYS I 101 36.87 -12.00 7.75
CA LYS I 101 35.47 -11.65 8.00
C LYS I 101 35.42 -10.17 8.39
N LEU I 102 34.73 -9.40 7.60
CA LEU I 102 34.43 -8.03 7.97
C LEU I 102 33.18 -7.97 8.82
N PRO I 103 33.09 -7.03 9.76
CA PRO I 103 31.88 -6.93 10.58
C PRO I 103 30.75 -6.27 9.81
N ASP I 104 29.53 -6.51 10.29
CA ASP I 104 28.35 -5.90 9.70
C ASP I 104 28.47 -4.37 9.75
N ASP I 105 28.96 -3.83 10.85
CA ASP I 105 29.10 -2.40 11.06
C ASP I 105 30.45 -1.86 10.59
N PHE I 106 31.01 -2.48 9.55
CA PHE I 106 32.34 -2.10 9.05
C PHE I 106 32.33 -0.65 8.57
N THR I 107 33.33 0.11 9.02
CA THR I 107 33.60 1.43 8.47
C THR I 107 35.01 1.43 7.88
N GLY I 108 35.09 1.58 6.56
CA GLY I 108 36.37 1.54 5.89
C GLY I 108 36.17 1.42 4.39
N CYS I 109 37.24 1.04 3.70
CA CYS I 109 37.24 0.87 2.25
C CYS I 109 37.97 -0.39 1.87
N VAL I 110 37.46 -1.05 0.84
CA VAL I 110 38.05 -2.27 0.29
C VAL I 110 38.57 -1.97 -1.11
N ILE I 111 39.83 -2.29 -1.36
CA ILE I 111 40.49 -1.95 -2.61
C ILE I 111 41.10 -3.23 -3.14
N ALA I 112 40.91 -3.49 -4.43
CA ALA I 112 41.42 -4.72 -5.00
C ALA I 112 41.80 -4.49 -6.46
N TRP I 113 42.72 -5.32 -6.94
CA TRP I 113 43.16 -5.21 -8.33
C TRP I 113 43.73 -6.53 -8.81
N ASN I 114 43.59 -6.75 -10.13
CA ASN I 114 44.10 -7.97 -10.72
C ASN I 114 45.62 -7.98 -10.65
N SER I 115 46.18 -9.10 -10.19
CA SER I 115 47.62 -9.27 -10.07
C SER I 115 48.10 -10.52 -10.82
N ASN I 116 47.43 -10.86 -11.92
CA ASN I 116 47.82 -12.03 -12.69
C ASN I 116 49.27 -11.97 -13.16
N LYS I 117 49.76 -10.76 -13.48
CA LYS I 117 51.13 -10.61 -13.96
C LYS I 117 52.17 -10.88 -12.88
N LEU I 118 51.77 -10.89 -11.61
CA LEU I 118 52.70 -11.00 -10.49
C LEU I 118 52.58 -12.30 -9.71
N ASP I 119 51.38 -12.87 -9.63
CA ASP I 119 51.08 -13.96 -8.70
C ASP I 119 50.76 -15.28 -9.38
N SER I 120 50.65 -15.31 -10.70
CA SER I 120 50.51 -16.54 -11.46
C SER I 120 51.86 -17.03 -11.97
N LYS I 121 51.91 -18.35 -12.22
CA LYS I 121 53.05 -19.04 -12.78
C LYS I 121 52.51 -20.08 -13.75
N VAL I 122 53.27 -20.30 -14.83
CA VAL I 122 52.94 -21.39 -15.75
C VAL I 122 52.92 -22.73 -15.04
N SER I 123 53.85 -22.95 -14.11
CA SER I 123 53.86 -24.17 -13.32
C SER I 123 52.82 -24.18 -12.21
N GLY I 124 51.97 -23.16 -12.14
CA GLY I 124 51.04 -23.00 -11.05
C GLY I 124 51.76 -22.43 -9.84
N ASN I 125 51.22 -21.37 -9.26
CA ASN I 125 51.70 -20.88 -7.97
C ASN I 125 50.86 -21.48 -6.85
N TYR I 126 51.49 -22.30 -6.02
CA TYR I 126 50.80 -22.97 -4.92
C TYR I 126 51.15 -22.35 -3.59
N ASN I 127 51.83 -21.20 -3.60
CA ASN I 127 52.23 -20.56 -2.35
C ASN I 127 51.05 -19.91 -1.64
N TYR I 128 50.04 -19.51 -2.39
CA TYR I 128 48.89 -18.82 -1.79
C TYR I 128 47.86 -19.87 -1.37
N LEU I 129 47.51 -19.87 -0.10
CA LEU I 129 46.57 -20.83 0.45
C LEU I 129 45.34 -20.12 1.00
N TYR I 130 44.26 -20.89 1.13
CA TYR I 130 43.12 -20.41 1.89
C TYR I 130 42.59 -21.54 2.75
N ARG I 131 41.90 -21.17 3.83
CA ARG I 131 41.28 -22.16 4.69
C ARG I 131 39.95 -22.60 4.11
N LEU I 132 39.83 -23.89 3.81
CA LEU I 132 38.59 -24.39 3.25
C LEU I 132 37.68 -25.02 4.31
N PHE I 133 38.26 -25.70 5.30
CA PHE I 133 37.49 -26.39 6.33
C PHE I 133 37.72 -25.86 7.75
N ARG I 134 36.63 -25.51 8.44
CA ARG I 134 36.66 -25.16 9.87
C ARG I 134 35.24 -25.33 10.39
N LYS I 135 35.12 -25.85 11.62
CA LYS I 135 33.82 -26.21 12.17
C LYS I 135 32.97 -25.00 12.54
N SER I 136 33.52 -23.79 12.54
CA SER I 136 32.73 -22.60 12.84
C SER I 136 33.21 -21.44 11.98
N ASN I 137 32.32 -20.47 11.77
CA ASN I 137 32.68 -19.26 11.05
C ASN I 137 33.57 -18.37 11.91
N LEU I 138 34.44 -17.60 11.25
CA LEU I 138 35.24 -16.61 11.95
C LEU I 138 34.41 -15.47 12.50
N LYS I 139 34.86 -14.94 13.63
CA LYS I 139 34.38 -13.66 14.09
C LYS I 139 35.04 -12.58 13.23
N PRO I 140 34.50 -11.36 13.21
CA PRO I 140 35.13 -10.30 12.42
C PRO I 140 36.56 -10.06 12.84
N PHE I 141 37.45 -9.93 11.86
CA PHE I 141 38.86 -9.66 12.08
C PHE I 141 39.55 -10.76 12.88
N GLU I 142 39.03 -11.98 12.79
CA GLU I 142 39.66 -13.15 13.37
C GLU I 142 40.63 -13.75 12.36
N ARG I 143 41.74 -14.32 12.85
CA ARG I 143 42.76 -14.91 12.00
C ARG I 143 43.13 -16.30 12.50
N ASP I 144 42.79 -17.33 11.71
CA ASP I 144 43.05 -18.71 12.11
C ASP I 144 44.21 -19.19 11.23
N ILE I 145 45.36 -19.47 11.84
CA ILE I 145 46.51 -19.96 11.11
C ILE I 145 46.83 -21.41 11.47
N SER I 146 45.91 -22.07 12.18
CA SER I 146 46.05 -23.46 12.58
C SER I 146 46.12 -24.36 11.36
N THR I 147 46.90 -25.44 11.46
CA THR I 147 46.88 -26.45 10.41
C THR I 147 46.49 -27.82 10.95
N GLU I 148 45.76 -27.86 12.07
CA GLU I 148 45.26 -29.12 12.60
C GLU I 148 44.28 -29.74 11.62
N ILE I 149 44.33 -31.07 11.51
CA ILE I 149 43.42 -31.78 10.61
C ILE I 149 41.95 -31.61 11.00
N TYR I 150 41.13 -31.36 9.98
CA TYR I 150 39.70 -31.05 10.13
C TYR I 150 38.90 -32.35 10.19
N GLN I 151 38.11 -32.52 11.26
CA GLN I 151 37.38 -33.77 11.44
C GLN I 151 36.00 -33.58 10.84
N ALA I 152 35.80 -34.18 9.67
CA ALA I 152 34.56 -34.05 8.91
C ALA I 152 33.62 -35.21 9.15
N GLY I 153 34.00 -36.16 9.99
CA GLY I 153 33.14 -37.26 10.35
C GLY I 153 33.21 -37.54 11.84
N ASN I 154 32.48 -38.58 12.25
CA ASN I 154 32.32 -38.83 13.67
C ASN I 154 33.56 -39.43 14.31
N LYS I 155 34.45 -40.05 13.53
CA LYS I 155 35.63 -40.69 14.10
C LYS I 155 36.78 -39.70 14.24
N PRO I 156 37.56 -39.81 15.32
CA PRO I 156 38.71 -38.91 15.49
C PRO I 156 39.80 -39.16 14.46
N CYS I 157 40.49 -38.09 14.10
CA CYS I 157 41.53 -38.12 13.06
C CYS I 157 42.92 -38.49 13.58
N ASN I 158 43.19 -38.24 14.86
CA ASN I 158 44.49 -38.56 15.48
C ASN I 158 45.65 -37.97 14.70
N GLY I 159 45.44 -36.77 14.16
CA GLY I 159 46.49 -36.04 13.46
C GLY I 159 46.87 -36.57 12.10
N VAL I 160 46.10 -37.49 11.54
CA VAL I 160 46.40 -38.10 10.25
C VAL I 160 45.34 -37.66 9.25
N ALA I 161 45.78 -37.14 8.11
CA ALA I 161 44.85 -36.85 7.02
C ALA I 161 44.38 -38.14 6.38
N GLY I 162 43.10 -38.17 6.01
CA GLY I 162 42.52 -39.40 5.49
C GLY I 162 41.03 -39.24 5.26
N PHE I 163 40.32 -40.37 5.26
CA PHE I 163 38.88 -40.34 5.08
C PHE I 163 38.21 -39.52 6.17
N ASN I 164 37.41 -38.54 5.75
CA ASN I 164 36.69 -37.64 6.65
C ASN I 164 37.64 -36.81 7.50
N CYS I 165 38.91 -36.75 7.10
CA CYS I 165 39.99 -36.14 7.88
C CYS I 165 40.88 -35.37 6.91
N TYR I 166 40.59 -34.08 6.76
CA TYR I 166 41.11 -33.27 5.68
C TYR I 166 42.05 -32.19 6.22
N PHE I 167 43.19 -32.03 5.56
CA PHE I 167 44.02 -30.88 5.82
C PHE I 167 43.25 -29.61 5.47
N PRO I 168 43.18 -28.63 6.36
CA PRO I 168 42.19 -27.56 6.21
C PRO I 168 42.55 -26.51 5.17
N LEU I 169 43.81 -26.39 4.77
CA LEU I 169 44.22 -25.38 3.81
C LEU I 169 44.40 -25.99 2.43
N ARG I 170 44.22 -25.16 1.41
CA ARG I 170 44.37 -25.57 0.02
C ARG I 170 44.98 -24.42 -0.78
N SER I 171 45.70 -24.77 -1.84
CA SER I 171 46.38 -23.78 -2.68
C SER I 171 45.44 -23.28 -3.78
N TYR I 172 45.54 -21.98 -4.08
CA TYR I 172 44.82 -21.45 -5.24
C TYR I 172 45.38 -21.95 -6.56
N SER I 173 46.69 -22.24 -6.62
CA SER I 173 47.32 -22.78 -7.82
C SER I 173 47.15 -21.85 -9.02
N PHE I 174 47.49 -20.57 -8.84
CA PHE I 174 47.29 -19.58 -9.90
C PHE I 174 48.17 -19.88 -11.11
N ARG I 175 47.53 -19.90 -12.28
CA ARG I 175 48.19 -20.00 -13.57
C ARG I 175 47.72 -18.86 -14.45
N PRO I 176 48.58 -18.33 -15.32
CA PRO I 176 48.25 -17.08 -16.03
C PRO I 176 47.12 -17.23 -17.03
N THR I 177 46.86 -18.42 -17.54
CA THR I 177 45.78 -18.63 -18.49
C THR I 177 44.43 -18.86 -17.83
N TYR I 178 44.34 -18.80 -16.50
CA TYR I 178 43.07 -18.91 -15.82
C TYR I 178 42.12 -17.80 -16.24
N GLY I 179 40.82 -18.09 -16.13
CA GLY I 179 39.81 -17.07 -16.32
C GLY I 179 39.82 -16.06 -15.19
N VAL I 180 39.27 -14.88 -15.50
CA VAL I 180 39.39 -13.73 -14.60
C VAL I 180 38.86 -14.08 -13.22
N GLY I 181 37.80 -14.88 -13.15
CA GLY I 181 37.26 -15.27 -11.86
C GLY I 181 38.18 -16.15 -11.05
N HIS I 182 39.20 -16.72 -11.69
CA HIS I 182 40.17 -17.56 -11.02
C HIS I 182 41.56 -16.94 -10.98
N GLN I 183 41.78 -15.85 -11.72
CA GLN I 183 43.04 -15.14 -11.65
C GLN I 183 43.22 -14.53 -10.26
N PRO I 184 44.46 -14.30 -9.84
CA PRO I 184 44.68 -13.73 -8.50
C PRO I 184 44.36 -12.24 -8.47
N TYR I 185 43.78 -11.80 -7.36
CA TYR I 185 43.57 -10.39 -7.09
C TYR I 185 44.21 -10.04 -5.77
N ARG I 186 44.95 -8.94 -5.74
CA ARG I 186 45.47 -8.42 -4.49
C ARG I 186 44.43 -7.49 -3.88
N VAL I 187 44.25 -7.61 -2.57
CA VAL I 187 43.19 -6.89 -1.87
C VAL I 187 43.83 -6.16 -0.70
N VAL I 188 43.44 -4.91 -0.50
CA VAL I 188 43.80 -4.13 0.67
C VAL I 188 42.52 -3.66 1.32
N VAL I 189 42.36 -3.95 2.60
CA VAL I 189 41.24 -3.47 3.38
C VAL I 189 41.76 -2.41 4.35
N LEU I 190 41.27 -1.19 4.18
CA LEU I 190 41.57 -0.10 5.09
C LEU I 190 40.41 0.00 6.06
N SER I 191 40.68 -0.14 7.35
CA SER I 191 39.65 0.01 8.36
C SER I 191 39.90 1.31 9.10
N PHE I 192 38.84 2.07 9.29
CA PHE I 192 38.92 3.38 9.93
C PHE I 192 38.29 3.24 11.31
N GLU I 193 39.11 3.34 12.34
CA GLU I 193 38.69 3.13 13.72
C GLU I 193 38.65 4.48 14.42
N LEU I 194 37.58 4.73 15.18
CA LEU I 194 37.54 5.91 16.03
C LEU I 194 36.90 5.55 17.36
N LEU I 195 37.68 5.68 18.43
CA LEU I 195 37.30 5.45 19.82
C LEU I 195 37.34 6.77 20.59
N HIS I 196 37.12 6.68 21.89
CA HIS I 196 37.35 7.80 22.80
C HIS I 196 38.85 7.87 23.07
N ALA I 197 39.57 8.43 22.10
CA ALA I 197 41.03 8.54 22.14
C ALA I 197 41.41 9.67 21.19
N PRO I 198 42.51 10.39 21.46
CA PRO I 198 42.94 11.44 20.53
C PRO I 198 43.16 10.87 19.13
N ALA I 199 42.83 11.67 18.12
CA ALA I 199 43.01 11.22 16.75
C ALA I 199 44.48 11.23 16.36
N THR I 200 44.90 10.15 15.69
CA THR I 200 46.29 9.98 15.29
C THR I 200 46.50 10.12 13.79
N VAL I 201 45.49 9.81 12.99
CA VAL I 201 45.58 9.80 11.53
C VAL I 201 44.53 10.74 10.96
N CYS I 202 44.98 11.76 10.24
CA CYS I 202 44.07 12.77 9.72
C CYS I 202 44.36 13.00 8.25
N GLY I 203 43.37 13.56 7.56
CA GLY I 203 43.54 14.00 6.21
C GLY I 203 44.36 15.27 6.14
N PRO I 204 44.61 15.76 4.93
CA PRO I 204 45.47 16.95 4.79
C PRO I 204 44.79 18.12 5.50
N LYS I 205 45.54 18.76 6.39
CA LYS I 205 45.08 19.94 7.12
C LYS I 205 43.72 19.70 7.80
N LYS I 206 43.37 18.43 8.00
CA LYS I 206 42.12 18.03 8.66
C LYS I 206 40.88 18.76 8.15
N GLU J 1 -14.27 -27.89 12.95
CA GLU J 1 -15.17 -28.29 14.02
C GLU J 1 -16.33 -27.31 14.18
N VAL J 2 -16.01 -26.10 14.64
CA VAL J 2 -17.03 -25.08 14.83
C VAL J 2 -17.57 -24.66 13.47
N GLN J 3 -18.88 -24.81 13.29
CA GLN J 3 -19.55 -24.45 12.05
C GLN J 3 -20.78 -23.61 12.35
N LEU J 4 -20.99 -22.58 11.55
CA LEU J 4 -22.21 -21.76 11.61
C LEU J 4 -22.81 -21.71 10.22
N VAL J 5 -24.11 -21.98 10.12
CA VAL J 5 -24.79 -22.07 8.83
C VAL J 5 -26.01 -21.16 8.87
N GLU J 6 -25.98 -20.08 8.09
CA GLU J 6 -27.13 -19.20 7.97
C GLU J 6 -28.17 -19.77 7.01
N SER J 7 -29.41 -19.38 7.22
CA SER J 7 -30.52 -19.81 6.37
C SER J 7 -31.65 -18.79 6.50
N GLY J 8 -32.60 -18.90 5.59
CA GLY J 8 -33.77 -18.05 5.62
C GLY J 8 -33.69 -16.80 4.76
N GLY J 9 -32.62 -16.61 4.02
CA GLY J 9 -32.49 -15.46 3.16
C GLY J 9 -33.40 -15.54 1.95
N GLY J 10 -33.30 -14.53 1.10
CA GLY J 10 -34.08 -14.51 -0.12
C GLY J 10 -34.79 -13.20 -0.36
N LEU J 11 -35.88 -13.24 -1.12
CA LEU J 11 -36.62 -12.05 -1.47
C LEU J 11 -37.68 -11.74 -0.43
N VAL J 12 -37.90 -10.45 -0.18
CA VAL J 12 -38.99 -9.98 0.66
C VAL J 12 -39.45 -8.63 0.13
N GLN J 13 -40.76 -8.41 0.19
CA GLN J 13 -41.30 -7.14 -0.26
C GLN J 13 -41.01 -6.05 0.78
N PRO J 14 -40.93 -4.79 0.36
CA PRO J 14 -40.76 -3.71 1.34
C PRO J 14 -41.94 -3.67 2.30
N GLY J 15 -41.63 -3.50 3.59
CA GLY J 15 -42.62 -3.63 4.64
C GLY J 15 -42.91 -5.05 5.08
N GLY J 16 -42.35 -6.05 4.39
CA GLY J 16 -42.59 -7.43 4.75
C GLY J 16 -41.81 -7.86 5.98
N SER J 17 -42.10 -9.09 6.42
CA SER J 17 -41.44 -9.69 7.58
C SER J 17 -40.76 -10.98 7.17
N LEU J 18 -39.58 -11.24 7.73
CA LEU J 18 -38.81 -12.42 7.40
C LEU J 18 -37.94 -12.81 8.58
N ARG J 19 -37.74 -14.13 8.75
CA ARG J 19 -36.89 -14.67 9.80
C ARG J 19 -35.69 -15.37 9.18
N LEU J 20 -34.49 -14.93 9.56
CA LEU J 20 -33.26 -15.66 9.27
C LEU J 20 -32.98 -16.69 10.37
N SER J 21 -32.34 -17.78 9.98
CA SER J 21 -31.99 -18.85 10.92
C SER J 21 -30.51 -19.19 10.76
N CYS J 22 -29.85 -19.48 11.87
CA CYS J 22 -28.44 -19.84 11.90
C CYS J 22 -28.26 -21.05 12.79
N ALA J 23 -27.67 -22.11 12.25
CA ALA J 23 -27.43 -23.35 12.99
C ALA J 23 -25.95 -23.46 13.33
N ALA J 24 -25.68 -23.88 14.57
CA ALA J 24 -24.33 -23.98 15.10
C ALA J 24 -24.00 -25.43 15.43
N SER J 25 -22.72 -25.77 15.32
CA SER J 25 -22.23 -27.09 15.68
C SER J 25 -20.76 -26.98 16.07
N GLY J 26 -20.29 -27.98 16.82
CA GLY J 26 -18.90 -28.06 17.19
C GLY J 26 -18.52 -27.35 18.48
N PHE J 27 -19.48 -26.78 19.19
CA PHE J 27 -19.20 -26.15 20.48
C PHE J 27 -20.46 -26.20 21.33
N THR J 28 -20.31 -25.91 22.62
CA THR J 28 -21.45 -25.82 23.52
C THR J 28 -22.15 -24.49 23.24
N PHE J 29 -23.26 -24.56 22.51
CA PHE J 29 -23.94 -23.35 22.06
C PHE J 29 -24.44 -22.52 23.24
N SER J 30 -24.89 -23.19 24.30
CA SER J 30 -25.38 -22.50 25.49
C SER J 30 -24.34 -21.59 26.13
N SER J 31 -23.05 -21.86 25.89
CA SER J 31 -21.97 -21.17 26.59
C SER J 31 -21.47 -19.92 25.87
N TYR J 32 -21.92 -19.65 24.66
CA TYR J 32 -21.36 -18.57 23.85
C TYR J 32 -22.43 -17.56 23.46
N ASP J 33 -22.02 -16.29 23.42
CA ASP J 33 -22.85 -15.25 22.82
C ASP J 33 -22.93 -15.46 21.32
N MET J 34 -24.04 -15.01 20.74
CA MET J 34 -24.24 -15.07 19.30
C MET J 34 -24.55 -13.67 18.79
N HIS J 35 -24.12 -13.41 17.55
CA HIS J 35 -24.29 -12.10 16.94
C HIS J 35 -24.79 -12.28 15.52
N TRP J 36 -25.45 -11.24 15.02
CA TRP J 36 -25.73 -11.10 13.60
C TRP J 36 -25.01 -9.85 13.11
N VAL J 37 -24.27 -10.00 12.01
CA VAL J 37 -23.58 -8.89 11.35
C VAL J 37 -24.00 -8.89 9.89
N ARG J 38 -24.20 -7.71 9.32
CA ARG J 38 -24.57 -7.59 7.93
C ARG J 38 -23.55 -6.76 7.18
N GLN J 39 -23.48 -6.99 5.87
CA GLN J 39 -22.51 -6.34 5.01
C GLN J 39 -23.18 -5.84 3.75
N THR J 40 -22.93 -4.59 3.40
CA THR J 40 -23.44 -4.00 2.17
C THR J 40 -22.26 -3.34 1.44
N THR J 41 -22.40 -3.22 0.13
CA THR J 41 -21.32 -2.64 -0.67
C THR J 41 -21.06 -1.19 -0.26
N GLY J 42 -22.11 -0.44 0.05
CA GLY J 42 -21.98 0.95 0.43
C GLY J 42 -21.59 1.18 1.87
N LYS J 43 -22.19 0.43 2.79
CA LYS J 43 -22.04 0.71 4.23
C LYS J 43 -21.10 -0.24 4.95
N GLY J 44 -20.58 -1.27 4.27
CA GLY J 44 -19.63 -2.17 4.90
C GLY J 44 -20.27 -3.06 5.96
N LEU J 45 -19.41 -3.56 6.84
CA LEU J 45 -19.86 -4.45 7.93
C LEU J 45 -20.56 -3.64 9.01
N GLU J 46 -21.83 -3.96 9.26
CA GLU J 46 -22.59 -3.36 10.34
C GLU J 46 -23.06 -4.44 11.29
N TRP J 47 -22.77 -4.28 12.58
CA TRP J 47 -23.36 -5.13 13.60
C TRP J 47 -24.85 -4.80 13.73
N VAL J 48 -25.70 -5.83 13.79
CA VAL J 48 -27.15 -5.61 13.79
C VAL J 48 -27.80 -6.12 15.07
N SER J 49 -27.29 -7.20 15.66
CA SER J 49 -27.89 -7.70 16.88
C SER J 49 -26.90 -8.58 17.64
N THR J 50 -27.12 -8.68 18.94
CA THR J 50 -26.35 -9.53 19.84
C THR J 50 -27.31 -10.18 20.83
N ILE J 51 -27.09 -11.47 21.12
CA ILE J 51 -27.81 -12.16 22.18
C ILE J 51 -26.78 -12.84 23.08
N GLY J 52 -26.90 -12.61 24.38
CA GLY J 52 -25.95 -13.12 25.35
C GLY J 52 -26.33 -14.48 25.90
N THR J 53 -25.66 -14.83 26.99
CA THR J 53 -25.86 -16.11 27.65
C THR J 53 -26.92 -16.05 28.74
N ALA J 54 -27.49 -14.87 29.01
CA ALA J 54 -28.48 -14.70 30.07
C ALA J 54 -29.82 -14.21 29.55
N GLY J 55 -30.11 -14.42 28.26
CA GLY J 55 -31.33 -13.89 27.69
C GLY J 55 -31.30 -12.43 27.32
N ASP J 56 -30.15 -11.78 27.43
CA ASP J 56 -30.02 -10.37 27.13
C ASP J 56 -29.85 -10.15 25.62
N THR J 57 -30.56 -9.16 25.09
CA THR J 57 -30.57 -8.86 23.67
C THR J 57 -30.21 -7.39 23.46
N TYR J 58 -29.52 -7.12 22.35
CA TYR J 58 -28.98 -5.79 22.07
C TYR J 58 -29.17 -5.48 20.59
N TYR J 59 -29.42 -4.20 20.30
CA TYR J 59 -29.63 -3.73 18.94
C TYR J 59 -29.10 -2.32 18.80
N PRO J 60 -28.66 -1.92 17.61
CA PRO J 60 -28.43 -0.50 17.34
C PRO J 60 -29.74 0.18 16.95
N ASP J 61 -29.71 1.51 16.96
CA ASP J 61 -30.89 2.27 16.61
C ASP J 61 -31.36 1.97 15.19
N SER J 62 -30.44 1.57 14.31
CA SER J 62 -30.80 1.28 12.92
C SER J 62 -31.83 0.17 12.80
N VAL J 63 -31.96 -0.70 13.80
CA VAL J 63 -32.85 -1.86 13.68
C VAL J 63 -33.69 -2.01 14.94
N LYS J 64 -33.31 -1.32 16.01
CA LYS J 64 -34.00 -1.44 17.29
C LYS J 64 -35.50 -1.24 17.10
N GLY J 65 -36.28 -2.21 17.57
CA GLY J 65 -37.71 -2.20 17.39
C GLY J 65 -38.20 -2.88 16.13
N ARG J 66 -37.31 -3.07 15.15
CA ARG J 66 -37.66 -3.69 13.87
C ARG J 66 -37.24 -5.15 13.81
N PHE J 67 -36.03 -5.46 14.29
CA PHE J 67 -35.49 -6.81 14.28
C PHE J 67 -35.58 -7.40 15.68
N THR J 68 -35.72 -8.73 15.75
CA THR J 68 -35.78 -9.46 17.01
C THR J 68 -34.86 -10.68 16.91
N ILE J 69 -33.80 -10.68 17.72
CA ILE J 69 -32.91 -11.83 17.82
C ILE J 69 -33.45 -12.81 18.85
N SER J 70 -33.29 -14.09 18.57
CA SER J 70 -33.66 -15.14 19.53
C SER J 70 -32.70 -16.31 19.36
N ARG J 71 -32.66 -17.17 20.37
CA ARG J 71 -31.84 -18.36 20.33
C ARG J 71 -32.61 -19.55 20.89
N GLU J 72 -32.20 -20.75 20.46
CA GLU J 72 -32.83 -22.01 20.85
C GLU J 72 -31.70 -22.97 21.19
N ASP J 73 -31.24 -22.93 22.45
CA ASP J 73 -30.09 -23.73 22.85
C ASP J 73 -30.36 -25.23 22.72
N ALA J 74 -31.63 -25.64 22.81
CA ALA J 74 -31.98 -27.04 22.64
C ALA J 74 -31.65 -27.55 21.24
N LYS J 75 -31.63 -26.66 20.24
CA LYS J 75 -31.35 -27.06 18.87
C LYS J 75 -30.11 -26.39 18.29
N ASN J 76 -29.28 -25.78 19.15
CA ASN J 76 -28.07 -25.07 18.72
C ASN J 76 -28.36 -24.11 17.57
N SER J 77 -29.46 -23.36 17.69
CA SER J 77 -29.99 -22.56 16.60
C SER J 77 -30.13 -21.11 17.02
N LEU J 78 -29.98 -20.22 16.04
CA LEU J 78 -30.10 -18.78 16.24
C LEU J 78 -31.03 -18.20 15.18
N TYR J 79 -31.79 -17.18 15.57
CA TYR J 79 -32.81 -16.60 14.70
C TYR J 79 -32.71 -15.07 14.70
N LEU J 80 -33.15 -14.48 13.60
CA LEU J 80 -33.32 -13.03 13.48
C LEU J 80 -34.66 -12.76 12.82
N GLN J 81 -35.68 -12.46 13.62
CA GLN J 81 -36.96 -12.02 13.10
C GLN J 81 -36.85 -10.57 12.67
N MET J 82 -37.09 -10.29 11.39
CA MET J 82 -37.01 -8.95 10.84
C MET J 82 -38.40 -8.52 10.37
N ASN J 83 -38.87 -7.40 10.90
CA ASN J 83 -40.18 -6.86 10.54
C ASN J 83 -40.01 -5.46 9.97
N SER J 84 -41.02 -5.05 9.19
CA SER J 84 -41.03 -3.72 8.56
C SER J 84 -39.75 -3.49 7.75
N LEU J 85 -39.39 -4.49 6.94
CA LEU J 85 -38.14 -4.42 6.18
C LEU J 85 -38.15 -3.25 5.22
N ARG J 86 -37.00 -2.59 5.11
CA ARG J 86 -36.79 -1.49 4.20
C ARG J 86 -35.83 -1.91 3.10
N ALA J 87 -35.80 -1.12 2.02
CA ALA J 87 -34.83 -1.36 0.95
C ALA J 87 -33.41 -1.29 1.47
N GLY J 88 -33.15 -0.37 2.40
CA GLY J 88 -31.82 -0.24 2.98
C GLY J 88 -31.35 -1.44 3.78
N ASP J 89 -32.24 -2.39 4.06
CA ASP J 89 -31.86 -3.63 4.72
C ASP J 89 -31.28 -4.67 3.76
N THR J 90 -31.25 -4.37 2.46
CA THR J 90 -30.66 -5.29 1.48
C THR J 90 -29.18 -5.49 1.78
N ALA J 91 -28.83 -6.68 2.28
CA ALA J 91 -27.46 -6.93 2.71
C ALA J 91 -27.26 -8.42 2.82
N VAL J 92 -25.98 -8.82 2.88
CA VAL J 92 -25.59 -10.17 3.27
C VAL J 92 -25.46 -10.20 4.78
N TYR J 93 -26.20 -11.10 5.43
CA TYR J 93 -26.22 -11.18 6.88
C TYR J 93 -25.39 -12.37 7.34
N TYR J 94 -24.48 -12.11 8.29
CA TYR J 94 -23.63 -13.14 8.87
C TYR J 94 -24.02 -13.34 10.33
N CYS J 95 -24.32 -14.58 10.72
CA CYS J 95 -24.29 -14.92 12.13
C CYS J 95 -22.86 -15.23 12.54
N ALA J 96 -22.47 -14.74 13.71
CA ALA J 96 -21.10 -14.90 14.19
C ALA J 96 -21.12 -15.24 15.67
N ARG J 97 -20.21 -16.11 16.08
CA ARG J 97 -20.03 -16.40 17.49
C ARG J 97 -19.12 -15.36 18.12
N GLY J 98 -19.46 -14.97 19.33
CA GLY J 98 -18.65 -14.05 20.10
C GLY J 98 -17.89 -14.76 21.19
N ASP J 99 -16.71 -14.24 21.52
CA ASP J 99 -15.91 -14.76 22.61
C ASP J 99 -15.08 -13.61 23.16
N SER J 100 -14.45 -13.85 24.32
CA SER J 100 -13.60 -12.84 24.94
C SER J 100 -12.34 -13.48 25.48
N SER J 101 -11.25 -12.71 25.45
CA SER J 101 -10.00 -13.04 26.11
C SER J 101 -9.83 -12.02 27.24
N GLY J 102 -10.32 -12.36 28.43
CA GLY J 102 -10.39 -11.36 29.49
C GLY J 102 -11.42 -10.30 29.14
N TYR J 103 -11.00 -9.03 29.17
CA TYR J 103 -11.90 -7.95 28.82
C TYR J 103 -12.05 -7.76 27.32
N TYR J 104 -11.08 -8.22 26.52
CA TYR J 104 -11.08 -7.99 25.09
C TYR J 104 -11.99 -8.97 24.37
N TYR J 105 -12.93 -8.44 23.58
CA TYR J 105 -14.00 -9.19 22.97
C TYR J 105 -13.79 -9.27 21.46
N TYR J 106 -14.22 -10.38 20.86
CA TYR J 106 -14.02 -10.57 19.42
C TYR J 106 -15.04 -11.56 18.88
N PHE J 107 -15.25 -11.50 17.57
CA PHE J 107 -16.04 -12.49 16.84
C PHE J 107 -15.07 -13.49 16.22
N ASP J 108 -15.02 -14.70 16.77
CA ASP J 108 -14.01 -15.67 16.34
C ASP J 108 -14.45 -16.54 15.18
N TYR J 109 -15.74 -16.87 15.08
CA TYR J 109 -16.23 -17.73 14.01
C TYR J 109 -17.44 -17.10 13.34
N TRP J 110 -17.47 -17.14 12.01
CA TRP J 110 -18.55 -16.56 11.22
C TRP J 110 -19.12 -17.63 10.30
N GLY J 111 -20.41 -17.53 10.02
CA GLY J 111 -21.05 -18.40 9.05
C GLY J 111 -20.76 -17.96 7.63
N GLN J 112 -21.46 -18.57 6.68
CA GLN J 112 -21.24 -18.25 5.27
C GLN J 112 -21.91 -16.94 4.86
N GLY J 113 -22.94 -16.50 5.57
CA GLY J 113 -23.72 -15.38 5.12
C GLY J 113 -24.89 -15.79 4.24
N THR J 114 -25.97 -15.03 4.35
CA THR J 114 -27.14 -15.19 3.50
C THR J 114 -27.58 -13.84 2.96
N LEU J 115 -27.95 -13.81 1.68
CA LEU J 115 -28.33 -12.56 1.03
C LEU J 115 -29.82 -12.32 1.17
N LEU J 116 -30.18 -11.16 1.71
CA LEU J 116 -31.56 -10.70 1.78
C LEU J 116 -31.72 -9.52 0.81
N THR J 117 -32.67 -9.63 -0.10
CA THR J 117 -33.00 -8.57 -1.05
C THR J 117 -34.41 -8.09 -0.75
N VAL J 118 -34.53 -6.80 -0.44
CA VAL J 118 -35.81 -6.17 -0.15
C VAL J 118 -36.18 -5.33 -1.37
N SER J 119 -37.10 -5.85 -2.18
CA SER J 119 -37.45 -5.19 -3.43
C SER J 119 -38.91 -5.47 -3.75
N SER J 120 -39.53 -4.50 -4.45
CA SER J 120 -40.91 -4.67 -4.91
C SER J 120 -41.00 -5.62 -6.09
N ALA J 121 -39.89 -5.89 -6.78
CA ALA J 121 -39.90 -6.79 -7.92
C ALA J 121 -40.22 -8.21 -7.47
N SER J 122 -40.64 -9.03 -8.44
CA SER J 122 -41.06 -10.38 -8.17
C SER J 122 -39.92 -11.37 -8.45
N THR J 123 -40.00 -12.52 -7.80
CA THR J 123 -39.02 -13.58 -8.03
C THR J 123 -39.09 -14.05 -9.47
N LYS J 124 -37.92 -14.42 -10.01
CA LYS J 124 -37.82 -14.90 -11.39
C LYS J 124 -36.78 -16.02 -11.42
N GLY J 125 -37.20 -17.20 -11.88
CA GLY J 125 -36.33 -18.34 -11.94
C GLY J 125 -35.35 -18.24 -13.09
N PRO J 126 -34.12 -18.71 -12.87
CA PRO J 126 -33.11 -18.61 -13.91
C PRO J 126 -33.33 -19.64 -15.02
N SER J 127 -32.99 -19.23 -16.24
CA SER J 127 -32.84 -20.14 -17.36
C SER J 127 -31.37 -20.46 -17.52
N VAL J 128 -31.04 -21.74 -17.54
CA VAL J 128 -29.64 -22.21 -17.57
C VAL J 128 -29.39 -22.89 -18.92
N PHE J 129 -28.35 -22.43 -19.61
CA PHE J 129 -28.00 -22.93 -20.93
C PHE J 129 -26.54 -23.39 -20.95
N PRO J 130 -26.24 -24.45 -21.70
CA PRO J 130 -24.86 -24.94 -21.76
C PRO J 130 -23.99 -24.14 -22.71
N LEU J 131 -22.74 -23.93 -22.31
CA LEU J 131 -21.71 -23.34 -23.16
C LEU J 131 -20.79 -24.46 -23.61
N ALA J 132 -21.14 -25.10 -24.72
CA ALA J 132 -20.40 -26.27 -25.18
C ALA J 132 -19.01 -25.89 -25.68
N PRO J 133 -18.00 -26.71 -25.44
CA PRO J 133 -16.65 -26.41 -25.95
C PRO J 133 -16.60 -26.47 -27.46
N SER J 134 -15.61 -25.77 -28.02
CA SER J 134 -15.47 -25.67 -29.46
C SER J 134 -15.01 -27.00 -30.05
N SER J 135 -15.01 -27.06 -31.38
CA SER J 135 -14.59 -28.25 -32.10
C SER J 135 -13.81 -27.86 -33.36
N THR J 142 -5.83 -27.73 -23.81
CA THR J 142 -6.74 -27.17 -22.82
C THR J 142 -8.04 -26.70 -23.48
N ALA J 143 -9.17 -27.03 -22.86
CA ALA J 143 -10.48 -26.68 -23.39
C ALA J 143 -11.32 -26.03 -22.32
N ALA J 144 -12.23 -25.14 -22.75
CA ALA J 144 -13.10 -24.41 -21.85
C ALA J 144 -14.56 -24.72 -22.15
N LEU J 145 -15.37 -24.79 -21.10
CA LEU J 145 -16.80 -25.03 -21.21
C LEU J 145 -17.47 -24.37 -20.02
N GLY J 146 -18.78 -24.17 -20.12
CA GLY J 146 -19.45 -23.55 -19.01
C GLY J 146 -20.96 -23.62 -19.12
N CYS J 147 -21.61 -22.87 -18.23
CA CYS J 147 -23.07 -22.74 -18.18
C CYS J 147 -23.44 -21.28 -18.08
N LEU J 148 -24.47 -20.87 -18.81
CA LEU J 148 -24.99 -19.51 -18.74
C LEU J 148 -26.27 -19.51 -17.91
N VAL J 149 -26.24 -18.81 -16.78
CA VAL J 149 -27.39 -18.71 -15.89
C VAL J 149 -28.01 -17.34 -16.15
N LYS J 150 -29.06 -17.32 -16.98
CA LYS J 150 -29.60 -16.09 -17.53
C LYS J 150 -30.96 -15.77 -16.95
N ASP J 151 -31.20 -14.45 -16.78
CA ASP J 151 -32.53 -13.89 -16.49
C ASP J 151 -33.12 -14.48 -15.20
N TYR J 152 -32.55 -14.05 -14.08
CA TYR J 152 -33.06 -14.43 -12.78
C TYR J 152 -33.07 -13.24 -11.84
N PHE J 153 -33.92 -13.33 -10.82
CA PHE J 153 -34.03 -12.35 -9.76
C PHE J 153 -34.68 -13.01 -8.56
N PRO J 154 -34.26 -12.69 -7.33
CA PRO J 154 -33.07 -11.90 -6.96
C PRO J 154 -31.80 -12.73 -6.96
N GLU J 155 -30.66 -12.09 -6.69
CA GLU J 155 -29.45 -12.80 -6.33
C GLU J 155 -29.69 -13.53 -5.00
N PRO J 156 -28.93 -14.61 -4.74
CA PRO J 156 -27.85 -15.20 -5.52
C PRO J 156 -28.24 -16.51 -6.22
N VAL J 157 -27.46 -16.95 -7.21
CA VAL J 157 -27.48 -18.33 -7.67
C VAL J 157 -26.20 -19.00 -7.20
N THR J 158 -26.32 -20.23 -6.72
CA THR J 158 -25.15 -21.05 -6.44
C THR J 158 -24.86 -21.95 -7.63
N VAL J 159 -23.59 -22.05 -7.99
CA VAL J 159 -23.15 -22.90 -9.09
C VAL J 159 -21.97 -23.75 -8.62
N SER J 160 -22.06 -25.05 -8.88
CA SER J 160 -20.96 -25.97 -8.69
C SER J 160 -20.88 -26.88 -9.91
N TRP J 161 -19.77 -27.58 -10.05
CA TRP J 161 -19.55 -28.50 -11.16
C TRP J 161 -19.40 -29.92 -10.65
N ASN J 162 -20.14 -30.84 -11.26
CA ASN J 162 -20.11 -32.27 -10.92
C ASN J 162 -20.30 -32.50 -9.42
N SER J 163 -21.32 -31.84 -8.87
CA SER J 163 -21.71 -31.98 -7.46
C SER J 163 -20.56 -31.71 -6.49
N GLY J 164 -19.63 -30.85 -6.90
CA GLY J 164 -18.51 -30.46 -6.06
C GLY J 164 -17.23 -31.24 -6.30
N ALA J 165 -17.26 -32.26 -7.16
CA ALA J 165 -16.05 -33.01 -7.44
C ALA J 165 -15.07 -32.19 -8.27
N LEU J 166 -15.57 -31.29 -9.10
CA LEU J 166 -14.75 -30.51 -10.03
C LEU J 166 -14.68 -29.08 -9.47
N THR J 167 -13.65 -28.82 -8.66
CA THR J 167 -13.41 -27.50 -8.12
C THR J 167 -12.20 -26.80 -8.74
N SER J 168 -11.18 -27.55 -9.14
CA SER J 168 -10.01 -26.95 -9.75
C SER J 168 -10.35 -26.42 -11.13
N GLY J 169 -9.88 -25.19 -11.42
CA GLY J 169 -10.11 -24.57 -12.70
C GLY J 169 -11.50 -23.99 -12.91
N VAL J 170 -12.31 -23.91 -11.86
CA VAL J 170 -13.66 -23.37 -11.98
C VAL J 170 -13.61 -21.86 -11.72
N HIS J 171 -14.28 -21.10 -12.58
CA HIS J 171 -14.39 -19.64 -12.44
C HIS J 171 -15.84 -19.25 -12.66
N THR J 172 -16.58 -19.02 -11.58
CA THR J 172 -17.94 -18.52 -11.68
C THR J 172 -17.91 -17.00 -11.57
N PHE J 173 -18.42 -16.32 -12.58
CA PHE J 173 -18.30 -14.87 -12.66
C PHE J 173 -19.38 -14.19 -11.83
N PRO J 174 -19.08 -13.01 -11.28
CA PRO J 174 -20.12 -12.22 -10.62
C PRO J 174 -21.29 -11.92 -11.55
N ALA J 175 -22.49 -11.93 -10.98
CA ALA J 175 -23.70 -11.71 -11.77
C ALA J 175 -23.75 -10.28 -12.28
N VAL J 176 -24.03 -10.12 -13.57
CA VAL J 176 -24.20 -8.80 -14.18
C VAL J 176 -25.68 -8.46 -14.18
N LEU J 177 -26.02 -7.28 -13.66
CA LEU J 177 -27.39 -6.80 -13.70
C LEU J 177 -27.71 -6.26 -15.09
N GLN J 178 -28.73 -6.82 -15.72
CA GLN J 178 -29.13 -6.39 -17.06
C GLN J 178 -30.04 -5.17 -16.96
N SER J 179 -30.16 -4.47 -18.10
CA SER J 179 -31.05 -3.32 -18.16
C SER J 179 -32.50 -3.70 -17.85
N SER J 180 -32.88 -4.95 -18.11
CA SER J 180 -34.21 -5.44 -17.76
C SER J 180 -34.42 -5.58 -16.26
N GLY J 181 -33.37 -5.43 -15.46
CA GLY J 181 -33.46 -5.65 -14.03
C GLY J 181 -33.34 -7.09 -13.59
N LEU J 182 -33.06 -8.00 -14.51
CA LEU J 182 -32.82 -9.40 -14.18
C LEU J 182 -31.31 -9.67 -14.20
N TYR J 183 -30.86 -10.49 -13.27
CA TYR J 183 -29.45 -10.88 -13.26
C TYR J 183 -29.18 -12.01 -14.25
N SER J 184 -27.96 -12.00 -14.78
CA SER J 184 -27.42 -13.11 -15.55
C SER J 184 -26.00 -13.39 -15.08
N LEU J 185 -25.60 -14.65 -15.19
CA LEU J 185 -24.33 -15.08 -14.62
C LEU J 185 -23.72 -16.13 -15.52
N SER J 186 -22.39 -16.10 -15.65
CA SER J 186 -21.65 -17.10 -16.39
C SER J 186 -20.71 -17.84 -15.46
N SER J 187 -20.68 -19.17 -15.59
CA SER J 187 -19.72 -20.00 -14.88
C SER J 187 -19.02 -20.91 -15.87
N VAL J 188 -17.69 -20.89 -15.85
CA VAL J 188 -16.89 -21.70 -16.76
C VAL J 188 -15.91 -22.54 -15.97
N VAL J 189 -15.51 -23.66 -16.55
CA VAL J 189 -14.44 -24.49 -16.01
C VAL J 189 -13.51 -24.88 -17.15
N THR J 190 -12.22 -24.86 -16.88
CA THR J 190 -11.19 -25.20 -17.85
C THR J 190 -10.63 -26.58 -17.52
N VAL J 191 -10.58 -27.45 -18.54
CA VAL J 191 -10.28 -28.86 -18.36
C VAL J 191 -9.33 -29.30 -19.47
N PRO J 192 -8.57 -30.37 -19.25
CA PRO J 192 -7.72 -30.88 -20.33
C PRO J 192 -8.58 -31.34 -21.50
N SER J 193 -8.18 -30.91 -22.71
CA SER J 193 -8.97 -31.21 -23.90
C SER J 193 -9.10 -32.71 -24.14
N SER J 194 -8.11 -33.49 -23.69
CA SER J 194 -8.19 -34.94 -23.81
C SER J 194 -9.39 -35.51 -23.07
N SER J 195 -9.81 -34.87 -21.97
CA SER J 195 -10.83 -35.42 -21.09
C SER J 195 -12.26 -35.07 -21.50
N LEU J 196 -12.44 -34.29 -22.57
CA LEU J 196 -13.80 -33.94 -23.00
C LEU J 196 -14.62 -35.17 -23.38
N GLY J 197 -13.95 -36.24 -23.81
CA GLY J 197 -14.62 -37.50 -24.07
C GLY J 197 -14.59 -38.43 -22.88
N THR J 198 -13.55 -38.29 -22.06
CA THR J 198 -13.35 -39.17 -20.92
C THR J 198 -14.25 -38.81 -19.74
N GLN J 199 -14.62 -37.53 -19.61
CA GLN J 199 -15.33 -37.03 -18.45
C GLN J 199 -16.61 -36.34 -18.88
N THR J 200 -17.68 -36.53 -18.10
CA THR J 200 -18.94 -35.84 -18.32
C THR J 200 -19.01 -34.66 -17.36
N TYR J 201 -19.16 -33.46 -17.91
CA TYR J 201 -19.20 -32.23 -17.12
C TYR J 201 -20.63 -31.71 -17.11
N ILE J 202 -21.18 -31.55 -15.91
CA ILE J 202 -22.54 -31.06 -15.69
C ILE J 202 -22.49 -30.03 -14.59
N CYS J 203 -23.03 -28.83 -14.86
CA CYS J 203 -23.13 -27.79 -13.84
C CYS J 203 -24.41 -27.95 -13.04
N ASN J 204 -24.30 -27.76 -11.73
CA ASN J 204 -25.45 -27.79 -10.83
C ASN J 204 -25.75 -26.35 -10.40
N VAL J 205 -26.91 -25.84 -10.82
CA VAL J 205 -27.31 -24.47 -10.57
C VAL J 205 -28.47 -24.49 -9.58
N ASN J 206 -28.32 -23.76 -8.47
CA ASN J 206 -29.34 -23.68 -7.44
C ASN J 206 -29.75 -22.22 -7.26
N HIS J 207 -31.06 -21.97 -7.30
CA HIS J 207 -31.63 -20.64 -7.05
C HIS J 207 -32.69 -20.81 -5.97
N LYS J 208 -32.23 -20.82 -4.71
CA LYS J 208 -33.13 -20.91 -3.56
C LYS J 208 -34.25 -19.88 -3.54
N PRO J 209 -34.07 -18.62 -3.96
CA PRO J 209 -35.20 -17.68 -3.95
C PRO J 209 -36.39 -18.12 -4.77
N SER J 210 -36.23 -19.10 -5.66
CA SER J 210 -37.34 -19.67 -6.41
C SER J 210 -37.39 -21.20 -6.31
N ASN J 211 -36.54 -21.80 -5.47
CA ASN J 211 -36.42 -23.25 -5.37
C ASN J 211 -36.15 -23.89 -6.73
N THR J 212 -35.41 -23.17 -7.59
CA THR J 212 -35.05 -23.66 -8.91
C THR J 212 -33.70 -24.33 -8.83
N LYS J 213 -33.66 -25.64 -9.06
CA LYS J 213 -32.42 -26.41 -9.07
C LYS J 213 -32.34 -27.15 -10.40
N VAL J 214 -31.36 -26.78 -11.22
CA VAL J 214 -31.20 -27.32 -12.56
C VAL J 214 -29.80 -27.90 -12.68
N ASP J 215 -29.70 -29.13 -13.19
CA ASP J 215 -28.44 -29.78 -13.52
C ASP J 215 -28.36 -29.90 -15.04
N LYS J 216 -27.62 -28.99 -15.67
CA LYS J 216 -27.47 -28.99 -17.12
C LYS J 216 -26.18 -29.72 -17.50
N LYS J 217 -26.30 -30.70 -18.39
CA LYS J 217 -25.15 -31.44 -18.88
C LYS J 217 -24.54 -30.73 -20.09
N VAL J 218 -23.22 -30.64 -20.11
CA VAL J 218 -22.48 -29.92 -21.15
C VAL J 218 -21.59 -30.92 -21.87
N GLU J 219 -21.76 -31.05 -23.19
CA GLU J 219 -21.01 -31.96 -24.02
C GLU J 219 -20.77 -31.31 -25.37
N PRO J 220 -19.68 -31.67 -26.08
CA PRO J 220 -19.34 -31.12 -27.40
C PRO J 220 -20.52 -31.09 -28.37
N ASP K 1 -20.95 7.04 18.97
CA ASP K 1 -20.14 5.88 18.63
C ASP K 1 -18.73 6.27 18.19
N ILE K 2 -17.82 5.29 18.24
CA ILE K 2 -16.46 5.44 17.77
C ILE K 2 -16.35 5.03 16.31
N GLN K 3 -15.78 5.92 15.49
CA GLN K 3 -15.64 5.73 14.05
C GLN K 3 -14.25 5.23 13.68
N MET K 4 -14.20 4.17 12.87
CA MET K 4 -12.97 3.55 12.43
C MET K 4 -12.60 4.05 11.03
N THR K 5 -11.31 4.33 10.84
CA THR K 5 -10.79 4.83 9.56
C THR K 5 -9.55 4.03 9.19
N GLN K 6 -9.63 3.31 8.08
CA GLN K 6 -8.53 2.53 7.53
C GLN K 6 -7.82 3.21 6.37
N SER K 7 -6.49 3.08 6.33
CA SER K 7 -5.64 3.60 5.26
C SER K 7 -4.57 2.53 5.10
N PRO K 8 -4.16 2.22 3.87
CA PRO K 8 -4.67 2.71 2.58
C PRO K 8 -5.99 2.08 2.17
N SER K 9 -6.68 2.69 1.21
CA SER K 9 -7.91 2.08 0.69
C SER K 9 -7.58 0.87 -0.17
N SER K 10 -6.62 1.00 -1.06
CA SER K 10 -6.13 -0.11 -1.86
C SER K 10 -4.60 -0.11 -1.85
N LEU K 11 -4.03 -1.31 -1.95
CA LEU K 11 -2.58 -1.50 -1.84
C LEU K 11 -2.18 -2.62 -2.78
N SER K 12 -1.29 -2.31 -3.72
CA SER K 12 -0.66 -3.31 -4.58
C SER K 12 0.73 -3.68 -4.07
N ALA K 13 0.92 -4.96 -3.76
CA ALA K 13 2.19 -5.44 -3.23
C ALA K 13 2.55 -6.76 -3.92
N ALA K 14 3.84 -7.06 -3.96
CA ALA K 14 4.33 -8.29 -4.57
C ALA K 14 4.37 -9.40 -3.52
N VAL K 15 4.42 -10.64 -4.00
CA VAL K 15 4.56 -11.77 -3.09
C VAL K 15 5.90 -11.67 -2.39
N GLY K 16 5.89 -11.88 -1.08
CA GLY K 16 7.06 -11.74 -0.26
C GLY K 16 7.25 -10.35 0.33
N ASP K 17 6.50 -9.37 -0.15
CA ASP K 17 6.60 -8.01 0.36
C ASP K 17 6.06 -7.93 1.78
N ARG K 18 6.66 -7.06 2.59
CA ARG K 18 6.11 -6.67 3.88
C ARG K 18 5.00 -5.65 3.64
N VAL K 19 3.76 -6.03 3.95
CA VAL K 19 2.63 -5.11 3.85
C VAL K 19 2.36 -4.53 5.23
N THR K 20 1.95 -3.26 5.27
CA THR K 20 1.58 -2.60 6.51
C THR K 20 0.26 -1.88 6.33
N ILE K 21 -0.75 -2.24 7.12
CA ILE K 21 -2.04 -1.56 7.08
C ILE K 21 -2.30 -0.87 8.41
N THR K 22 -3.00 0.28 8.36
CA THR K 22 -3.15 1.13 9.53
C THR K 22 -4.63 1.23 9.87
N CYS K 23 -4.94 1.44 11.16
CA CYS K 23 -6.32 1.62 11.62
C CYS K 23 -6.38 2.76 12.62
N ARG K 24 -7.18 3.79 12.35
CA ARG K 24 -7.26 4.95 13.23
C ARG K 24 -8.65 5.06 13.83
N ALA K 25 -8.69 5.20 15.15
CA ALA K 25 -9.90 5.31 15.96
C ALA K 25 -10.20 6.77 16.28
N SER K 26 -11.48 7.14 16.21
CA SER K 26 -11.90 8.51 16.48
C SER K 26 -11.62 8.92 17.91
N GLN K 27 -11.41 7.97 18.82
CA GLN K 27 -10.94 8.29 20.17
C GLN K 27 -10.19 7.08 20.69
N SER K 28 -9.46 7.30 21.79
CA SER K 28 -8.63 6.25 22.37
C SER K 28 -9.47 5.04 22.75
N ILE K 29 -9.12 3.88 22.19
CA ILE K 29 -9.78 2.63 22.53
C ILE K 29 -8.82 1.66 23.19
N GLY K 30 -7.70 2.16 23.70
CA GLY K 30 -6.72 1.29 24.34
C GLY K 30 -6.22 0.22 23.38
N SER K 31 -6.37 -1.04 23.77
CA SER K 31 -6.04 -2.16 22.91
C SER K 31 -7.28 -2.93 22.43
N TYR K 32 -8.47 -2.36 22.62
CA TYR K 32 -9.72 -2.99 22.22
C TYR K 32 -9.91 -2.92 20.70
N LEU K 33 -8.97 -3.52 19.98
CA LEU K 33 -9.01 -3.50 18.53
C LEU K 33 -8.75 -4.90 18.02
N ASN K 34 -9.62 -5.37 17.14
CA ASN K 34 -9.48 -6.66 16.49
C ASN K 34 -9.34 -6.47 14.98
N TRP K 35 -8.66 -7.41 14.33
CA TRP K 35 -8.50 -7.40 12.89
C TRP K 35 -9.14 -8.63 12.28
N TYR K 36 -9.72 -8.46 11.09
CA TYR K 36 -10.36 -9.56 10.38
C TYR K 36 -9.83 -9.59 8.96
N GLN K 37 -9.86 -10.78 8.37
CA GLN K 37 -9.61 -10.96 6.95
C GLN K 37 -10.88 -11.47 6.28
N GLN K 38 -11.16 -10.96 5.09
CA GLN K 38 -12.29 -11.39 4.29
C GLN K 38 -11.81 -11.50 2.86
N LYS K 39 -12.11 -12.58 2.26
CA LYS K 39 -11.92 -13.03 0.90
C LYS K 39 -13.25 -12.95 0.15
N PRO K 40 -13.22 -12.80 -1.17
CA PRO K 40 -14.47 -12.57 -1.91
C PRO K 40 -15.56 -13.60 -1.70
N GLY K 41 -15.27 -14.89 -1.79
CA GLY K 41 -16.33 -15.85 -1.59
C GLY K 41 -16.55 -16.28 -0.16
N LYS K 42 -15.82 -15.71 0.78
CA LYS K 42 -15.90 -16.09 2.18
C LYS K 42 -16.28 -14.95 3.12
N ALA K 43 -16.79 -15.36 4.28
CA ALA K 43 -17.07 -14.49 5.41
C ALA K 43 -15.77 -14.02 6.05
N PRO K 44 -15.81 -12.92 6.80
CA PRO K 44 -14.58 -12.48 7.49
C PRO K 44 -14.06 -13.50 8.47
N LYS K 45 -12.73 -13.53 8.57
CA LYS K 45 -11.96 -14.46 9.39
C LYS K 45 -11.11 -13.66 10.37
N LEU K 46 -11.32 -13.91 11.66
CA LEU K 46 -10.56 -13.21 12.69
C LEU K 46 -9.07 -13.54 12.61
N LEU K 47 -8.24 -12.50 12.58
CA LEU K 47 -6.78 -12.65 12.53
C LEU K 47 -6.14 -12.25 13.85
N ILE K 48 -6.55 -11.11 14.40
CA ILE K 48 -5.90 -10.47 15.53
C ILE K 48 -6.99 -10.01 16.49
N TYR K 49 -6.77 -10.20 17.79
CA TYR K 49 -7.63 -9.55 18.78
C TYR K 49 -6.75 -8.93 19.84
N ALA K 50 -7.35 -8.03 20.62
CA ALA K 50 -6.63 -7.28 21.64
C ALA K 50 -5.39 -6.61 21.05
N ALA K 51 -5.55 -6.10 19.82
CA ALA K 51 -4.56 -5.29 19.13
C ALA K 51 -3.28 -6.06 18.76
N SER K 52 -2.93 -7.11 19.51
CA SER K 52 -1.69 -7.82 19.24
C SER K 52 -1.76 -9.33 19.35
N SER K 53 -2.77 -9.91 19.99
CA SER K 53 -2.84 -11.35 20.14
C SER K 53 -3.17 -12.03 18.81
N LEU K 54 -2.30 -12.94 18.37
CA LEU K 54 -2.60 -13.71 17.17
C LEU K 54 -3.62 -14.79 17.49
N GLN K 55 -4.74 -14.78 16.77
CA GLN K 55 -5.75 -15.82 16.94
C GLN K 55 -5.21 -17.20 16.55
N SER K 56 -5.70 -18.22 17.25
CA SER K 56 -5.27 -19.60 17.02
C SER K 56 -5.53 -20.02 15.57
N GLY K 57 -4.52 -20.60 14.94
CA GLY K 57 -4.63 -21.08 13.57
C GLY K 57 -4.29 -20.08 12.51
N VAL K 58 -4.01 -18.83 12.89
CA VAL K 58 -3.69 -17.75 11.97
C VAL K 58 -2.19 -17.82 11.73
N PRO K 59 -1.73 -17.89 10.47
CA PRO K 59 -0.28 -18.05 10.24
C PRO K 59 0.50 -16.92 10.89
N SER K 60 1.75 -17.24 11.25
CA SER K 60 2.57 -16.33 12.03
C SER K 60 3.05 -15.12 11.26
N ARG K 61 2.86 -15.08 9.94
CA ARG K 61 3.20 -13.87 9.20
C ARG K 61 2.29 -12.70 9.53
N PHE K 62 1.09 -12.95 10.05
CA PHE K 62 0.21 -11.88 10.48
C PHE K 62 0.58 -11.40 11.87
N SER K 63 0.57 -10.08 12.05
CA SER K 63 0.79 -9.51 13.37
C SER K 63 0.14 -8.14 13.45
N GLY K 64 -0.39 -7.82 14.62
CA GLY K 64 -0.97 -6.52 14.90
C GLY K 64 -0.14 -5.75 15.93
N SER K 65 -0.22 -4.43 15.86
CA SER K 65 0.44 -3.55 16.81
C SER K 65 -0.41 -2.31 17.00
N GLY K 66 -0.02 -1.47 17.95
CA GLY K 66 -0.76 -0.26 18.19
C GLY K 66 -1.40 -0.24 19.57
N SER K 67 -1.67 0.97 20.04
CA SER K 67 -2.38 1.20 21.28
C SER K 67 -3.04 2.57 21.21
N GLY K 68 -4.09 2.74 22.01
CA GLY K 68 -4.79 4.00 22.05
C GLY K 68 -5.62 4.30 20.82
N THR K 69 -5.03 4.98 19.84
CA THR K 69 -5.80 5.45 18.70
C THR K 69 -5.24 5.02 17.35
N ASP K 70 -3.95 4.73 17.24
CA ASP K 70 -3.37 4.26 16.00
C ASP K 70 -2.95 2.80 16.16
N PHE K 71 -3.36 1.97 15.19
CA PHE K 71 -3.13 0.54 15.17
C PHE K 71 -2.59 0.14 13.81
N THR K 72 -1.74 -0.88 13.81
CA THR K 72 -1.19 -1.41 12.57
C THR K 72 -1.35 -2.92 12.49
N LEU K 73 -1.66 -3.40 11.30
CA LEU K 73 -1.61 -4.81 10.95
C LEU K 73 -0.47 -5.02 9.95
N THR K 74 0.33 -6.06 10.17
CA THR K 74 1.49 -6.31 9.32
C THR K 74 1.48 -7.75 8.82
N ILE K 75 1.76 -7.93 7.53
CA ILE K 75 2.05 -9.23 6.94
C ILE K 75 3.54 -9.25 6.64
N SER K 76 4.27 -10.13 7.33
CA SER K 76 5.72 -10.14 7.23
C SER K 76 6.17 -10.45 5.79
N SER K 77 5.48 -11.38 5.12
CA SER K 77 5.81 -11.74 3.74
C SER K 77 4.51 -12.15 3.06
N LEU K 78 4.01 -11.29 2.16
CA LEU K 78 2.71 -11.51 1.54
C LEU K 78 2.70 -12.80 0.73
N GLN K 79 1.75 -13.69 1.03
CA GLN K 79 1.47 -14.88 0.25
C GLN K 79 0.33 -14.66 -0.74
N PRO K 80 0.25 -15.50 -1.79
CA PRO K 80 -0.84 -15.37 -2.77
C PRO K 80 -2.25 -15.46 -2.17
N GLU K 81 -2.39 -16.21 -1.08
CA GLU K 81 -3.62 -16.46 -0.35
C GLU K 81 -4.04 -15.29 0.54
N ASP K 82 -3.25 -14.24 0.57
CA ASP K 82 -3.43 -13.05 1.38
C ASP K 82 -4.27 -11.99 0.69
N PHE K 83 -4.61 -12.18 -0.59
CA PHE K 83 -5.43 -11.19 -1.27
C PHE K 83 -6.84 -11.29 -0.74
N ALA K 84 -7.30 -10.20 -0.14
CA ALA K 84 -8.53 -10.14 0.62
C ALA K 84 -8.68 -8.70 1.10
N ILE K 85 -9.83 -8.41 1.71
CA ILE K 85 -10.06 -7.12 2.36
C ILE K 85 -9.82 -7.29 3.85
N TYR K 86 -9.13 -6.34 4.45
CA TYR K 86 -8.77 -6.42 5.86
C TYR K 86 -9.50 -5.31 6.62
N TYR K 87 -10.28 -5.70 7.63
CA TYR K 87 -11.04 -4.78 8.45
C TYR K 87 -10.49 -4.77 9.87
N CYS K 88 -10.44 -3.59 10.47
CA CYS K 88 -10.28 -3.47 11.92
C CYS K 88 -11.64 -3.29 12.56
N GLN K 89 -11.69 -3.53 13.86
CA GLN K 89 -12.94 -3.42 14.59
C GLN K 89 -12.63 -3.10 16.04
N GLN K 90 -13.19 -2.01 16.52
CA GLN K 90 -13.03 -1.66 17.92
C GLN K 90 -13.99 -2.47 18.77
N SER K 91 -13.48 -2.97 19.90
CA SER K 91 -14.28 -3.70 20.87
C SER K 91 -14.38 -2.95 22.19
N TYR K 92 -14.15 -1.64 22.16
CA TYR K 92 -14.19 -0.85 23.39
C TYR K 92 -15.62 -0.46 23.74
N VAL K 93 -16.36 0.09 22.79
CA VAL K 93 -17.75 0.48 23.00
C VAL K 93 -18.66 -0.66 22.57
N SER K 94 -19.58 -1.04 23.44
CA SER K 94 -20.47 -2.17 23.24
C SER K 94 -21.86 -1.77 23.67
N PRO K 95 -22.91 -2.41 23.13
CA PRO K 95 -22.90 -3.52 22.16
C PRO K 95 -22.60 -3.04 20.74
N THR K 96 -22.59 -1.72 20.52
CA THR K 96 -22.46 -1.13 19.19
C THR K 96 -20.99 -1.16 18.73
N TYR K 97 -20.51 -2.38 18.47
CA TYR K 97 -19.20 -2.56 17.86
C TYR K 97 -19.21 -2.03 16.42
N THR K 98 -18.12 -1.37 16.03
CA THR K 98 -18.03 -0.82 14.69
C THR K 98 -16.82 -1.38 13.96
N PHE K 99 -16.90 -1.38 12.63
CA PHE K 99 -15.82 -1.85 11.76
C PHE K 99 -15.23 -0.72 10.93
N GLY K 100 -13.95 -0.89 10.57
CA GLY K 100 -13.28 -0.04 9.61
C GLY K 100 -13.86 -0.14 8.22
N PRO K 101 -13.44 0.76 7.32
CA PRO K 101 -13.97 0.72 5.95
C PRO K 101 -13.44 -0.44 5.14
N GLY K 102 -12.36 -1.07 5.55
CA GLY K 102 -11.68 -2.10 4.78
C GLY K 102 -10.45 -1.57 4.07
N THR K 103 -9.47 -2.46 3.92
CA THR K 103 -8.24 -2.21 3.16
C THR K 103 -8.08 -3.34 2.13
N LYS K 104 -8.17 -2.98 0.86
CA LYS K 104 -8.06 -3.95 -0.23
C LYS K 104 -6.59 -4.14 -0.58
N VAL K 105 -6.11 -5.39 -0.48
CA VAL K 105 -4.73 -5.75 -0.75
C VAL K 105 -4.69 -6.52 -2.06
N ASP K 106 -4.23 -5.86 -3.12
CA ASP K 106 -4.00 -6.51 -4.41
C ASP K 106 -2.58 -7.05 -4.46
N ILE K 107 -2.39 -8.10 -5.25
CA ILE K 107 -1.10 -8.78 -5.34
C ILE K 107 -0.49 -8.49 -6.71
N LYS K 108 0.76 -8.03 -6.71
CA LYS K 108 1.50 -7.83 -7.93
C LYS K 108 2.12 -9.13 -8.41
N ARG K 109 2.08 -9.36 -9.73
CA ARG K 109 2.68 -10.53 -10.33
C ARG K 109 3.11 -10.21 -11.76
N THR K 110 3.80 -11.17 -12.37
CA THR K 110 4.29 -11.00 -13.73
C THR K 110 3.12 -10.99 -14.72
N VAL K 111 3.37 -10.41 -15.90
CA VAL K 111 2.34 -10.34 -16.93
C VAL K 111 1.96 -11.75 -17.37
N ALA K 112 0.66 -12.00 -17.49
CA ALA K 112 0.14 -13.27 -17.99
C ALA K 112 -0.93 -13.01 -19.03
N ALA K 113 -0.74 -13.55 -20.24
CA ALA K 113 -1.69 -13.35 -21.33
C ALA K 113 -2.92 -14.23 -21.13
N PRO K 114 -4.09 -13.74 -21.55
CA PRO K 114 -5.32 -14.53 -21.41
C PRO K 114 -5.41 -15.66 -22.42
N SER K 115 -5.93 -16.79 -21.98
CA SER K 115 -6.48 -17.81 -22.88
C SER K 115 -7.90 -17.41 -23.30
N VAL K 116 -8.15 -17.40 -24.60
CA VAL K 116 -9.39 -16.88 -25.18
C VAL K 116 -10.19 -18.01 -25.79
N PHE K 117 -11.49 -18.05 -25.46
CA PHE K 117 -12.43 -19.03 -25.98
C PHE K 117 -13.71 -18.32 -26.39
N ILE K 118 -14.40 -18.86 -27.40
CA ILE K 118 -15.67 -18.32 -27.86
C ILE K 118 -16.73 -19.41 -27.82
N PHE K 119 -17.93 -19.02 -27.40
CA PHE K 119 -19.07 -19.93 -27.22
C PHE K 119 -20.27 -19.50 -28.04
N PRO K 120 -20.79 -20.33 -28.93
CA PRO K 120 -22.03 -19.98 -29.66
C PRO K 120 -23.25 -20.13 -28.78
N PRO K 121 -24.37 -19.46 -29.11
CA PRO K 121 -25.60 -19.65 -28.34
C PRO K 121 -26.15 -21.06 -28.47
N SER K 122 -26.71 -21.57 -27.36
CA SER K 122 -27.31 -22.89 -27.39
C SER K 122 -28.62 -22.89 -28.19
N ASP K 123 -28.98 -24.07 -28.69
CA ASP K 123 -30.26 -24.21 -29.38
C ASP K 123 -31.44 -23.98 -28.43
N GLU K 124 -31.29 -24.38 -27.17
CA GLU K 124 -32.35 -24.18 -26.18
C GLU K 124 -32.65 -22.70 -25.98
N GLN K 125 -31.60 -21.87 -25.93
CA GLN K 125 -31.82 -20.43 -25.78
C GLN K 125 -32.48 -19.84 -27.01
N LEU K 126 -32.06 -20.27 -28.20
CA LEU K 126 -32.63 -19.69 -29.42
C LEU K 126 -34.13 -19.92 -29.49
N LYS K 127 -34.60 -21.06 -29.00
CA LYS K 127 -36.03 -21.32 -28.95
C LYS K 127 -36.76 -20.29 -28.10
N SER K 128 -36.12 -19.77 -27.05
CA SER K 128 -36.71 -18.74 -26.21
C SER K 128 -36.72 -17.37 -26.86
N GLY K 129 -36.01 -17.17 -27.96
CA GLY K 129 -36.06 -15.95 -28.72
C GLY K 129 -34.88 -15.00 -28.56
N THR K 130 -33.81 -15.43 -27.90
CA THR K 130 -32.64 -14.58 -27.69
C THR K 130 -31.37 -15.42 -27.81
N ALA K 131 -30.33 -14.80 -28.35
CA ALA K 131 -29.04 -15.45 -28.57
C ALA K 131 -27.97 -14.76 -27.73
N SER K 132 -27.27 -15.52 -26.90
CA SER K 132 -26.16 -15.03 -26.11
C SER K 132 -24.85 -15.66 -26.59
N VAL K 133 -23.90 -14.83 -27.01
CA VAL K 133 -22.58 -15.26 -27.43
C VAL K 133 -21.59 -14.82 -26.35
N VAL K 134 -20.78 -15.76 -25.86
CA VAL K 134 -19.91 -15.54 -24.71
C VAL K 134 -18.46 -15.66 -25.14
N CYS K 135 -17.66 -14.66 -24.78
CA CYS K 135 -16.21 -14.67 -24.98
C CYS K 135 -15.53 -14.73 -23.61
N LEU K 136 -14.61 -15.66 -23.44
CA LEU K 136 -13.95 -15.89 -22.16
C LEU K 136 -12.46 -15.61 -22.25
N LEU K 137 -11.97 -14.72 -21.39
CA LEU K 137 -10.56 -14.43 -21.22
C LEU K 137 -10.12 -14.99 -19.87
N ASN K 138 -9.25 -15.99 -19.89
CA ASN K 138 -8.97 -16.83 -18.72
C ASN K 138 -7.55 -16.59 -18.21
N ASN K 139 -7.45 -16.28 -16.91
CA ASN K 139 -6.18 -16.28 -16.17
C ASN K 139 -5.15 -15.35 -16.80
N PHE K 140 -5.46 -14.05 -16.73
CA PHE K 140 -4.57 -13.03 -17.27
C PHE K 140 -4.18 -12.04 -16.17
N TYR K 141 -3.07 -11.34 -16.42
CA TYR K 141 -2.63 -10.28 -15.53
C TYR K 141 -1.81 -9.31 -16.39
N PRO K 142 -2.02 -8.00 -16.24
CA PRO K 142 -2.90 -7.34 -15.26
C PRO K 142 -4.37 -7.39 -15.66
N ARG K 143 -5.21 -6.75 -14.84
CA ARG K 143 -6.66 -6.86 -15.00
C ARG K 143 -7.12 -6.16 -16.28
N GLU K 144 -6.43 -5.11 -16.71
CA GLU K 144 -6.86 -4.32 -17.85
C GLU K 144 -6.86 -5.19 -19.10
N ALA K 145 -7.99 -5.18 -19.81
CA ALA K 145 -8.15 -5.94 -21.04
C ALA K 145 -9.21 -5.27 -21.90
N LYS K 146 -9.09 -5.47 -23.21
CA LYS K 146 -10.02 -4.93 -24.19
C LYS K 146 -10.55 -6.06 -25.06
N VAL K 147 -11.87 -6.17 -25.14
CA VAL K 147 -12.55 -7.13 -25.99
C VAL K 147 -13.48 -6.40 -26.93
N GLN K 148 -13.50 -6.82 -28.19
CA GLN K 148 -14.29 -6.17 -29.23
C GLN K 148 -15.06 -7.25 -29.99
N TRP K 149 -16.35 -7.02 -30.18
CA TRP K 149 -17.22 -7.92 -30.92
C TRP K 149 -17.37 -7.53 -32.38
N LYS K 150 -17.21 -8.52 -33.26
CA LYS K 150 -17.41 -8.34 -34.69
C LYS K 150 -18.46 -9.35 -35.17
N VAL K 151 -19.55 -8.85 -35.74
CA VAL K 151 -20.62 -9.68 -36.27
C VAL K 151 -20.57 -9.52 -37.79
N ASP K 152 -20.21 -10.60 -38.49
CA ASP K 152 -19.82 -10.54 -39.90
C ASP K 152 -18.85 -9.39 -40.12
N ASN K 153 -17.86 -9.31 -39.23
CA ASN K 153 -16.78 -8.33 -39.28
C ASN K 153 -17.29 -6.90 -39.11
N ALA K 154 -18.53 -6.74 -38.62
CA ALA K 154 -19.07 -5.45 -38.22
C ALA K 154 -18.91 -5.30 -36.71
N LEU K 155 -18.20 -4.25 -36.29
CA LEU K 155 -17.99 -4.00 -34.87
C LEU K 155 -19.29 -3.67 -34.15
N GLN K 156 -19.51 -4.33 -33.02
CA GLN K 156 -20.71 -4.17 -32.23
C GLN K 156 -20.52 -3.09 -31.17
N SER K 157 -21.61 -2.42 -30.82
CA SER K 157 -21.59 -1.42 -29.76
C SER K 157 -22.86 -1.54 -28.92
N GLY K 158 -22.72 -1.35 -27.61
CA GLY K 158 -23.88 -1.23 -26.74
C GLY K 158 -24.66 -2.50 -26.50
N ASN K 159 -24.24 -3.64 -27.07
CA ASN K 159 -24.96 -4.90 -26.93
C ASN K 159 -24.13 -5.96 -26.22
N SER K 160 -23.20 -5.54 -25.36
CA SER K 160 -22.40 -6.49 -24.60
C SER K 160 -22.24 -5.99 -23.17
N GLN K 161 -22.04 -6.95 -22.26
CA GLN K 161 -21.75 -6.70 -20.87
C GLN K 161 -20.57 -7.58 -20.44
N GLU K 162 -19.68 -7.00 -19.64
CA GLU K 162 -18.50 -7.72 -19.18
C GLU K 162 -18.66 -8.05 -17.70
N SER K 163 -17.99 -9.14 -17.30
CA SER K 163 -17.86 -9.52 -15.90
C SER K 163 -16.46 -10.05 -15.68
N VAL K 164 -15.87 -9.69 -14.54
CA VAL K 164 -14.49 -10.05 -14.22
C VAL K 164 -14.46 -10.68 -12.83
N THR K 165 -13.68 -11.75 -12.70
CA THR K 165 -13.54 -12.41 -11.42
C THR K 165 -12.64 -11.58 -10.49
N GLU K 166 -12.74 -11.87 -9.20
CA GLU K 166 -11.71 -11.42 -8.27
C GLU K 166 -10.39 -12.14 -8.54
N GLN K 167 -9.31 -11.49 -8.11
CA GLN K 167 -7.96 -12.04 -8.24
C GLN K 167 -7.87 -13.43 -7.62
N ASP K 168 -7.38 -14.39 -8.41
CA ASP K 168 -7.27 -15.77 -7.95
C ASP K 168 -6.34 -15.90 -6.75
N SER K 169 -6.80 -16.64 -5.74
CA SER K 169 -6.00 -16.77 -4.52
C SER K 169 -4.80 -17.69 -4.70
N LYS K 170 -4.73 -18.47 -5.78
CA LYS K 170 -3.59 -19.34 -6.03
C LYS K 170 -2.52 -18.65 -6.87
N ASP K 171 -2.88 -18.23 -8.09
CA ASP K 171 -1.92 -17.69 -9.04
C ASP K 171 -2.05 -16.18 -9.26
N SER K 172 -2.94 -15.50 -8.52
CA SER K 172 -3.03 -14.04 -8.54
C SER K 172 -3.38 -13.49 -9.92
N THR K 173 -4.10 -14.25 -10.74
CA THR K 173 -4.55 -13.75 -12.04
C THR K 173 -6.03 -13.38 -12.00
N TYR K 174 -6.50 -12.81 -13.10
CA TYR K 174 -7.91 -12.50 -13.29
C TYR K 174 -8.45 -13.26 -14.51
N SER K 175 -9.76 -13.46 -14.51
CA SER K 175 -10.48 -13.93 -15.68
C SER K 175 -11.64 -13.00 -15.98
N LEU K 176 -12.05 -12.96 -17.25
CA LEU K 176 -13.08 -12.03 -17.69
C LEU K 176 -13.99 -12.74 -18.69
N SER K 177 -15.29 -12.47 -18.58
CA SER K 177 -16.29 -12.92 -19.53
C SER K 177 -16.92 -11.72 -20.21
N SER K 178 -17.18 -11.84 -21.50
CA SER K 178 -18.00 -10.89 -22.25
C SER K 178 -19.14 -11.62 -22.93
N THR K 179 -20.37 -11.15 -22.69
CA THR K 179 -21.58 -11.81 -23.19
C THR K 179 -22.27 -10.86 -24.16
N LEU K 180 -22.32 -11.25 -25.43
CA LEU K 180 -23.04 -10.53 -26.46
C LEU K 180 -24.47 -11.05 -26.53
N THR K 181 -25.45 -10.15 -26.43
CA THR K 181 -26.84 -10.52 -26.42
C THR K 181 -27.53 -9.98 -27.67
N LEU K 182 -28.12 -10.88 -28.45
CA LEU K 182 -28.81 -10.55 -29.68
C LEU K 182 -30.14 -11.30 -29.70
N SER K 183 -31.15 -10.69 -30.31
CA SER K 183 -32.36 -11.42 -30.62
C SER K 183 -32.08 -12.57 -31.58
N LYS K 184 -32.88 -13.62 -31.48
CA LYS K 184 -32.73 -14.77 -32.36
C LYS K 184 -32.85 -14.38 -33.82
N ALA K 185 -33.66 -13.36 -34.12
CA ALA K 185 -33.76 -12.87 -35.49
C ALA K 185 -32.46 -12.22 -35.92
N ASP K 186 -31.93 -11.31 -35.11
CA ASP K 186 -30.66 -10.68 -35.44
C ASP K 186 -29.54 -11.71 -35.50
N TYR K 187 -29.65 -12.79 -34.71
CA TYR K 187 -28.60 -13.80 -34.69
C TYR K 187 -28.53 -14.53 -36.02
N GLU K 188 -29.69 -14.77 -36.65
CA GLU K 188 -29.71 -15.49 -37.90
C GLU K 188 -29.52 -14.57 -39.09
N LYS K 189 -29.52 -13.25 -38.88
CA LYS K 189 -29.23 -12.33 -39.96
C LYS K 189 -27.77 -12.38 -40.38
N HIS K 190 -26.90 -12.95 -39.54
CA HIS K 190 -25.46 -12.91 -39.79
C HIS K 190 -24.83 -14.28 -39.57
N LYS K 191 -23.57 -14.40 -40.00
CA LYS K 191 -22.87 -15.67 -40.11
C LYS K 191 -21.66 -15.79 -39.20
N VAL K 192 -20.75 -14.81 -39.24
CA VAL K 192 -19.46 -14.87 -38.57
C VAL K 192 -19.54 -14.10 -37.26
N TYR K 193 -19.28 -14.80 -36.15
CA TYR K 193 -19.26 -14.20 -34.82
C TYR K 193 -17.87 -14.30 -34.22
N ALA K 194 -17.25 -13.15 -33.94
CA ALA K 194 -15.86 -13.11 -33.48
C ALA K 194 -15.72 -12.10 -32.33
N CYS K 195 -14.84 -12.43 -31.38
CA CYS K 195 -14.37 -11.49 -30.36
C CYS K 195 -12.87 -11.30 -30.43
N GLU K 196 -12.42 -10.05 -30.45
CA GLU K 196 -11.02 -9.67 -30.59
C GLU K 196 -10.53 -9.13 -29.25
N VAL K 197 -9.47 -9.73 -28.71
CA VAL K 197 -8.98 -9.46 -27.37
C VAL K 197 -7.64 -8.75 -27.44
N THR K 198 -7.53 -7.60 -26.79
CA THR K 198 -6.29 -6.86 -26.65
C THR K 198 -5.87 -6.89 -25.18
N HIS K 199 -4.66 -7.37 -24.92
CA HIS K 199 -4.10 -7.43 -23.58
C HIS K 199 -2.59 -7.26 -23.66
N GLN K 200 -2.01 -6.59 -22.66
CA GLN K 200 -0.60 -6.23 -22.70
C GLN K 200 0.31 -7.46 -22.68
N GLY K 201 -0.24 -8.65 -22.45
CA GLY K 201 0.46 -9.90 -22.52
C GLY K 201 0.55 -10.53 -23.90
N LEU K 202 -0.01 -9.89 -24.92
CA LEU K 202 0.01 -10.44 -26.26
C LEU K 202 0.75 -9.51 -27.21
N SER K 203 1.42 -10.09 -28.20
CA SER K 203 2.14 -9.28 -29.18
C SER K 203 1.19 -8.52 -30.10
N SER K 204 -0.04 -9.00 -30.24
CA SER K 204 -1.01 -8.51 -31.20
C SER K 204 -2.38 -8.98 -30.72
N PRO K 205 -3.46 -8.29 -31.08
CA PRO K 205 -4.79 -8.78 -30.69
C PRO K 205 -4.98 -10.24 -31.12
N VAL K 206 -5.67 -11.00 -30.26
CA VAL K 206 -5.96 -12.39 -30.51
C VAL K 206 -7.45 -12.53 -30.77
N THR K 207 -7.81 -13.13 -31.90
CA THR K 207 -9.20 -13.29 -32.30
C THR K 207 -9.61 -14.74 -32.27
N LYS K 208 -10.72 -15.02 -31.59
CA LYS K 208 -11.41 -16.29 -31.63
C LYS K 208 -12.77 -16.06 -32.29
N SER K 209 -13.05 -16.83 -33.32
CA SER K 209 -14.24 -16.66 -34.13
C SER K 209 -14.88 -18.03 -34.36
N PHE K 210 -16.11 -18.00 -34.84
CA PHE K 210 -16.75 -19.23 -35.28
C PHE K 210 -17.76 -18.90 -36.36
N ASN K 211 -17.98 -19.89 -37.23
CA ASN K 211 -18.99 -19.81 -38.27
C ASN K 211 -20.24 -20.45 -37.68
N ARG K 212 -21.36 -19.74 -37.77
CA ARG K 212 -22.63 -20.26 -37.25
C ARG K 212 -22.96 -21.64 -37.81
N GLY K 213 -22.40 -22.01 -38.97
CA GLY K 213 -22.72 -23.30 -39.55
C GLY K 213 -22.16 -24.47 -38.75
N GLU K 214 -21.24 -24.21 -37.83
CA GLU K 214 -20.65 -25.23 -36.95
C GLU K 214 -20.06 -26.41 -37.71
N ASN L 8 -19.18 -18.62 51.86
CA ASN L 8 -19.39 -17.25 52.31
C ASN L 8 -20.85 -16.83 52.14
N ILE L 9 -21.27 -15.82 52.89
CA ILE L 9 -22.60 -15.23 52.79
C ILE L 9 -22.46 -13.85 52.16
N THR L 10 -23.52 -13.41 51.49
CA THR L 10 -23.41 -12.19 50.68
C THR L 10 -24.80 -11.60 50.46
N ASN L 11 -24.82 -10.43 49.82
CA ASN L 11 -25.98 -9.56 49.67
C ASN L 11 -25.95 -8.97 48.27
N LEU L 12 -27.12 -8.67 47.70
CA LEU L 12 -27.16 -8.23 46.32
C LEU L 12 -26.92 -6.73 46.26
N CYS L 13 -26.22 -6.29 45.22
CA CYS L 13 -25.84 -4.89 45.10
C CYS L 13 -27.08 -4.02 44.88
N PRO L 14 -27.12 -2.82 45.47
CA PRO L 14 -28.35 -2.01 45.45
C PRO L 14 -28.48 -1.16 44.20
N PHE L 15 -28.45 -1.81 43.03
CA PHE L 15 -28.57 -1.05 41.79
C PHE L 15 -29.94 -0.39 41.67
N ASP L 16 -31.00 -1.09 42.12
CA ASP L 16 -32.34 -0.54 42.06
C ASP L 16 -32.49 0.71 42.90
N GLU L 17 -31.77 0.77 44.03
CA GLU L 17 -31.73 1.98 44.87
C GLU L 17 -31.32 3.20 44.05
N VAL L 18 -30.51 2.97 43.02
CA VAL L 18 -29.96 4.03 42.20
C VAL L 18 -30.91 4.34 41.05
N PHE L 19 -31.37 3.30 40.35
CA PHE L 19 -32.18 3.49 39.16
C PHE L 19 -33.57 4.00 39.54
N ASN L 20 -34.11 3.57 40.68
CA ASN L 20 -35.46 3.95 41.08
C ASN L 20 -35.48 5.01 42.18
N ALA L 21 -34.43 5.81 42.31
CA ALA L 21 -34.43 6.91 43.27
C ALA L 21 -35.45 7.97 42.86
N THR L 22 -36.20 8.50 43.85
CA THR L 22 -37.22 9.49 43.54
C THR L 22 -36.61 10.78 43.00
N ARG L 23 -35.55 11.26 43.62
CA ARG L 23 -34.87 12.47 43.21
C ARG L 23 -33.49 12.15 42.68
N PHE L 24 -33.10 12.84 41.62
CA PHE L 24 -31.78 12.74 41.04
C PHE L 24 -31.05 14.07 41.23
N ALA L 25 -29.73 14.01 41.26
CA ALA L 25 -28.93 15.21 41.45
C ALA L 25 -28.93 16.05 40.18
N SER L 26 -28.71 17.35 40.36
CA SER L 26 -28.24 18.16 39.23
C SER L 26 -26.86 17.69 38.77
N VAL L 27 -26.62 17.81 37.47
CA VAL L 27 -25.40 17.26 36.88
C VAL L 27 -24.14 17.94 37.41
N TYR L 28 -24.22 19.24 37.72
CA TYR L 28 -23.00 19.88 38.24
C TYR L 28 -22.68 19.34 39.62
N ALA L 29 -23.70 18.93 40.37
CA ALA L 29 -23.56 18.38 41.71
C ALA L 29 -23.88 16.89 41.70
N TRP L 30 -23.38 16.19 40.69
CA TRP L 30 -23.78 14.81 40.43
C TRP L 30 -23.53 13.95 41.67
N ASN L 31 -24.41 12.98 41.89
CA ASN L 31 -24.36 12.14 43.08
C ASN L 31 -23.51 10.91 42.82
N ARG L 32 -22.79 10.46 43.85
CA ARG L 32 -22.00 9.24 43.80
C ARG L 32 -22.34 8.30 44.94
N LYS L 33 -22.64 7.05 44.59
CA LYS L 33 -22.88 5.97 45.53
C LYS L 33 -21.75 4.95 45.39
N ARG L 34 -21.16 4.56 46.52
CA ARG L 34 -20.14 3.51 46.51
C ARG L 34 -20.79 2.16 46.77
N ILE L 35 -20.55 1.21 45.86
CA ILE L 35 -21.13 -0.12 45.93
C ILE L 35 -19.97 -1.11 46.07
N SER L 36 -20.02 -1.94 47.12
CA SER L 36 -18.93 -2.85 47.46
C SER L 36 -19.48 -4.01 48.27
N ASN L 37 -18.70 -5.09 48.33
CA ASN L 37 -19.02 -6.26 49.16
C ASN L 37 -20.43 -6.76 48.90
N CYS L 38 -20.70 -7.06 47.64
CA CYS L 38 -22.03 -7.51 47.26
C CYS L 38 -21.96 -8.29 45.95
N VAL L 39 -23.07 -8.96 45.67
CA VAL L 39 -23.32 -9.74 44.47
C VAL L 39 -24.20 -8.87 43.58
N ALA L 40 -23.83 -8.75 42.31
CA ALA L 40 -24.57 -7.90 41.39
C ALA L 40 -25.31 -8.77 40.39
N ASP L 41 -26.59 -8.46 40.25
CA ASP L 41 -27.48 -9.05 39.25
C ASP L 41 -27.78 -8.00 38.20
N TYR L 42 -27.10 -8.12 37.07
CA TYR L 42 -27.21 -7.16 35.99
C TYR L 42 -28.48 -7.37 35.17
N SER L 43 -29.42 -8.16 35.70
CA SER L 43 -30.67 -8.45 35.00
C SER L 43 -31.51 -7.18 34.86
N VAL L 44 -31.34 -6.24 35.78
CA VAL L 44 -32.02 -4.96 35.69
C VAL L 44 -31.56 -4.21 34.45
N LEU L 45 -30.30 -4.41 34.05
CA LEU L 45 -29.76 -3.82 32.84
C LEU L 45 -30.27 -4.53 31.59
N TYR L 46 -30.20 -5.87 31.56
CA TYR L 46 -30.58 -6.64 30.39
C TYR L 46 -32.03 -6.37 30.00
N ASN L 47 -32.30 -6.42 28.69
CA ASN L 47 -33.67 -6.31 28.17
C ASN L 47 -34.37 -5.03 28.64
N LEU L 48 -33.87 -3.93 28.11
CA LEU L 48 -34.51 -2.63 28.27
C LEU L 48 -35.00 -2.19 26.90
N ALA L 49 -36.31 -1.96 26.79
CA ALA L 49 -36.90 -1.42 25.59
C ALA L 49 -36.73 0.09 25.55
N PHE L 52 -34.32 2.87 26.04
CA PHE L 52 -33.31 3.21 27.03
C PHE L 52 -31.89 3.22 26.46
N THR L 53 -31.08 4.17 26.91
CA THR L 53 -29.65 4.18 26.58
C THR L 53 -28.96 3.05 27.32
N PHE L 54 -28.15 2.25 26.59
CA PHE L 54 -27.30 1.24 27.24
C PHE L 54 -25.99 0.96 26.51
N LYS L 55 -24.97 1.75 26.86
CA LYS L 55 -23.67 1.69 26.22
C LYS L 55 -22.65 1.34 27.30
N CYS L 56 -21.84 0.32 27.06
CA CYS L 56 -20.83 -0.11 28.01
C CYS L 56 -19.44 0.11 27.43
N TYR L 57 -18.47 0.39 28.29
CA TYR L 57 -17.12 0.70 27.84
C TYR L 57 -16.14 -0.19 28.58
N GLY L 58 -15.26 -0.84 27.83
CA GLY L 58 -14.26 -1.78 28.28
C GLY L 58 -14.69 -3.23 28.45
N VAL L 59 -15.88 -3.56 28.98
CA VAL L 59 -16.24 -5.01 29.11
C VAL L 59 -17.52 -5.23 28.32
N SER L 60 -17.95 -6.49 28.03
CA SER L 60 -19.18 -6.45 27.27
C SER L 60 -20.39 -6.77 28.17
N PRO L 61 -21.53 -6.16 27.88
CA PRO L 61 -22.73 -6.37 28.70
C PRO L 61 -23.23 -7.82 28.85
N THR L 62 -22.93 -8.72 27.91
CA THR L 62 -23.13 -10.15 28.15
C THR L 62 -22.20 -10.76 29.19
N LYS L 63 -20.94 -10.39 29.21
CA LYS L 63 -19.97 -11.03 30.07
C LYS L 63 -19.91 -10.42 31.46
N LEU L 64 -20.95 -9.69 31.86
CA LEU L 64 -20.87 -9.02 33.15
C LEU L 64 -21.18 -9.94 34.31
N ASN L 65 -21.99 -10.99 34.13
CA ASN L 65 -22.26 -11.75 35.34
C ASN L 65 -21.14 -12.73 35.66
N ASP L 66 -20.11 -12.79 34.81
CA ASP L 66 -18.94 -13.65 35.02
C ASP L 66 -17.76 -12.87 35.56
N LEU L 67 -17.96 -11.62 35.94
CA LEU L 67 -16.88 -10.73 36.33
C LEU L 67 -16.90 -10.37 37.81
N CYS L 68 -15.74 -9.95 38.26
CA CYS L 68 -15.53 -9.46 39.62
C CYS L 68 -14.77 -8.15 39.57
N PHE L 69 -15.03 -7.29 40.55
CA PHE L 69 -14.40 -5.99 40.60
C PHE L 69 -14.13 -5.65 42.05
N THR L 70 -13.15 -4.79 42.29
CA THR L 70 -12.90 -4.34 43.65
C THR L 70 -13.98 -3.38 44.15
N ASN L 71 -14.43 -2.47 43.29
CA ASN L 71 -15.50 -1.55 43.66
C ASN L 71 -16.32 -1.16 42.43
N VAL L 72 -17.61 -0.97 42.64
CA VAL L 72 -18.48 -0.37 41.63
C VAL L 72 -18.94 0.98 42.18
N TYR L 73 -18.87 2.02 41.35
CA TYR L 73 -19.43 3.32 41.66
C TYR L 73 -20.66 3.58 40.80
N ALA L 74 -21.69 4.21 41.38
CA ALA L 74 -22.89 4.59 40.63
C ALA L 74 -23.11 6.09 40.70
N ASP L 75 -22.83 6.79 39.61
CA ASP L 75 -23.07 8.22 39.51
C ASP L 75 -24.41 8.47 38.83
N SER L 76 -25.13 9.50 39.26
CA SER L 76 -26.46 9.75 38.71
C SER L 76 -26.75 11.24 38.74
N PHE L 77 -27.59 11.69 37.80
CA PHE L 77 -27.83 13.10 37.55
C PHE L 77 -28.86 13.23 36.43
N VAL L 78 -29.29 14.47 36.19
CA VAL L 78 -30.23 14.79 35.13
C VAL L 78 -29.55 15.74 34.16
N ILE L 79 -29.72 15.49 32.87
CA ILE L 79 -29.25 16.32 31.77
C ILE L 79 -30.35 16.39 30.71
N ARG L 80 -30.09 17.16 29.65
CA ARG L 80 -31.02 17.21 28.55
C ARG L 80 -30.75 16.06 27.58
N GLY L 81 -31.76 15.74 26.76
CA GLY L 81 -31.63 14.59 25.89
C GLY L 81 -30.47 14.75 24.92
N ASP L 82 -30.27 15.99 24.43
CA ASP L 82 -29.18 16.33 23.52
C ASP L 82 -27.81 16.19 24.15
N GLU L 83 -27.73 16.10 25.48
CA GLU L 83 -26.46 16.03 26.17
C GLU L 83 -26.07 14.61 26.57
N VAL L 84 -26.96 13.64 26.38
CA VAL L 84 -26.68 12.25 26.77
C VAL L 84 -25.47 11.74 25.99
N ARG L 85 -25.28 12.24 24.76
CA ARG L 85 -24.11 11.86 23.99
CA ARG L 85 -24.10 11.88 23.98
C ARG L 85 -22.82 12.31 24.65
N GLN L 86 -22.87 13.31 25.53
CA GLN L 86 -21.69 13.83 26.20
C GLN L 86 -21.25 12.97 27.38
N ILE L 87 -22.08 12.05 27.86
CA ILE L 87 -21.70 11.21 28.98
C ILE L 87 -21.00 9.98 28.44
N ALA L 88 -19.78 10.18 27.96
CA ALA L 88 -18.99 9.10 27.38
C ALA L 88 -17.53 9.55 27.34
N PRO L 89 -16.58 8.63 27.36
CA PRO L 89 -15.18 9.03 27.26
C PRO L 89 -14.93 9.75 25.94
N GLY L 90 -14.06 10.75 25.96
CA GLY L 90 -13.64 11.39 24.73
C GLY L 90 -14.62 12.40 24.16
N GLN L 91 -15.64 12.79 24.92
CA GLN L 91 -16.65 13.73 24.45
C GLN L 91 -16.31 15.16 24.87
N THR L 92 -16.93 16.11 24.20
CA THR L 92 -16.81 17.51 24.53
C THR L 92 -18.21 18.11 24.61
N GLY L 93 -18.30 19.29 25.22
CA GLY L 93 -19.55 19.99 25.36
C GLY L 93 -19.59 20.63 26.72
N ASN L 94 -20.62 21.43 27.02
CA ASN L 94 -20.72 22.03 28.35
C ASN L 94 -20.72 20.95 29.43
N ILE L 95 -21.42 19.84 29.21
CA ILE L 95 -21.55 18.82 30.25
C ILE L 95 -20.22 18.10 30.45
N ALA L 96 -19.65 17.55 29.37
CA ALA L 96 -18.38 16.84 29.49
C ALA L 96 -17.26 17.77 29.98
N ASP L 97 -17.27 19.02 29.53
CA ASP L 97 -16.19 19.92 29.91
C ASP L 97 -16.35 20.43 31.33
N TYR L 98 -17.57 20.82 31.70
CA TYR L 98 -17.78 21.61 32.91
C TYR L 98 -18.64 20.92 33.96
N ASN L 99 -19.16 19.72 33.72
CA ASN L 99 -20.12 19.14 34.65
C ASN L 99 -19.75 17.71 35.04
N TYR L 100 -19.54 16.84 34.06
CA TYR L 100 -19.24 15.45 34.38
C TYR L 100 -18.35 14.86 33.29
N LYS L 101 -17.14 14.46 33.66
CA LYS L 101 -16.11 14.06 32.73
C LYS L 101 -15.72 12.62 33.02
N LEU L 102 -15.90 11.75 32.02
CA LEU L 102 -15.42 10.39 32.07
C LEU L 102 -13.98 10.32 31.57
N PRO L 103 -13.15 9.44 32.11
CA PRO L 103 -11.78 9.32 31.60
C PRO L 103 -11.75 8.58 30.27
N ASP L 104 -10.67 8.79 29.53
CA ASP L 104 -10.48 8.08 28.26
C ASP L 104 -10.50 6.57 28.47
N ASP L 105 -9.85 6.08 29.54
CA ASP L 105 -9.76 4.66 29.83
C ASP L 105 -10.91 4.17 30.70
N PHE L 106 -12.08 4.78 30.55
CA PHE L 106 -13.23 4.44 31.37
C PHE L 106 -13.64 2.98 31.18
N THR L 107 -13.85 2.29 32.30
CA THR L 107 -14.46 0.96 32.30
C THR L 107 -15.75 1.00 33.08
N GLY L 108 -16.86 0.79 32.39
CA GLY L 108 -18.17 0.86 33.01
C GLY L 108 -19.27 0.89 31.96
N CYS L 109 -20.46 1.28 32.40
CA CYS L 109 -21.63 1.37 31.53
C CYS L 109 -22.37 2.66 31.85
N VAL L 110 -22.93 3.28 30.82
CA VAL L 110 -23.72 4.49 30.95
C VAL L 110 -25.16 4.18 30.58
N ILE L 111 -26.09 4.50 31.47
CA ILE L 111 -27.49 4.16 31.30
C ILE L 111 -28.30 5.43 31.47
N ALA L 112 -29.26 5.65 30.56
CA ALA L 112 -30.04 6.86 30.60
C ALA L 112 -31.45 6.57 30.09
N TRP L 113 -32.39 7.39 30.54
CA TRP L 113 -33.77 7.25 30.12
C TRP L 113 -34.52 8.56 30.26
N ASN L 114 -35.52 8.74 29.40
CA ASN L 114 -36.33 9.95 29.43
C ASN L 114 -37.13 9.99 30.73
N SER L 115 -37.10 11.13 31.41
CA SER L 115 -37.84 11.31 32.65
C SER L 115 -38.78 12.51 32.59
N ASN L 116 -39.30 12.80 31.39
CA ASN L 116 -40.21 13.92 31.23
C ASN L 116 -41.43 13.82 32.14
N LYS L 117 -41.93 12.60 32.38
CA LYS L 117 -43.12 12.42 33.21
C LYS L 117 -42.85 12.72 34.68
N LEU L 118 -41.60 12.76 35.11
CA LEU L 118 -41.25 12.96 36.51
C LEU L 118 -40.55 14.28 36.79
N ASP L 119 -39.76 14.80 35.85
CA ASP L 119 -38.87 15.91 36.14
C ASP L 119 -39.22 17.20 35.43
N SER L 120 -40.20 17.18 34.51
CA SER L 120 -40.73 18.40 33.93
C SER L 120 -42.01 18.85 34.64
N LYS L 121 -42.26 20.16 34.56
CA LYS L 121 -43.47 20.80 35.07
C LYS L 121 -43.87 21.87 34.07
N VAL L 122 -45.17 22.09 33.93
CA VAL L 122 -45.66 23.21 33.12
C VAL L 122 -45.10 24.54 33.60
N SER L 123 -44.93 24.70 34.92
CA SER L 123 -44.34 25.94 35.41
C SER L 123 -42.84 26.03 35.18
N GLY L 124 -42.26 25.05 34.49
CA GLY L 124 -40.82 24.94 34.29
C GLY L 124 -40.22 24.40 35.56
N ASN L 125 -39.41 23.34 35.48
CA ASN L 125 -38.63 22.91 36.63
C ASN L 125 -37.25 23.54 36.59
N TYR L 126 -36.97 24.41 37.55
CA TYR L 126 -35.70 25.12 37.62
C TYR L 126 -34.80 24.54 38.69
N ASN L 127 -35.18 23.41 39.28
CA ASN L 127 -34.37 22.83 40.34
C ASN L 127 -33.11 22.19 39.79
N TYR L 128 -33.15 21.73 38.54
CA TYR L 128 -32.01 21.07 37.92
C TYR L 128 -31.13 22.11 37.25
N LEU L 129 -29.86 22.16 37.64
CA LEU L 129 -28.91 23.12 37.12
C LEU L 129 -27.77 22.41 36.41
N TYR L 130 -27.06 23.15 35.57
CA TYR L 130 -25.78 22.68 35.04
C TYR L 130 -24.80 23.83 35.08
N ARG L 131 -23.51 23.50 35.11
CA ARG L 131 -22.47 24.52 35.08
C ARG L 131 -22.18 24.96 33.65
N LEU L 132 -22.37 26.25 33.38
CA LEU L 132 -22.11 26.73 32.03
C LEU L 132 -20.74 27.41 31.89
N PHE L 133 -20.27 28.12 32.92
CA PHE L 133 -19.00 28.84 32.86
C PHE L 133 -17.97 28.36 33.89
N ARG L 134 -16.76 28.03 33.41
CA ARG L 134 -15.61 27.72 34.29
C ARG L 134 -14.34 27.88 33.47
N LYS L 135 -13.30 28.41 34.11
CA LYS L 135 -12.06 28.76 33.40
C LYS L 135 -11.26 27.54 32.94
N SER L 136 -11.59 26.33 33.38
CA SER L 136 -10.90 25.14 32.92
C SER L 136 -11.86 23.97 32.81
N ASN L 137 -11.51 23.00 31.97
CA ASN L 137 -12.28 21.76 31.87
C ASN L 137 -12.08 20.93 33.13
N LEU L 138 -13.10 20.16 33.48
CA LEU L 138 -12.95 19.22 34.58
C LEU L 138 -11.99 18.09 34.24
N LYS L 139 -11.27 17.62 35.25
CA LYS L 139 -10.57 16.35 35.18
C LYS L 139 -11.61 15.23 35.33
N PRO L 140 -11.27 14.00 34.94
CA PRO L 140 -12.24 12.91 35.11
C PRO L 140 -12.67 12.74 36.56
N PHE L 141 -13.99 12.58 36.73
CA PHE L 141 -14.61 12.35 38.04
C PHE L 141 -14.41 13.52 39.01
N GLU L 142 -14.18 14.71 38.48
CA GLU L 142 -14.12 15.91 39.29
C GLU L 142 -15.52 16.49 39.44
N ARG L 143 -15.79 17.09 40.60
CA ARG L 143 -17.10 17.67 40.91
C ARG L 143 -16.91 19.08 41.45
N ASP L 144 -17.35 20.07 40.69
CA ASP L 144 -17.19 21.45 41.07
C ASP L 144 -18.57 21.96 41.49
N ILE L 145 -18.72 22.31 42.77
CA ILE L 145 -19.97 22.81 43.29
C ILE L 145 -19.85 24.29 43.64
N SER L 146 -18.75 24.91 43.22
CA SER L 146 -18.48 26.31 43.43
C SER L 146 -19.55 27.15 42.74
N THR L 147 -19.88 28.28 43.35
CA THR L 147 -20.76 29.26 42.73
C THR L 147 -20.04 30.59 42.57
N GLU L 148 -18.71 30.55 42.50
CA GLU L 148 -17.95 31.78 42.27
C GLU L 148 -18.31 32.37 40.92
N ILE L 149 -18.43 33.69 40.87
CA ILE L 149 -18.73 34.39 39.62
C ILE L 149 -17.63 34.23 38.59
N TYR L 150 -18.03 33.96 37.36
CA TYR L 150 -17.08 33.67 36.27
C TYR L 150 -16.62 34.99 35.67
N GLN L 151 -15.31 35.20 35.64
CA GLN L 151 -14.75 36.47 35.19
C GLN L 151 -14.41 36.32 33.72
N ALA L 152 -15.22 36.91 32.85
CA ALA L 152 -15.05 36.77 31.40
C ALA L 152 -14.27 37.92 30.79
N GLY L 153 -13.84 38.89 31.59
CA GLY L 153 -13.02 39.98 31.10
C GLY L 153 -11.90 40.29 32.08
N ASN L 154 -11.10 41.29 31.71
CA ASN L 154 -9.89 41.59 32.46
C ASN L 154 -10.18 42.30 33.78
N LYS L 155 -11.35 42.92 33.93
CA LYS L 155 -11.63 43.63 35.17
C LYS L 155 -12.15 42.65 36.22
N PRO L 156 -11.77 42.82 37.48
CA PRO L 156 -12.26 41.91 38.52
C PRO L 156 -13.74 42.07 38.78
N CYS L 157 -14.39 40.96 39.13
CA CYS L 157 -15.83 40.92 39.37
C CYS L 157 -16.18 41.25 40.80
N ASN L 158 -15.26 41.03 41.74
CA ASN L 158 -15.46 41.34 43.15
C ASN L 158 -16.73 40.67 43.67
N GLY L 159 -17.01 39.47 43.18
CA GLY L 159 -18.14 38.69 43.66
C GLY L 159 -19.50 39.18 43.22
N VAL L 160 -19.58 40.10 42.28
CA VAL L 160 -20.84 40.66 41.82
C VAL L 160 -21.09 40.23 40.38
N ALA L 161 -22.27 39.65 40.14
CA ALA L 161 -22.67 39.34 38.77
C ALA L 161 -23.00 40.63 38.03
N GLY L 162 -22.63 40.68 36.75
CA GLY L 162 -22.77 41.91 35.98
C GLY L 162 -22.14 41.74 34.61
N PHE L 163 -21.80 42.89 34.01
CA PHE L 163 -21.15 42.85 32.71
C PHE L 163 -19.85 42.06 32.74
N ASN L 164 -19.74 41.07 31.86
CA ASN L 164 -18.57 40.20 31.75
C ASN L 164 -18.35 39.38 33.02
N CYS L 165 -19.37 39.28 33.87
CA CYS L 165 -19.28 38.68 35.21
C CYS L 165 -20.55 37.87 35.43
N TYR L 166 -20.48 36.57 35.14
CA TYR L 166 -21.66 35.73 34.99
C TYR L 166 -21.69 34.69 36.10
N PHE L 167 -22.87 34.51 36.69
CA PHE L 167 -23.13 33.39 37.58
C PHE L 167 -22.99 32.07 36.81
N PRO L 168 -22.21 31.11 37.32
CA PRO L 168 -21.76 29.99 36.48
C PRO L 168 -22.82 28.92 36.23
N LEU L 169 -23.86 28.84 37.05
CA LEU L 169 -24.88 27.81 36.90
C LEU L 169 -26.12 28.37 36.22
N ARG L 170 -26.86 27.49 35.56
CA ARG L 170 -28.11 27.85 34.88
C ARG L 170 -29.08 26.68 35.00
N SER L 171 -30.38 27.01 35.00
CA SER L 171 -31.42 26.01 35.10
C SER L 171 -31.78 25.48 33.72
N TYR L 172 -32.07 24.17 33.65
CA TYR L 172 -32.59 23.59 32.42
C TYR L 172 -34.02 24.05 32.12
N SER L 173 -34.81 24.32 33.15
CA SER L 173 -36.20 24.79 32.98
C SER L 173 -37.02 23.78 32.18
N PHE L 174 -37.00 22.52 32.62
CA PHE L 174 -37.71 21.46 31.91
C PHE L 174 -39.21 21.70 31.93
N ARG L 175 -39.84 21.63 30.75
CA ARG L 175 -41.28 21.68 30.58
C ARG L 175 -41.74 20.50 29.75
N PRO L 176 -42.95 19.99 30.01
CA PRO L 176 -43.37 18.72 29.39
C PRO L 176 -43.60 18.81 27.89
N THR L 177 -43.86 20.00 27.35
CA THR L 177 -44.07 20.17 25.92
C THR L 177 -42.77 20.36 25.16
N TYR L 178 -41.61 20.30 25.83
CA TYR L 178 -40.33 20.36 25.15
C TYR L 178 -40.14 19.20 24.19
N GLY L 179 -39.32 19.44 23.16
CA GLY L 179 -38.89 18.38 22.28
C GLY L 179 -37.94 17.43 22.97
N VAL L 180 -37.85 16.21 22.42
CA VAL L 180 -37.14 15.13 23.10
C VAL L 180 -35.71 15.53 23.42
N GLY L 181 -35.07 16.31 22.53
CA GLY L 181 -33.71 16.73 22.79
C GLY L 181 -33.56 17.69 23.95
N HIS L 182 -34.67 18.28 24.42
CA HIS L 182 -34.66 19.19 25.57
C HIS L 182 -35.38 18.60 26.77
N GLN L 183 -36.07 17.48 26.62
CA GLN L 183 -36.70 16.82 27.74
C GLN L 183 -35.64 16.32 28.71
N PRO L 184 -35.98 16.17 30.00
CA PRO L 184 -34.98 15.70 30.95
C PRO L 184 -34.74 14.21 30.81
N TYR L 185 -33.48 13.82 30.98
CA TYR L 185 -33.10 12.41 31.03
C TYR L 185 -32.36 12.15 32.33
N ARG L 186 -32.73 11.08 33.01
CA ARG L 186 -31.98 10.62 34.15
C ARG L 186 -30.89 9.69 33.65
N VAL L 187 -29.70 9.84 34.22
CA VAL L 187 -28.52 9.13 33.74
C VAL L 187 -27.90 8.44 34.93
N VAL L 188 -27.51 7.18 34.74
CA VAL L 188 -26.74 6.44 35.72
C VAL L 188 -25.47 5.96 35.03
N VAL L 189 -24.34 6.29 35.63
CA VAL L 189 -23.04 5.81 35.16
C VAL L 189 -22.56 4.80 36.19
N LEU L 190 -22.41 3.56 35.75
CA LEU L 190 -21.83 2.50 36.55
C LEU L 190 -20.37 2.43 36.14
N SER L 191 -19.49 2.64 37.11
CA SER L 191 -18.06 2.53 36.86
C SER L 191 -17.54 1.26 37.52
N PHE L 192 -16.73 0.51 36.79
CA PHE L 192 -16.21 -0.76 37.27
C PHE L 192 -14.74 -0.50 37.55
N GLU L 193 -14.38 -0.53 38.82
CA GLU L 193 -13.04 -0.22 39.27
C GLU L 193 -12.39 -1.52 39.67
N LEU L 194 -11.15 -1.72 39.25
CA LEU L 194 -10.37 -2.84 39.74
C LEU L 194 -8.95 -2.38 39.99
N LEU L 195 -8.53 -2.48 41.24
CA LEU L 195 -7.20 -2.13 41.71
C LEU L 195 -6.49 -3.42 42.14
N HIS L 196 -5.30 -3.27 42.69
CA HIS L 196 -4.63 -4.39 43.36
C HIS L 196 -5.22 -4.53 44.76
N ALA L 197 -6.39 -5.14 44.81
CA ALA L 197 -7.15 -5.31 46.05
C ALA L 197 -8.09 -6.47 45.85
N PRO L 198 -8.43 -7.22 46.91
CA PRO L 198 -9.40 -8.31 46.75
C PRO L 198 -10.71 -7.80 46.19
N ALA L 199 -11.35 -8.63 45.36
CA ALA L 199 -12.62 -8.25 44.76
C ALA L 199 -13.76 -8.29 45.76
N THR L 200 -14.60 -7.26 45.71
CA THR L 200 -15.72 -7.10 46.63
C THR L 200 -17.06 -7.33 45.95
N VAL L 201 -17.14 -7.06 44.64
CA VAL L 201 -18.37 -7.12 43.87
C VAL L 201 -18.20 -8.09 42.71
N CYS L 202 -18.99 -9.16 42.70
CA CYS L 202 -18.86 -10.20 41.69
C CYS L 202 -20.24 -10.48 41.11
N GLY L 203 -20.26 -11.08 39.92
CA GLY L 203 -21.50 -11.54 39.38
C GLY L 203 -22.02 -12.79 40.06
N PRO L 204 -23.21 -13.23 39.62
CA PRO L 204 -23.85 -14.39 40.25
C PRO L 204 -23.04 -15.66 40.06
N LYS L 205 -22.84 -15.99 38.78
CA LYS L 205 -22.01 -17.12 38.36
C LYS L 205 -20.65 -17.15 39.05
N LYS L 206 -19.93 -16.04 39.05
CA LYS L 206 -18.61 -16.01 39.67
C LYS L 206 -18.70 -15.46 41.08
C1 EDO M . 98.74 4.15 -41.03
O1 EDO M . 98.21 5.48 -41.00
C2 EDO M . 97.62 3.11 -40.89
O2 EDO M . 96.86 3.05 -42.10
CL CL N . 103.42 7.55 -37.84
CL CL O . 66.31 8.22 -20.96
CL CL P . 64.02 7.65 -13.92
CL CL Q . 75.90 -5.36 -6.69
CL CL R . 66.79 -4.34 0.38
CL CL S . 66.92 11.64 12.17
C1 EDO T . 69.65 14.99 -9.18
O1 EDO T . 69.27 14.33 -7.95
C2 EDO T . 70.30 16.33 -8.89
O2 EDO T . 71.58 16.15 -8.28
CL CL U . -62.86 -1.40 69.72
CL CL V . -49.42 7.75 59.56
CL CL W . -39.64 -0.77 80.01
CL CL X . -34.27 11.19 49.79
CL CL Y . -91.18 -1.57 62.53
CL CL Z . 26.28 -52.86 -43.53
ZN ZN AA . 30.55 -30.11 -32.12
C1 NAG BA . 32.47 -7.37 -27.12
C2 NAG BA . 31.96 -6.12 -26.42
C3 NAG BA . 31.97 -4.92 -27.37
C4 NAG BA . 33.33 -4.76 -28.01
C5 NAG BA . 33.77 -6.06 -28.67
C6 NAG BA . 35.17 -6.00 -29.24
C7 NAG BA . 30.42 -6.77 -24.62
C8 NAG BA . 28.98 -6.94 -24.23
N2 NAG BA . 30.63 -6.33 -25.87
O3 NAG BA . 31.62 -3.74 -26.66
O4 NAG BA . 33.31 -3.72 -28.98
O5 NAG BA . 33.76 -7.12 -27.71
O6 NAG BA . 35.51 -7.19 -29.93
O7 NAG BA . 31.34 -7.03 -23.86
CL CL CA . 20.50 -50.20 -12.24
CL CL DA . 25.80 -35.95 -31.48
C1 NAG EA . 7.40 -19.83 -54.72
C2 NAG EA . 6.42 -19.91 -55.88
C3 NAG EA . 5.16 -19.11 -55.57
C4 NAG EA . 4.56 -19.55 -54.24
C5 NAG EA . 5.61 -19.47 -53.14
C6 NAG EA . 5.13 -20.01 -51.81
C7 NAG EA . 6.61 -19.82 -58.32
C8 NAG EA . 7.37 -19.23 -59.49
N2 NAG EA . 7.04 -19.44 -57.11
O3 NAG EA . 4.21 -19.30 -56.60
O4 NAG EA . 3.46 -18.72 -53.89
O5 NAG EA . 6.76 -20.26 -53.50
O6 NAG EA . 4.66 -21.34 -51.92
O7 NAG EA . 5.68 -20.59 -58.49
CL CL FA . 33.19 -31.19 -32.58
C1 NAG GA . 22.06 -29.56 -2.01
C2 NAG GA . 20.96 -28.50 -1.95
C3 NAG GA . 21.45 -27.19 -2.54
C4 NAG GA . 22.75 -26.75 -1.87
C5 NAG GA . 23.79 -27.87 -1.95
C6 NAG GA . 25.05 -27.56 -1.18
C7 NAG GA . 18.61 -29.22 -2.08
C8 NAG GA . 17.50 -29.67 -2.98
N2 NAG GA . 19.77 -28.95 -2.67
O3 NAG GA . 20.46 -26.18 -2.38
O4 NAG GA . 23.27 -25.59 -2.52
O5 NAG GA . 23.24 -29.06 -1.37
O6 NAG GA . 24.87 -27.75 0.22
O7 NAG GA . 18.46 -29.11 -0.87
C1 NAG HA . 56.50 -26.89 -29.08
C2 NAG HA . 56.78 -25.46 -28.61
C3 NAG HA . 58.26 -25.29 -28.24
C4 NAG HA . 58.67 -26.36 -27.23
C5 NAG HA . 58.35 -27.74 -27.78
C6 NAG HA . 58.65 -28.85 -26.78
C7 NAG HA . 55.43 -23.59 -29.46
C8 NAG HA . 55.17 -22.67 -30.62
N2 NAG HA . 56.41 -24.49 -29.63
O3 NAG HA . 58.46 -24.00 -27.70
O4 NAG HA . 60.05 -26.26 -26.94
O5 NAG HA . 56.95 -27.83 -28.09
O6 NAG HA . 58.12 -30.10 -27.23
O7 NAG HA . 54.77 -23.53 -28.42
C1 NAG IA . 21.03 -7.52 -36.02
C2 NAG IA . 20.77 -7.48 -37.52
C3 NAG IA . 21.99 -6.91 -38.25
C4 NAG IA . 22.39 -5.57 -37.66
C5 NAG IA . 22.59 -5.69 -36.15
C6 NAG IA . 22.88 -4.36 -35.49
C7 NAG IA . 19.19 -9.23 -38.18
C8 NAG IA . 19.03 -10.62 -38.72
N2 NAG IA . 20.45 -8.80 -38.03
O3 NAG IA . 21.68 -6.75 -39.63
O4 NAG IA . 23.62 -5.13 -38.26
O5 NAG IA . 21.40 -6.20 -35.54
O6 NAG IA . 21.67 -3.71 -35.10
O7 NAG IA . 18.22 -8.53 -37.90
C1 NAG JA . -42.43 8.31 10.85
C2 NAG JA . -41.54 7.07 10.76
C3 NAG JA . -42.37 5.85 10.37
C4 NAG JA . -43.56 5.68 11.30
C5 NAG JA . -44.36 6.97 11.36
C6 NAG JA . -45.49 6.92 12.37
C7 NAG JA . -39.25 7.74 10.17
C8 NAG JA . -38.25 7.88 9.06
N2 NAG JA . -40.45 7.28 9.82
O3 NAG JA . -41.55 4.69 10.40
O4 NAG JA . -44.39 4.62 10.85
O5 NAG JA . -43.52 8.06 11.75
O6 NAG JA . -46.23 5.71 12.26
O7 NAG JA . -38.99 8.02 11.33
ZN ZN KA . -46.57 30.84 5.44
C1 NAG LA . -16.84 31.09 15.37
C2 NAG LA . -15.94 29.95 14.92
C3 NAG LA . -16.70 28.62 14.98
C4 NAG LA . -17.29 28.41 16.37
C5 NAG LA . -18.15 29.62 16.77
C6 NAG LA . -18.65 29.53 18.19
C7 NAG LA . -14.13 30.32 13.31
C8 NAG LA . -13.77 30.56 11.88
N2 NAG LA . -15.42 30.17 13.58
O3 NAG LA . -15.82 27.55 14.66
O4 NAG LA . -18.11 27.24 16.39
O5 NAG LA . -17.36 30.82 16.68
O6 NAG LA . -17.62 29.20 19.10
O7 NAG LA . -13.28 30.28 14.19
C1 NAG MA . -58.80 28.30 28.36
C2 NAG MA . -58.62 26.92 29.01
C3 NAG MA . -59.38 26.86 30.33
C4 NAG MA . -58.96 28.01 31.24
C5 NAG MA . -59.16 29.33 30.51
C6 NAG MA . -58.69 30.52 31.31
C7 NAG MA . -58.21 25.11 27.40
C8 NAG MA . -58.83 24.05 26.54
N2 NAG MA . -59.05 25.85 28.13
O3 NAG MA . -59.10 25.62 30.97
O4 NAG MA . -59.75 28.00 32.43
O5 NAG MA . -58.41 29.33 29.28
O6 NAG MA . -57.35 30.38 31.72
O7 NAG MA . -56.99 25.29 27.44
C1 NAG NA . -43.90 7.90 -3.82
C2 NAG NA . -44.99 7.78 -4.89
C3 NAG NA . -46.24 7.14 -4.29
C4 NAG NA . -45.90 5.81 -3.62
C5 NAG NA . -44.78 6.00 -2.61
C6 NAG NA . -44.30 4.70 -2.01
C7 NAG NA . -44.85 9.52 -6.62
C8 NAG NA . -45.28 10.90 -7.03
N2 NAG NA . -45.31 9.09 -5.44
O3 NAG NA . -47.21 6.93 -5.32
O4 NAG NA . -47.05 5.30 -2.96
O5 NAG NA . -43.63 6.60 -3.25
O6 NAG NA . -43.78 3.83 -2.99
O7 NAG NA . -44.10 8.83 -7.32
CL CL OA . -48.10 32.11 7.15
C1 EDO PA . 10.08 -3.82 1.74
O1 EDO PA . 10.00 -3.84 3.16
C2 EDO PA . 10.08 -5.25 1.22
O2 EDO PA . 8.82 -5.85 1.52
C1 EDO QA . 4.63 9.84 -10.57
O1 EDO QA . 5.60 10.71 -9.94
C2 EDO QA . 5.26 9.17 -11.78
O2 EDO QA . 5.83 10.18 -12.62
C1 NAG RA . 53.25 2.54 -6.64
C2 NAG RA . 52.73 3.91 -6.22
C3 NAG RA . 52.64 4.83 -7.43
C4 NAG RA . 54.01 4.94 -8.09
C5 NAG RA . 54.52 3.55 -8.48
C6 NAG RA . 55.95 3.59 -9.00
C7 NAG RA . 51.30 3.40 -4.30
C8 NAG RA . 49.90 3.37 -3.76
N2 NAG RA . 51.44 3.81 -5.57
O3 NAG RA . 52.20 6.11 -7.02
O4 NAG RA . 53.91 5.74 -9.27
O5 NAG RA . 54.52 2.69 -7.34
O6 NAG RA . 56.89 3.74 -7.95
O7 NAG RA . 52.26 3.05 -3.62
CL CL SA . 51.29 -15.70 4.08
C1 EDO TA . -17.97 0.84 7.26
O1 EDO TA . -16.92 1.57 7.91
C2 EDO TA . -18.11 -0.54 7.89
O2 EDO TA . -17.17 -1.44 7.31
C1 EDO UA . -18.57 -15.51 25.38
O1 EDO UA . -19.50 -15.53 24.30
C2 EDO UA . -17.99 -16.91 25.59
O2 EDO UA . -16.94 -16.86 26.56
C1 EDO VA . -10.16 -16.58 -9.87
O1 EDO VA . -10.54 -15.68 -10.92
C2 EDO VA . -11.38 -17.04 -9.07
O2 EDO VA . -12.17 -17.95 -9.85
CL CL WA . -4.73 -16.42 4.85
C1 EDO XA . -6.39 7.47 9.04
O1 EDO XA . -5.01 7.82 8.96
C2 EDO XA . -6.56 6.05 8.54
O2 EDO XA . -5.91 5.16 9.44
C1 EDO YA . -13.49 -8.91 -1.95
O1 EDO YA . -13.54 -7.94 -3.00
C2 EDO YA . -12.04 -9.18 -1.59
O2 EDO YA . -11.99 -9.99 -0.41
C1 EDO ZA . -15.74 43.01 33.89
O1 EDO ZA . -15.46 44.06 32.95
C2 EDO ZA . -14.84 41.82 33.57
O2 EDO ZA . -15.32 40.65 34.25
C1 EDO AB . -9.91 2.97 26.51
O1 EDO AB . -8.82 3.89 26.72
C2 EDO AB . -9.52 1.57 27.01
O2 EDO AB . -9.17 1.60 28.39
CL CL BB . -13.95 6.02 40.13
CL CL CB . -16.03 28.91 29.70
C1 NAG DB . -37.79 -0.29 39.98
C2 NAG DB . -36.99 -1.56 39.73
C3 NAG DB . -37.75 -2.46 38.76
C4 NAG DB . -39.16 -2.72 39.29
C5 NAG DB . -39.87 -1.41 39.59
C6 NAG DB . -41.23 -1.60 40.23
C7 NAG DB . -34.64 -2.07 39.16
C8 NAG DB . -33.37 -1.53 38.57
N2 NAG DB . -35.68 -1.22 39.19
O3 NAG DB . -37.07 -3.70 38.61
O4 NAG DB . -39.92 -3.44 38.32
O5 NAG DB . -39.08 -0.63 40.50
O6 NAG DB . -41.62 -0.44 40.96
O7 NAG DB . -34.74 -3.22 39.58
CL CL EB . -28.92 19.35 43.24
#